data_3MJ4
#
_entry.id   3MJ4
#
_cell.length_a   134.149
_cell.length_b   175.715
_cell.length_c   223.990
_cell.angle_alpha   90.00
_cell.angle_beta   90.00
_cell.angle_gamma   90.00
#
_symmetry.space_group_name_H-M   'P 21 21 21'
#
loop_
_entity.id
_entity.type
_entity.pdbx_description
1 polymer 'UDP-galactopyranose mutase'
2 non-polymer 'FLAVIN-ADENINE DINUCLEOTIDE'
3 non-polymer "URIDINE-5'-DIPHOSPHATE"
4 non-polymer GLYCEROL
5 non-polymer '(((2S,3R,4S,5R,6R)-3,4,5-trihydroxy-6-(hydroxymethyl)tetrahydro-2H-pyran-2-yl)methyl)phosphonic (((2R,3S,4R,5R)-5-(2,4-dioxo-3,4-dihydropyrimidin-1(2H)-yl)-3,4-dihydroxytetrahydrofuran-2-yl)methyl phosphoric) anhydride'
6 non-polymer Xylitol
7 water water
#
_entity_poly.entity_id   1
_entity_poly.type   'polypeptide(L)'
_entity_poly.pdbx_seq_one_letter_code
;MPMTDLPSAVTNERTEQTNTTNEQQESKGFDYLIVGAGFAGSVLAERLASSGQRVLIVDRRPHIGGNAYDCYDDAGVLIH
PYGPHIFHTNSKDVFEYLSRFTEWRPYQHRVLASVDGQLLPIPINLDTVNRLYGLNLTSFQVEEFFASVAEKVEQVRTSE
DVVVSKVGRDLYNKFFRGYTRKQWGLDPSELDASVTARVPTRTNRDNRYFADTYQAMPLHGYTRMFQNMLSSPNIKVMLN
TDYREIADFIPFQHMIYTGPVDAFFDFCYGKLPYRSLEFRHETHDTEQLLPTGTVNYPNDYAYTRVSEFKHITGQRHHQT
SVVYEYPRAEGDPYYPVPRPENAELYKKYEALADAAQDVTFVGRLATYRYYNMDQVVAQALATFRRLQGQPEQGNAE
;
_entity_poly.pdbx_strand_id   A,B,C,D,E,F,G,H,I,J
#
# COMPACT_ATOMS: atom_id res chain seq x y z
N GLN A 25 43.82 54.74 -28.79
CA GLN A 25 43.05 56.00 -28.78
C GLN A 25 41.70 55.90 -28.05
N GLU A 26 40.84 54.96 -28.47
CA GLU A 26 39.59 54.65 -27.75
C GLU A 26 39.85 53.50 -26.78
N SER A 27 38.90 53.18 -25.90
CA SER A 27 39.12 52.09 -24.93
C SER A 27 39.38 50.74 -25.61
N LYS A 28 40.28 49.95 -25.04
CA LYS A 28 40.48 48.58 -25.50
C LYS A 28 39.33 47.68 -25.07
N GLY A 29 38.79 47.89 -23.87
CA GLY A 29 37.64 47.14 -23.41
C GLY A 29 37.91 45.63 -23.38
N PHE A 30 36.91 44.83 -23.75
CA PHE A 30 37.05 43.37 -23.68
C PHE A 30 38.02 42.83 -24.72
N ASP A 31 38.79 41.82 -24.36
CA ASP A 31 39.66 41.18 -25.33
C ASP A 31 38.82 40.40 -26.33
N TYR A 32 37.74 39.80 -25.84
CA TYR A 32 36.83 39.07 -26.71
C TYR A 32 35.42 39.41 -26.40
N LEU A 33 34.64 39.55 -27.47
CA LEU A 33 33.22 39.63 -27.36
C LEU A 33 32.67 38.36 -28.01
N ILE A 34 32.12 37.46 -27.22
CA ILE A 34 31.60 36.20 -27.75
C ILE A 34 30.09 36.27 -27.92
N VAL A 35 29.63 36.00 -29.14
CA VAL A 35 28.20 36.04 -29.42
C VAL A 35 27.67 34.61 -29.42
N GLY A 36 26.72 34.33 -28.53
CA GLY A 36 26.21 32.98 -28.33
C GLY A 36 26.80 32.30 -27.09
N ALA A 37 25.95 31.95 -26.14
CA ALA A 37 26.36 31.22 -24.94
C ALA A 37 26.08 29.72 -25.03
N GLY A 38 26.16 29.16 -26.24
CA GLY A 38 25.97 27.72 -26.41
C GLY A 38 27.25 26.99 -26.05
N PHE A 39 27.41 25.75 -26.49
CA PHE A 39 28.67 25.07 -26.24
C PHE A 39 29.81 25.82 -26.89
N ALA A 40 29.58 26.30 -28.11
CA ALA A 40 30.64 26.95 -28.89
C ALA A 40 31.19 28.13 -28.13
N GLY A 41 30.31 29.09 -27.83
CA GLY A 41 30.67 30.27 -27.06
C GLY A 41 31.22 30.00 -25.68
N SER A 42 30.55 29.15 -24.90
CA SER A 42 30.89 28.97 -23.48
C SER A 42 32.24 28.30 -23.32
N VAL A 43 32.50 27.29 -24.14
CA VAL A 43 33.81 26.65 -24.09
C VAL A 43 34.94 27.67 -24.29
N LEU A 44 34.84 28.48 -25.35
CA LEU A 44 35.84 29.50 -25.62
C LEU A 44 35.91 30.57 -24.51
N ALA A 45 34.76 30.95 -23.97
CA ALA A 45 34.77 31.85 -22.83
C ALA A 45 35.55 31.26 -21.66
N GLU A 46 35.35 29.97 -21.36
CA GLU A 46 36.08 29.36 -20.26
C GLU A 46 37.59 29.29 -20.57
N ARG A 47 37.94 28.69 -21.71
CA ARG A 47 39.35 28.63 -22.13
C ARG A 47 40.06 30.00 -22.14
N LEU A 48 39.47 30.97 -22.84
CA LEU A 48 40.05 32.32 -22.96
C LEU A 48 40.23 33.00 -21.61
N ALA A 49 39.18 32.94 -20.79
CA ALA A 49 39.19 33.54 -19.47
C ALA A 49 40.25 32.89 -18.56
N SER A 50 40.51 31.61 -18.74
CA SER A 50 41.47 30.98 -17.87
C SER A 50 42.88 31.40 -18.28
N SER A 51 43.02 31.89 -19.50
CA SER A 51 44.34 32.36 -19.94
C SER A 51 44.46 33.85 -19.63
N GLY A 52 43.42 34.41 -19.02
CA GLY A 52 43.53 35.76 -18.50
C GLY A 52 42.94 36.84 -19.38
N GLN A 53 42.28 36.46 -20.46
CA GLN A 53 41.56 37.40 -21.30
C GLN A 53 40.30 37.87 -20.60
N ARG A 54 39.87 39.08 -20.91
CA ARG A 54 38.58 39.57 -20.44
C ARG A 54 37.52 39.30 -21.49
N VAL A 55 36.41 38.70 -21.05
CA VAL A 55 35.44 38.20 -21.97
C VAL A 55 34.08 38.77 -21.67
N LEU A 56 33.40 39.24 -22.71
CA LEU A 56 31.98 39.49 -22.63
C LEU A 56 31.27 38.44 -23.51
N ILE A 57 30.35 37.70 -22.92
CA ILE A 57 29.57 36.70 -23.65
C ILE A 57 28.11 37.14 -23.68
N VAL A 58 27.53 37.24 -24.88
CA VAL A 58 26.20 37.77 -25.05
C VAL A 58 25.34 36.74 -25.74
N ASP A 59 24.06 36.74 -25.40
CA ASP A 59 23.13 35.89 -26.11
C ASP A 59 21.81 36.58 -26.22
N ARG A 60 21.23 36.49 -27.40
CA ARG A 60 19.96 37.11 -27.72
C ARG A 60 18.89 36.51 -26.81
N ARG A 61 19.13 35.30 -26.34
CA ARG A 61 18.22 34.64 -25.40
C ARG A 61 18.38 35.09 -23.95
N PRO A 62 17.33 34.90 -23.14
CA PRO A 62 17.35 35.27 -21.73
C PRO A 62 18.02 34.22 -20.84
N HIS A 63 18.80 33.30 -21.40
CA HIS A 63 19.51 32.28 -20.63
C HIS A 63 20.80 31.84 -21.32
N ILE A 64 21.70 31.20 -20.57
CA ILE A 64 22.87 30.54 -21.15
C ILE A 64 22.54 29.12 -21.68
N GLY A 65 23.50 28.47 -22.31
CA GLY A 65 23.27 27.11 -22.81
C GLY A 65 22.98 26.85 -24.29
N GLY A 66 22.59 27.89 -25.04
CA GLY A 66 22.18 27.70 -26.43
C GLY A 66 21.01 26.71 -26.46
N ASN A 67 21.10 25.71 -27.33
CA ASN A 67 20.09 24.63 -27.36
C ASN A 67 20.12 23.74 -26.13
N ALA A 68 21.33 23.47 -25.64
CA ALA A 68 21.49 22.48 -24.58
C ALA A 68 20.93 22.98 -23.26
N TYR A 69 20.44 24.22 -23.24
CA TYR A 69 19.83 24.75 -22.04
C TYR A 69 18.79 23.79 -21.47
N ASP A 70 18.82 23.54 -20.16
CA ASP A 70 17.73 22.84 -19.49
C ASP A 70 17.21 23.60 -18.29
N CYS A 71 16.00 23.24 -17.85
CA CYS A 71 15.36 23.91 -16.73
C CYS A 71 14.23 23.08 -16.10
N TYR A 72 13.85 23.43 -14.88
CA TYR A 72 12.70 22.75 -14.26
C TYR A 72 11.40 23.40 -14.73
N ASP A 73 10.41 22.58 -15.05
CA ASP A 73 9.18 23.10 -15.63
C ASP A 73 8.14 23.41 -14.55
N ASP A 74 6.93 23.74 -14.98
CA ASP A 74 5.88 24.10 -14.03
C ASP A 74 5.60 23.00 -13.03
N ALA A 75 5.93 21.76 -13.37
CA ALA A 75 5.57 20.65 -12.51
C ALA A 75 6.72 20.16 -11.64
N GLY A 76 7.90 20.77 -11.80
CA GLY A 76 9.07 20.37 -11.06
C GLY A 76 9.86 19.27 -11.74
N VAL A 77 9.61 19.09 -13.04
CA VAL A 77 10.37 18.15 -13.85
C VAL A 77 11.48 18.82 -14.68
N LEU A 78 12.73 18.44 -14.43
CA LEU A 78 13.85 18.85 -15.26
C LEU A 78 13.59 18.47 -16.70
N ILE A 79 13.61 19.46 -17.59
CA ILE A 79 13.36 19.23 -19.01
C ILE A 79 14.34 19.97 -19.91
N HIS A 80 14.29 19.63 -21.20
CA HIS A 80 15.01 20.36 -22.23
C HIS A 80 14.02 21.15 -23.11
N PRO A 81 13.98 22.48 -22.95
CA PRO A 81 12.98 23.30 -23.65
C PRO A 81 13.07 23.18 -25.16
N TYR A 82 14.26 22.86 -25.66
CA TYR A 82 14.54 22.82 -27.09
C TYR A 82 14.75 21.41 -27.63
N GLY A 83 13.97 20.45 -27.17
CA GLY A 83 14.18 19.07 -27.59
C GLY A 83 15.27 18.36 -26.80
N PRO A 84 15.25 17.02 -26.82
CA PRO A 84 16.12 16.24 -25.95
C PRO A 84 17.60 16.31 -26.36
N HIS A 85 18.46 16.68 -25.41
CA HIS A 85 19.89 16.65 -25.65
C HIS A 85 20.57 15.53 -24.87
N ILE A 86 21.00 14.50 -25.59
CA ILE A 86 21.64 13.35 -25.01
C ILE A 86 23.12 13.50 -25.31
N PHE A 87 23.94 13.57 -24.25
CA PHE A 87 25.38 13.70 -24.46
C PHE A 87 26.05 12.38 -24.74
N HIS A 88 26.95 12.40 -25.71
CA HIS A 88 27.64 11.22 -26.14
C HIS A 88 28.88 11.65 -26.90
N THR A 89 30.00 10.99 -26.63
CA THR A 89 31.22 11.25 -27.37
C THR A 89 32.13 10.02 -27.36
N ASN A 90 33.03 9.98 -28.34
CA ASN A 90 34.11 9.00 -28.36
C ASN A 90 35.43 9.62 -27.95
N SER A 91 35.40 10.94 -27.73
CA SER A 91 36.59 11.70 -27.45
C SER A 91 36.88 11.76 -25.95
N LYS A 92 37.99 11.15 -25.54
CA LYS A 92 38.42 11.23 -24.16
C LYS A 92 38.69 12.70 -23.80
N ASP A 93 39.32 13.42 -24.73
CA ASP A 93 39.65 14.80 -24.49
C ASP A 93 38.41 15.63 -24.15
N VAL A 94 37.35 15.44 -24.93
CA VAL A 94 36.14 16.19 -24.72
C VAL A 94 35.48 15.79 -23.42
N PHE A 95 35.41 14.48 -23.18
CA PHE A 95 34.72 13.97 -22.00
C PHE A 95 35.47 14.40 -20.73
N GLU A 96 36.79 14.40 -20.78
CA GLU A 96 37.53 14.78 -19.59
C GLU A 96 37.48 16.26 -19.38
N TYR A 97 37.35 17.01 -20.48
CA TYR A 97 37.22 18.47 -20.42
C TYR A 97 35.92 18.91 -19.75
N LEU A 98 34.81 18.31 -20.18
CA LEU A 98 33.50 18.67 -19.69
C LEU A 98 33.34 18.14 -18.26
N SER A 99 34.11 17.10 -17.94
CA SER A 99 34.12 16.59 -16.57
C SER A 99 34.67 17.63 -15.60
N ARG A 100 35.43 18.60 -16.11
CA ARG A 100 35.88 19.68 -15.24
C ARG A 100 34.69 20.45 -14.63
N PHE A 101 33.50 20.33 -15.23
CA PHE A 101 32.36 21.23 -14.90
C PHE A 101 31.06 20.54 -14.47
N THR A 102 31.10 19.21 -14.38
CA THR A 102 29.90 18.43 -14.07
C THR A 102 30.31 17.01 -13.67
N GLU A 103 29.45 16.36 -12.89
CA GLU A 103 29.57 14.93 -12.71
C GLU A 103 28.60 14.27 -13.64
N TRP A 104 28.72 12.96 -13.80
CA TRP A 104 27.89 12.26 -14.76
C TRP A 104 26.90 11.25 -14.21
N ARG A 105 25.75 11.18 -14.87
CA ARG A 105 24.83 10.07 -14.71
C ARG A 105 24.93 9.20 -15.96
N PRO A 106 25.46 7.97 -15.80
CA PRO A 106 25.61 7.07 -16.95
C PRO A 106 24.28 6.84 -17.61
N TYR A 107 24.25 6.91 -18.94
CA TYR A 107 23.00 6.76 -19.68
C TYR A 107 23.31 6.45 -21.14
N GLN A 108 22.66 5.40 -21.65
CA GLN A 108 22.68 5.08 -23.06
C GLN A 108 21.28 5.12 -23.67
N HIS A 109 21.05 6.13 -24.51
CA HIS A 109 19.75 6.45 -25.06
C HIS A 109 19.28 5.35 -25.99
N ARG A 110 18.00 4.99 -25.91
CA ARG A 110 17.42 3.99 -26.81
C ARG A 110 16.14 4.47 -27.50
N VAL A 111 16.09 4.33 -28.82
CA VAL A 111 14.97 4.89 -29.57
C VAL A 111 14.16 3.80 -30.22
N LEU A 112 12.84 3.94 -30.19
CA LEU A 112 11.96 2.97 -30.81
C LEU A 112 11.22 3.71 -31.89
N ALA A 113 11.13 3.13 -33.08
CA ALA A 113 10.39 3.77 -34.15
C ALA A 113 9.07 3.08 -34.26
N SER A 114 8.01 3.86 -34.45
CA SER A 114 6.69 3.26 -34.61
C SER A 114 6.45 2.88 -36.06
N VAL A 115 6.52 1.59 -36.34
CA VAL A 115 6.28 1.11 -37.69
C VAL A 115 5.27 -0.02 -37.68
N ASP A 116 4.30 0.04 -38.59
CA ASP A 116 3.27 -0.99 -38.69
C ASP A 116 2.64 -1.25 -37.32
N GLY A 117 2.47 -0.21 -36.53
CA GLY A 117 1.95 -0.36 -35.18
C GLY A 117 2.85 -1.11 -34.18
N GLN A 118 4.12 -1.29 -34.50
CA GLN A 118 5.04 -1.83 -33.52
C GLN A 118 6.07 -0.78 -33.10
N LEU A 119 6.60 -0.93 -31.90
CA LEU A 119 7.78 -0.15 -31.51
C LEU A 119 9.04 -0.98 -31.79
N LEU A 120 9.77 -0.58 -32.83
CA LEU A 120 10.92 -1.30 -33.31
C LEU A 120 12.18 -0.48 -33.10
N PRO A 121 13.29 -1.14 -32.79
CA PRO A 121 14.55 -0.42 -32.56
C PRO A 121 15.03 0.33 -33.81
N ILE A 122 15.56 1.54 -33.61
CA ILE A 122 16.21 2.33 -34.64
C ILE A 122 17.45 2.90 -33.97
N PRO A 123 18.64 2.73 -34.57
CA PRO A 123 19.02 2.16 -35.86
C PRO A 123 18.52 0.75 -36.08
N ILE A 124 18.28 0.41 -37.35
CA ILE A 124 17.78 -0.90 -37.73
C ILE A 124 18.79 -1.92 -37.36
N ASN A 125 18.33 -3.01 -36.75
CA ASN A 125 19.23 -4.08 -36.36
C ASN A 125 18.54 -5.41 -36.52
N LEU A 126 19.19 -6.48 -36.07
CA LEU A 126 18.76 -7.86 -36.27
C LEU A 126 17.36 -8.06 -35.77
N ASP A 127 17.06 -7.44 -34.63
CA ASP A 127 15.75 -7.53 -34.02
C ASP A 127 14.72 -6.73 -34.79
N THR A 128 15.08 -5.53 -35.23
CA THR A 128 14.20 -4.71 -36.01
C THR A 128 13.65 -5.55 -37.16
N VAL A 129 14.56 -6.24 -37.85
CA VAL A 129 14.20 -7.06 -38.99
C VAL A 129 13.37 -8.32 -38.64
N ASN A 130 13.80 -9.06 -37.62
CA ASN A 130 13.04 -10.23 -37.23
C ASN A 130 11.67 -9.86 -36.72
N ARG A 131 11.59 -8.83 -35.90
CA ARG A 131 10.30 -8.43 -35.36
C ARG A 131 9.33 -7.90 -36.41
N LEU A 132 9.83 -7.23 -37.43
CA LEU A 132 8.97 -6.55 -38.39
C LEU A 132 8.32 -7.55 -39.34
N TYR A 133 9.11 -8.53 -39.78
CA TYR A 133 8.71 -9.51 -40.78
C TYR A 133 8.36 -10.90 -40.21
N GLY A 134 8.64 -11.09 -38.92
CA GLY A 134 8.47 -12.37 -38.26
C GLY A 134 9.54 -13.37 -38.67
N LEU A 135 10.78 -12.92 -38.75
CA LEU A 135 11.82 -13.84 -39.12
C LEU A 135 12.52 -14.35 -37.86
N ASN A 136 13.45 -15.28 -38.07
CA ASN A 136 14.29 -15.78 -36.99
C ASN A 136 15.67 -15.91 -37.56
N LEU A 137 16.14 -14.85 -38.22
CA LEU A 137 17.46 -14.85 -38.81
C LEU A 137 18.52 -14.72 -37.74
N THR A 138 19.71 -15.25 -38.00
CA THR A 138 20.87 -14.93 -37.18
C THR A 138 21.58 -13.66 -37.70
N SER A 139 22.48 -13.10 -36.91
CA SER A 139 23.24 -11.94 -37.33
C SER A 139 23.88 -12.27 -38.65
N PHE A 140 24.38 -13.50 -38.76
CA PHE A 140 25.05 -13.95 -39.97
C PHE A 140 24.11 -13.97 -41.17
N GLN A 141 22.89 -14.45 -40.96
CA GLN A 141 21.89 -14.43 -42.01
C GLN A 141 21.36 -13.03 -42.36
N VAL A 142 21.30 -12.13 -41.40
CA VAL A 142 20.77 -10.81 -41.71
C VAL A 142 21.71 -10.02 -42.64
N GLU A 143 23.01 -10.32 -42.54
CA GLU A 143 23.99 -9.74 -43.45
C GLU A 143 23.61 -10.10 -44.88
N GLU A 144 23.30 -11.38 -45.09
CA GLU A 144 22.93 -11.89 -46.41
C GLU A 144 21.55 -11.36 -46.84
N PHE A 145 20.67 -11.14 -45.87
CA PHE A 145 19.34 -10.66 -46.19
C PHE A 145 19.41 -9.26 -46.79
N PHE A 146 20.15 -8.38 -46.12
CA PHE A 146 20.42 -7.05 -46.62
C PHE A 146 21.05 -7.13 -48.00
N ALA A 147 22.05 -8.01 -48.18
CA ALA A 147 22.73 -8.07 -49.46
C ALA A 147 21.77 -8.41 -50.61
N SER A 148 20.63 -9.01 -50.28
CA SER A 148 19.70 -9.49 -51.30
C SER A 148 18.57 -8.51 -51.58
N VAL A 149 18.48 -7.46 -50.78
CA VAL A 149 17.48 -6.42 -51.03
C VAL A 149 18.19 -5.13 -51.39
N ALA A 150 19.46 -5.04 -51.02
CA ALA A 150 20.25 -3.85 -51.24
C ALA A 150 20.17 -3.41 -52.69
N GLU A 151 19.94 -2.12 -52.93
CA GLU A 151 20.11 -1.61 -54.28
C GLU A 151 21.59 -1.33 -54.51
N LYS A 152 22.05 -1.47 -55.74
CA LYS A 152 23.46 -1.31 -56.01
C LYS A 152 23.70 0.13 -56.40
N VAL A 153 24.74 0.73 -55.82
CA VAL A 153 25.16 2.10 -56.08
C VAL A 153 26.67 2.07 -55.92
N GLU A 154 27.49 2.52 -56.90
CA GLU A 154 27.17 3.43 -57.99
C GLU A 154 27.60 4.80 -57.44
N GLN A 155 26.78 5.83 -57.62
CA GLN A 155 27.13 7.14 -57.07
C GLN A 155 27.47 7.12 -55.55
N VAL A 156 26.45 6.94 -54.72
CA VAL A 156 26.50 7.10 -53.24
C VAL A 156 26.73 8.55 -52.81
N ARG A 157 25.81 9.43 -53.22
CA ARG A 157 25.95 10.86 -52.95
CA ARG A 157 25.97 10.85 -52.98
C ARG A 157 24.87 11.37 -52.04
N THR A 158 23.69 10.76 -52.12
CA THR A 158 22.53 11.26 -51.37
C THR A 158 22.10 10.45 -50.14
N SER A 159 21.09 10.98 -49.43
CA SER A 159 20.58 10.32 -48.25
C SER A 159 19.76 9.07 -48.58
N GLU A 160 19.10 9.08 -49.73
CA GLU A 160 18.46 7.90 -50.27
C GLU A 160 19.50 6.79 -50.48
N ASP A 161 20.64 7.16 -51.06
CA ASP A 161 21.62 6.18 -51.48
C ASP A 161 22.23 5.42 -50.34
N VAL A 162 22.42 6.07 -49.20
CA VAL A 162 23.09 5.40 -48.11
C VAL A 162 22.22 4.28 -47.56
N VAL A 163 20.93 4.55 -47.40
CA VAL A 163 20.01 3.57 -46.83
C VAL A 163 19.73 2.47 -47.85
N VAL A 164 18.93 2.84 -48.84
CA VAL A 164 18.59 1.98 -49.93
C VAL A 164 19.71 1.00 -50.33
N SER A 165 20.95 1.47 -50.44
CA SER A 165 22.01 0.60 -50.94
C SER A 165 22.64 -0.21 -49.84
N LYS A 166 22.00 -0.22 -48.67
CA LYS A 166 22.44 -1.06 -47.58
C LYS A 166 21.31 -1.98 -47.14
N VAL A 167 20.09 -1.46 -47.10
CA VAL A 167 18.95 -2.23 -46.61
C VAL A 167 17.76 -2.28 -47.58
N GLY A 168 17.94 -1.78 -48.78
CA GLY A 168 16.92 -1.90 -49.80
C GLY A 168 15.73 -0.99 -49.61
N ARG A 169 14.84 -0.97 -50.58
CA ARG A 169 13.80 0.03 -50.61
C ARG A 169 12.71 -0.14 -49.54
N ASP A 170 12.29 -1.36 -49.27
CA ASP A 170 11.23 -1.55 -48.29
C ASP A 170 11.57 -0.97 -46.90
N LEU A 171 12.73 -1.34 -46.36
CA LEU A 171 13.16 -0.78 -45.06
C LEU A 171 13.38 0.73 -45.14
N TYR A 172 13.98 1.19 -46.24
CA TYR A 172 14.16 2.61 -46.49
C TYR A 172 12.82 3.34 -46.37
N ASN A 173 11.81 2.80 -47.03
CA ASN A 173 10.50 3.41 -47.04
C ASN A 173 9.81 3.46 -45.68
N LYS A 174 9.97 2.40 -44.89
CA LYS A 174 9.25 2.29 -43.63
C LYS A 174 9.94 3.09 -42.51
N PHE A 175 11.26 3.22 -42.60
CA PHE A 175 12.04 3.84 -41.53
C PHE A 175 12.58 5.26 -41.87
N PHE A 176 13.03 5.46 -43.10
CA PHE A 176 13.73 6.69 -43.47
C PHE A 176 12.98 7.71 -44.34
N ARG A 177 12.38 7.25 -45.43
CA ARG A 177 11.78 8.16 -46.39
C ARG A 177 10.81 9.10 -45.70
N GLY A 178 9.79 8.56 -45.07
CA GLY A 178 8.75 9.39 -44.50
C GLY A 178 9.28 10.34 -43.43
N TYR A 179 10.20 9.83 -42.62
CA TYR A 179 10.70 10.54 -41.46
C TYR A 179 11.47 11.76 -41.97
N THR A 180 12.35 11.49 -42.91
CA THR A 180 13.16 12.49 -43.55
C THR A 180 12.31 13.50 -44.28
N ARG A 181 11.43 13.05 -45.16
CA ARG A 181 10.51 13.98 -45.81
C ARG A 181 9.88 14.92 -44.77
N LYS A 182 9.64 14.39 -43.58
CA LYS A 182 8.92 15.13 -42.54
C LYS A 182 9.80 16.08 -41.70
N GLN A 183 11.06 15.72 -41.54
CA GLN A 183 11.99 16.46 -40.70
C GLN A 183 12.62 17.62 -41.49
N TRP A 184 12.86 17.37 -42.77
CA TRP A 184 13.61 18.30 -43.59
C TRP A 184 12.74 19.00 -44.62
N GLY A 185 11.56 18.45 -44.87
CA GLY A 185 10.73 18.93 -45.95
C GLY A 185 11.32 18.56 -47.29
N LEU A 186 12.33 17.70 -47.28
CA LEU A 186 13.03 17.27 -48.49
C LEU A 186 13.14 15.73 -48.54
N ASP A 187 13.04 15.16 -49.74
CA ASP A 187 13.21 13.71 -49.90
C ASP A 187 14.66 13.31 -49.60
N PRO A 188 14.89 12.08 -49.12
CA PRO A 188 16.27 11.66 -48.87
C PRO A 188 17.24 11.87 -50.05
N SER A 189 16.70 11.86 -51.27
CA SER A 189 17.52 12.02 -52.47
C SER A 189 18.01 13.46 -52.65
N GLU A 190 17.28 14.40 -52.07
CA GLU A 190 17.65 15.80 -52.10
C GLU A 190 18.58 16.23 -50.96
N LEU A 191 19.01 15.26 -50.14
CA LEU A 191 19.90 15.56 -49.03
C LEU A 191 21.22 14.86 -49.18
N ASP A 192 22.28 15.47 -48.67
CA ASP A 192 23.56 14.82 -48.78
C ASP A 192 23.53 13.50 -48.03
N ALA A 193 24.40 12.57 -48.42
CA ALA A 193 24.48 11.27 -47.78
C ALA A 193 24.73 11.40 -46.28
N SER A 194 25.52 12.41 -45.92
CA SER A 194 25.94 12.62 -44.54
C SER A 194 24.79 12.62 -43.53
N VAL A 195 23.61 13.10 -43.94
CA VAL A 195 22.43 13.15 -43.07
C VAL A 195 22.07 11.73 -42.56
N THR A 196 21.48 10.90 -43.44
CA THR A 196 21.03 9.58 -43.01
C THR A 196 22.18 8.63 -42.66
N ALA A 197 23.40 8.93 -43.07
CA ALA A 197 24.54 8.11 -42.64
C ALA A 197 24.76 8.20 -41.12
N ARG A 198 24.19 9.22 -40.50
CA ARG A 198 24.33 9.41 -39.06
C ARG A 198 23.69 8.26 -38.29
N VAL A 199 22.78 7.55 -38.94
CA VAL A 199 22.15 6.40 -38.34
C VAL A 199 22.64 5.16 -39.05
N PRO A 200 23.47 4.39 -38.36
CA PRO A 200 24.00 3.17 -39.01
C PRO A 200 22.89 2.14 -39.15
N THR A 201 23.12 1.16 -40.00
CA THR A 201 22.32 -0.04 -40.03
C THR A 201 23.17 -1.14 -39.43
N ARG A 202 22.58 -1.95 -38.55
CA ARG A 202 23.33 -3.02 -37.87
C ARG A 202 22.86 -4.43 -38.25
N THR A 203 23.79 -5.37 -38.17
CA THR A 203 23.38 -6.75 -38.26
C THR A 203 23.44 -7.43 -36.88
N ASN A 204 24.01 -6.76 -35.90
CA ASN A 204 23.99 -7.27 -34.54
C ASN A 204 22.68 -6.97 -33.82
N ARG A 205 22.65 -7.13 -32.48
CA ARG A 205 21.42 -6.83 -31.75
C ARG A 205 21.52 -5.65 -30.79
N ASP A 206 22.42 -4.71 -31.07
CA ASP A 206 22.57 -3.46 -30.31
C ASP A 206 21.39 -2.52 -30.53
N ASN A 207 20.72 -2.13 -29.47
CA ASN A 207 19.55 -1.26 -29.63
C ASN A 207 19.82 0.18 -29.19
N ARG A 208 21.07 0.49 -28.88
CA ARG A 208 21.51 1.82 -28.44
C ARG A 208 21.48 2.81 -29.60
N TYR A 209 20.97 4.01 -29.36
CA TYR A 209 21.05 5.01 -30.40
C TYR A 209 22.50 5.34 -30.77
N PHE A 210 23.40 5.37 -29.78
CA PHE A 210 24.81 5.65 -30.04
C PHE A 210 25.70 4.49 -29.58
N ALA A 211 26.83 4.32 -30.24
CA ALA A 211 27.78 3.29 -29.86
C ALA A 211 29.07 3.86 -29.28
N ASP A 212 29.09 5.17 -29.00
CA ASP A 212 30.31 5.81 -28.52
C ASP A 212 30.70 5.36 -27.11
N THR A 213 31.99 5.40 -26.86
CA THR A 213 32.58 5.02 -25.59
C THR A 213 31.93 5.68 -24.39
N TYR A 214 31.84 7.00 -24.41
CA TYR A 214 31.33 7.74 -23.26
C TYR A 214 29.91 8.23 -23.54
N GLN A 215 28.93 7.68 -22.81
CA GLN A 215 27.53 8.07 -22.92
C GLN A 215 27.01 8.34 -21.51
N ALA A 216 26.77 9.60 -21.19
CA ALA A 216 26.38 10.00 -19.86
C ALA A 216 25.79 11.39 -19.89
N MET A 217 24.83 11.65 -19.00
CA MET A 217 24.22 12.97 -18.86
C MET A 217 24.82 13.76 -17.70
N PRO A 218 25.02 15.08 -17.92
CA PRO A 218 25.45 15.93 -16.84
C PRO A 218 24.48 15.76 -15.70
N LEU A 219 24.98 15.23 -14.57
CA LEU A 219 24.20 14.82 -13.42
C LEU A 219 23.08 15.76 -13.01
N HIS A 220 23.36 17.06 -13.02
CA HIS A 220 22.37 18.03 -12.56
C HIS A 220 21.83 18.90 -13.68
N GLY A 221 22.01 18.44 -14.91
CA GLY A 221 21.54 19.15 -16.07
C GLY A 221 22.68 19.87 -16.76
N TYR A 222 22.41 20.35 -17.96
CA TYR A 222 23.36 21.14 -18.73
C TYR A 222 23.56 22.54 -18.15
N THR A 223 22.47 23.16 -17.73
CA THR A 223 22.55 24.52 -17.27
C THR A 223 23.51 24.66 -16.10
N ARG A 224 23.37 23.77 -15.12
CA ARG A 224 24.32 23.72 -14.02
C ARG A 224 25.74 23.63 -14.58
N MET A 225 25.94 22.75 -15.57
CA MET A 225 27.26 22.60 -16.20
C MET A 225 27.77 23.92 -16.85
N PHE A 226 26.90 24.60 -17.58
CA PHE A 226 27.24 25.89 -18.20
C PHE A 226 27.61 26.95 -17.15
N GLN A 227 26.83 27.00 -16.08
CA GLN A 227 27.14 27.90 -14.98
C GLN A 227 28.55 27.75 -14.44
N ASN A 228 29.02 26.53 -14.21
CA ASN A 228 30.40 26.31 -13.77
C ASN A 228 31.39 26.74 -14.83
N MET A 229 31.00 26.54 -16.09
CA MET A 229 31.85 26.83 -17.23
C MET A 229 32.12 28.33 -17.36
N LEU A 230 31.13 29.13 -16.95
CA LEU A 230 31.11 30.57 -17.20
C LEU A 230 31.38 31.38 -15.92
N SER A 231 31.94 30.68 -14.92
CA SER A 231 31.94 31.21 -13.58
C SER A 231 33.13 32.12 -13.31
N SER A 232 34.17 31.96 -14.13
CA SER A 232 35.37 32.78 -14.03
C SER A 232 35.07 34.25 -13.82
N PRO A 233 35.80 34.88 -12.90
CA PRO A 233 35.64 36.34 -12.74
C PRO A 233 35.97 37.09 -14.04
N ASN A 234 36.71 36.45 -14.92
CA ASN A 234 37.09 37.06 -16.18
C ASN A 234 36.00 37.06 -17.25
N ILE A 235 34.85 36.44 -16.95
CA ILE A 235 33.73 36.35 -17.90
C ILE A 235 32.54 37.19 -17.44
N LYS A 236 32.07 38.11 -18.29
CA LYS A 236 30.86 38.87 -17.97
C LYS A 236 29.80 38.30 -18.89
N VAL A 237 28.62 38.03 -18.34
CA VAL A 237 27.57 37.38 -19.10
C VAL A 237 26.41 38.33 -19.32
N MET A 238 25.97 38.43 -20.58
CA MET A 238 24.98 39.42 -20.94
C MET A 238 23.87 38.78 -21.75
N LEU A 239 22.69 38.70 -21.15
CA LEU A 239 21.54 38.03 -21.75
C LEU A 239 20.44 39.00 -22.26
N ASN A 240 19.59 38.48 -23.15
CA ASN A 240 18.52 39.26 -23.76
C ASN A 240 19.07 40.33 -24.69
N THR A 241 20.16 39.97 -25.37
CA THR A 241 20.99 40.95 -26.03
C THR A 241 21.49 40.45 -27.37
N ASP A 242 21.05 41.08 -28.45
CA ASP A 242 21.67 40.88 -29.75
C ASP A 242 22.99 41.66 -29.81
N TYR A 243 24.07 41.05 -30.29
CA TYR A 243 25.35 41.73 -30.23
C TYR A 243 25.24 43.06 -30.94
N ARG A 244 24.45 43.09 -31.99
CA ARG A 244 24.30 44.30 -32.76
C ARG A 244 23.77 45.46 -31.89
N GLU A 245 22.95 45.12 -30.90
CA GLU A 245 22.46 46.12 -29.94
C GLU A 245 23.57 46.75 -29.09
N ILE A 246 24.73 46.11 -28.96
CA ILE A 246 25.80 46.70 -28.14
C ILE A 246 27.11 46.94 -28.87
N ALA A 247 27.26 46.41 -30.07
CA ALA A 247 28.57 46.43 -30.73
C ALA A 247 29.06 47.82 -31.16
N ASP A 248 28.15 48.79 -31.30
CA ASP A 248 28.55 50.15 -31.68
C ASP A 248 29.25 50.88 -30.56
N PHE A 249 28.92 50.54 -29.32
CA PHE A 249 29.44 51.28 -28.18
C PHE A 249 30.15 50.48 -27.09
N ILE A 250 30.11 49.15 -27.12
CA ILE A 250 30.96 48.42 -26.19
C ILE A 250 32.28 48.05 -26.84
N PRO A 251 33.40 48.51 -26.27
CA PRO A 251 34.72 48.27 -26.85
C PRO A 251 35.07 46.80 -26.76
N PHE A 252 35.60 46.22 -27.83
CA PHE A 252 36.11 44.86 -27.79
C PHE A 252 37.21 44.71 -28.84
N GLN A 253 38.20 43.86 -28.58
CA GLN A 253 39.34 43.70 -29.46
C GLN A 253 39.17 42.59 -30.51
N HIS A 254 38.34 41.59 -30.21
CA HIS A 254 38.14 40.47 -31.12
C HIS A 254 36.79 39.86 -30.86
N MET A 255 36.18 39.31 -31.91
CA MET A 255 34.88 38.68 -31.79
C MET A 255 34.93 37.21 -32.17
N ILE A 256 34.39 36.36 -31.29
CA ILE A 256 34.06 34.97 -31.61
C ILE A 256 32.57 34.97 -31.87
N TYR A 257 32.16 34.60 -33.06
CA TYR A 257 30.73 34.65 -33.40
C TYR A 257 30.17 33.24 -33.62
N THR A 258 28.98 32.97 -33.10
CA THR A 258 28.49 31.60 -33.10
C THR A 258 27.06 31.43 -33.58
N GLY A 259 26.43 32.52 -34.05
CA GLY A 259 25.11 32.46 -34.67
C GLY A 259 25.22 32.04 -36.13
N PRO A 260 24.13 32.18 -36.90
CA PRO A 260 24.12 31.77 -38.32
C PRO A 260 25.06 32.61 -39.19
N VAL A 261 25.74 31.98 -40.13
CA VAL A 261 26.69 32.69 -40.99
C VAL A 261 25.99 33.76 -41.82
N ASP A 262 24.87 33.41 -42.44
CA ASP A 262 24.18 34.32 -43.33
C ASP A 262 23.78 35.67 -42.68
N ALA A 263 23.18 35.62 -41.51
CA ALA A 263 22.70 36.82 -40.86
C ALA A 263 23.84 37.77 -40.48
N PHE A 264 25.01 37.20 -40.18
CA PHE A 264 26.16 38.01 -39.76
C PHE A 264 26.62 38.87 -40.93
N PHE A 265 26.35 38.41 -42.15
CA PHE A 265 26.72 39.12 -43.37
C PHE A 265 25.49 39.70 -44.11
N ASP A 266 24.39 39.84 -43.40
CA ASP A 266 23.22 40.53 -43.93
C ASP A 266 22.55 39.80 -45.07
N PHE A 267 22.73 38.50 -45.16
CA PHE A 267 22.10 37.71 -46.20
C PHE A 267 22.49 38.23 -47.58
N CYS A 268 23.69 38.80 -47.66
CA CYS A 268 24.13 39.41 -48.89
C CYS A 268 24.11 38.44 -50.06
N TYR A 269 24.36 37.16 -49.80
CA TYR A 269 24.26 36.16 -50.85
C TYR A 269 22.93 35.44 -50.83
N GLY A 270 22.00 35.91 -50.00
CA GLY A 270 20.73 35.23 -49.85
C GLY A 270 20.69 34.26 -48.68
N LYS A 271 19.48 33.87 -48.29
CA LYS A 271 19.22 33.11 -47.08
C LYS A 271 19.80 31.69 -47.13
N LEU A 272 20.74 31.40 -46.24
CA LEU A 272 21.28 30.06 -46.10
C LEU A 272 20.17 29.31 -45.34
N PRO A 273 19.67 28.21 -45.91
CA PRO A 273 18.54 27.54 -45.24
C PRO A 273 19.00 26.79 -43.97
N TYR A 274 18.22 26.95 -42.91
CA TYR A 274 18.40 26.24 -41.66
C TYR A 274 17.05 25.66 -41.27
N ARG A 275 16.97 24.35 -41.05
CA ARG A 275 15.72 23.79 -40.57
C ARG A 275 15.42 24.24 -39.13
N SER A 276 14.14 24.46 -38.83
CA SER A 276 13.71 24.84 -37.49
C SER A 276 12.72 23.84 -36.83
N LEU A 277 12.31 24.13 -35.60
CA LEU A 277 11.40 23.22 -34.87
C LEU A 277 10.47 23.98 -33.93
N GLU A 278 9.21 23.52 -33.85
CA GLU A 278 8.34 23.89 -32.74
C GLU A 278 8.34 22.77 -31.75
N PHE A 279 8.23 23.12 -30.48
CA PHE A 279 8.16 22.12 -29.43
C PHE A 279 6.85 22.24 -28.69
N ARG A 280 6.13 21.13 -28.56
CA ARG A 280 4.94 21.10 -27.70
C ARG A 280 5.24 20.26 -26.45
N HIS A 281 5.33 20.93 -25.29
CA HIS A 281 5.63 20.25 -24.03
C HIS A 281 4.35 19.87 -23.32
N GLU A 282 4.36 18.73 -22.65
CA GLU A 282 3.18 18.31 -21.91
C GLU A 282 3.57 17.53 -20.67
N THR A 283 2.74 17.68 -19.65
CA THR A 283 2.93 16.91 -18.42
C THR A 283 1.75 15.97 -18.22
N HIS A 284 2.05 14.73 -17.89
CA HIS A 284 1.01 13.75 -17.59
C HIS A 284 1.10 13.27 -16.15
N ASP A 285 -0.06 12.97 -15.58
CA ASP A 285 -0.13 12.57 -14.19
C ASP A 285 0.04 11.04 -14.06
N THR A 286 1.21 10.57 -14.45
CA THR A 286 1.61 9.20 -14.28
C THR A 286 3.14 9.17 -14.32
N GLU A 287 3.73 8.14 -13.71
CA GLU A 287 5.19 8.10 -13.60
C GLU A 287 5.89 7.91 -14.93
N GLN A 288 5.29 7.10 -15.80
CA GLN A 288 5.91 6.75 -17.06
C GLN A 288 4.89 6.72 -18.20
N LEU A 289 5.27 7.34 -19.31
CA LEU A 289 4.35 7.47 -20.41
C LEU A 289 4.89 6.64 -21.56
N LEU A 290 6.21 6.61 -21.70
CA LEU A 290 6.82 5.90 -22.83
C LEU A 290 7.67 4.76 -22.31
N PRO A 291 7.83 3.71 -23.13
CA PRO A 291 8.64 2.53 -22.85
C PRO A 291 10.13 2.78 -22.98
N THR A 292 10.52 3.98 -23.39
CA THR A 292 11.93 4.26 -23.64
C THR A 292 12.16 5.77 -23.78
N GLY A 293 13.40 6.18 -23.99
CA GLY A 293 13.74 7.60 -24.04
C GLY A 293 13.03 8.43 -25.10
N THR A 294 13.03 7.93 -26.34
CA THR A 294 12.31 8.58 -27.44
C THR A 294 11.57 7.53 -28.26
N VAL A 295 10.35 7.86 -28.67
CA VAL A 295 9.66 7.13 -29.73
C VAL A 295 9.63 7.98 -31.03
N ASN A 296 10.18 7.44 -32.12
CA ASN A 296 10.14 8.11 -33.43
C ASN A 296 8.91 7.68 -34.23
N TYR A 297 8.33 8.61 -34.99
CA TYR A 297 7.18 8.32 -35.84
C TYR A 297 7.41 8.67 -37.31
N PRO A 298 8.00 7.74 -38.06
CA PRO A 298 8.31 7.99 -39.46
C PRO A 298 7.08 8.03 -40.39
N ASN A 299 5.97 7.44 -39.99
CA ASN A 299 4.86 7.26 -40.95
C ASN A 299 3.50 7.76 -40.49
N ASP A 300 3.47 8.34 -39.31
CA ASP A 300 2.24 8.79 -38.70
C ASP A 300 2.52 10.16 -38.11
N TYR A 301 1.49 10.99 -38.02
CA TYR A 301 1.51 12.24 -37.25
C TYR A 301 2.30 13.43 -37.81
N ALA A 302 1.85 14.61 -37.40
CA ALA A 302 2.52 15.85 -37.73
C ALA A 302 3.92 15.82 -37.14
N TYR A 303 4.02 15.36 -35.90
CA TYR A 303 5.33 15.31 -35.23
C TYR A 303 6.27 14.18 -35.66
N THR A 304 7.56 14.37 -35.41
CA THR A 304 8.53 13.36 -35.80
C THR A 304 8.83 12.39 -34.67
N ARG A 305 8.77 12.88 -33.43
CA ARG A 305 9.15 12.11 -32.25
C ARG A 305 8.62 12.70 -30.96
N VAL A 306 8.47 11.84 -29.93
CA VAL A 306 8.11 12.26 -28.58
C VAL A 306 9.22 11.78 -27.66
N SER A 307 9.53 12.58 -26.63
CA SER A 307 10.54 12.18 -25.68
C SER A 307 10.08 12.43 -24.26
N GLU A 308 10.58 11.61 -23.35
CA GLU A 308 10.17 11.67 -21.97
C GLU A 308 11.43 11.89 -21.17
N PHE A 309 11.56 13.10 -20.64
CA PHE A 309 12.81 13.50 -20.01
C PHE A 309 13.32 12.65 -18.85
N LYS A 310 12.41 12.03 -18.10
CA LYS A 310 12.86 11.23 -16.96
C LYS A 310 13.76 10.06 -17.35
N HIS A 311 13.49 9.42 -18.49
CA HIS A 311 14.37 8.35 -18.97
C HIS A 311 15.75 8.90 -19.19
N ILE A 312 15.81 10.15 -19.63
CA ILE A 312 17.08 10.75 -19.95
C ILE A 312 17.82 11.25 -18.68
N THR A 313 17.10 11.88 -17.77
CA THR A 313 17.73 12.52 -16.62
C THR A 313 17.88 11.58 -15.43
N GLY A 314 16.94 10.68 -15.27
CA GLY A 314 16.98 9.80 -14.12
C GLY A 314 16.16 10.35 -12.95
N GLN A 315 15.54 11.50 -13.17
CA GLN A 315 14.78 12.13 -12.10
C GLN A 315 13.59 11.29 -11.68
N ARG A 316 13.42 11.14 -10.36
CA ARG A 316 12.24 10.51 -9.80
C ARG A 316 11.17 11.59 -9.67
N HIS A 317 9.92 11.23 -9.87
CA HIS A 317 8.86 12.21 -9.84
C HIS A 317 7.52 11.51 -9.95
N HIS A 318 6.48 12.04 -9.30
CA HIS A 318 5.15 11.45 -9.39
C HIS A 318 4.51 11.68 -10.76
N GLN A 319 5.04 12.63 -11.50
CA GLN A 319 4.49 12.95 -12.80
C GLN A 319 5.57 12.78 -13.82
N THR A 320 5.24 13.05 -15.08
CA THR A 320 6.21 12.89 -16.12
C THR A 320 6.01 13.95 -17.18
N SER A 321 7.10 14.44 -17.76
CA SER A 321 7.02 15.44 -18.81
C SER A 321 7.62 14.98 -20.13
N VAL A 322 6.94 15.33 -21.22
CA VAL A 322 7.34 14.91 -22.55
C VAL A 322 7.30 16.09 -23.52
N VAL A 323 8.08 15.98 -24.60
CA VAL A 323 8.03 16.98 -25.63
C VAL A 323 7.81 16.34 -26.98
N TYR A 324 6.86 16.90 -27.73
CA TYR A 324 6.60 16.50 -29.12
C TYR A 324 7.29 17.48 -30.06
N GLU A 325 7.99 16.99 -31.07
CA GLU A 325 8.73 17.86 -31.97
C GLU A 325 8.02 18.04 -33.31
N TYR A 326 7.88 19.29 -33.74
CA TYR A 326 7.31 19.59 -35.05
C TYR A 326 8.30 20.35 -35.93
N PRO A 327 8.80 19.69 -36.97
CA PRO A 327 9.65 20.34 -37.97
C PRO A 327 8.97 21.59 -38.55
N ARG A 328 9.73 22.70 -38.64
CA ARG A 328 9.22 23.96 -39.16
C ARG A 328 10.26 24.52 -40.14
N ALA A 329 9.81 24.98 -41.30
CA ALA A 329 10.75 25.58 -42.25
C ALA A 329 11.19 26.98 -41.78
N GLU A 330 10.36 27.60 -40.94
CA GLU A 330 10.60 28.94 -40.47
C GLU A 330 10.87 28.99 -38.95
N GLY A 331 11.63 29.98 -38.51
CA GLY A 331 11.88 30.18 -37.09
C GLY A 331 13.35 30.05 -36.73
N ASP A 332 13.66 30.05 -35.42
CA ASP A 332 15.04 29.89 -34.93
C ASP A 332 15.80 28.75 -35.64
N PRO A 333 16.99 29.05 -36.20
CA PRO A 333 17.77 28.01 -36.88
C PRO A 333 18.26 26.90 -35.94
N TYR A 334 17.93 25.65 -36.28
CA TYR A 334 18.44 24.51 -35.50
C TYR A 334 19.34 23.57 -36.30
N TYR A 335 19.05 23.34 -37.58
CA TYR A 335 19.92 22.46 -38.34
C TYR A 335 20.34 23.13 -39.63
N PRO A 336 21.59 22.94 -40.02
CA PRO A 336 21.99 23.21 -41.40
C PRO A 336 21.31 22.18 -42.28
N VAL A 337 21.11 22.51 -43.55
CA VAL A 337 20.51 21.56 -44.47
C VAL A 337 21.53 21.06 -45.47
N PRO A 338 22.28 20.02 -45.11
CA PRO A 338 23.35 19.56 -46.00
C PRO A 338 22.83 19.06 -47.35
N ARG A 339 23.16 19.80 -48.41
CA ARG A 339 22.93 19.37 -49.78
C ARG A 339 23.78 20.25 -50.68
N PRO A 340 24.00 19.81 -51.92
CA PRO A 340 24.98 20.51 -52.77
C PRO A 340 24.69 22.00 -52.98
N GLU A 341 23.42 22.38 -53.07
CA GLU A 341 23.09 23.78 -53.31
C GLU A 341 23.14 24.62 -52.05
N ASN A 342 23.17 23.98 -50.89
CA ASN A 342 23.38 24.76 -49.70
C ASN A 342 24.88 24.84 -49.40
N ALA A 343 25.59 23.77 -49.73
CA ALA A 343 27.03 23.76 -49.57
C ALA A 343 27.70 24.82 -50.45
N GLU A 344 27.09 25.11 -51.60
CA GLU A 344 27.59 26.12 -52.55
C GLU A 344 27.37 27.51 -51.98
N LEU A 345 26.16 27.74 -51.47
CA LEU A 345 25.83 28.99 -50.82
C LEU A 345 26.75 29.19 -49.62
N TYR A 346 26.95 28.14 -48.82
CA TYR A 346 27.78 28.31 -47.63
C TYR A 346 29.21 28.72 -47.98
N LYS A 347 29.72 28.22 -49.10
CA LYS A 347 31.06 28.63 -49.53
C LYS A 347 31.14 30.15 -49.76
N LYS A 348 30.14 30.71 -50.42
CA LYS A 348 30.07 32.17 -50.56
C LYS A 348 30.35 32.81 -49.21
N TYR A 349 29.64 32.34 -48.19
CA TYR A 349 29.79 32.89 -46.85
C TYR A 349 31.08 32.48 -46.18
N GLU A 350 31.52 31.24 -46.37
CA GLU A 350 32.76 30.81 -45.73
C GLU A 350 33.90 31.73 -46.17
N ALA A 351 33.81 32.20 -47.40
CA ALA A 351 34.87 33.00 -47.97
C ALA A 351 34.95 34.34 -47.26
N LEU A 352 33.77 34.91 -46.98
CA LEU A 352 33.65 36.18 -46.29
C LEU A 352 34.08 36.07 -44.85
N ALA A 353 33.62 35.01 -44.19
CA ALA A 353 34.01 34.78 -42.81
C ALA A 353 35.53 34.68 -42.71
N ASP A 354 36.16 33.88 -43.57
CA ASP A 354 37.61 33.73 -43.48
C ASP A 354 38.33 35.06 -43.64
N ALA A 355 37.82 35.87 -44.55
CA ALA A 355 38.44 37.15 -44.87
C ALA A 355 38.26 38.15 -43.75
N ALA A 356 37.19 38.00 -42.96
CA ALA A 356 36.89 38.94 -41.89
C ALA A 356 37.98 38.87 -40.84
N GLN A 357 38.60 40.02 -40.57
CA GLN A 357 39.90 40.01 -39.92
C GLN A 357 39.84 39.72 -38.41
N ASP A 358 38.96 40.42 -37.71
CA ASP A 358 38.90 40.32 -36.26
C ASP A 358 37.71 39.49 -35.75
N VAL A 359 37.27 38.55 -36.58
CA VAL A 359 36.14 37.74 -36.22
C VAL A 359 36.44 36.28 -36.46
N THR A 360 36.24 35.48 -35.40
CA THR A 360 36.38 34.04 -35.49
C THR A 360 35.01 33.38 -35.47
N PHE A 361 34.77 32.47 -36.43
CA PHE A 361 33.48 31.80 -36.57
C PHE A 361 33.57 30.35 -36.10
N VAL A 362 32.68 29.96 -35.19
CA VAL A 362 32.73 28.61 -34.65
C VAL A 362 31.39 28.11 -34.21
N GLY A 363 31.14 26.83 -34.37
CA GLY A 363 29.91 26.23 -33.89
C GLY A 363 29.05 25.75 -35.04
N ARG A 364 27.94 25.14 -34.69
CA ARG A 364 27.07 24.49 -35.63
C ARG A 364 26.48 25.51 -36.62
N LEU A 365 25.88 26.57 -36.09
CA LEU A 365 25.27 27.62 -36.90
C LEU A 365 26.28 28.47 -37.68
N ALA A 366 27.42 28.76 -37.08
CA ALA A 366 28.34 29.73 -37.66
C ALA A 366 29.28 29.13 -38.70
N THR A 367 29.51 27.81 -38.60
CA THR A 367 30.31 27.10 -39.61
C THR A 367 29.48 26.14 -40.48
N TYR A 368 28.16 26.19 -40.32
CA TYR A 368 27.22 25.39 -41.11
C TYR A 368 27.57 23.90 -41.11
N ARG A 369 27.72 23.33 -39.92
CA ARG A 369 28.02 21.91 -39.79
C ARG A 369 26.99 21.22 -38.93
N TYR A 370 26.55 20.04 -39.38
CA TYR A 370 25.59 19.21 -38.64
C TYR A 370 26.28 18.53 -37.46
N TYR A 371 26.74 19.33 -36.49
CA TYR A 371 27.56 18.87 -35.37
C TYR A 371 26.77 18.54 -34.10
N ASN A 372 27.26 17.52 -33.40
CA ASN A 372 26.74 17.16 -32.09
C ASN A 372 27.44 17.97 -31.03
N MET A 373 26.92 17.93 -29.81
CA MET A 373 27.51 18.69 -28.70
C MET A 373 29.01 18.45 -28.56
N ASP A 374 29.43 17.19 -28.50
CA ASP A 374 30.84 16.87 -28.32
C ASP A 374 31.67 17.44 -29.44
N GLN A 375 31.08 17.51 -30.62
CA GLN A 375 31.82 17.93 -31.80
C GLN A 375 32.09 19.43 -31.76
N VAL A 376 31.07 20.20 -31.39
CA VAL A 376 31.20 21.64 -31.18
C VAL A 376 32.26 21.90 -30.09
N VAL A 377 32.14 21.19 -28.97
CA VAL A 377 33.16 21.29 -27.95
C VAL A 377 34.57 21.07 -28.50
N ALA A 378 34.75 20.04 -29.31
CA ALA A 378 36.07 19.73 -29.86
C ALA A 378 36.53 20.81 -30.84
N GLN A 379 35.57 21.42 -31.52
CA GLN A 379 35.85 22.44 -32.54
C GLN A 379 36.28 23.68 -31.79
N ALA A 380 35.54 24.01 -30.73
CA ALA A 380 35.86 25.18 -29.96
C ALA A 380 37.23 25.01 -29.31
N LEU A 381 37.54 23.81 -28.83
CA LEU A 381 38.83 23.62 -28.16
C LEU A 381 39.96 23.73 -29.19
N ALA A 382 39.70 23.29 -30.41
CA ALA A 382 40.70 23.45 -31.47
C ALA A 382 40.92 24.92 -31.79
N THR A 383 39.83 25.68 -31.78
CA THR A 383 39.90 27.09 -32.09
C THR A 383 40.75 27.77 -31.03
N PHE A 384 40.50 27.43 -29.77
CA PHE A 384 41.23 28.07 -28.69
C PHE A 384 42.72 27.87 -28.86
N ARG A 385 43.14 26.67 -29.20
CA ARG A 385 44.53 26.40 -29.52
C ARG A 385 45.00 27.32 -30.66
N ARG A 386 44.27 27.35 -31.78
CA ARG A 386 44.62 28.26 -32.87
C ARG A 386 44.86 29.68 -32.39
N LEU A 387 43.91 30.23 -31.64
CA LEU A 387 44.05 31.58 -31.11
C LEU A 387 45.34 31.72 -30.28
N GLN A 388 45.64 30.72 -29.45
CA GLN A 388 46.81 30.79 -28.61
C GLN A 388 48.14 30.70 -29.39
N GLY A 389 48.07 30.27 -30.66
CA GLY A 389 49.26 29.94 -31.44
C GLY A 389 49.74 30.99 -32.43
N LYS B 28 -62.52 -27.31 -5.96
CA LYS B 28 -61.69 -26.59 -6.93
C LYS B 28 -60.61 -25.74 -6.24
N GLY B 29 -59.36 -26.13 -6.47
CA GLY B 29 -58.23 -25.41 -5.92
C GLY B 29 -57.33 -24.89 -7.02
N PHE B 30 -56.38 -25.72 -7.44
CA PHE B 30 -55.38 -25.33 -8.44
C PHE B 30 -55.58 -26.05 -9.77
N ASP B 31 -55.37 -25.34 -10.87
CA ASP B 31 -55.38 -25.97 -12.18
C ASP B 31 -54.26 -27.01 -12.25
N TYR B 32 -53.05 -26.61 -11.86
CA TYR B 32 -51.92 -27.52 -11.84
C TYR B 32 -51.27 -27.58 -10.47
N LEU B 33 -50.87 -28.80 -10.10
CA LEU B 33 -49.97 -29.03 -8.98
C LEU B 33 -48.68 -29.50 -9.62
N ILE B 34 -47.61 -28.75 -9.40
CA ILE B 34 -46.32 -29.06 -10.00
C ILE B 34 -45.43 -29.63 -8.91
N VAL B 35 -44.75 -30.73 -9.21
CA VAL B 35 -43.97 -31.42 -8.20
C VAL B 35 -42.51 -31.20 -8.49
N GLY B 36 -41.83 -30.51 -7.58
CA GLY B 36 -40.43 -30.17 -7.77
C GLY B 36 -40.27 -28.77 -8.33
N ALA B 37 -39.33 -28.02 -7.75
CA ALA B 37 -39.17 -26.59 -8.09
C ALA B 37 -37.83 -26.23 -8.73
N GLY B 38 -37.20 -27.15 -9.45
CA GLY B 38 -36.03 -26.82 -10.26
C GLY B 38 -36.46 -26.20 -11.59
N PHE B 39 -35.61 -26.32 -12.63
CA PHE B 39 -35.89 -25.69 -13.93
C PHE B 39 -37.17 -26.18 -14.61
N ALA B 40 -37.36 -27.51 -14.62
CA ALA B 40 -38.55 -28.10 -15.21
C ALA B 40 -39.84 -27.60 -14.55
N GLY B 41 -39.87 -27.64 -13.22
CA GLY B 41 -41.06 -27.27 -12.49
C GLY B 41 -41.30 -25.77 -12.51
N SER B 42 -40.23 -25.02 -12.28
CA SER B 42 -40.33 -23.58 -12.17
C SER B 42 -40.62 -22.92 -13.50
N VAL B 43 -40.00 -23.40 -14.56
CA VAL B 43 -40.29 -22.83 -15.87
C VAL B 43 -41.75 -23.05 -16.26
N LEU B 44 -42.20 -24.31 -16.19
CA LEU B 44 -43.60 -24.65 -16.48
C LEU B 44 -44.56 -23.85 -15.60
N ALA B 45 -44.16 -23.69 -14.36
CA ALA B 45 -44.92 -22.89 -13.43
C ALA B 45 -45.05 -21.41 -13.86
N GLU B 46 -43.92 -20.79 -14.21
CA GLU B 46 -43.95 -19.43 -14.74
C GLU B 46 -44.85 -19.35 -15.99
N ARG B 47 -44.71 -20.31 -16.88
CA ARG B 47 -45.50 -20.31 -18.12
C ARG B 47 -46.97 -20.49 -17.82
N LEU B 48 -47.31 -21.55 -17.10
CA LEU B 48 -48.70 -21.81 -16.78
C LEU B 48 -49.34 -20.59 -16.09
N ALA B 49 -48.70 -20.07 -15.07
CA ALA B 49 -49.24 -18.97 -14.30
C ALA B 49 -49.37 -17.66 -15.08
N SER B 50 -48.57 -17.51 -16.13
CA SER B 50 -48.59 -16.27 -16.89
C SER B 50 -49.74 -16.30 -17.89
N SER B 51 -50.31 -17.48 -18.09
CA SER B 51 -51.48 -17.63 -18.93
C SER B 51 -52.73 -17.93 -18.09
N GLY B 52 -52.80 -17.33 -16.91
CA GLY B 52 -54.01 -17.36 -16.10
C GLY B 52 -54.34 -18.62 -15.29
N GLN B 53 -53.41 -19.56 -15.21
CA GLN B 53 -53.70 -20.79 -14.49
C GLN B 53 -53.26 -20.72 -13.03
N ARG B 54 -54.04 -21.32 -12.13
CA ARG B 54 -53.68 -21.38 -10.72
C ARG B 54 -52.67 -22.50 -10.52
N VAL B 55 -51.45 -22.18 -10.13
CA VAL B 55 -50.45 -23.21 -9.93
C VAL B 55 -49.97 -23.32 -8.48
N LEU B 56 -49.95 -24.54 -7.96
CA LEU B 56 -49.30 -24.86 -6.71
C LEU B 56 -48.05 -25.67 -7.02
N ILE B 57 -46.87 -25.13 -6.70
CA ILE B 57 -45.61 -25.84 -6.92
C ILE B 57 -45.05 -26.30 -5.59
N VAL B 58 -44.63 -27.56 -5.52
CA VAL B 58 -44.17 -28.13 -4.24
C VAL B 58 -42.79 -28.76 -4.39
N ASP B 59 -41.98 -28.68 -3.35
CA ASP B 59 -40.69 -29.37 -3.38
C ASP B 59 -40.43 -29.87 -1.98
N ARG B 60 -39.87 -31.08 -1.87
CA ARG B 60 -39.60 -31.60 -0.56
C ARG B 60 -38.33 -31.01 0.06
N ARG B 61 -37.54 -30.31 -0.75
CA ARG B 61 -36.44 -29.51 -0.23
C ARG B 61 -36.99 -28.23 0.41
N PRO B 62 -36.25 -27.63 1.35
CA PRO B 62 -36.74 -26.40 1.98
C PRO B 62 -36.48 -25.17 1.13
N HIS B 63 -36.20 -25.34 -0.16
CA HIS B 63 -35.84 -24.22 -1.02
C HIS B 63 -36.29 -24.45 -2.47
N ILE B 64 -36.40 -23.38 -3.26
CA ILE B 64 -36.73 -23.53 -4.68
C ILE B 64 -35.42 -23.74 -5.42
N GLY B 65 -35.48 -23.86 -6.74
CA GLY B 65 -34.28 -23.96 -7.57
C GLY B 65 -33.66 -25.34 -7.81
N GLY B 66 -34.15 -26.39 -7.14
CA GLY B 66 -33.61 -27.72 -7.33
C GLY B 66 -32.09 -27.78 -7.18
N ASN B 67 -31.45 -28.63 -7.97
CA ASN B 67 -29.98 -28.68 -7.98
C ASN B 67 -29.25 -27.40 -8.30
N ALA B 68 -29.91 -26.46 -8.97
CA ALA B 68 -29.24 -25.22 -9.38
C ALA B 68 -29.23 -24.18 -8.27
N TYR B 69 -29.96 -24.46 -7.19
CA TYR B 69 -30.02 -23.57 -6.03
C TYR B 69 -28.63 -23.06 -5.61
N ASP B 70 -28.53 -21.75 -5.39
CA ASP B 70 -27.33 -21.22 -4.77
C ASP B 70 -27.68 -20.41 -3.53
N CYS B 71 -26.67 -20.13 -2.74
CA CYS B 71 -26.86 -19.48 -1.45
C CYS B 71 -25.52 -19.04 -0.93
N TYR B 72 -25.56 -18.29 0.17
CA TYR B 72 -24.37 -17.70 0.74
C TYR B 72 -23.90 -18.52 1.92
N ASP B 73 -22.71 -19.07 1.81
CA ASP B 73 -22.18 -19.91 2.89
C ASP B 73 -21.87 -19.07 4.11
N ASP B 74 -21.27 -19.70 5.12
CA ASP B 74 -20.98 -19.02 6.36
C ASP B 74 -20.03 -17.83 6.20
N ALA B 75 -19.22 -17.82 5.15
CA ALA B 75 -18.21 -16.79 5.02
C ALA B 75 -18.69 -15.62 4.16
N GLY B 76 -19.88 -15.77 3.62
CA GLY B 76 -20.44 -14.75 2.75
C GLY B 76 -20.10 -14.97 1.30
N VAL B 77 -19.45 -16.10 0.99
CA VAL B 77 -19.20 -16.43 -0.41
C VAL B 77 -20.40 -17.16 -1.03
N LEU B 78 -20.75 -16.80 -2.26
CA LEU B 78 -21.92 -17.35 -2.92
C LEU B 78 -21.53 -18.67 -3.56
N ILE B 79 -22.15 -19.75 -3.09
CA ILE B 79 -21.75 -21.10 -3.52
C ILE B 79 -22.92 -21.88 -4.09
N HIS B 80 -22.61 -23.03 -4.70
CA HIS B 80 -23.63 -23.95 -5.18
C HIS B 80 -23.57 -25.22 -4.36
N PRO B 81 -24.51 -25.37 -3.45
CA PRO B 81 -24.59 -26.53 -2.56
C PRO B 81 -24.58 -27.88 -3.28
N TYR B 82 -25.15 -27.97 -4.48
CA TYR B 82 -25.21 -29.25 -5.17
C TYR B 82 -24.20 -29.35 -6.30
N GLY B 83 -23.08 -28.66 -6.16
CA GLY B 83 -22.05 -28.74 -7.17
C GLY B 83 -22.12 -27.56 -8.12
N PRO B 84 -20.97 -27.17 -8.69
CA PRO B 84 -20.94 -25.98 -9.54
C PRO B 84 -21.82 -26.13 -10.79
N HIS B 85 -22.80 -25.25 -10.94
CA HIS B 85 -23.60 -25.24 -12.18
C HIS B 85 -23.22 -24.05 -13.07
N ILE B 86 -22.62 -24.34 -14.21
CA ILE B 86 -22.27 -23.31 -15.19
C ILE B 86 -23.32 -23.27 -16.31
N PHE B 87 -24.01 -22.14 -16.45
CA PHE B 87 -25.03 -22.02 -17.51
C PHE B 87 -24.45 -21.68 -18.87
N HIS B 88 -24.84 -22.44 -19.89
CA HIS B 88 -24.41 -22.20 -21.26
C HIS B 88 -25.50 -22.70 -22.21
N THR B 89 -25.58 -22.14 -23.41
CA THR B 89 -26.57 -22.65 -24.35
C THR B 89 -26.43 -22.14 -25.78
N ASN B 90 -26.89 -22.94 -26.73
CA ASN B 90 -26.86 -22.55 -28.13
C ASN B 90 -28.20 -21.96 -28.55
N SER B 91 -29.17 -22.18 -27.70
CA SER B 91 -30.53 -21.76 -27.97
C SER B 91 -30.77 -20.30 -27.64
N LYS B 92 -31.01 -19.51 -28.68
CA LYS B 92 -31.39 -18.11 -28.52
C LYS B 92 -32.68 -18.00 -27.72
N ASP B 93 -33.61 -18.91 -28.00
CA ASP B 93 -34.91 -18.87 -27.31
C ASP B 93 -34.77 -19.11 -25.80
N VAL B 94 -34.00 -20.12 -25.39
CA VAL B 94 -33.83 -20.37 -23.98
C VAL B 94 -33.16 -19.16 -23.33
N PHE B 95 -32.12 -18.66 -23.97
CA PHE B 95 -31.41 -17.52 -23.39
C PHE B 95 -32.26 -16.23 -23.27
N GLU B 96 -33.07 -15.94 -24.28
CA GLU B 96 -33.96 -14.79 -24.18
C GLU B 96 -35.13 -15.02 -23.22
N TYR B 97 -35.54 -16.26 -23.01
CA TYR B 97 -36.58 -16.56 -22.04
C TYR B 97 -36.01 -16.32 -20.65
N LEU B 98 -34.83 -16.86 -20.40
CA LEU B 98 -34.23 -16.76 -19.07
C LEU B 98 -33.81 -15.32 -18.77
N SER B 99 -33.55 -14.55 -19.82
CA SER B 99 -33.24 -13.12 -19.68
C SER B 99 -34.39 -12.37 -19.05
N ARG B 100 -35.59 -12.92 -19.14
CA ARG B 100 -36.74 -12.28 -18.48
C ARG B 100 -36.62 -12.27 -16.94
N PHE B 101 -35.70 -13.03 -16.36
CA PHE B 101 -35.75 -13.22 -14.90
C PHE B 101 -34.46 -12.93 -14.17
N THR B 102 -33.41 -12.72 -14.94
CA THR B 102 -32.13 -12.39 -14.35
C THR B 102 -31.34 -11.59 -15.37
N GLU B 103 -30.38 -10.81 -14.89
CA GLU B 103 -29.37 -10.22 -15.76
C GLU B 103 -28.21 -11.19 -15.87
N TRP B 104 -27.17 -10.81 -16.61
CA TRP B 104 -26.09 -11.73 -16.86
C TRP B 104 -24.69 -11.18 -16.60
N ARG B 105 -23.82 -12.11 -16.20
CA ARG B 105 -22.42 -11.87 -16.04
C ARG B 105 -21.80 -12.80 -17.05
N PRO B 106 -21.23 -12.25 -18.13
CA PRO B 106 -20.67 -13.13 -19.17
C PRO B 106 -19.61 -14.02 -18.53
N TYR B 107 -19.53 -15.27 -18.96
CA TYR B 107 -18.60 -16.23 -18.37
C TYR B 107 -18.43 -17.42 -19.28
N GLN B 108 -17.19 -17.71 -19.62
CA GLN B 108 -16.88 -18.92 -20.36
C GLN B 108 -15.96 -19.84 -19.52
N HIS B 109 -16.58 -20.88 -18.98
CA HIS B 109 -15.92 -21.81 -18.07
C HIS B 109 -14.69 -22.45 -18.69
N ARG B 110 -13.57 -22.38 -17.99
CA ARG B 110 -12.37 -23.07 -18.44
C ARG B 110 -11.91 -24.08 -17.39
N VAL B 111 -11.74 -25.33 -17.82
CA VAL B 111 -11.35 -26.39 -16.92
C VAL B 111 -9.93 -26.83 -17.24
N LEU B 112 -9.08 -26.96 -16.22
CA LEU B 112 -7.76 -27.54 -16.38
C LEU B 112 -7.71 -28.97 -15.82
N ALA B 113 -6.89 -29.83 -16.40
CA ALA B 113 -6.79 -31.21 -15.91
C ALA B 113 -5.41 -31.49 -15.32
N SER B 114 -5.37 -31.90 -14.06
CA SER B 114 -4.11 -32.28 -13.43
C SER B 114 -3.59 -33.62 -13.98
N VAL B 115 -2.50 -33.56 -14.75
CA VAL B 115 -1.99 -34.72 -15.46
C VAL B 115 -0.47 -34.64 -15.58
N ASP B 116 0.25 -35.65 -15.08
CA ASP B 116 1.71 -35.66 -15.11
C ASP B 116 2.24 -34.39 -14.47
N GLY B 117 1.62 -33.97 -13.38
CA GLY B 117 2.06 -32.77 -12.68
C GLY B 117 1.87 -31.46 -13.43
N GLN B 118 1.13 -31.49 -14.54
CA GLN B 118 0.78 -30.26 -15.25
C GLN B 118 -0.71 -29.98 -15.20
N LEU B 119 -1.08 -28.72 -15.41
CA LEU B 119 -2.48 -28.38 -15.62
C LEU B 119 -2.66 -28.07 -17.11
N LEU B 120 -3.39 -28.95 -17.79
CA LEU B 120 -3.56 -28.88 -19.24
C LEU B 120 -5.03 -28.69 -19.57
N PRO B 121 -5.31 -28.00 -20.67
CA PRO B 121 -6.70 -27.77 -21.08
C PRO B 121 -7.38 -29.07 -21.48
N ILE B 122 -8.54 -29.35 -20.89
CA ILE B 122 -9.46 -30.38 -21.34
C ILE B 122 -10.74 -29.59 -21.65
N PRO B 123 -11.46 -29.91 -22.74
CA PRO B 123 -11.26 -30.94 -23.76
C PRO B 123 -9.88 -30.83 -24.41
N ILE B 124 -9.28 -31.98 -24.69
CA ILE B 124 -7.96 -32.03 -25.33
C ILE B 124 -7.92 -31.19 -26.59
N ASN B 125 -7.06 -30.18 -26.58
CA ASN B 125 -6.80 -29.42 -27.79
C ASN B 125 -5.35 -29.47 -28.24
N LEU B 126 -5.02 -28.62 -29.22
CA LEU B 126 -3.68 -28.57 -29.79
C LEU B 126 -2.68 -28.26 -28.68
N ASP B 127 -3.09 -27.38 -27.77
CA ASP B 127 -2.19 -27.01 -26.69
C ASP B 127 -1.95 -28.15 -25.69
N THR B 128 -3.00 -28.92 -25.40
CA THR B 128 -2.88 -30.04 -24.49
C THR B 128 -1.82 -30.96 -25.04
N VAL B 129 -1.97 -31.30 -26.32
CA VAL B 129 -1.08 -32.27 -26.95
C VAL B 129 0.37 -31.80 -27.04
N ASN B 130 0.56 -30.54 -27.40
CA ASN B 130 1.92 -30.00 -27.48
C ASN B 130 2.49 -29.85 -26.09
N ARG B 131 1.70 -29.31 -25.19
CA ARG B 131 2.22 -29.05 -23.87
C ARG B 131 2.59 -30.35 -23.17
N LEU B 132 1.79 -31.38 -23.38
CA LEU B 132 2.00 -32.63 -22.70
C LEU B 132 3.24 -33.33 -23.21
N TYR B 133 3.40 -33.36 -24.54
CA TYR B 133 4.49 -34.12 -25.16
C TYR B 133 5.75 -33.32 -25.51
N GLY B 134 5.67 -32.00 -25.45
CA GLY B 134 6.79 -31.15 -25.84
C GLY B 134 6.85 -30.99 -27.34
N LEU B 135 5.73 -31.29 -28.00
CA LEU B 135 5.58 -31.19 -29.46
C LEU B 135 5.35 -29.75 -29.94
N ASN B 136 5.49 -29.56 -31.24
CA ASN B 136 5.18 -28.27 -31.84
C ASN B 136 4.21 -28.44 -32.98
N LEU B 137 3.24 -29.30 -32.75
CA LEU B 137 2.28 -29.60 -33.79
C LEU B 137 1.51 -28.36 -34.16
N THR B 138 1.08 -28.34 -35.41
CA THR B 138 0.21 -27.31 -35.93
C THR B 138 -1.19 -27.87 -35.85
N SER B 139 -2.20 -27.04 -36.10
CA SER B 139 -3.59 -27.52 -36.10
C SER B 139 -3.80 -28.58 -37.20
N PHE B 140 -3.25 -28.28 -38.37
CA PHE B 140 -3.37 -29.12 -39.54
C PHE B 140 -2.65 -30.45 -39.32
N GLN B 141 -1.69 -30.44 -38.40
CA GLN B 141 -0.95 -31.65 -38.06
C GLN B 141 -1.58 -32.47 -36.92
N VAL B 142 -2.53 -31.89 -36.18
CA VAL B 142 -3.08 -32.57 -35.00
C VAL B 142 -3.98 -33.76 -35.36
N GLU B 143 -4.79 -33.60 -36.40
CA GLU B 143 -5.68 -34.67 -36.81
C GLU B 143 -4.87 -35.91 -37.20
N GLU B 144 -3.85 -35.68 -38.02
CA GLU B 144 -2.96 -36.78 -38.36
C GLU B 144 -2.44 -37.38 -37.06
N PHE B 145 -1.81 -36.56 -36.22
CA PHE B 145 -1.21 -37.08 -35.00
C PHE B 145 -2.13 -38.10 -34.31
N PHE B 146 -3.35 -37.68 -34.00
CA PHE B 146 -4.32 -38.59 -33.40
C PHE B 146 -4.41 -39.90 -34.19
N ALA B 147 -4.77 -39.82 -35.46
CA ALA B 147 -4.80 -41.01 -36.31
C ALA B 147 -3.58 -41.89 -36.07
N SER B 148 -2.41 -41.27 -36.07
CA SER B 148 -1.17 -42.02 -35.93
C SER B 148 -1.07 -42.71 -34.57
N VAL B 149 -2.07 -42.51 -33.72
CA VAL B 149 -2.11 -43.20 -32.42
C VAL B 149 -3.47 -43.89 -32.19
N ALA B 150 -4.48 -43.40 -32.91
CA ALA B 150 -5.84 -43.91 -32.86
C ALA B 150 -5.95 -45.43 -33.03
N GLU B 151 -7.17 -45.93 -33.13
CA GLU B 151 -7.42 -47.35 -33.43
C GLU B 151 -8.79 -47.58 -34.09
N LYS B 152 -8.81 -48.44 -35.11
CA LYS B 152 -10.05 -48.71 -35.86
C LYS B 152 -11.12 -49.33 -34.97
N VAL B 153 -12.28 -48.67 -34.92
CA VAL B 153 -13.42 -49.23 -34.20
C VAL B 153 -14.52 -49.63 -35.17
N GLU B 154 -14.84 -50.92 -35.18
CA GLU B 154 -15.87 -51.46 -36.05
C GLU B 154 -17.20 -50.71 -35.90
N GLN B 155 -17.58 -50.44 -34.65
CA GLN B 155 -18.81 -49.70 -34.36
C GLN B 155 -18.72 -48.97 -33.02
N VAL B 156 -18.95 -47.65 -33.02
CA VAL B 156 -18.94 -46.88 -31.79
C VAL B 156 -20.18 -47.13 -30.95
N ARG B 157 -19.99 -47.86 -29.85
CA ARG B 157 -21.08 -48.28 -28.99
C ARG B 157 -20.99 -47.64 -27.60
N THR B 158 -19.80 -47.69 -26.99
CA THR B 158 -19.58 -47.21 -25.62
C THR B 158 -18.84 -45.88 -25.51
N SER B 159 -18.68 -45.41 -24.26
CA SER B 159 -17.91 -44.20 -23.92
C SER B 159 -16.42 -44.44 -24.07
N GLU B 160 -16.03 -45.69 -24.30
CA GLU B 160 -14.66 -46.00 -24.68
C GLU B 160 -14.64 -46.11 -26.19
N ASP B 161 -13.50 -45.85 -26.81
CA ASP B 161 -13.43 -46.04 -28.25
C ASP B 161 -14.21 -44.95 -28.95
N VAL B 162 -15.03 -44.22 -28.19
CA VAL B 162 -15.45 -42.89 -28.63
C VAL B 162 -14.30 -41.95 -28.23
N VAL B 163 -13.30 -42.55 -27.57
CA VAL B 163 -11.99 -41.93 -27.31
C VAL B 163 -10.83 -42.79 -27.81
N VAL B 164 -10.68 -44.01 -27.26
CA VAL B 164 -9.53 -44.86 -27.54
C VAL B 164 -9.37 -45.13 -29.03
N SER B 165 -10.38 -44.71 -29.79
CA SER B 165 -10.37 -44.82 -31.23
C SER B 165 -10.08 -43.46 -31.85
N LYS B 166 -10.44 -42.40 -31.14
CA LYS B 166 -10.24 -41.04 -31.66
C LYS B 166 -8.92 -40.40 -31.24
N VAL B 167 -8.20 -41.02 -30.31
CA VAL B 167 -7.00 -40.39 -29.75
C VAL B 167 -5.99 -41.37 -29.17
N GLY B 168 -6.20 -42.66 -29.36
CA GLY B 168 -5.22 -43.64 -28.94
C GLY B 168 -5.28 -43.94 -27.45
N ARG B 169 -4.36 -44.76 -26.97
CA ARG B 169 -4.46 -45.32 -25.62
C ARG B 169 -3.65 -44.56 -24.57
N ASP B 170 -2.61 -43.86 -25.00
CA ASP B 170 -1.87 -43.07 -24.04
C ASP B 170 -2.78 -41.95 -23.53
N LEU B 171 -3.44 -41.25 -24.46
CA LEU B 171 -4.32 -40.13 -24.15
C LEU B 171 -5.60 -40.54 -23.41
N TYR B 172 -5.98 -41.80 -23.59
CA TYR B 172 -7.13 -42.37 -22.90
C TYR B 172 -6.77 -42.71 -21.45
N ASN B 173 -5.54 -43.16 -21.22
CA ASN B 173 -5.06 -43.45 -19.87
C ASN B 173 -4.75 -42.21 -19.05
N LYS B 174 -4.39 -41.12 -19.72
CA LYS B 174 -4.01 -39.93 -19.00
C LYS B 174 -5.22 -39.04 -18.69
N PHE B 175 -6.23 -39.06 -19.56
CA PHE B 175 -7.37 -38.14 -19.46
C PHE B 175 -8.73 -38.78 -19.19
N PHE B 176 -8.92 -40.02 -19.64
CA PHE B 176 -10.26 -40.60 -19.64
C PHE B 176 -10.48 -41.80 -18.71
N ARG B 177 -9.54 -42.75 -18.71
CA ARG B 177 -9.78 -43.99 -17.98
C ARG B 177 -10.00 -43.76 -16.50
N GLY B 178 -8.94 -43.32 -15.82
CA GLY B 178 -8.99 -43.06 -14.40
C GLY B 178 -10.12 -42.14 -13.95
N TYR B 179 -10.42 -41.13 -14.75
CA TYR B 179 -11.50 -40.21 -14.41
C TYR B 179 -12.83 -40.90 -14.51
N THR B 180 -13.03 -41.61 -15.60
CA THR B 180 -14.26 -42.38 -15.80
C THR B 180 -14.35 -43.49 -14.74
N ARG B 181 -13.24 -44.16 -14.48
CA ARG B 181 -13.25 -45.19 -13.42
C ARG B 181 -13.78 -44.62 -12.11
N LYS B 182 -13.42 -43.37 -11.83
CA LYS B 182 -13.73 -42.72 -10.57
C LYS B 182 -15.17 -42.23 -10.55
N GLN B 183 -15.57 -41.54 -11.62
CA GLN B 183 -16.92 -41.04 -11.78
C GLN B 183 -18.00 -42.13 -11.66
N TRP B 184 -17.86 -43.23 -12.41
CA TRP B 184 -18.89 -44.27 -12.47
C TRP B 184 -18.48 -45.58 -11.79
N GLY B 185 -17.24 -45.66 -11.33
CA GLY B 185 -16.78 -46.83 -10.62
C GLY B 185 -16.60 -48.07 -11.47
N LEU B 186 -15.50 -48.79 -11.25
CA LEU B 186 -15.27 -50.11 -11.83
C LEU B 186 -14.25 -50.25 -12.98
N ASP B 187 -13.76 -49.13 -13.53
CA ASP B 187 -12.78 -49.19 -14.65
C ASP B 187 -13.50 -49.20 -16.02
N PRO B 188 -12.77 -48.92 -17.12
CA PRO B 188 -13.27 -48.54 -18.44
C PRO B 188 -14.79 -48.35 -18.65
N SER B 189 -15.18 -48.65 -19.89
CA SER B 189 -16.55 -48.55 -20.36
C SER B 189 -16.71 -49.49 -21.56
N GLU B 190 -17.77 -50.31 -21.60
CA GLU B 190 -18.76 -50.49 -20.53
C GLU B 190 -19.82 -49.39 -20.30
N LEU B 191 -19.95 -48.43 -21.23
CA LEU B 191 -20.93 -47.33 -21.10
C LEU B 191 -21.61 -46.97 -22.41
N ASP B 192 -22.67 -46.18 -22.36
CA ASP B 192 -23.20 -45.61 -23.57
C ASP B 192 -22.10 -44.69 -24.05
N ALA B 193 -22.04 -44.42 -25.35
CA ALA B 193 -21.00 -43.55 -25.92
C ALA B 193 -21.23 -42.08 -25.58
N SER B 194 -22.48 -41.75 -25.29
CA SER B 194 -22.91 -40.39 -24.94
C SER B 194 -22.18 -39.82 -23.72
N VAL B 195 -21.77 -40.69 -22.80
CA VAL B 195 -21.06 -40.24 -21.61
C VAL B 195 -19.78 -39.47 -21.94
N THR B 196 -18.89 -40.09 -22.70
CA THR B 196 -17.62 -39.48 -23.09
C THR B 196 -17.68 -38.81 -24.46
N ALA B 197 -18.77 -39.02 -25.18
CA ALA B 197 -18.97 -38.33 -26.44
C ALA B 197 -19.47 -36.91 -26.10
N ARG B 198 -19.67 -36.65 -24.81
CA ARG B 198 -20.04 -35.31 -24.32
C ARG B 198 -18.84 -34.36 -24.37
N VAL B 199 -17.69 -34.83 -23.91
CA VAL B 199 -16.44 -34.07 -23.99
C VAL B 199 -15.70 -34.37 -25.29
N PRO B 200 -15.79 -33.43 -26.27
CA PRO B 200 -15.20 -33.57 -27.60
C PRO B 200 -13.68 -33.84 -27.61
N THR B 201 -13.08 -33.52 -28.75
CA THR B 201 -11.63 -33.44 -28.91
C THR B 201 -11.39 -32.41 -30.01
N ARG B 202 -10.42 -31.53 -29.81
CA ARG B 202 -10.30 -30.37 -30.69
C ARG B 202 -8.96 -30.31 -31.40
N THR B 203 -8.99 -29.88 -32.66
CA THR B 203 -7.74 -29.67 -33.40
C THR B 203 -7.23 -28.25 -33.20
N ASN B 204 -8.10 -27.40 -32.67
CA ASN B 204 -7.77 -25.99 -32.49
C ASN B 204 -7.17 -25.64 -31.11
N ARG B 205 -7.27 -24.38 -30.71
CA ARG B 205 -6.66 -23.90 -29.48
C ARG B 205 -7.69 -23.36 -28.48
N ASP B 206 -8.95 -23.61 -28.75
CA ASP B 206 -10.00 -23.20 -27.84
C ASP B 206 -9.92 -24.01 -26.53
N ASN B 207 -9.87 -23.31 -25.40
CA ASN B 207 -9.76 -23.99 -24.13
C ASN B 207 -10.98 -23.78 -23.24
N ARG B 208 -12.04 -23.16 -23.76
CA ARG B 208 -13.31 -23.11 -23.05
C ARG B 208 -13.84 -24.55 -22.95
N TYR B 209 -14.55 -24.86 -21.87
CA TYR B 209 -15.08 -26.19 -21.69
C TYR B 209 -16.25 -26.37 -22.62
N PHE B 210 -16.97 -25.28 -22.86
CA PHE B 210 -18.12 -25.28 -23.76
C PHE B 210 -17.85 -24.36 -24.92
N ALA B 211 -18.42 -24.66 -26.08
CA ALA B 211 -18.25 -23.75 -27.21
C ALA B 211 -19.58 -23.16 -27.62
N ASP B 212 -20.51 -23.16 -26.68
CA ASP B 212 -21.85 -22.64 -26.90
C ASP B 212 -21.82 -21.17 -27.23
N THR B 213 -22.87 -20.72 -27.91
CA THR B 213 -23.01 -19.33 -28.28
C THR B 213 -23.24 -18.42 -27.08
N TYR B 214 -24.09 -18.85 -26.15
CA TYR B 214 -24.41 -18.02 -24.99
C TYR B 214 -23.87 -18.60 -23.70
N GLN B 215 -22.79 -18.01 -23.21
CA GLN B 215 -22.19 -18.46 -21.95
C GLN B 215 -22.20 -17.34 -20.92
N ALA B 216 -22.98 -17.54 -19.86
CA ALA B 216 -23.20 -16.48 -18.89
C ALA B 216 -23.80 -17.05 -17.62
N MET B 217 -23.45 -16.46 -16.48
CA MET B 217 -24.09 -16.79 -15.23
C MET B 217 -25.17 -15.76 -14.88
N PRO B 218 -26.21 -16.18 -14.16
CA PRO B 218 -27.19 -15.22 -13.65
C PRO B 218 -26.51 -14.19 -12.76
N LEU B 219 -26.67 -12.91 -13.07
CA LEU B 219 -25.93 -11.85 -12.41
C LEU B 219 -25.85 -12.00 -10.90
N HIS B 220 -26.99 -12.25 -10.27
CA HIS B 220 -27.05 -12.33 -8.82
C HIS B 220 -27.37 -13.74 -8.33
N GLY B 221 -27.07 -14.72 -9.18
CA GLY B 221 -27.24 -16.12 -8.84
C GLY B 221 -28.54 -16.72 -9.30
N TYR B 222 -28.58 -18.05 -9.31
CA TYR B 222 -29.73 -18.86 -9.75
C TYR B 222 -30.96 -18.64 -8.88
N THR B 223 -30.77 -18.71 -7.57
CA THR B 223 -31.89 -18.61 -6.65
C THR B 223 -32.67 -17.30 -6.81
N ARG B 224 -31.96 -16.18 -6.92
CA ARG B 224 -32.63 -14.91 -7.23
C ARG B 224 -33.41 -15.02 -8.55
N MET B 225 -32.85 -15.76 -9.52
CA MET B 225 -33.51 -15.94 -10.81
C MET B 225 -34.78 -16.78 -10.69
N PHE B 226 -34.75 -17.80 -9.85
CA PHE B 226 -35.93 -18.63 -9.68
C PHE B 226 -37.03 -17.87 -8.94
N GLN B 227 -36.63 -17.05 -7.98
CA GLN B 227 -37.59 -16.20 -7.28
C GLN B 227 -38.35 -15.27 -8.23
N ASN B 228 -37.69 -14.72 -9.25
CA ASN B 228 -38.41 -13.90 -10.20
C ASN B 228 -39.36 -14.75 -10.98
N MET B 229 -38.81 -15.84 -11.49
CA MET B 229 -39.57 -16.84 -12.23
C MET B 229 -40.82 -17.32 -11.48
N LEU B 230 -40.77 -17.40 -10.14
CA LEU B 230 -41.92 -17.88 -9.36
C LEU B 230 -42.80 -16.77 -8.72
N SER B 231 -42.61 -15.54 -9.14
CA SER B 231 -43.18 -14.43 -8.37
C SER B 231 -44.65 -14.13 -8.67
N SER B 232 -45.21 -14.69 -9.74
CA SER B 232 -46.62 -14.49 -10.03
C SER B 232 -47.55 -14.65 -8.82
N PRO B 233 -48.65 -13.89 -8.80
CA PRO B 233 -49.64 -14.09 -7.74
C PRO B 233 -50.42 -15.36 -8.01
N ASN B 234 -50.20 -15.99 -9.14
CA ASN B 234 -50.92 -17.22 -9.47
C ASN B 234 -50.14 -18.46 -9.08
N ILE B 235 -49.10 -18.27 -8.27
CA ILE B 235 -48.20 -19.37 -7.94
C ILE B 235 -47.99 -19.47 -6.44
N LYS B 236 -48.53 -20.52 -5.84
CA LYS B 236 -48.27 -20.76 -4.43
C LYS B 236 -47.07 -21.69 -4.30
N VAL B 237 -46.10 -21.33 -3.47
CA VAL B 237 -44.91 -22.15 -3.31
C VAL B 237 -44.96 -22.94 -2.01
N MET B 238 -44.72 -24.24 -2.11
CA MET B 238 -44.82 -25.09 -0.94
C MET B 238 -43.54 -25.89 -0.78
N LEU B 239 -42.84 -25.62 0.32
CA LEU B 239 -41.51 -26.15 0.55
C LEU B 239 -41.51 -27.16 1.68
N ASN B 240 -40.44 -27.94 1.80
CA ASN B 240 -40.36 -28.97 2.82
C ASN B 240 -41.58 -29.92 2.71
N THR B 241 -41.98 -30.20 1.48
CA THR B 241 -43.22 -30.93 1.24
C THR B 241 -43.17 -31.89 0.07
N ASP B 242 -43.31 -33.18 0.39
CA ASP B 242 -43.47 -34.24 -0.60
C ASP B 242 -44.90 -34.19 -1.14
N TYR B 243 -45.06 -34.24 -2.47
CA TYR B 243 -46.38 -34.15 -3.07
C TYR B 243 -47.34 -35.16 -2.43
N ARG B 244 -46.82 -36.32 -2.11
CA ARG B 244 -47.65 -37.35 -1.51
C ARG B 244 -48.32 -36.89 -0.21
N GLU B 245 -47.66 -35.97 0.49
CA GLU B 245 -48.16 -35.45 1.75
C GLU B 245 -49.46 -34.62 1.65
N ILE B 246 -49.75 -34.07 0.46
CA ILE B 246 -50.90 -33.17 0.34
C ILE B 246 -51.78 -33.47 -0.88
N ALA B 247 -51.28 -34.27 -1.81
CA ALA B 247 -52.00 -34.53 -3.05
C ALA B 247 -53.43 -35.00 -2.76
N ASP B 248 -53.55 -35.92 -1.81
CA ASP B 248 -54.84 -36.48 -1.40
C ASP B 248 -55.92 -35.46 -1.02
N PHE B 249 -55.54 -34.30 -0.48
CA PHE B 249 -56.55 -33.32 -0.08
C PHE B 249 -56.53 -31.93 -0.76
N ILE B 250 -55.63 -31.72 -1.70
CA ILE B 250 -55.68 -30.47 -2.42
C ILE B 250 -56.11 -30.70 -3.85
N PRO B 251 -57.18 -30.02 -4.26
CA PRO B 251 -57.75 -30.15 -5.61
C PRO B 251 -56.81 -29.64 -6.68
N PHE B 252 -56.63 -30.43 -7.74
CA PHE B 252 -55.89 -29.99 -8.91
C PHE B 252 -56.32 -30.79 -10.13
N GLN B 253 -56.48 -30.10 -11.26
CA GLN B 253 -56.98 -30.75 -12.48
C GLN B 253 -55.87 -31.46 -13.26
N HIS B 254 -54.62 -31.12 -13.00
CA HIS B 254 -53.50 -31.72 -13.71
C HIS B 254 -52.26 -31.72 -12.84
N MET B 255 -51.32 -32.63 -13.13
CA MET B 255 -50.09 -32.71 -12.36
C MET B 255 -48.89 -32.69 -13.30
N ILE B 256 -47.93 -31.84 -12.98
CA ILE B 256 -46.64 -31.85 -13.64
C ILE B 256 -45.63 -32.41 -12.66
N TYR B 257 -45.04 -33.56 -12.98
CA TYR B 257 -44.16 -34.30 -12.08
C TYR B 257 -42.69 -34.26 -12.54
N THR B 258 -41.76 -34.01 -11.62
CA THR B 258 -40.37 -33.80 -12.04
C THR B 258 -39.41 -34.57 -11.13
N GLY B 259 -40.00 -35.39 -10.27
CA GLY B 259 -39.21 -36.32 -9.47
C GLY B 259 -38.86 -37.53 -10.28
N PRO B 260 -38.29 -38.54 -9.62
CA PRO B 260 -37.90 -39.81 -10.26
C PRO B 260 -39.10 -40.60 -10.79
N VAL B 261 -39.12 -40.99 -12.07
CA VAL B 261 -40.23 -41.79 -12.61
C VAL B 261 -40.46 -43.09 -11.87
N ASP B 262 -39.39 -43.77 -11.53
CA ASP B 262 -39.55 -45.06 -10.86
C ASP B 262 -40.25 -44.89 -9.51
N ALA B 263 -39.85 -43.88 -8.74
CA ALA B 263 -40.49 -43.55 -7.46
C ALA B 263 -41.99 -43.28 -7.62
N PHE B 264 -42.36 -42.51 -8.64
CA PHE B 264 -43.76 -42.21 -8.91
C PHE B 264 -44.62 -43.46 -9.12
N PHE B 265 -44.03 -44.53 -9.65
CA PHE B 265 -44.80 -45.75 -9.88
C PHE B 265 -44.44 -46.81 -8.84
N ASP B 266 -44.01 -46.32 -7.68
CA ASP B 266 -43.74 -47.16 -6.52
C ASP B 266 -42.71 -48.22 -6.80
N PHE B 267 -41.86 -47.97 -7.78
CA PHE B 267 -40.77 -48.89 -8.07
C PHE B 267 -41.32 -50.22 -8.57
N CYS B 268 -42.42 -50.14 -9.32
CA CYS B 268 -43.11 -51.35 -9.75
C CYS B 268 -42.23 -52.22 -10.63
N TYR B 269 -41.01 -51.78 -10.91
CA TYR B 269 -40.12 -52.50 -11.81
C TYR B 269 -38.69 -52.56 -11.28
N GLY B 270 -38.47 -52.14 -10.04
CA GLY B 270 -37.12 -51.97 -9.55
C GLY B 270 -36.60 -50.54 -9.74
N LYS B 271 -35.56 -50.20 -8.99
CA LYS B 271 -35.06 -48.83 -9.01
C LYS B 271 -34.20 -48.55 -10.24
N LEU B 272 -34.37 -47.36 -10.82
CA LEU B 272 -33.48 -46.94 -11.90
C LEU B 272 -32.11 -46.63 -11.30
N PRO B 273 -31.07 -47.35 -11.75
CA PRO B 273 -29.72 -47.18 -11.22
C PRO B 273 -29.19 -45.75 -11.39
N TYR B 274 -28.67 -45.19 -10.31
CA TYR B 274 -28.02 -43.89 -10.35
C TYR B 274 -26.65 -43.93 -9.71
N ARG B 275 -25.92 -42.86 -9.97
CA ARG B 275 -24.62 -42.68 -9.42
C ARG B 275 -24.74 -41.36 -8.73
N SER B 276 -24.12 -41.25 -7.56
CA SER B 276 -24.28 -40.08 -6.70
C SER B 276 -22.99 -39.25 -6.50
N LEU B 277 -23.10 -38.22 -5.67
CA LEU B 277 -21.98 -37.36 -5.33
C LEU B 277 -21.97 -37.03 -3.84
N GLU B 278 -20.77 -36.89 -3.28
CA GLU B 278 -20.60 -36.24 -1.99
C GLU B 278 -19.81 -34.94 -2.21
N PHE B 279 -20.14 -33.90 -1.47
CA PHE B 279 -19.44 -32.63 -1.65
C PHE B 279 -18.70 -32.26 -0.39
N ARG B 280 -17.42 -31.94 -0.51
CA ARG B 280 -16.70 -31.32 0.61
C ARG B 280 -16.36 -29.86 0.29
N HIS B 281 -17.02 -28.94 0.98
CA HIS B 281 -16.83 -27.50 0.79
C HIS B 281 -15.75 -26.99 1.73
N GLU B 282 -15.03 -25.96 1.31
CA GLU B 282 -14.02 -25.33 2.15
C GLU B 282 -13.89 -23.84 1.92
N THR B 283 -13.57 -23.11 2.97
CA THR B 283 -13.32 -21.68 2.80
C THR B 283 -11.86 -21.39 3.17
N HIS B 284 -11.14 -20.72 2.27
CA HIS B 284 -9.74 -20.44 2.50
C HIS B 284 -9.55 -18.95 2.67
N ASP B 285 -8.53 -18.57 3.43
CA ASP B 285 -8.28 -17.17 3.77
C ASP B 285 -7.34 -16.54 2.73
N THR B 286 -7.66 -16.74 1.45
CA THR B 286 -6.91 -16.12 0.36
C THR B 286 -7.92 -15.67 -0.66
N GLU B 287 -7.51 -14.79 -1.57
CA GLU B 287 -8.44 -14.30 -2.58
C GLU B 287 -8.72 -15.39 -3.59
N GLN B 288 -7.69 -16.18 -3.91
CA GLN B 288 -7.80 -17.14 -5.00
C GLN B 288 -6.98 -18.40 -4.82
N LEU B 289 -7.68 -19.53 -4.93
CA LEU B 289 -7.09 -20.85 -4.72
C LEU B 289 -6.64 -21.53 -6.00
N LEU B 290 -7.45 -21.45 -7.05
CA LEU B 290 -7.18 -22.18 -8.28
C LEU B 290 -7.00 -21.25 -9.47
N PRO B 291 -6.29 -21.70 -10.49
CA PRO B 291 -6.04 -20.87 -11.68
C PRO B 291 -7.26 -20.68 -12.62
N THR B 292 -8.20 -21.61 -12.64
CA THR B 292 -9.45 -21.48 -13.39
C THR B 292 -10.57 -21.90 -12.43
N GLY B 293 -11.78 -21.97 -12.95
CA GLY B 293 -12.94 -22.35 -12.17
C GLY B 293 -12.88 -23.76 -11.63
N THR B 294 -12.54 -24.73 -12.48
CA THR B 294 -12.52 -26.11 -12.03
C THR B 294 -11.21 -26.76 -12.44
N VAL B 295 -10.61 -27.52 -11.53
CA VAL B 295 -9.49 -28.38 -11.90
C VAL B 295 -9.91 -29.85 -11.76
N ASN B 296 -9.66 -30.62 -12.81
CA ASN B 296 -10.02 -32.05 -12.85
C ASN B 296 -8.86 -32.95 -12.44
N TYR B 297 -9.18 -34.02 -11.72
CA TYR B 297 -8.16 -35.00 -11.34
C TYR B 297 -8.45 -36.39 -11.91
N PRO B 298 -7.97 -36.65 -13.12
CA PRO B 298 -8.15 -37.96 -13.75
C PRO B 298 -7.40 -39.07 -12.99
N ASN B 299 -6.23 -38.74 -12.44
CA ASN B 299 -5.32 -39.78 -11.97
C ASN B 299 -4.88 -39.75 -10.51
N ASP B 300 -5.22 -38.68 -9.80
CA ASP B 300 -4.80 -38.60 -8.41
C ASP B 300 -6.00 -38.32 -7.54
N TYR B 301 -5.85 -38.57 -6.24
CA TYR B 301 -6.86 -38.22 -5.25
C TYR B 301 -8.16 -38.99 -5.40
N ALA B 302 -8.96 -39.00 -4.34
CA ALA B 302 -10.28 -39.62 -4.38
C ALA B 302 -11.26 -38.75 -5.16
N TYR B 303 -11.14 -37.43 -5.01
CA TYR B 303 -12.07 -36.52 -5.69
C TYR B 303 -11.80 -36.43 -7.17
N THR B 304 -12.86 -36.20 -7.93
CA THR B 304 -12.74 -36.04 -9.36
C THR B 304 -12.31 -34.63 -9.71
N ARG B 305 -12.82 -33.66 -8.95
CA ARG B 305 -12.46 -32.28 -9.23
C ARG B 305 -12.61 -31.32 -8.06
N VAL B 306 -11.91 -30.19 -8.16
CA VAL B 306 -12.15 -29.02 -7.30
C VAL B 306 -12.69 -27.85 -8.10
N SER B 307 -13.63 -27.13 -7.51
CA SER B 307 -14.17 -25.91 -8.09
C SER B 307 -14.07 -24.74 -7.14
N GLU B 308 -13.83 -23.57 -7.70
CA GLU B 308 -13.76 -22.38 -6.90
C GLU B 308 -14.84 -21.45 -7.41
N PHE B 309 -15.83 -21.20 -6.57
CA PHE B 309 -17.01 -20.45 -6.98
C PHE B 309 -16.80 -19.01 -7.49
N LYS B 310 -15.89 -18.27 -6.87
CA LYS B 310 -15.65 -16.87 -7.24
C LYS B 310 -15.30 -16.72 -8.72
N HIS B 311 -14.57 -17.69 -9.28
CA HIS B 311 -14.24 -17.65 -10.71
C HIS B 311 -15.52 -17.61 -11.54
N ILE B 312 -16.60 -18.15 -10.97
CA ILE B 312 -17.83 -18.43 -11.72
C ILE B 312 -18.85 -17.34 -11.47
N THR B 313 -19.09 -17.04 -10.20
CA THR B 313 -20.04 -16.04 -9.80
C THR B 313 -19.56 -14.64 -10.14
N GLY B 314 -18.25 -14.45 -10.14
CA GLY B 314 -17.68 -13.13 -10.28
C GLY B 314 -17.53 -12.40 -8.97
N GLN B 315 -17.99 -13.00 -7.88
CA GLN B 315 -18.01 -12.29 -6.60
C GLN B 315 -16.62 -11.84 -6.15
N ARG B 316 -16.60 -10.67 -5.51
CA ARG B 316 -15.37 -10.13 -4.94
C ARG B 316 -15.37 -10.38 -3.42
N HIS B 317 -14.27 -10.87 -2.87
CA HIS B 317 -14.31 -11.33 -1.48
C HIS B 317 -12.92 -11.48 -0.92
N HIS B 318 -12.76 -11.26 0.38
CA HIS B 318 -11.42 -11.34 0.97
C HIS B 318 -10.98 -12.81 1.06
N GLN B 319 -11.96 -13.70 1.02
CA GLN B 319 -11.69 -15.12 1.12
C GLN B 319 -12.23 -15.77 -0.14
N THR B 320 -12.15 -17.09 -0.17
CA THR B 320 -12.68 -17.85 -1.29
C THR B 320 -13.19 -19.22 -0.83
N SER B 321 -14.33 -19.64 -1.37
CA SER B 321 -14.87 -20.95 -1.03
C SER B 321 -14.74 -21.92 -2.20
N VAL B 322 -14.37 -23.16 -1.90
CA VAL B 322 -14.21 -24.18 -2.93
C VAL B 322 -15.02 -25.41 -2.60
N VAL B 323 -15.17 -26.28 -3.58
CA VAL B 323 -15.89 -27.53 -3.35
C VAL B 323 -15.15 -28.68 -4.00
N TYR B 324 -14.95 -29.75 -3.23
CA TYR B 324 -14.32 -30.96 -3.75
C TYR B 324 -15.41 -31.99 -4.00
N GLU B 325 -15.43 -32.54 -5.21
CA GLU B 325 -16.47 -33.50 -5.60
C GLU B 325 -16.02 -34.96 -5.51
N TYR B 326 -16.71 -35.75 -4.69
CA TYR B 326 -16.40 -37.17 -4.60
C TYR B 326 -17.54 -38.05 -5.12
N PRO B 327 -17.24 -38.92 -6.09
CA PRO B 327 -18.21 -39.88 -6.62
C PRO B 327 -18.72 -40.81 -5.53
N ARG B 328 -20.02 -41.08 -5.52
CA ARG B 328 -20.60 -42.03 -4.58
C ARG B 328 -21.57 -42.98 -5.27
N ALA B 329 -21.60 -44.24 -4.83
CA ALA B 329 -22.56 -45.22 -5.33
C ALA B 329 -23.95 -44.99 -4.73
N GLU B 330 -24.01 -44.64 -3.44
CA GLU B 330 -25.27 -44.26 -2.79
C GLU B 330 -25.43 -42.74 -2.50
N GLY B 331 -26.67 -42.28 -2.62
CA GLY B 331 -27.04 -40.92 -2.28
C GLY B 331 -28.13 -40.35 -3.16
N ASP B 332 -28.28 -39.03 -3.13
CA ASP B 332 -29.23 -38.37 -4.01
C ASP B 332 -28.89 -38.70 -5.45
N PRO B 333 -29.91 -38.88 -6.30
CA PRO B 333 -29.69 -39.24 -7.71
C PRO B 333 -29.15 -38.09 -8.54
N TYR B 334 -27.95 -38.26 -9.11
CA TYR B 334 -27.35 -37.23 -9.94
C TYR B 334 -27.13 -37.69 -11.39
N TYR B 335 -26.46 -38.82 -11.56
CA TYR B 335 -26.12 -39.37 -12.88
C TYR B 335 -26.83 -40.69 -13.17
N PRO B 336 -27.58 -40.73 -14.29
CA PRO B 336 -28.13 -42.02 -14.69
C PRO B 336 -27.04 -42.91 -15.28
N VAL B 337 -26.91 -44.14 -14.80
CA VAL B 337 -25.93 -45.05 -15.39
C VAL B 337 -26.42 -45.51 -16.75
N PRO B 338 -25.68 -45.15 -17.81
CA PRO B 338 -26.02 -45.61 -19.17
C PRO B 338 -25.64 -47.07 -19.37
N ARG B 339 -26.58 -47.86 -19.82
CA ARG B 339 -26.42 -49.29 -19.91
C ARG B 339 -27.69 -49.79 -20.56
N PRO B 340 -27.57 -50.73 -21.49
CA PRO B 340 -28.77 -51.11 -22.22
C PRO B 340 -29.81 -51.62 -21.24
N GLU B 341 -29.37 -52.27 -20.16
CA GLU B 341 -30.29 -52.84 -19.18
C GLU B 341 -31.04 -51.73 -18.49
N ASN B 342 -30.40 -50.58 -18.33
CA ASN B 342 -31.05 -49.42 -17.73
C ASN B 342 -31.96 -48.69 -18.71
N ALA B 343 -31.56 -48.65 -19.98
CA ALA B 343 -32.47 -48.10 -20.98
C ALA B 343 -33.69 -49.01 -21.07
N GLU B 344 -33.46 -50.32 -20.98
CA GLU B 344 -34.57 -51.26 -20.99
C GLU B 344 -35.49 -50.94 -19.82
N LEU B 345 -34.90 -50.69 -18.66
CA LEU B 345 -35.69 -50.35 -17.47
C LEU B 345 -36.44 -49.02 -17.65
N TYR B 346 -35.78 -47.99 -18.17
CA TYR B 346 -36.48 -46.71 -18.32
C TYR B 346 -37.64 -46.83 -19.33
N LYS B 347 -37.43 -47.55 -20.43
CA LYS B 347 -38.51 -47.75 -21.41
C LYS B 347 -39.79 -48.26 -20.76
N LYS B 348 -39.66 -49.14 -19.77
CA LYS B 348 -40.85 -49.66 -19.12
C LYS B 348 -41.57 -48.51 -18.40
N TYR B 349 -40.84 -47.78 -17.55
CA TYR B 349 -41.44 -46.63 -16.85
C TYR B 349 -41.99 -45.55 -17.80
N GLU B 350 -41.27 -45.26 -18.88
CA GLU B 350 -41.74 -44.30 -19.88
C GLU B 350 -43.13 -44.62 -20.44
N ALA B 351 -43.45 -45.91 -20.53
CA ALA B 351 -44.75 -46.36 -21.02
C ALA B 351 -45.85 -46.09 -20.00
N LEU B 352 -45.57 -46.34 -18.72
CA LEU B 352 -46.57 -46.08 -17.70
C LEU B 352 -46.85 -44.60 -17.68
N ALA B 353 -45.78 -43.81 -17.81
CA ALA B 353 -45.85 -42.36 -17.72
C ALA B 353 -46.59 -41.78 -18.91
N ASP B 354 -46.35 -42.34 -20.09
CA ASP B 354 -47.11 -41.94 -21.28
C ASP B 354 -48.61 -42.26 -21.17
N ALA B 355 -48.98 -43.17 -20.28
CA ALA B 355 -50.37 -43.57 -20.12
C ALA B 355 -51.08 -42.79 -19.03
N ALA B 356 -50.37 -42.51 -17.93
CA ALA B 356 -50.91 -41.68 -16.84
C ALA B 356 -51.62 -40.47 -17.42
N GLN B 357 -52.92 -40.39 -17.16
CA GLN B 357 -53.80 -39.48 -17.90
C GLN B 357 -53.56 -38.02 -17.52
N ASP B 358 -53.56 -37.76 -16.23
CA ASP B 358 -53.58 -36.38 -15.76
C ASP B 358 -52.21 -35.95 -15.22
N VAL B 359 -51.15 -36.62 -15.67
CA VAL B 359 -49.79 -36.31 -15.21
C VAL B 359 -48.83 -36.16 -16.37
N THR B 360 -48.04 -35.09 -16.33
CA THR B 360 -47.03 -34.81 -17.33
C THR B 360 -45.65 -34.95 -16.71
N PHE B 361 -44.76 -35.69 -17.36
CA PHE B 361 -43.43 -35.93 -16.83
C PHE B 361 -42.42 -35.11 -17.61
N VAL B 362 -41.57 -34.40 -16.89
CA VAL B 362 -40.59 -33.54 -17.54
C VAL B 362 -39.47 -33.28 -16.54
N GLY B 363 -38.24 -33.26 -17.01
CA GLY B 363 -37.12 -33.10 -16.09
C GLY B 363 -36.14 -34.25 -16.14
N ARG B 364 -34.97 -34.03 -15.55
CA ARG B 364 -33.87 -34.96 -15.61
C ARG B 364 -34.22 -36.26 -14.90
N LEU B 365 -35.16 -36.17 -13.96
CA LEU B 365 -35.47 -37.29 -13.10
C LEU B 365 -36.72 -37.94 -13.61
N ALA B 366 -37.63 -37.12 -14.10
CA ALA B 366 -38.90 -37.62 -14.57
C ALA B 366 -38.71 -38.47 -15.83
N THR B 367 -37.61 -38.23 -16.54
CA THR B 367 -37.38 -38.87 -17.83
C THR B 367 -36.02 -39.56 -17.91
N TYR B 368 -35.33 -39.66 -16.77
CA TYR B 368 -34.11 -40.46 -16.64
C TYR B 368 -32.99 -40.16 -17.63
N ARG B 369 -32.82 -38.89 -17.99
CA ARG B 369 -31.61 -38.50 -18.73
C ARG B 369 -30.85 -37.39 -18.03
N TYR B 370 -29.55 -37.30 -18.27
CA TYR B 370 -28.80 -36.16 -17.82
C TYR B 370 -28.95 -35.04 -18.85
N TYR B 371 -29.76 -34.05 -18.52
CA TYR B 371 -29.88 -32.85 -19.35
C TYR B 371 -29.12 -31.68 -18.72
N ASN B 372 -28.50 -30.85 -19.55
CA ASN B 372 -27.96 -29.58 -19.08
C ASN B 372 -29.10 -28.68 -18.69
N MET B 373 -28.82 -27.68 -17.87
CA MET B 373 -29.84 -26.72 -17.48
C MET B 373 -30.59 -26.19 -18.68
N ASP B 374 -29.85 -25.76 -19.71
CA ASP B 374 -30.50 -25.10 -20.83
C ASP B 374 -31.45 -26.07 -21.53
N GLN B 375 -31.10 -27.34 -21.53
CA GLN B 375 -31.95 -28.34 -22.16
C GLN B 375 -33.25 -28.62 -21.40
N VAL B 376 -33.20 -28.67 -20.06
CA VAL B 376 -34.43 -28.79 -19.28
C VAL B 376 -35.37 -27.62 -19.56
N VAL B 377 -34.83 -26.40 -19.57
CA VAL B 377 -35.66 -25.23 -19.82
C VAL B 377 -36.30 -25.37 -21.17
N ALA B 378 -35.53 -25.80 -22.16
CA ALA B 378 -36.11 -26.05 -23.47
C ALA B 378 -37.18 -27.16 -23.46
N GLN B 379 -36.95 -28.21 -22.68
CA GLN B 379 -37.90 -29.31 -22.59
C GLN B 379 -39.19 -28.89 -21.87
N ALA B 380 -39.11 -27.85 -21.04
CA ALA B 380 -40.27 -27.39 -20.30
C ALA B 380 -41.07 -26.42 -21.15
N LEU B 381 -40.38 -25.60 -21.92
CA LEU B 381 -41.08 -24.69 -22.81
C LEU B 381 -41.81 -25.48 -23.89
N ALA B 382 -41.22 -26.55 -24.36
CA ALA B 382 -41.90 -27.41 -25.32
C ALA B 382 -43.10 -28.13 -24.68
N THR B 383 -42.94 -28.60 -23.46
CA THR B 383 -44.07 -29.20 -22.74
C THR B 383 -45.21 -28.20 -22.63
N PHE B 384 -44.88 -26.95 -22.33
CA PHE B 384 -45.88 -25.92 -22.15
C PHE B 384 -46.65 -25.71 -23.43
N ARG B 385 -45.94 -25.67 -24.54
CA ARG B 385 -46.58 -25.56 -25.85
C ARG B 385 -47.49 -26.75 -26.07
N ARG B 386 -47.00 -27.94 -25.76
CA ARG B 386 -47.78 -29.17 -25.93
C ARG B 386 -49.05 -29.09 -25.10
N LEU B 387 -48.92 -28.56 -23.89
CA LEU B 387 -50.02 -28.44 -22.97
C LEU B 387 -51.07 -27.46 -23.49
N GLN B 388 -50.94 -27.01 -24.73
CA GLN B 388 -51.86 -26.01 -25.30
C GLN B 388 -51.99 -26.01 -26.84
N GLY B 389 -51.60 -27.10 -27.48
CA GLY B 389 -51.51 -27.12 -28.93
C GLY B 389 -50.12 -26.75 -29.45
N GLN B 390 -49.94 -25.47 -29.79
CA GLN B 390 -48.68 -24.97 -30.37
C GLN B 390 -47.76 -26.04 -30.95
N LYS C 28 -1.42 -59.03 35.69
CA LYS C 28 -1.32 -57.58 35.91
C LYS C 28 -0.65 -56.80 34.76
N GLY C 29 -0.51 -55.49 34.96
CA GLY C 29 0.22 -54.64 34.04
C GLY C 29 -0.43 -54.24 32.72
N PHE C 30 0.32 -54.45 31.64
CA PHE C 30 -0.10 -54.08 30.29
C PHE C 30 -0.03 -55.29 29.39
N ASP C 31 -0.99 -55.41 28.47
CA ASP C 31 -0.94 -56.46 27.47
C ASP C 31 0.28 -56.27 26.56
N TYR C 32 0.42 -55.07 25.99
CA TYR C 32 1.56 -54.76 25.13
C TYR C 32 2.42 -53.60 25.64
N LEU C 33 3.73 -53.80 25.56
CA LEU C 33 4.67 -52.71 25.72
C LEU C 33 5.23 -52.32 24.34
N ILE C 34 4.78 -51.18 23.84
CA ILE C 34 5.29 -50.68 22.57
C ILE C 34 6.47 -49.75 22.82
N VAL C 35 7.63 -50.11 22.27
CA VAL C 35 8.84 -49.30 22.38
C VAL C 35 9.04 -48.41 21.15
N GLY C 36 8.87 -47.09 21.34
CA GLY C 36 8.99 -46.11 20.28
C GLY C 36 7.63 -45.58 19.83
N ALA C 37 7.50 -44.26 19.68
CA ALA C 37 6.20 -43.65 19.33
C ALA C 37 6.09 -42.96 17.96
N GLY C 38 6.96 -43.33 17.02
CA GLY C 38 6.80 -42.94 15.64
C GLY C 38 5.64 -43.69 15.02
N PHE C 39 5.62 -43.77 13.70
CA PHE C 39 4.55 -44.43 12.99
C PHE C 39 4.39 -45.88 13.43
N ALA C 40 5.45 -46.67 13.25
CA ALA C 40 5.42 -48.10 13.56
C ALA C 40 4.64 -48.42 14.84
N GLY C 41 4.99 -47.75 15.93
CA GLY C 41 4.42 -48.08 17.21
C GLY C 41 3.07 -47.47 17.48
N SER C 42 2.85 -46.27 16.95
CA SER C 42 1.62 -45.53 17.26
C SER C 42 0.43 -46.19 16.60
N VAL C 43 0.63 -46.63 15.36
CA VAL C 43 -0.44 -47.29 14.62
C VAL C 43 -0.81 -48.57 15.36
N LEU C 44 0.20 -49.38 15.65
CA LEU C 44 -0.03 -50.57 16.46
C LEU C 44 -0.73 -50.19 17.77
N ALA C 45 -0.20 -49.18 18.45
CA ALA C 45 -0.84 -48.72 19.68
C ALA C 45 -2.32 -48.47 19.46
N GLU C 46 -2.65 -47.70 18.43
CA GLU C 46 -4.03 -47.35 18.14
C GLU C 46 -4.88 -48.57 17.81
N ARG C 47 -4.39 -49.43 16.91
CA ARG C 47 -5.09 -50.68 16.54
C ARG C 47 -5.31 -51.56 17.75
N LEU C 48 -4.22 -51.91 18.44
CA LEU C 48 -4.32 -52.75 19.64
C LEU C 48 -5.27 -52.17 20.70
N ALA C 49 -5.25 -50.87 20.89
CA ALA C 49 -6.06 -50.26 21.93
C ALA C 49 -7.55 -50.24 21.58
N SER C 50 -7.85 -50.22 20.29
CA SER C 50 -9.24 -50.21 19.85
C SER C 50 -9.83 -51.62 20.06
N SER C 51 -9.02 -52.64 19.91
CA SER C 51 -9.48 -53.99 20.15
C SER C 51 -9.40 -54.32 21.65
N GLY C 52 -9.55 -53.30 22.47
CA GLY C 52 -9.59 -53.47 23.91
C GLY C 52 -8.28 -53.75 24.67
N GLN C 53 -7.18 -53.96 23.97
CA GLN C 53 -5.90 -54.17 24.65
C GLN C 53 -5.46 -52.97 25.52
N ARG C 54 -4.75 -53.26 26.60
CA ARG C 54 -4.17 -52.22 27.45
C ARG C 54 -2.74 -51.95 27.03
N VAL C 55 -2.47 -50.70 26.66
CA VAL C 55 -1.23 -50.37 25.96
C VAL C 55 -0.36 -49.33 26.66
N LEU C 56 0.94 -49.60 26.68
CA LEU C 56 1.91 -48.66 27.21
C LEU C 56 2.88 -48.38 26.09
N ILE C 57 2.78 -47.22 25.47
CA ILE C 57 3.75 -46.90 24.45
C ILE C 57 4.77 -46.00 25.10
N VAL C 58 6.04 -46.27 24.83
CA VAL C 58 7.13 -45.57 25.47
C VAL C 58 8.12 -44.98 24.44
N ASP C 59 8.72 -43.84 24.75
CA ASP C 59 9.80 -43.30 23.90
C ASP C 59 10.89 -42.60 24.72
N ARG C 60 12.14 -42.77 24.29
CA ARG C 60 13.27 -42.18 25.00
C ARG C 60 13.29 -40.66 24.78
N ARG C 61 12.57 -40.22 23.75
CA ARG C 61 12.39 -38.81 23.45
C ARG C 61 11.23 -38.22 24.27
N PRO C 62 11.19 -36.89 24.38
CA PRO C 62 10.15 -36.22 25.20
C PRO C 62 8.86 -35.86 24.44
N HIS C 63 8.68 -36.43 23.25
CA HIS C 63 7.48 -36.19 22.45
C HIS C 63 7.17 -37.47 21.66
N ILE C 64 5.98 -37.53 21.08
CA ILE C 64 5.61 -38.66 20.25
C ILE C 64 5.95 -38.37 18.79
N GLY C 65 5.70 -39.35 17.92
CA GLY C 65 5.76 -39.12 16.48
C GLY C 65 7.05 -39.57 15.82
N GLY C 66 8.04 -39.92 16.63
CA GLY C 66 9.33 -40.35 16.10
C GLY C 66 9.98 -39.30 15.19
N ASN C 67 10.56 -39.75 14.09
CA ASN C 67 11.20 -38.83 13.15
C ASN C 67 10.23 -37.93 12.41
N ALA C 68 8.93 -38.17 12.57
CA ALA C 68 7.91 -37.35 11.92
C ALA C 68 7.40 -36.26 12.85
N TYR C 69 7.94 -36.20 14.05
CA TYR C 69 7.53 -35.16 14.98
C TYR C 69 7.66 -33.76 14.38
N ASP C 70 6.59 -32.97 14.42
CA ASP C 70 6.71 -31.56 14.04
C ASP C 70 6.34 -30.58 15.16
N CYS C 71 6.63 -29.30 14.95
CA CYS C 71 6.35 -28.34 16.01
C CYS C 71 6.73 -26.93 15.63
N TYR C 72 6.21 -25.99 16.40
CA TYR C 72 6.40 -24.57 16.14
C TYR C 72 7.72 -24.13 16.68
N ASP C 73 8.51 -23.43 15.86
CA ASP C 73 9.82 -23.00 16.33
C ASP C 73 9.74 -21.65 17.01
N ASP C 74 10.89 -21.08 17.30
CA ASP C 74 10.94 -19.85 18.09
C ASP C 74 10.26 -18.69 17.39
N ALA C 75 10.11 -18.77 16.07
CA ALA C 75 9.46 -17.70 15.31
C ALA C 75 8.00 -18.04 15.01
N GLY C 76 7.53 -19.17 15.54
CA GLY C 76 6.14 -19.55 15.34
C GLY C 76 5.82 -20.22 14.01
N VAL C 77 6.84 -20.61 13.27
CA VAL C 77 6.66 -21.38 12.04
C VAL C 77 6.62 -22.88 12.35
N LEU C 78 5.67 -23.59 11.76
CA LEU C 78 5.59 -25.07 11.89
C LEU C 78 6.72 -25.75 11.11
N ILE C 79 7.54 -26.54 11.81
CA ILE C 79 8.71 -27.16 11.19
C ILE C 79 8.87 -28.63 11.60
N HIS C 80 9.86 -29.27 10.95
CA HIS C 80 10.20 -30.67 11.17
C HIS C 80 11.64 -30.78 11.65
N PRO C 81 11.82 -30.91 12.97
CA PRO C 81 13.13 -31.03 13.63
C PRO C 81 14.03 -32.13 13.07
N TYR C 82 13.46 -33.23 12.59
CA TYR C 82 14.28 -34.33 12.09
C TYR C 82 14.29 -34.37 10.58
N GLY C 83 14.02 -33.22 9.97
CA GLY C 83 14.14 -33.06 8.53
C GLY C 83 12.78 -33.09 7.90
N PRO C 84 12.63 -32.51 6.71
CA PRO C 84 11.30 -32.47 6.11
C PRO C 84 10.74 -33.86 5.86
N HIS C 85 9.52 -34.10 6.34
CA HIS C 85 8.81 -35.32 5.98
C HIS C 85 7.62 -35.03 5.07
N ILE C 86 7.72 -35.49 3.83
CA ILE C 86 6.64 -35.27 2.89
C ILE C 86 5.81 -36.54 2.71
N PHE C 87 4.56 -36.51 3.21
CA PHE C 87 3.67 -37.67 3.03
C PHE C 87 3.15 -37.93 1.62
N HIS C 88 3.26 -39.18 1.19
CA HIS C 88 2.76 -39.59 -0.12
C HIS C 88 2.45 -41.08 -0.14
N THR C 89 1.38 -41.45 -0.82
CA THR C 89 1.04 -42.87 -0.83
C THR C 89 0.21 -43.30 -2.03
N ASN C 90 0.46 -44.52 -2.48
CA ASN C 90 -0.38 -45.11 -3.50
C ASN C 90 -1.52 -45.94 -2.91
N SER C 91 -1.45 -46.15 -1.60
CA SER C 91 -2.36 -47.02 -0.88
C SER C 91 -3.64 -46.32 -0.42
N LYS C 92 -4.75 -46.66 -1.05
CA LYS C 92 -6.04 -46.17 -0.59
C LYS C 92 -6.28 -46.52 0.90
N ASP C 93 -5.90 -47.73 1.32
CA ASP C 93 -6.12 -48.13 2.72
C ASP C 93 -5.30 -47.29 3.69
N VAL C 94 -3.99 -47.22 3.47
CA VAL C 94 -3.15 -46.35 4.28
C VAL C 94 -3.72 -44.95 4.38
N PHE C 95 -3.99 -44.32 3.23
CA PHE C 95 -4.50 -42.95 3.22
C PHE C 95 -5.79 -42.85 4.01
N GLU C 96 -6.71 -43.77 3.74
CA GLU C 96 -8.01 -43.75 4.38
C GLU C 96 -7.91 -43.96 5.89
N TYR C 97 -6.99 -44.84 6.30
CA TYR C 97 -6.76 -45.11 7.72
C TYR C 97 -6.27 -43.86 8.42
N LEU C 98 -5.28 -43.23 7.83
CA LEU C 98 -4.68 -42.01 8.39
C LEU C 98 -5.69 -40.85 8.44
N SER C 99 -6.70 -40.89 7.58
CA SER C 99 -7.72 -39.83 7.55
C SER C 99 -8.60 -39.86 8.77
N ARG C 100 -8.52 -40.94 9.54
CA ARG C 100 -9.30 -41.06 10.76
C ARG C 100 -8.76 -40.10 11.81
N PHE C 101 -7.49 -39.73 11.65
CA PHE C 101 -6.81 -38.95 12.68
C PHE C 101 -6.34 -37.54 12.26
N THR C 102 -6.47 -37.21 10.98
CA THR C 102 -6.09 -35.87 10.52
C THR C 102 -6.90 -35.46 9.30
N GLU C 103 -7.07 -34.15 9.11
CA GLU C 103 -7.56 -33.66 7.83
C GLU C 103 -6.35 -33.40 6.94
N TRP C 104 -6.58 -33.03 5.69
CA TRP C 104 -5.49 -32.99 4.73
C TRP C 104 -5.32 -31.64 4.01
N ARG C 105 -4.06 -31.28 3.78
CA ARG C 105 -3.69 -30.14 2.96
C ARG C 105 -3.07 -30.73 1.73
N PRO C 106 -3.75 -30.64 0.59
CA PRO C 106 -3.18 -31.19 -0.64
C PRO C 106 -1.82 -30.61 -0.94
N TYR C 107 -0.84 -31.46 -1.21
CA TYR C 107 0.49 -30.99 -1.57
C TYR C 107 1.25 -32.02 -2.40
N GLN C 108 1.88 -31.51 -3.45
CA GLN C 108 2.72 -32.30 -4.35
C GLN C 108 4.13 -31.72 -4.43
N HIS C 109 4.99 -32.21 -3.52
CA HIS C 109 6.36 -31.75 -3.36
C HIS C 109 7.04 -31.64 -4.71
N ARG C 110 7.79 -30.56 -4.91
CA ARG C 110 8.61 -30.43 -6.12
C ARG C 110 10.03 -30.09 -5.73
N VAL C 111 10.98 -30.74 -6.36
CA VAL C 111 12.40 -30.57 -5.99
C VAL C 111 13.22 -30.04 -7.18
N LEU C 112 14.12 -29.11 -6.90
CA LEU C 112 14.99 -28.54 -7.92
C LEU C 112 16.42 -28.89 -7.57
N ALA C 113 17.21 -29.26 -8.56
CA ALA C 113 18.63 -29.52 -8.32
C ALA C 113 19.43 -28.37 -8.91
N SER C 114 20.43 -27.94 -8.16
CA SER C 114 21.32 -26.90 -8.61
C SER C 114 22.45 -27.58 -9.35
N VAL C 115 22.39 -27.53 -10.67
CA VAL C 115 23.44 -28.06 -11.52
C VAL C 115 23.86 -26.97 -12.48
N ASP C 116 25.17 -26.74 -12.58
CA ASP C 116 25.71 -25.84 -13.59
C ASP C 116 25.07 -24.45 -13.56
N GLY C 117 24.69 -23.99 -12.37
CA GLY C 117 24.15 -22.65 -12.27
C GLY C 117 22.66 -22.57 -12.43
N GLN C 118 22.05 -23.65 -12.86
CA GLN C 118 20.61 -23.64 -13.05
C GLN C 118 19.87 -24.38 -11.93
N LEU C 119 18.56 -24.18 -11.88
CA LEU C 119 17.68 -24.94 -11.01
C LEU C 119 16.79 -25.81 -11.89
N LEU C 120 17.10 -27.10 -11.93
CA LEU C 120 16.42 -28.03 -12.83
C LEU C 120 15.62 -29.08 -12.07
N PRO C 121 14.58 -29.62 -12.73
CA PRO C 121 13.73 -30.69 -12.19
C PRO C 121 14.51 -31.98 -11.92
N ILE C 122 14.38 -32.48 -10.70
CA ILE C 122 14.81 -33.83 -10.36
C ILE C 122 13.56 -34.52 -9.77
N PRO C 123 13.29 -35.78 -10.17
CA PRO C 123 13.90 -36.70 -11.13
C PRO C 123 14.11 -36.07 -12.51
N ILE C 124 15.22 -36.41 -13.16
CA ILE C 124 15.51 -35.91 -14.49
C ILE C 124 14.33 -36.19 -15.41
N ASN C 125 13.84 -35.16 -16.11
CA ASN C 125 12.73 -35.31 -17.09
C ASN C 125 13.00 -34.58 -18.42
N LEU C 126 12.01 -34.54 -19.34
CA LEU C 126 12.18 -33.88 -20.63
C LEU C 126 12.74 -32.48 -20.45
N ASP C 127 12.19 -31.74 -19.50
CA ASP C 127 12.63 -30.36 -19.27
C ASP C 127 14.05 -30.30 -18.68
N THR C 128 14.43 -31.30 -17.88
CA THR C 128 15.76 -31.27 -17.29
C THR C 128 16.80 -31.29 -18.40
N VAL C 129 16.59 -32.16 -19.37
CA VAL C 129 17.52 -32.37 -20.47
C VAL C 129 17.55 -31.15 -21.40
N ASN C 130 16.39 -30.70 -21.85
CA ASN C 130 16.29 -29.53 -22.73
C ASN C 130 16.94 -28.28 -22.13
N ARG C 131 16.56 -27.97 -20.90
CA ARG C 131 17.06 -26.77 -20.29
C ARG C 131 18.57 -26.84 -20.02
N LEU C 132 19.07 -28.03 -19.73
CA LEU C 132 20.49 -28.18 -19.37
C LEU C 132 21.42 -28.01 -20.57
N TYR C 133 21.18 -28.77 -21.63
CA TYR C 133 22.01 -28.75 -22.82
C TYR C 133 21.49 -27.74 -23.87
N GLY C 134 20.31 -27.20 -23.66
CA GLY C 134 19.71 -26.31 -24.64
C GLY C 134 19.12 -27.03 -25.83
N LEU C 135 18.50 -28.19 -25.61
CA LEU C 135 17.90 -28.94 -26.69
C LEU C 135 16.42 -28.58 -26.82
N ASN C 136 15.77 -29.14 -27.82
CA ASN C 136 14.33 -29.02 -27.92
C ASN C 136 13.69 -30.34 -28.27
N LEU C 137 14.06 -31.37 -27.53
CA LEU C 137 13.48 -32.68 -27.74
C LEU C 137 11.99 -32.66 -27.41
N THR C 138 11.25 -33.49 -28.12
CA THR C 138 9.95 -33.90 -27.66
C THR C 138 10.17 -35.12 -26.76
N SER C 139 9.12 -35.52 -26.07
CA SER C 139 9.20 -36.68 -25.21
C SER C 139 9.55 -37.91 -26.01
N PHE C 140 9.08 -37.98 -27.25
CA PHE C 140 9.40 -39.13 -28.08
C PHE C 140 10.89 -39.21 -28.41
N GLN C 141 11.52 -38.04 -28.52
CA GLN C 141 12.94 -38.02 -28.83
C GLN C 141 13.80 -38.27 -27.60
N VAL C 142 13.37 -37.77 -26.44
CA VAL C 142 14.20 -37.85 -25.25
C VAL C 142 14.50 -39.31 -24.94
N GLU C 143 13.58 -40.19 -25.33
CA GLU C 143 13.76 -41.62 -25.13
C GLU C 143 14.95 -42.13 -25.94
N GLU C 144 14.99 -41.76 -27.22
CA GLU C 144 16.14 -42.04 -28.08
C GLU C 144 17.44 -41.39 -27.56
N PHE C 145 17.36 -40.12 -27.16
CA PHE C 145 18.53 -39.42 -26.62
C PHE C 145 19.18 -40.19 -25.48
N PHE C 146 18.38 -40.54 -24.47
CA PHE C 146 18.87 -41.35 -23.36
C PHE C 146 19.57 -42.58 -23.92
N ALA C 147 18.88 -43.28 -24.84
CA ALA C 147 19.44 -44.50 -25.43
C ALA C 147 20.79 -44.23 -26.08
N SER C 148 20.93 -43.08 -26.74
CA SER C 148 22.13 -42.83 -27.50
C SER C 148 23.33 -42.51 -26.61
N VAL C 149 23.12 -42.39 -25.31
CA VAL C 149 24.22 -42.01 -24.42
C VAL C 149 24.32 -42.94 -23.22
N ALA C 150 23.26 -43.72 -23.03
CA ALA C 150 23.24 -44.72 -21.97
C ALA C 150 24.37 -45.72 -22.20
N GLU C 151 25.10 -46.04 -21.14
CA GLU C 151 26.12 -47.10 -21.19
C GLU C 151 25.45 -48.44 -20.92
N LYS C 152 25.78 -49.46 -21.72
CA LYS C 152 25.16 -50.78 -21.53
C LYS C 152 25.78 -51.53 -20.36
N VAL C 153 24.91 -52.05 -19.51
CA VAL C 153 25.35 -52.73 -18.31
C VAL C 153 24.97 -54.21 -18.37
N GLU C 154 25.97 -55.07 -18.18
CA GLU C 154 25.77 -56.52 -18.06
C GLU C 154 24.52 -56.84 -17.24
N GLN C 155 24.67 -56.74 -15.91
CA GLN C 155 23.53 -56.81 -15.00
C GLN C 155 23.56 -55.63 -14.02
N VAL C 156 22.37 -55.15 -13.63
CA VAL C 156 22.28 -53.99 -12.76
C VAL C 156 22.46 -54.38 -11.29
N ARG C 157 23.64 -54.05 -10.74
CA ARG C 157 23.96 -54.39 -9.36
C ARG C 157 24.13 -53.17 -8.45
N THR C 158 25.02 -52.26 -8.83
CA THR C 158 25.30 -51.10 -7.99
C THR C 158 24.40 -49.91 -8.28
N SER C 159 24.49 -48.90 -7.42
CA SER C 159 23.71 -47.67 -7.62
C SER C 159 24.25 -46.87 -8.80
N GLU C 160 25.55 -46.96 -9.06
CA GLU C 160 26.12 -46.40 -10.28
C GLU C 160 25.48 -46.97 -11.55
N ASP C 161 25.20 -48.28 -11.55
CA ASP C 161 24.68 -48.97 -12.72
C ASP C 161 23.27 -48.52 -13.02
N VAL C 162 22.44 -48.46 -11.99
CA VAL C 162 21.05 -48.08 -12.15
C VAL C 162 20.91 -46.82 -13.00
N VAL C 163 21.80 -45.85 -12.75
CA VAL C 163 21.71 -44.55 -13.39
C VAL C 163 22.42 -44.46 -14.75
N VAL C 164 23.63 -44.97 -14.82
CA VAL C 164 24.42 -44.91 -16.05
C VAL C 164 23.77 -45.62 -17.24
N SER C 165 22.99 -46.67 -16.96
CA SER C 165 22.39 -47.48 -18.02
C SER C 165 21.00 -46.99 -18.39
N LYS C 166 20.55 -45.93 -17.72
CA LYS C 166 19.35 -45.22 -18.14
C LYS C 166 19.74 -43.89 -18.80
N VAL C 167 20.64 -43.14 -18.16
CA VAL C 167 20.88 -41.77 -18.59
C VAL C 167 22.34 -41.45 -18.95
N GLY C 168 23.24 -42.40 -18.76
CA GLY C 168 24.61 -42.22 -19.25
C GLY C 168 25.55 -41.45 -18.34
N ARG C 169 26.77 -41.25 -18.79
CA ARG C 169 27.81 -40.76 -17.89
C ARG C 169 27.64 -39.28 -17.50
N ASP C 170 27.46 -38.39 -18.47
CA ASP C 170 27.43 -36.98 -18.13
C ASP C 170 26.33 -36.63 -17.14
N LEU C 171 25.14 -37.15 -17.35
CA LEU C 171 24.06 -36.86 -16.44
C LEU C 171 24.31 -37.48 -15.08
N TYR C 172 24.94 -38.64 -15.05
CA TYR C 172 25.18 -39.32 -13.79
C TYR C 172 26.12 -38.47 -12.95
N ASN C 173 27.11 -37.89 -13.61
CA ASN C 173 28.08 -37.05 -12.91
C ASN C 173 27.42 -35.78 -12.38
N LYS C 174 26.48 -35.26 -13.17
CA LYS C 174 25.86 -33.97 -12.87
C LYS C 174 24.75 -34.02 -11.81
N PHE C 175 24.02 -35.12 -11.73
CA PHE C 175 22.89 -35.23 -10.83
C PHE C 175 23.07 -36.25 -9.68
N PHE C 176 23.82 -37.32 -9.94
CA PHE C 176 23.85 -38.46 -9.01
C PHE C 176 25.16 -38.65 -8.25
N ARG C 177 26.28 -38.61 -8.96
CA ARG C 177 27.57 -39.01 -8.38
C ARG C 177 27.96 -38.20 -7.16
N GLY C 178 27.95 -36.88 -7.30
CA GLY C 178 28.36 -36.03 -6.21
C GLY C 178 27.36 -36.03 -5.09
N TYR C 179 26.08 -36.07 -5.44
CA TYR C 179 25.05 -36.08 -4.42
C TYR C 179 25.15 -37.38 -3.60
N THR C 180 25.33 -38.50 -4.28
CA THR C 180 25.47 -39.77 -3.57
C THR C 180 26.71 -39.77 -2.68
N ARG C 181 27.86 -39.37 -3.23
CA ARG C 181 29.11 -39.31 -2.47
C ARG C 181 28.96 -38.47 -1.21
N LYS C 182 28.23 -37.37 -1.33
CA LYS C 182 27.97 -36.47 -0.22
C LYS C 182 27.12 -37.16 0.83
N GLN C 183 25.99 -37.73 0.40
CA GLN C 183 25.02 -38.32 1.30
C GLN C 183 25.56 -39.51 2.08
N TRP C 184 26.29 -40.39 1.39
CA TRP C 184 26.65 -41.70 1.89
C TRP C 184 28.12 -41.84 2.25
N GLY C 185 28.96 -40.98 1.69
CA GLY C 185 30.37 -41.08 1.93
C GLY C 185 31.00 -42.14 1.05
N LEU C 186 30.18 -42.93 0.37
CA LEU C 186 30.66 -43.87 -0.65
C LEU C 186 30.28 -43.38 -2.05
N ASP C 187 30.98 -43.88 -3.06
CA ASP C 187 30.61 -43.66 -4.45
C ASP C 187 29.33 -44.44 -4.75
N PRO C 188 28.58 -44.07 -5.81
CA PRO C 188 27.41 -44.87 -6.18
C PRO C 188 27.76 -46.33 -6.49
N SER C 189 28.99 -46.58 -6.92
CA SER C 189 29.41 -47.92 -7.28
C SER C 189 29.47 -48.84 -6.03
N GLU C 190 29.70 -48.23 -4.87
CA GLU C 190 29.86 -48.97 -3.63
C GLU C 190 28.51 -49.14 -2.92
N LEU C 191 27.43 -48.88 -3.67
CA LEU C 191 26.07 -49.01 -3.13
C LEU C 191 25.16 -49.95 -3.91
N ASP C 192 24.28 -50.61 -3.17
CA ASP C 192 23.17 -51.37 -3.69
C ASP C 192 22.36 -50.55 -4.70
N ALA C 193 21.75 -51.23 -5.67
CA ALA C 193 20.92 -50.57 -6.68
C ALA C 193 19.64 -49.94 -6.11
N SER C 194 19.21 -50.43 -4.95
CA SER C 194 17.98 -49.96 -4.31
C SER C 194 18.05 -48.49 -3.87
N VAL C 195 19.25 -47.92 -3.98
CA VAL C 195 19.47 -46.57 -3.48
C VAL C 195 19.11 -45.50 -4.52
N THR C 196 19.76 -45.54 -5.67
CA THR C 196 19.44 -44.60 -6.74
C THR C 196 18.28 -45.07 -7.62
N ALA C 197 17.89 -46.34 -7.47
CA ALA C 197 16.74 -46.85 -8.21
C ALA C 197 15.46 -46.22 -7.68
N ARG C 198 15.52 -45.69 -6.47
CA ARG C 198 14.39 -44.97 -5.88
C ARG C 198 13.99 -43.75 -6.72
N VAL C 199 14.98 -43.03 -7.24
CA VAL C 199 14.73 -41.88 -8.10
C VAL C 199 14.63 -42.29 -9.58
N PRO C 200 13.42 -42.22 -10.14
CA PRO C 200 13.18 -42.63 -11.54
C PRO C 200 13.80 -41.68 -12.57
N THR C 201 13.45 -41.93 -13.83
CA THR C 201 13.86 -41.09 -14.94
C THR C 201 12.63 -40.92 -15.82
N ARG C 202 12.39 -39.70 -16.27
CA ARG C 202 11.18 -39.49 -17.01
C ARG C 202 11.45 -38.95 -18.38
N THR C 203 10.54 -39.28 -19.30
CA THR C 203 10.61 -38.77 -20.66
C THR C 203 9.49 -37.75 -20.82
N ASN C 204 8.61 -37.70 -19.82
CA ASN C 204 7.54 -36.72 -19.77
C ASN C 204 8.01 -35.42 -19.12
N ARG C 205 7.07 -34.53 -18.83
CA ARG C 205 7.44 -33.26 -18.23
C ARG C 205 6.96 -33.16 -16.79
N ASP C 206 6.64 -34.31 -16.20
CA ASP C 206 6.17 -34.33 -14.82
C ASP C 206 7.31 -33.92 -13.90
N ASN C 207 7.07 -32.87 -13.11
CA ASN C 207 8.13 -32.31 -12.29
C ASN C 207 7.92 -32.62 -10.81
N ARG C 208 6.83 -33.33 -10.49
CA ARG C 208 6.61 -33.76 -9.10
C ARG C 208 7.62 -34.83 -8.73
N TYR C 209 8.04 -34.83 -7.47
CA TYR C 209 9.04 -35.76 -6.99
C TYR C 209 8.44 -37.16 -6.78
N PHE C 210 7.16 -37.20 -6.43
CA PHE C 210 6.39 -38.45 -6.37
C PHE C 210 5.25 -38.43 -7.38
N ALA C 211 4.82 -39.60 -7.83
CA ALA C 211 3.73 -39.67 -8.78
C ALA C 211 2.54 -40.32 -8.11
N ASP C 212 2.70 -40.55 -6.80
CA ASP C 212 1.76 -41.31 -6.00
C ASP C 212 0.37 -40.72 -6.10
N THR C 213 -0.64 -41.53 -5.82
CA THR C 213 -2.02 -41.12 -6.01
C THR C 213 -2.45 -40.09 -4.98
N TYR C 214 -2.06 -40.32 -3.73
CA TYR C 214 -2.45 -39.45 -2.62
C TYR C 214 -1.25 -38.68 -2.12
N GLN C 215 -1.25 -37.38 -2.36
CA GLN C 215 -0.20 -36.50 -1.84
C GLN C 215 -0.80 -35.31 -1.13
N ALA C 216 -0.78 -35.36 0.19
CA ALA C 216 -1.32 -34.32 1.01
C ALA C 216 -0.63 -34.41 2.36
N MET C 217 -0.66 -33.31 3.09
CA MET C 217 0.00 -33.22 4.37
C MET C 217 -1.07 -33.14 5.44
N PRO C 218 -0.73 -33.65 6.63
CA PRO C 218 -1.64 -33.51 7.78
C PRO C 218 -1.89 -32.04 8.01
N LEU C 219 -3.14 -31.61 7.96
CA LEU C 219 -3.50 -30.17 7.89
C LEU C 219 -2.96 -29.31 9.04
N HIS C 220 -2.73 -29.92 10.20
CA HIS C 220 -2.23 -29.21 11.35
C HIS C 220 -0.92 -29.82 11.82
N GLY C 221 -0.27 -30.55 10.93
CA GLY C 221 0.96 -31.22 11.28
C GLY C 221 0.75 -32.65 11.79
N TYR C 222 1.87 -33.39 11.83
CA TYR C 222 1.90 -34.79 12.25
C TYR C 222 1.62 -34.95 13.74
N THR C 223 2.37 -34.23 14.56
CA THR C 223 2.22 -34.28 16.00
C THR C 223 0.73 -34.35 16.37
N ARG C 224 -0.06 -33.45 15.80
CA ARG C 224 -1.48 -33.36 16.06
C ARG C 224 -2.20 -34.63 15.66
N MET C 225 -1.80 -35.19 14.52
CA MET C 225 -2.36 -36.44 14.01
C MET C 225 -2.02 -37.61 14.93
N PHE C 226 -0.80 -37.65 15.43
CA PHE C 226 -0.42 -38.66 16.40
C PHE C 226 -1.19 -38.50 17.71
N GLN C 227 -1.43 -37.28 18.14
CA GLN C 227 -2.25 -37.09 19.33
C GLN C 227 -3.59 -37.79 19.20
N ASN C 228 -4.34 -37.52 18.13
CA ASN C 228 -5.57 -38.27 17.90
C ASN C 228 -5.33 -39.79 17.90
N MET C 229 -4.30 -40.21 17.19
CA MET C 229 -3.95 -41.63 17.07
C MET C 229 -3.68 -42.27 18.44
N LEU C 230 -3.04 -41.54 19.34
CA LEU C 230 -2.74 -42.09 20.67
C LEU C 230 -3.77 -41.74 21.75
N SER C 231 -4.97 -41.32 21.36
CA SER C 231 -5.88 -40.74 22.33
C SER C 231 -6.76 -41.72 23.13
N SER C 232 -6.72 -43.00 22.83
CA SER C 232 -7.58 -43.98 23.53
C SER C 232 -7.35 -44.06 25.04
N PRO C 233 -8.43 -44.24 25.80
CA PRO C 233 -8.38 -44.54 27.23
C PRO C 233 -7.37 -45.65 27.52
N ASN C 234 -7.33 -46.64 26.64
CA ASN C 234 -6.43 -47.77 26.82
C ASN C 234 -4.98 -47.51 26.43
N ILE C 235 -4.61 -46.26 26.15
CA ILE C 235 -3.22 -46.01 25.79
C ILE C 235 -2.56 -45.09 26.77
N LYS C 236 -1.55 -45.61 27.47
CA LYS C 236 -0.74 -44.82 28.38
C LYS C 236 0.56 -44.51 27.65
N VAL C 237 0.96 -43.25 27.72
CA VAL C 237 2.06 -42.71 26.92
C VAL C 237 3.17 -42.23 27.83
N MET C 238 4.34 -42.83 27.71
CA MET C 238 5.42 -42.53 28.64
C MET C 238 6.60 -42.00 27.84
N LEU C 239 7.11 -40.84 28.24
CA LEU C 239 8.11 -40.13 27.44
C LEU C 239 9.39 -39.88 28.20
N ASN C 240 10.45 -39.59 27.45
CA ASN C 240 11.77 -39.43 28.03
C ASN C 240 12.20 -40.70 28.81
N THR C 241 11.69 -41.84 28.35
CA THR C 241 11.91 -43.13 28.98
C THR C 241 12.46 -44.19 28.02
N ASP C 242 13.71 -44.60 28.20
CA ASP C 242 14.20 -45.78 27.49
C ASP C 242 13.49 -47.01 28.02
N TYR C 243 13.05 -47.90 27.13
CA TYR C 243 12.20 -49.01 27.58
C TYR C 243 12.94 -49.83 28.65
N ARG C 244 14.27 -49.75 28.62
CA ARG C 244 15.07 -50.51 29.56
C ARG C 244 14.89 -50.00 30.98
N GLU C 245 14.97 -48.70 31.17
CA GLU C 245 14.75 -48.09 32.48
C GLU C 245 13.48 -48.59 33.19
N ILE C 246 12.53 -49.18 32.47
CA ILE C 246 11.28 -49.60 33.12
C ILE C 246 10.88 -51.05 32.87
N ALA C 247 11.67 -51.75 32.06
CA ALA C 247 11.28 -53.08 31.62
C ALA C 247 11.46 -54.14 32.71
N ASP C 248 12.31 -53.87 33.69
CA ASP C 248 12.52 -54.84 34.78
C ASP C 248 11.46 -54.81 35.87
N PHE C 249 10.41 -53.99 35.70
CA PHE C 249 9.42 -53.89 36.76
C PHE C 249 8.00 -53.53 36.35
N ILE C 250 7.81 -53.09 35.12
CA ILE C 250 6.45 -52.94 34.62
C ILE C 250 6.04 -54.21 33.89
N PRO C 251 4.96 -54.85 34.35
CA PRO C 251 4.49 -56.12 33.81
C PRO C 251 3.83 -55.93 32.47
N PHE C 252 4.32 -56.64 31.46
CA PHE C 252 3.67 -56.62 30.16
C PHE C 252 3.73 -58.01 29.56
N GLN C 253 2.64 -58.43 28.93
CA GLN C 253 2.61 -59.76 28.31
C GLN C 253 3.51 -59.82 27.08
N HIS C 254 3.25 -58.93 26.12
CA HIS C 254 3.98 -58.94 24.85
C HIS C 254 4.64 -57.58 24.63
N MET C 255 5.83 -57.58 24.02
CA MET C 255 6.47 -56.34 23.59
C MET C 255 6.46 -56.11 22.06
N ILE C 256 6.16 -54.88 21.66
CA ILE C 256 6.36 -54.45 20.27
C ILE C 256 7.55 -53.49 20.21
N TYR C 257 8.64 -53.94 19.57
CA TYR C 257 9.88 -53.17 19.57
C TYR C 257 10.08 -52.43 18.25
N THR C 258 10.20 -51.09 18.31
CA THR C 258 10.47 -50.32 17.09
C THR C 258 11.80 -49.57 17.14
N GLY C 259 12.68 -49.94 18.06
CA GLY C 259 14.00 -49.32 18.12
C GLY C 259 14.96 -50.11 17.29
N PRO C 260 16.24 -49.72 17.27
CA PRO C 260 17.24 -50.46 16.49
C PRO C 260 17.42 -51.89 17.00
N VAL C 261 17.42 -52.89 16.11
CA VAL C 261 17.61 -54.32 16.51
C VAL C 261 18.96 -54.60 17.10
N ASP C 262 19.97 -53.93 16.57
CA ASP C 262 21.32 -54.18 17.00
C ASP C 262 21.54 -53.72 18.44
N ALA C 263 20.73 -52.76 18.89
CA ALA C 263 20.82 -52.33 20.27
C ALA C 263 20.04 -53.27 21.18
N PHE C 264 18.94 -53.80 20.67
CA PHE C 264 18.09 -54.67 21.47
C PHE C 264 18.88 -55.89 21.93
N PHE C 265 19.97 -56.22 21.20
CA PHE C 265 20.82 -57.33 21.60
C PHE C 265 22.21 -56.86 22.03
N ASP C 266 22.26 -55.78 22.80
CA ASP C 266 23.51 -55.23 23.32
C ASP C 266 24.66 -55.21 22.32
N PHE C 267 24.31 -55.10 21.05
CA PHE C 267 25.29 -55.01 19.99
C PHE C 267 26.17 -56.24 19.92
N CYS C 268 25.62 -57.39 20.30
CA CYS C 268 26.40 -58.63 20.34
C CYS C 268 27.24 -58.84 19.08
N TYR C 269 26.61 -58.78 17.92
CA TYR C 269 27.31 -59.02 16.66
C TYR C 269 28.00 -57.80 16.07
N GLY C 270 27.99 -56.68 16.78
CA GLY C 270 28.53 -55.45 16.24
C GLY C 270 27.46 -54.45 15.81
N LYS C 271 27.88 -53.22 15.52
CA LYS C 271 26.93 -52.15 15.21
C LYS C 271 26.47 -52.15 13.75
N LEU C 272 25.16 -52.14 13.52
CA LEU C 272 24.61 -51.95 12.15
C LEU C 272 24.97 -50.57 11.63
N PRO C 273 25.71 -50.51 10.52
CA PRO C 273 26.16 -49.25 9.93
C PRO C 273 25.03 -48.32 9.46
N TYR C 274 25.02 -47.10 10.01
CA TYR C 274 24.10 -46.06 9.55
C TYR C 274 24.87 -44.82 9.14
N ARG C 275 24.18 -44.01 8.34
CA ARG C 275 24.67 -42.70 7.96
C ARG C 275 23.67 -41.74 8.58
N SER C 276 24.14 -40.58 9.03
CA SER C 276 23.32 -39.67 9.83
C SER C 276 23.20 -38.28 9.22
N LEU C 277 22.39 -37.40 9.82
CA LEU C 277 22.30 -36.01 9.38
C LEU C 277 22.52 -35.03 10.50
N GLU C 278 23.10 -33.87 10.18
CA GLU C 278 23.01 -32.70 11.07
C GLU C 278 22.10 -31.67 10.38
N PHE C 279 21.23 -31.05 11.17
CA PHE C 279 20.30 -30.06 10.63
C PHE C 279 20.65 -28.68 11.13
N ARG C 280 20.95 -27.76 10.22
CA ARG C 280 21.02 -26.37 10.63
C ARG C 280 19.73 -25.66 10.23
N HIS C 281 18.96 -25.23 11.23
CA HIS C 281 17.72 -24.49 11.02
C HIS C 281 17.97 -22.98 11.01
N GLU C 282 17.24 -22.26 10.15
CA GLU C 282 17.31 -20.80 10.13
C GLU C 282 15.97 -20.15 9.89
N THR C 283 15.80 -18.97 10.47
CA THR C 283 14.66 -18.14 10.17
C THR C 283 15.07 -16.88 9.40
N HIS C 284 14.37 -16.58 8.33
CA HIS C 284 14.70 -15.43 7.51
C HIS C 284 13.49 -14.52 7.53
N ASP C 285 13.70 -13.21 7.49
CA ASP C 285 12.56 -12.30 7.51
C ASP C 285 11.99 -12.02 6.12
N THR C 286 11.69 -13.06 5.35
CA THR C 286 10.96 -12.89 4.09
C THR C 286 9.76 -13.79 4.13
N GLU C 287 8.83 -13.59 3.21
CA GLU C 287 7.75 -14.55 3.10
C GLU C 287 8.26 -15.85 2.49
N GLN C 288 9.12 -15.74 1.48
CA GLN C 288 9.57 -16.93 0.77
C GLN C 288 11.06 -16.82 0.47
N LEU C 289 11.79 -17.93 0.60
CA LEU C 289 13.22 -17.90 0.38
C LEU C 289 13.62 -18.74 -0.83
N LEU C 290 12.88 -19.81 -1.09
CA LEU C 290 13.20 -20.72 -2.18
C LEU C 290 12.02 -20.83 -3.14
N PRO C 291 12.28 -21.19 -4.40
CA PRO C 291 11.20 -21.34 -5.38
C PRO C 291 10.39 -22.64 -5.27
N THR C 292 10.96 -23.71 -4.71
CA THR C 292 10.18 -24.91 -4.32
C THR C 292 10.52 -25.31 -2.90
N GLY C 293 9.85 -26.34 -2.41
CA GLY C 293 10.03 -26.78 -1.04
C GLY C 293 11.43 -27.28 -0.70
N THR C 294 12.13 -27.83 -1.68
CA THR C 294 13.47 -28.34 -1.45
C THR C 294 14.37 -28.06 -2.63
N VAL C 295 15.62 -27.68 -2.36
CA VAL C 295 16.60 -27.61 -3.42
C VAL C 295 17.74 -28.57 -3.10
N ASN C 296 18.12 -29.44 -4.04
CA ASN C 296 19.20 -30.40 -3.84
C ASN C 296 20.52 -29.87 -4.37
N TYR C 297 21.60 -30.17 -3.67
CA TYR C 297 22.89 -29.67 -4.10
C TYR C 297 23.86 -30.81 -4.42
N PRO C 298 23.73 -31.40 -5.62
CA PRO C 298 24.62 -32.46 -6.10
C PRO C 298 26.09 -32.06 -6.08
N ASN C 299 26.39 -30.82 -6.47
CA ASN C 299 27.78 -30.49 -6.74
C ASN C 299 28.35 -29.29 -6.04
N ASP C 300 27.61 -28.72 -5.11
CA ASP C 300 28.10 -27.55 -4.40
C ASP C 300 27.80 -27.68 -2.94
N TYR C 301 28.56 -26.97 -2.12
CA TYR C 301 28.29 -26.87 -0.69
C TYR C 301 28.46 -28.20 0.08
N ALA C 302 28.51 -28.09 1.41
CA ALA C 302 28.68 -29.25 2.27
C ALA C 302 27.33 -29.91 2.49
N TYR C 303 26.29 -29.08 2.58
CA TYR C 303 24.92 -29.58 2.71
C TYR C 303 24.35 -30.21 1.43
N THR C 304 23.64 -31.33 1.57
CA THR C 304 23.06 -31.96 0.41
C THR C 304 21.82 -31.19 -0.09
N ARG C 305 21.13 -30.55 0.84
CA ARG C 305 19.88 -29.89 0.46
C ARG C 305 19.30 -28.88 1.45
N VAL C 306 18.47 -27.97 0.95
CA VAL C 306 17.76 -26.96 1.74
C VAL C 306 16.26 -27.08 1.54
N SER C 307 15.50 -27.00 2.63
CA SER C 307 14.03 -27.05 2.51
C SER C 307 13.35 -25.93 3.26
N GLU C 308 12.24 -25.45 2.70
CA GLU C 308 11.50 -24.34 3.29
C GLU C 308 10.12 -24.88 3.67
N PHE C 309 9.80 -24.80 4.95
CA PHE C 309 8.61 -25.49 5.47
C PHE C 309 7.27 -24.90 5.05
N LYS C 310 7.16 -23.58 4.90
CA LYS C 310 5.87 -23.00 4.50
C LYS C 310 5.43 -23.60 3.16
N HIS C 311 6.39 -23.95 2.30
CA HIS C 311 6.03 -24.60 1.06
C HIS C 311 5.30 -25.92 1.33
N ILE C 312 5.73 -26.59 2.38
CA ILE C 312 5.31 -27.95 2.67
C ILE C 312 4.04 -27.97 3.52
N THR C 313 3.92 -26.99 4.42
CA THR C 313 2.81 -26.97 5.37
C THR C 313 1.62 -26.12 4.90
N GLY C 314 1.89 -25.18 4.01
CA GLY C 314 0.88 -24.21 3.61
C GLY C 314 0.71 -23.08 4.61
N GLN C 315 1.64 -22.98 5.56
CA GLN C 315 1.52 -22.01 6.64
C GLN C 315 1.76 -20.60 6.11
N ARG C 316 1.00 -19.64 6.63
CA ARG C 316 1.15 -18.24 6.27
C ARG C 316 1.80 -17.47 7.41
N HIS C 317 2.89 -16.79 7.11
CA HIS C 317 3.72 -16.21 8.16
C HIS C 317 4.48 -15.03 7.54
N HIS C 318 4.81 -14.02 8.32
CA HIS C 318 5.57 -12.90 7.78
C HIS C 318 7.04 -13.28 7.59
N GLN C 319 7.51 -14.29 8.33
CA GLN C 319 8.86 -14.81 8.15
C GLN C 319 8.83 -16.25 7.59
N THR C 320 9.99 -16.88 7.50
CA THR C 320 10.05 -18.23 6.94
C THR C 320 11.25 -19.01 7.51
N SER C 321 11.05 -20.28 7.79
CA SER C 321 12.14 -21.08 8.35
C SER C 321 12.56 -22.19 7.41
N VAL C 322 13.85 -22.22 7.12
CA VAL C 322 14.45 -23.23 6.27
C VAL C 322 15.29 -24.18 7.13
N VAL C 323 15.93 -25.13 6.47
CA VAL C 323 16.78 -26.10 7.14
C VAL C 323 17.76 -26.70 6.15
N TYR C 324 19.04 -26.61 6.51
CA TYR C 324 20.11 -27.17 5.69
C TYR C 324 20.43 -28.55 6.25
N GLU C 325 20.53 -29.55 5.37
CA GLU C 325 20.88 -30.89 5.77
C GLU C 325 22.31 -31.27 5.43
N TYR C 326 23.15 -31.46 6.45
CA TYR C 326 24.49 -31.98 6.26
C TYR C 326 24.55 -33.49 6.58
N PRO C 327 25.28 -34.27 5.75
CA PRO C 327 25.52 -35.69 6.08
C PRO C 327 26.58 -35.85 7.18
N ARG C 328 26.45 -36.91 7.98
CA ARG C 328 27.40 -37.19 9.04
C ARG C 328 27.56 -38.70 9.25
N ALA C 329 28.81 -39.12 9.46
CA ALA C 329 29.12 -40.48 9.85
C ALA C 329 28.50 -40.81 11.19
N GLU C 330 28.36 -39.80 12.05
CA GLU C 330 27.97 -40.03 13.44
C GLU C 330 26.76 -39.22 13.87
N GLY C 331 25.85 -39.88 14.57
CA GLY C 331 24.68 -39.23 15.13
C GLY C 331 23.49 -40.18 15.09
N ASP C 332 22.31 -39.67 15.41
CA ASP C 332 21.07 -40.44 15.31
C ASP C 332 21.05 -41.24 14.00
N PRO C 333 20.56 -42.49 14.05
CA PRO C 333 20.48 -43.33 12.85
C PRO C 333 19.37 -42.92 11.87
N TYR C 334 19.75 -42.53 10.67
CA TYR C 334 18.78 -42.14 9.65
C TYR C 334 18.75 -43.11 8.45
N TYR C 335 19.86 -43.21 7.71
CA TYR C 335 19.90 -44.07 6.52
C TYR C 335 20.66 -45.36 6.78
N PRO C 336 19.99 -46.51 6.62
CA PRO C 336 20.69 -47.79 6.61
C PRO C 336 21.56 -47.87 5.37
N VAL C 337 22.84 -48.19 5.54
CA VAL C 337 23.77 -48.26 4.41
C VAL C 337 23.61 -49.62 3.74
N PRO C 338 23.01 -49.64 2.54
CA PRO C 338 22.79 -50.90 1.83
C PRO C 338 24.05 -51.46 1.15
N ARG C 339 24.85 -52.21 1.88
CA ARG C 339 25.98 -52.95 1.31
C ARG C 339 25.92 -54.41 1.79
N PRO C 340 26.35 -55.35 0.94
CA PRO C 340 26.32 -56.79 1.22
C PRO C 340 26.81 -57.19 2.62
N GLU C 341 27.94 -56.63 3.03
CA GLU C 341 28.50 -56.90 4.35
C GLU C 341 27.43 -56.69 5.41
N ASN C 342 26.74 -55.56 5.27
CA ASN C 342 25.75 -55.11 6.24
C ASN C 342 24.45 -55.93 6.22
N ALA C 343 24.06 -56.38 5.03
CA ALA C 343 22.88 -57.21 4.90
C ALA C 343 23.15 -58.50 5.64
N GLU C 344 24.41 -58.93 5.58
CA GLU C 344 24.89 -60.15 6.24
C GLU C 344 24.89 -60.01 7.76
N LEU C 345 25.41 -58.89 8.26
CA LEU C 345 25.37 -58.58 9.68
C LEU C 345 23.93 -58.58 10.20
N TYR C 346 23.02 -57.98 9.42
CA TYR C 346 21.62 -57.92 9.80
C TYR C 346 20.98 -59.33 9.88
N LYS C 347 21.34 -60.20 8.94
CA LYS C 347 20.79 -61.55 8.93
C LYS C 347 21.01 -62.22 10.29
N LYS C 348 22.17 -61.95 10.88
CA LYS C 348 22.49 -62.43 12.23
C LYS C 348 21.53 -61.87 13.30
N TYR C 349 21.32 -60.56 13.30
CA TYR C 349 20.36 -59.95 14.23
C TYR C 349 18.95 -60.42 13.96
N GLU C 350 18.60 -60.50 12.68
CA GLU C 350 17.27 -60.94 12.27
C GLU C 350 16.99 -62.30 12.89
N ALA C 351 18.03 -63.13 12.96
CA ALA C 351 17.93 -64.50 13.51
C ALA C 351 17.57 -64.51 14.98
N LEU C 352 18.28 -63.69 15.76
CA LEU C 352 18.00 -63.50 17.19
C LEU C 352 16.62 -62.91 17.38
N ALA C 353 16.27 -61.94 16.54
CA ALA C 353 14.99 -61.26 16.67
C ALA C 353 13.85 -62.24 16.42
N ASP C 354 13.99 -63.09 15.41
CA ASP C 354 12.91 -64.03 15.15
C ASP C 354 12.84 -65.09 16.23
N ALA C 355 13.97 -65.28 16.93
CA ALA C 355 14.01 -66.16 18.09
C ALA C 355 13.34 -65.55 19.34
N ALA C 356 13.55 -64.26 19.56
CA ALA C 356 12.92 -63.53 20.67
C ALA C 356 11.44 -63.91 20.87
N GLN C 357 11.09 -64.20 22.14
CA GLN C 357 9.81 -64.80 22.52
C GLN C 357 8.60 -63.97 22.12
N ASP C 358 8.18 -63.11 23.04
CA ASP C 358 7.02 -62.25 22.85
C ASP C 358 7.47 -60.85 22.43
N VAL C 359 8.29 -60.78 21.38
CA VAL C 359 8.72 -59.49 20.88
C VAL C 359 8.48 -59.40 19.40
N THR C 360 7.63 -58.47 18.98
CA THR C 360 7.45 -58.22 17.55
C THR C 360 8.34 -57.06 17.15
N PHE C 361 9.19 -57.27 16.15
CA PHE C 361 10.01 -56.20 15.60
C PHE C 361 9.32 -55.59 14.37
N VAL C 362 9.08 -54.28 14.40
CA VAL C 362 8.55 -53.56 13.24
C VAL C 362 8.99 -52.10 13.22
N GLY C 363 9.15 -51.54 12.02
CA GLY C 363 9.59 -50.16 11.88
C GLY C 363 10.96 -50.12 11.24
N ARG C 364 11.42 -48.92 10.90
CA ARG C 364 12.66 -48.74 10.13
C ARG C 364 13.90 -49.21 10.89
N LEU C 365 14.01 -48.84 12.15
CA LEU C 365 15.18 -49.18 12.93
C LEU C 365 15.22 -50.67 13.27
N ALA C 366 14.02 -51.24 13.49
CA ALA C 366 13.87 -52.63 13.91
C ALA C 366 14.17 -53.67 12.84
N THR C 367 14.07 -53.28 11.58
CA THR C 367 14.23 -54.22 10.50
C THR C 367 15.31 -53.78 9.52
N TYR C 368 16.01 -52.69 9.87
CA TYR C 368 17.16 -52.20 9.11
C TYR C 368 16.84 -51.96 7.61
N ARG C 369 15.71 -51.33 7.36
CA ARG C 369 15.33 -50.92 6.01
C ARG C 369 14.93 -49.46 6.06
N TYR C 370 15.10 -48.77 4.95
CA TYR C 370 14.45 -47.50 4.77
C TYR C 370 13.01 -47.72 4.28
N TYR C 371 12.04 -47.30 5.08
CA TYR C 371 10.66 -47.34 4.67
C TYR C 371 10.11 -45.92 4.57
N ASN C 372 9.25 -45.68 3.59
CA ASN C 372 8.48 -44.44 3.56
C ASN C 372 7.44 -44.45 4.65
N MET C 373 7.01 -43.25 5.04
CA MET C 373 5.99 -43.18 6.08
C MET C 373 4.79 -44.13 5.82
N ASP C 374 4.26 -44.15 4.60
CA ASP C 374 3.08 -44.97 4.31
C ASP C 374 3.39 -46.44 4.44
N GLN C 375 4.60 -46.82 4.03
CA GLN C 375 5.03 -48.21 4.06
C GLN C 375 5.05 -48.73 5.49
N VAL C 376 5.67 -47.98 6.40
CA VAL C 376 5.65 -48.34 7.81
C VAL C 376 4.22 -48.47 8.31
N VAL C 377 3.38 -47.49 7.98
CA VAL C 377 1.98 -47.54 8.37
C VAL C 377 1.33 -48.85 7.92
N ALA C 378 1.65 -49.29 6.71
CA ALA C 378 1.04 -50.51 6.20
C ALA C 378 1.62 -51.75 6.88
N GLN C 379 2.92 -51.74 7.14
CA GLN C 379 3.51 -52.83 7.90
C GLN C 379 2.84 -52.96 9.26
N ALA C 380 2.63 -51.83 9.92
CA ALA C 380 2.00 -51.82 11.22
C ALA C 380 0.61 -52.44 11.11
N LEU C 381 -0.15 -52.01 10.11
CA LEU C 381 -1.47 -52.53 9.89
C LEU C 381 -1.42 -54.04 9.63
N ALA C 382 -0.41 -54.48 8.87
CA ALA C 382 -0.26 -55.90 8.58
C ALA C 382 0.15 -56.66 9.83
N THR C 383 1.08 -56.07 10.59
CA THR C 383 1.55 -56.69 11.82
C THR C 383 0.37 -56.90 12.78
N PHE C 384 -0.45 -55.86 12.93
CA PHE C 384 -1.66 -55.94 13.73
C PHE C 384 -2.54 -57.11 13.28
N ARG C 385 -2.60 -57.34 11.97
CA ARG C 385 -3.45 -58.42 11.45
C ARG C 385 -2.97 -59.82 11.86
N ARG C 386 -1.66 -59.99 11.99
CA ARG C 386 -1.08 -61.24 12.53
C ARG C 386 -1.38 -61.43 14.01
N LEU C 387 -0.94 -60.51 14.83
CA LEU C 387 -1.24 -60.58 16.24
C LEU C 387 -2.72 -60.81 16.55
N GLN C 388 -3.58 -60.72 15.54
CA GLN C 388 -5.03 -60.66 15.80
C GLN C 388 -5.79 -61.99 15.97
N GLY C 389 -5.59 -62.96 15.07
CA GLY C 389 -4.83 -62.79 13.85
C GLY C 389 -5.74 -63.15 12.71
N GLN C 390 -5.24 -63.06 11.48
CA GLN C 390 -6.03 -63.39 10.31
C GLN C 390 -5.17 -63.18 9.09
N PHE D 30 58.78 7.67 20.49
CA PHE D 30 57.56 8.44 20.70
C PHE D 30 57.70 9.53 21.74
N ASP D 31 57.04 10.65 21.50
CA ASP D 31 56.99 11.72 22.48
C ASP D 31 56.07 11.35 23.63
N TYR D 32 54.90 10.80 23.32
CA TYR D 32 53.92 10.42 24.33
C TYR D 32 53.36 8.99 24.13
N LEU D 33 53.16 8.29 25.23
CA LEU D 33 52.37 7.06 25.24
C LEU D 33 51.08 7.38 25.96
N ILE D 34 49.97 7.27 25.25
CA ILE D 34 48.66 7.56 25.83
C ILE D 34 47.89 6.26 26.09
N VAL D 35 47.45 6.07 27.33
CA VAL D 35 46.77 4.84 27.70
C VAL D 35 45.25 5.03 27.72
N GLY D 36 44.56 4.42 26.76
CA GLY D 36 43.13 4.61 26.58
C GLY D 36 42.80 5.32 25.27
N ALA D 37 41.75 4.85 24.60
CA ALA D 37 41.35 5.44 23.33
C ALA D 37 39.98 6.10 23.45
N GLY D 38 39.55 6.31 24.70
CA GLY D 38 38.30 6.98 24.96
C GLY D 38 38.44 8.45 24.63
N PHE D 39 37.58 9.28 25.19
CA PHE D 39 37.64 10.69 24.89
C PHE D 39 38.90 11.33 25.44
N ALA D 40 39.23 11.00 26.68
CA ALA D 40 40.42 11.54 27.32
C ALA D 40 41.66 11.34 26.44
N GLY D 41 41.98 10.10 26.13
CA GLY D 41 43.16 9.76 25.36
C GLY D 41 43.17 10.29 23.94
N SER D 42 42.05 10.09 23.24
CA SER D 42 41.95 10.48 21.84
C SER D 42 42.01 11.98 21.61
N VAL D 43 41.40 12.77 22.48
CA VAL D 43 41.44 14.23 22.35
C VAL D 43 42.86 14.75 22.51
N LEU D 44 43.52 14.32 23.58
CA LEU D 44 44.94 14.64 23.80
C LEU D 44 45.83 14.13 22.67
N ALA D 45 45.55 12.91 22.20
CA ALA D 45 46.33 12.33 21.12
C ALA D 45 46.19 13.12 19.82
N GLU D 46 44.99 13.64 19.55
CA GLU D 46 44.74 14.46 18.37
C GLU D 46 45.42 15.81 18.51
N ARG D 47 45.18 16.47 19.64
CA ARG D 47 45.85 17.73 19.95
C ARG D 47 47.37 17.61 19.80
N LEU D 48 47.98 16.74 20.61
CA LEU D 48 49.43 16.53 20.56
C LEU D 48 49.91 16.25 19.13
N ALA D 49 49.24 15.34 18.45
CA ALA D 49 49.65 14.95 17.12
C ALA D 49 49.76 16.17 16.20
N SER D 50 48.85 17.13 16.41
CA SER D 50 48.67 18.24 15.49
C SER D 50 49.68 19.32 15.80
N SER D 51 50.32 19.17 16.97
CA SER D 51 51.37 20.09 17.38
C SER D 51 52.71 19.59 16.87
N GLY D 52 52.74 18.34 16.41
CA GLY D 52 53.96 17.77 15.87
C GLY D 52 54.53 16.65 16.70
N GLN D 53 53.92 16.39 17.85
CA GLN D 53 54.36 15.29 18.71
C GLN D 53 54.09 13.92 18.09
N ARG D 54 54.97 12.97 18.38
CA ARG D 54 54.75 11.57 18.00
C ARG D 54 53.92 10.89 19.10
N VAL D 55 52.78 10.32 18.74
CA VAL D 55 51.92 9.70 19.73
C VAL D 55 51.74 8.22 19.48
N LEU D 56 51.91 7.41 20.52
CA LEU D 56 51.49 6.02 20.50
C LEU D 56 50.36 5.88 21.48
N ILE D 57 49.14 5.62 20.99
CA ILE D 57 47.99 5.46 21.85
C ILE D 57 47.56 4.00 21.90
N VAL D 58 47.30 3.51 23.10
CA VAL D 58 47.08 2.10 23.25
C VAL D 58 45.90 1.80 24.17
N ASP D 59 45.09 0.83 23.76
CA ASP D 59 43.96 0.42 24.55
C ASP D 59 43.93 -1.10 24.53
N ARG D 60 43.39 -1.70 25.59
CA ARG D 60 43.34 -3.14 25.71
C ARG D 60 42.11 -3.73 25.03
N ARG D 61 41.04 -2.95 24.91
CA ARG D 61 39.90 -3.37 24.11
C ARG D 61 40.38 -3.31 22.66
N PRO D 62 39.73 -4.05 21.76
CA PRO D 62 40.23 -4.11 20.39
C PRO D 62 39.63 -3.04 19.48
N HIS D 63 39.19 -1.94 20.09
CA HIS D 63 38.63 -0.83 19.35
C HIS D 63 38.97 0.48 20.03
N ILE D 64 38.82 1.57 19.30
CA ILE D 64 39.04 2.87 19.86
C ILE D 64 37.71 3.44 20.36
N GLY D 65 37.75 4.63 20.93
CA GLY D 65 36.54 5.29 21.40
C GLY D 65 36.14 4.92 22.82
N GLY D 66 36.87 3.96 23.39
CA GLY D 66 36.60 3.51 24.74
C GLY D 66 35.13 3.21 25.01
N ASN D 67 34.62 3.75 26.11
CA ASN D 67 33.24 3.54 26.50
C ASN D 67 32.22 4.09 25.53
N ALA D 68 32.65 5.00 24.64
CA ALA D 68 31.71 5.69 23.75
C ALA D 68 31.62 4.99 22.41
N TYR D 69 32.45 3.97 22.26
CA TYR D 69 32.51 3.19 21.03
C TYR D 69 31.14 2.73 20.58
N ASP D 70 30.88 2.84 19.28
CA ASP D 70 29.69 2.24 18.70
C ASP D 70 29.97 1.38 17.47
N CYS D 71 28.99 0.54 17.12
CA CYS D 71 29.21 -0.43 16.05
C CYS D 71 27.88 -0.88 15.50
N TYR D 72 27.90 -1.47 14.31
CA TYR D 72 26.69 -2.10 13.78
C TYR D 72 26.52 -3.53 14.28
N ASP D 73 25.37 -3.80 14.88
CA ASP D 73 25.04 -5.12 15.39
C ASP D 73 24.68 -6.11 14.26
N ASP D 74 24.20 -7.29 14.63
CA ASP D 74 24.00 -8.31 13.63
C ASP D 74 22.87 -7.94 12.67
N ALA D 75 21.87 -7.21 13.15
CA ALA D 75 20.76 -6.82 12.29
C ALA D 75 21.13 -5.68 11.34
N GLY D 76 22.21 -4.97 11.64
CA GLY D 76 22.63 -3.84 10.84
C GLY D 76 22.27 -2.52 11.50
N VAL D 77 21.68 -2.62 12.68
CA VAL D 77 21.32 -1.45 13.48
C VAL D 77 22.56 -0.95 14.22
N LEU D 78 22.75 0.37 14.20
CA LEU D 78 23.88 0.99 14.91
C LEU D 78 23.56 1.09 16.39
N ILE D 79 24.40 0.49 17.22
CA ILE D 79 24.13 0.45 18.65
C ILE D 79 25.36 0.84 19.48
N HIS D 80 25.13 1.03 20.78
CA HIS D 80 26.21 1.34 21.75
C HIS D 80 26.47 0.18 22.73
N PRO D 81 27.51 -0.62 22.46
CA PRO D 81 27.74 -1.85 23.23
C PRO D 81 27.81 -1.61 24.74
N TYR D 82 28.24 -0.42 25.16
CA TYR D 82 28.40 -0.16 26.60
C TYR D 82 27.35 0.78 27.18
N GLY D 83 26.12 0.65 26.76
CA GLY D 83 25.05 1.54 27.20
C GLY D 83 24.91 2.72 26.24
N PRO D 84 23.70 3.27 26.13
CA PRO D 84 23.53 4.44 25.28
C PRO D 84 24.34 5.65 25.76
N HIS D 85 25.05 6.30 24.85
CA HIS D 85 25.74 7.54 25.14
C HIS D 85 25.08 8.69 24.36
N ILE D 86 24.45 9.62 25.08
CA ILE D 86 23.82 10.78 24.49
C ILE D 86 24.73 11.99 24.64
N PHE D 87 25.23 12.53 23.54
CA PHE D 87 26.08 13.74 23.64
C PHE D 87 25.30 15.04 23.89
N HIS D 88 25.73 15.78 24.92
CA HIS D 88 25.14 17.07 25.25
C HIS D 88 26.20 17.96 25.85
N THR D 89 26.10 19.27 25.61
CA THR D 89 27.04 20.21 26.21
C THR D 89 26.63 21.67 26.18
N ASN D 90 27.11 22.42 27.16
CA ASN D 90 26.90 23.87 27.27
C ASN D 90 28.09 24.65 26.81
N SER D 91 29.13 23.93 26.38
CA SER D 91 30.39 24.54 25.99
C SER D 91 30.42 24.73 24.49
N LYS D 92 30.41 25.96 24.03
CA LYS D 92 30.58 26.20 22.60
C LYS D 92 32.00 25.74 22.22
N ASP D 93 32.95 25.92 23.13
CA ASP D 93 34.33 25.50 22.82
C ASP D 93 34.43 24.02 22.48
N VAL D 94 33.83 23.17 23.30
CA VAL D 94 33.91 21.72 23.10
C VAL D 94 33.14 21.35 21.84
N PHE D 95 31.88 21.77 21.76
CA PHE D 95 31.05 21.44 20.63
C PHE D 95 31.72 21.76 19.29
N GLU D 96 32.48 22.86 19.27
CA GLU D 96 33.14 23.32 18.06
C GLU D 96 34.40 22.52 17.78
N TYR D 97 35.07 22.07 18.83
CA TYR D 97 36.21 21.20 18.66
C TYR D 97 35.73 19.86 18.09
N LEU D 98 34.81 19.21 18.79
CA LEU D 98 34.25 17.98 18.27
C LEU D 98 33.75 18.15 16.82
N SER D 99 33.29 19.34 16.45
CA SER D 99 32.75 19.54 15.10
C SER D 99 33.81 19.35 14.01
N ARG D 100 35.08 19.44 14.39
CA ARG D 100 36.16 19.24 13.42
C ARG D 100 36.19 17.79 12.92
N PHE D 101 35.56 16.87 13.65
CA PHE D 101 35.72 15.46 13.33
C PHE D 101 34.42 14.77 12.96
N THR D 102 33.30 15.42 13.19
CA THR D 102 32.02 14.81 12.85
C THR D 102 30.96 15.83 12.42
N GLU D 103 30.03 15.39 11.57
CA GLU D 103 28.81 16.16 11.38
C GLU D 103 27.84 15.80 12.52
N TRP D 104 26.72 16.51 12.60
CA TRP D 104 25.78 16.27 13.71
C TRP D 104 24.34 15.96 13.29
N ARG D 105 23.70 15.06 14.03
CA ARG D 105 22.26 14.95 13.97
C ARG D 105 21.74 15.57 15.25
N PRO D 106 20.95 16.65 15.14
CA PRO D 106 20.46 17.29 16.35
C PRO D 106 19.52 16.31 17.03
N TYR D 107 19.55 16.26 18.36
CA TYR D 107 18.76 15.28 19.09
C TYR D 107 18.70 15.71 20.54
N GLN D 108 17.49 15.93 21.03
CA GLN D 108 17.32 16.22 22.45
C GLN D 108 16.64 15.05 23.15
N HIS D 109 17.47 14.22 23.78
CA HIS D 109 17.04 12.97 24.43
C HIS D 109 15.87 13.25 25.36
N ARG D 110 14.84 12.41 25.29
CA ARG D 110 13.74 12.51 26.24
C ARG D 110 13.51 11.18 26.95
N VAL D 111 13.47 11.20 28.28
CA VAL D 111 13.31 9.98 29.08
C VAL D 111 11.97 9.92 29.81
N LEU D 112 11.23 8.83 29.62
CA LEU D 112 10.01 8.57 30.37
C LEU D 112 10.25 7.56 31.52
N ALA D 113 9.51 7.71 32.62
CA ALA D 113 9.63 6.77 33.75
C ALA D 113 8.35 5.98 34.01
N SER D 114 8.45 4.66 34.04
CA SER D 114 7.28 3.83 34.32
C SER D 114 6.89 3.87 35.79
N VAL D 115 5.86 4.62 36.10
CA VAL D 115 5.42 4.81 37.49
C VAL D 115 3.92 4.65 37.51
N ASP D 116 3.41 3.87 38.47
CA ASP D 116 1.98 3.66 38.61
C ASP D 116 1.30 3.29 37.32
N GLY D 117 2.00 2.60 36.43
CA GLY D 117 1.36 2.17 35.20
C GLY D 117 1.31 3.21 34.08
N GLN D 118 1.94 4.37 34.29
CA GLN D 118 1.99 5.38 33.25
C GLN D 118 3.41 5.63 32.78
N LEU D 119 3.55 6.30 31.63
CA LEU D 119 4.86 6.80 31.22
C LEU D 119 4.96 8.32 31.41
N LEU D 120 5.59 8.72 32.52
CA LEU D 120 5.63 10.10 32.96
C LEU D 120 7.03 10.68 32.79
N PRO D 121 7.13 11.98 32.44
CA PRO D 121 8.46 12.58 32.26
C PRO D 121 9.32 12.60 33.54
N ILE D 122 10.59 12.22 33.39
CA ILE D 122 11.61 12.46 34.38
C ILE D 122 12.72 13.13 33.60
N PRO D 123 13.38 14.16 34.17
CA PRO D 123 13.19 14.81 35.47
C PRO D 123 11.73 15.15 35.74
N ILE D 124 11.33 15.05 37.00
CA ILE D 124 9.96 15.38 37.37
C ILE D 124 9.67 16.81 36.97
N ASN D 125 8.60 17.01 36.19
CA ASN D 125 8.14 18.36 35.88
C ASN D 125 6.62 18.57 36.11
N LEU D 126 6.11 19.74 35.71
CA LEU D 126 4.71 20.09 35.91
C LEU D 126 3.80 18.96 35.42
N ASP D 127 4.14 18.41 34.27
CA ASP D 127 3.29 17.37 33.70
C ASP D 127 3.39 16.04 34.38
N THR D 128 4.51 15.79 35.07
CA THR D 128 4.63 14.58 35.85
C THR D 128 3.66 14.64 37.03
N VAL D 129 3.71 15.76 37.75
CA VAL D 129 2.86 15.92 38.93
C VAL D 129 1.41 16.00 38.53
N ASN D 130 1.14 16.76 37.46
CA ASN D 130 -0.22 16.89 36.97
C ASN D 130 -0.83 15.57 36.51
N ARG D 131 -0.06 14.79 35.77
CA ARG D 131 -0.55 13.54 35.20
C ARG D 131 -0.62 12.40 36.20
N LEU D 132 0.35 12.38 37.13
CA LEU D 132 0.44 11.30 38.11
C LEU D 132 -0.67 11.40 39.13
N TYR D 133 -1.16 12.62 39.38
CA TYR D 133 -2.12 12.84 40.45
C TYR D 133 -3.49 13.25 39.94
N GLY D 134 -3.54 13.67 38.68
CA GLY D 134 -4.80 14.10 38.14
C GLY D 134 -5.04 15.52 38.61
N LEU D 135 -3.95 16.26 38.74
CA LEU D 135 -4.00 17.68 39.09
C LEU D 135 -4.03 18.54 37.84
N ASN D 136 -4.33 19.81 38.02
CA ASN D 136 -4.31 20.77 36.92
C ASN D 136 -3.54 22.02 37.32
N LEU D 137 -2.51 21.82 38.14
CA LEU D 137 -1.63 22.90 38.56
C LEU D 137 -1.01 23.67 37.38
N THR D 138 -0.64 24.93 37.65
CA THR D 138 0.15 25.73 36.73
C THR D 138 1.56 25.70 37.26
N SER D 139 2.52 26.16 36.46
CA SER D 139 3.90 26.20 36.93
C SER D 139 4.02 26.98 38.25
N PHE D 140 3.18 28.00 38.40
CA PHE D 140 3.28 28.85 39.56
C PHE D 140 2.78 28.14 40.81
N GLN D 141 1.87 27.21 40.61
CA GLN D 141 1.24 26.51 41.74
C GLN D 141 2.03 25.27 42.15
N VAL D 142 2.91 24.81 41.27
CA VAL D 142 3.61 23.56 41.54
C VAL D 142 4.77 23.85 42.47
N GLU D 143 5.32 25.04 42.36
CA GLU D 143 6.36 25.46 43.28
C GLU D 143 5.81 25.31 44.71
N GLU D 144 4.57 25.77 44.91
CA GLU D 144 3.90 25.69 46.20
C GLU D 144 3.61 24.26 46.59
N PHE D 145 3.12 23.49 45.62
CA PHE D 145 2.79 22.09 45.83
C PHE D 145 3.99 21.32 46.38
N PHE D 146 5.17 21.59 45.82
CA PHE D 146 6.40 20.95 46.30
C PHE D 146 6.66 21.35 47.75
N ALA D 147 6.73 22.65 48.01
CA ALA D 147 6.93 23.16 49.35
C ALA D 147 5.92 22.58 50.34
N SER D 148 4.67 22.46 49.89
CA SER D 148 3.60 21.95 50.73
C SER D 148 3.74 20.45 51.06
N VAL D 149 4.65 19.74 50.38
CA VAL D 149 4.90 18.33 50.72
C VAL D 149 6.36 18.05 50.98
N ALA D 150 7.19 19.08 50.87
CA ALA D 150 8.61 18.98 51.18
C ALA D 150 8.83 18.48 52.60
N GLU D 151 10.00 17.93 52.88
CA GLU D 151 10.40 17.57 54.24
C GLU D 151 11.55 18.43 54.70
N LYS D 152 11.36 19.11 55.83
CA LYS D 152 12.41 19.93 56.44
C LYS D 152 13.63 19.08 56.77
N VAL D 153 14.75 19.38 56.12
CA VAL D 153 16.00 18.67 56.38
C VAL D 153 17.02 19.65 56.93
N GLU D 154 17.65 19.26 58.03
CA GLU D 154 18.68 20.09 58.67
C GLU D 154 19.79 20.45 57.70
N GLN D 155 20.65 19.49 57.40
CA GLN D 155 21.73 19.68 56.42
C GLN D 155 21.64 18.68 55.28
N VAL D 156 21.92 19.16 54.08
CA VAL D 156 21.90 18.32 52.88
C VAL D 156 23.24 17.58 52.74
N ARG D 157 23.17 16.26 52.71
CA ARG D 157 24.37 15.42 52.58
C ARG D 157 24.10 14.11 51.82
N THR D 158 22.93 13.51 52.04
CA THR D 158 22.58 12.28 51.34
C THR D 158 21.69 12.51 50.09
N SER D 159 21.55 11.46 49.28
CA SER D 159 20.70 11.51 48.08
C SER D 159 19.21 11.33 48.42
N GLU D 160 18.94 11.01 49.67
CA GLU D 160 17.58 11.08 50.19
C GLU D 160 17.28 12.55 50.57
N ASP D 161 18.31 13.21 51.10
CA ASP D 161 18.19 14.60 51.50
C ASP D 161 17.86 15.49 50.32
N VAL D 162 18.70 15.48 49.28
CA VAL D 162 18.47 16.32 48.10
C VAL D 162 17.05 16.21 47.59
N VAL D 163 16.51 15.00 47.58
CA VAL D 163 15.25 14.73 46.91
C VAL D 163 14.03 15.01 47.79
N VAL D 164 14.04 14.46 49.00
CA VAL D 164 12.92 14.65 49.93
C VAL D 164 12.77 16.13 50.31
N SER D 165 13.89 16.86 50.35
CA SER D 165 13.89 18.27 50.71
C SER D 165 13.17 19.12 49.67
N LYS D 166 13.13 18.64 48.44
CA LYS D 166 12.47 19.39 47.36
C LYS D 166 11.05 18.92 47.08
N VAL D 167 10.90 17.64 46.74
CA VAL D 167 9.64 17.13 46.19
C VAL D 167 8.82 16.29 47.16
N GLY D 168 9.38 16.02 48.33
CA GLY D 168 8.62 15.32 49.34
C GLY D 168 8.73 13.81 49.27
N ARG D 169 8.08 13.14 50.21
CA ARG D 169 8.30 11.71 50.44
C ARG D 169 7.72 10.83 49.32
N ASP D 170 6.48 11.12 48.91
CA ASP D 170 5.81 10.31 47.88
C ASP D 170 6.59 10.30 46.55
N LEU D 171 6.94 11.49 46.05
CA LEU D 171 7.64 11.59 44.79
C LEU D 171 8.97 10.87 44.84
N TYR D 172 9.71 11.04 45.92
CA TYR D 172 10.97 10.33 46.10
C TYR D 172 10.74 8.82 46.17
N ASN D 173 9.65 8.41 46.79
CA ASN D 173 9.29 7.00 46.81
C ASN D 173 9.00 6.42 45.44
N LYS D 174 8.25 7.18 44.63
CA LYS D 174 7.82 6.73 43.31
C LYS D 174 8.90 6.88 42.25
N PHE D 175 9.77 7.87 42.41
CA PHE D 175 10.73 8.17 41.36
C PHE D 175 12.19 7.88 41.70
N PHE D 176 12.53 7.95 42.99
CA PHE D 176 13.94 7.88 43.39
C PHE D 176 14.38 6.70 44.25
N ARG D 177 13.58 6.33 45.25
CA ARG D 177 14.04 5.36 46.23
C ARG D 177 14.40 4.03 45.57
N GLY D 178 13.38 3.33 45.06
CA GLY D 178 13.58 2.08 44.35
C GLY D 178 14.60 2.14 43.22
N TYR D 179 14.55 3.17 42.39
CA TYR D 179 15.49 3.27 41.27
C TYR D 179 16.93 3.36 41.74
N THR D 180 17.17 4.16 42.78
CA THR D 180 18.49 4.24 43.42
C THR D 180 18.86 2.90 44.05
N ARG D 181 17.96 2.38 44.89
CA ARG D 181 18.21 1.09 45.54
C ARG D 181 18.62 0.08 44.49
N LYS D 182 17.85 0.00 43.41
CA LYS D 182 18.14 -0.95 42.34
C LYS D 182 19.45 -0.64 41.61
N GLN D 183 19.74 0.64 41.40
CA GLN D 183 20.90 1.04 40.60
C GLN D 183 22.22 0.89 41.36
N TRP D 184 22.22 1.24 42.64
CA TRP D 184 23.45 1.34 43.41
C TRP D 184 23.67 0.18 44.36
N GLY D 185 22.57 -0.41 44.81
CA GLY D 185 22.64 -1.41 45.86
C GLY D 185 22.39 -0.76 47.20
N LEU D 186 22.51 0.57 47.23
CA LEU D 186 22.46 1.34 48.47
C LEU D 186 21.17 2.16 48.54
N ASP D 187 20.57 2.27 49.72
CA ASP D 187 19.50 3.23 49.87
C ASP D 187 20.09 4.62 49.57
N PRO D 188 19.28 5.53 49.03
CA PRO D 188 19.64 6.93 48.75
C PRO D 188 20.22 7.68 49.96
N SER D 189 19.95 7.16 51.15
CA SER D 189 20.46 7.75 52.36
C SER D 189 21.95 7.43 52.48
N GLU D 190 22.34 6.28 51.95
CA GLU D 190 23.72 5.84 52.05
C GLU D 190 24.58 6.40 50.93
N LEU D 191 24.13 7.50 50.32
CA LEU D 191 24.86 8.08 49.18
C LEU D 191 25.05 9.57 49.33
N ASP D 192 26.21 10.04 48.88
CA ASP D 192 26.47 11.46 48.77
C ASP D 192 25.30 12.09 48.02
N ALA D 193 24.92 13.29 48.43
CA ALA D 193 23.78 14.00 47.84
C ALA D 193 24.05 14.36 46.38
N SER D 194 25.32 14.41 46.02
CA SER D 194 25.70 14.70 44.65
C SER D 194 25.01 13.77 43.64
N VAL D 195 24.84 12.49 44.03
CA VAL D 195 24.26 11.49 43.12
C VAL D 195 22.89 11.92 42.58
N THR D 196 21.88 12.02 43.44
CA THR D 196 20.55 12.43 42.97
C THR D 196 20.44 13.94 42.65
N ALA D 197 21.41 14.73 43.12
CA ALA D 197 21.38 16.16 42.84
C ALA D 197 21.74 16.46 41.38
N ARG D 198 21.96 15.41 40.59
CA ARG D 198 22.21 15.56 39.16
C ARG D 198 20.91 15.71 38.37
N VAL D 199 19.84 15.14 38.91
CA VAL D 199 18.54 15.13 38.23
C VAL D 199 17.67 16.26 38.73
N PRO D 200 17.65 17.38 37.98
CA PRO D 200 16.94 18.56 38.44
C PRO D 200 15.48 18.23 38.69
N THR D 201 14.81 19.03 39.53
CA THR D 201 13.37 18.99 39.62
C THR D 201 12.86 20.25 38.94
N ARG D 202 11.73 20.17 38.24
CA ARG D 202 11.29 21.29 37.44
C ARG D 202 9.88 21.74 37.74
N THR D 203 9.65 23.03 37.62
CA THR D 203 8.32 23.58 37.77
C THR D 203 7.76 23.90 36.40
N ASN D 204 8.62 23.84 35.39
CA ASN D 204 8.19 24.04 34.01
C ASN D 204 7.68 22.76 33.34
N ARG D 205 7.53 22.81 32.03
CA ARG D 205 7.01 21.68 31.28
C ARG D 205 8.10 21.07 30.42
N ASP D 206 9.34 21.54 30.62
CA ASP D 206 10.46 20.98 29.88
C ASP D 206 10.59 19.48 30.12
N ASN D 207 10.59 18.70 29.05
CA ASN D 207 10.65 17.25 29.20
C ASN D 207 11.94 16.65 28.60
N ARG D 208 12.90 17.50 28.28
CA ARG D 208 14.22 17.04 27.86
C ARG D 208 14.98 16.52 29.07
N TYR D 209 15.80 15.49 28.89
CA TYR D 209 16.65 15.03 29.98
C TYR D 209 17.69 16.08 30.31
N PHE D 210 18.31 16.65 29.28
CA PHE D 210 19.28 17.70 29.48
C PHE D 210 18.71 19.05 28.99
N ALA D 211 19.08 20.13 29.65
CA ALA D 211 18.68 21.46 29.16
C ALA D 211 19.86 22.13 28.48
N ASP D 212 20.85 21.33 28.10
CA ASP D 212 22.07 21.83 27.54
C ASP D 212 21.81 22.60 26.24
N THR D 213 22.73 23.50 25.92
CA THR D 213 22.63 24.40 24.81
C THR D 213 22.83 23.66 23.51
N TYR D 214 23.90 22.85 23.47
CA TYR D 214 24.22 22.06 22.30
C TYR D 214 23.87 20.60 22.51
N GLN D 215 22.83 20.11 21.85
CA GLN D 215 22.45 18.69 21.99
C GLN D 215 22.36 18.04 20.65
N ALA D 216 23.30 17.14 20.36
CA ALA D 216 23.31 16.45 19.07
C ALA D 216 24.15 15.19 19.15
N MET D 217 23.81 14.21 18.30
CA MET D 217 24.55 12.96 18.18
C MET D 217 25.49 13.02 16.99
N PRO D 218 26.64 12.36 17.08
CA PRO D 218 27.56 12.42 15.95
C PRO D 218 26.95 11.68 14.78
N LEU D 219 26.76 12.39 13.67
CA LEU D 219 25.92 11.92 12.57
C LEU D 219 26.14 10.48 12.14
N HIS D 220 27.39 10.07 11.98
CA HIS D 220 27.67 8.69 11.59
C HIS D 220 28.23 7.85 12.74
N GLY D 221 27.88 8.24 13.97
CA GLY D 221 28.27 7.51 15.16
C GLY D 221 29.62 7.92 15.75
N TYR D 222 29.82 7.60 17.03
CA TYR D 222 31.07 7.92 17.74
C TYR D 222 32.37 7.35 17.13
N THR D 223 32.31 6.12 16.66
CA THR D 223 33.51 5.48 16.21
C THR D 223 34.06 6.18 14.97
N ARG D 224 33.19 6.52 14.04
CA ARG D 224 33.59 7.28 12.88
C ARG D 224 34.29 8.61 13.27
N MET D 225 33.78 9.28 14.31
CA MET D 225 34.37 10.48 14.88
C MET D 225 35.79 10.17 15.34
N PHE D 226 35.90 9.32 16.36
CA PHE D 226 37.20 8.94 16.92
C PHE D 226 38.22 8.52 15.86
N GLN D 227 37.78 7.79 14.85
CA GLN D 227 38.65 7.42 13.74
C GLN D 227 39.20 8.67 13.06
N ASN D 228 38.36 9.67 12.86
CA ASN D 228 38.86 10.92 12.29
C ASN D 228 39.84 11.54 13.26
N MET D 229 39.38 11.78 14.47
CA MET D 229 40.20 12.28 15.55
C MET D 229 41.61 11.66 15.61
N LEU D 230 41.71 10.36 15.42
CA LEU D 230 42.98 9.66 15.60
C LEU D 230 43.70 9.41 14.29
N SER D 231 43.41 10.21 13.26
CA SER D 231 43.86 9.85 11.91
C SER D 231 45.23 10.40 11.47
N SER D 232 45.74 11.39 12.19
CA SER D 232 47.07 11.93 11.94
C SER D 232 48.13 10.86 11.66
N PRO D 233 49.08 11.16 10.76
CA PRO D 233 50.26 10.32 10.51
C PRO D 233 51.20 10.22 11.71
N ASN D 234 51.07 11.11 12.69
CA ASN D 234 51.87 11.03 13.92
C ASN D 234 51.17 10.26 15.03
N ILE D 235 50.07 9.59 14.69
CA ILE D 235 49.35 8.82 15.69
C ILE D 235 49.40 7.35 15.37
N LYS D 236 50.00 6.58 16.28
CA LYS D 236 50.07 5.13 16.14
C LYS D 236 49.08 4.51 17.09
N VAL D 237 48.20 3.69 16.55
CA VAL D 237 47.17 3.03 17.35
C VAL D 237 47.52 1.57 17.65
N MET D 238 47.28 1.16 18.88
CA MET D 238 47.63 -0.18 19.26
C MET D 238 46.53 -0.73 20.16
N LEU D 239 45.90 -1.81 19.72
CA LEU D 239 44.76 -2.40 20.43
C LEU D 239 45.01 -3.83 20.93
N ASN D 240 44.14 -4.28 21.82
CA ASN D 240 44.24 -5.60 22.42
C ASN D 240 45.49 -5.68 23.31
N THR D 241 46.02 -4.52 23.65
CA THR D 241 47.30 -4.40 24.35
C THR D 241 47.11 -3.67 25.67
N ASP D 242 47.67 -4.21 26.75
CA ASP D 242 47.78 -3.45 27.99
C ASP D 242 49.06 -2.62 27.90
N TYR D 243 49.07 -1.39 28.41
CA TYR D 243 50.27 -0.55 28.30
C TYR D 243 51.48 -1.28 28.90
N ARG D 244 51.24 -2.04 29.97
CA ARG D 244 52.29 -2.74 30.68
C ARG D 244 52.94 -3.86 29.86
N GLU D 245 52.30 -4.25 28.77
CA GLU D 245 52.86 -5.26 27.89
C GLU D 245 53.90 -4.69 26.92
N ILE D 246 54.01 -3.37 26.86
CA ILE D 246 54.87 -2.72 25.89
C ILE D 246 55.66 -1.52 26.43
N ALA D 247 55.36 -1.11 27.66
CA ALA D 247 56.03 0.06 28.21
C ALA D 247 57.52 -0.19 28.37
N ASP D 248 57.88 -1.40 28.80
CA ASP D 248 59.27 -1.74 29.11
C ASP D 248 60.22 -1.60 27.93
N PHE D 249 59.71 -1.75 26.71
CA PHE D 249 60.57 -1.70 25.54
C PHE D 249 60.11 -0.77 24.42
N ILE D 250 59.27 0.21 24.73
CA ILE D 250 58.96 1.26 23.76
C ILE D 250 59.30 2.60 24.38
N PRO D 251 60.15 3.38 23.70
CA PRO D 251 60.67 4.65 24.25
C PRO D 251 59.62 5.73 24.19
N PHE D 252 59.38 6.40 25.31
CA PHE D 252 58.44 7.52 25.35
C PHE D 252 58.85 8.58 26.37
N GLN D 253 58.81 9.83 25.94
CA GLN D 253 59.24 10.96 26.76
C GLN D 253 58.24 11.24 27.88
N HIS D 254 56.95 11.04 27.58
CA HIS D 254 55.90 11.31 28.57
C HIS D 254 54.74 10.33 28.44
N MET D 255 54.13 9.97 29.57
CA MET D 255 52.93 9.13 29.57
C MET D 255 51.67 9.88 30.04
N ILE D 256 50.63 9.86 29.21
CA ILE D 256 49.30 10.30 29.59
C ILE D 256 48.46 9.05 29.85
N TYR D 257 47.84 8.97 31.02
CA TYR D 257 47.21 7.75 31.49
C TYR D 257 45.73 7.95 31.84
N THR D 258 44.86 7.19 31.20
CA THR D 258 43.44 7.44 31.34
C THR D 258 42.69 6.24 31.91
N GLY D 259 43.42 5.17 32.23
CA GLY D 259 42.84 4.04 32.94
C GLY D 259 42.66 4.28 34.42
N PRO D 260 42.29 3.24 35.19
CA PRO D 260 42.02 3.43 36.63
C PRO D 260 43.29 3.77 37.43
N VAL D 261 43.21 4.74 38.33
CA VAL D 261 44.36 5.14 39.16
C VAL D 261 44.78 4.09 40.18
N ASP D 262 43.83 3.50 40.88
CA ASP D 262 44.18 2.49 41.86
C ASP D 262 44.96 1.34 41.20
N ALA D 263 44.54 0.96 40.00
CA ALA D 263 45.22 -0.09 39.24
C ALA D 263 46.68 0.27 38.90
N PHE D 264 46.94 1.55 38.72
CA PHE D 264 48.24 2.03 38.30
C PHE D 264 49.23 1.97 39.45
N PHE D 265 48.71 1.77 40.65
CA PHE D 265 49.55 1.67 41.84
C PHE D 265 49.36 0.32 42.56
N ASP D 266 49.00 -0.70 41.78
CA ASP D 266 48.79 -2.04 42.29
C ASP D 266 47.89 -2.08 43.51
N PHE D 267 46.83 -1.28 43.48
CA PHE D 267 45.79 -1.33 44.50
C PHE D 267 46.42 -1.29 45.87
N CYS D 268 47.54 -0.57 45.94
CA CYS D 268 48.34 -0.48 47.16
C CYS D 268 47.56 -0.06 48.40
N TYR D 269 46.47 0.69 48.23
CA TYR D 269 45.60 1.03 49.36
C TYR D 269 44.28 0.30 49.28
N GLY D 270 44.15 -0.60 48.30
CA GLY D 270 42.89 -1.31 48.10
C GLY D 270 42.13 -0.73 46.93
N LYS D 271 41.13 -1.48 46.45
CA LYS D 271 40.40 -1.10 45.24
C LYS D 271 39.34 -0.03 45.46
N LEU D 272 39.33 0.98 44.59
CA LEU D 272 38.27 2.00 44.58
C LEU D 272 36.95 1.37 44.13
N PRO D 273 35.89 1.60 44.91
CA PRO D 273 34.61 0.96 44.60
C PRO D 273 33.83 1.64 43.44
N TYR D 274 33.69 0.94 42.33
CA TYR D 274 32.75 1.37 41.31
C TYR D 274 31.58 0.41 41.40
N ARG D 275 30.62 0.66 40.52
CA ARG D 275 29.40 -0.11 40.45
C ARG D 275 29.21 -0.33 38.94
N SER D 276 28.71 -1.49 38.54
CA SER D 276 28.79 -1.86 37.15
C SER D 276 27.42 -2.12 36.53
N LEU D 277 27.41 -2.53 35.26
CA LEU D 277 26.16 -2.79 34.51
C LEU D 277 26.28 -3.99 33.62
N GLU D 278 25.20 -4.75 33.48
CA GLU D 278 25.09 -5.72 32.40
C GLU D 278 24.06 -5.22 31.38
N PHE D 279 24.33 -5.47 30.10
CA PHE D 279 23.44 -5.06 29.02
C PHE D 279 22.90 -6.27 28.26
N ARG D 280 21.58 -6.44 28.24
CA ARG D 280 20.96 -7.44 27.35
C ARG D 280 20.35 -6.78 26.09
N HIS D 281 20.94 -7.09 24.94
CA HIS D 281 20.48 -6.54 23.68
C HIS D 281 19.44 -7.43 23.03
N GLU D 282 18.53 -6.81 22.30
CA GLU D 282 17.48 -7.50 21.59
C GLU D 282 17.20 -6.74 20.31
N THR D 283 16.96 -7.46 19.23
CA THR D 283 16.52 -6.80 18.02
C THR D 283 15.10 -7.28 17.79
N HIS D 284 14.16 -6.36 17.61
CA HIS D 284 12.79 -6.75 17.31
C HIS D 284 12.43 -6.39 15.88
N ASP D 285 11.58 -7.22 15.28
CA ASP D 285 11.12 -6.98 13.92
C ASP D 285 9.95 -5.99 13.83
N THR D 286 10.21 -4.74 14.19
CA THR D 286 9.24 -3.66 14.04
C THR D 286 10.02 -2.36 13.97
N GLU D 287 9.47 -1.33 13.35
CA GLU D 287 10.24 -0.10 13.22
C GLU D 287 10.54 0.56 14.56
N GLN D 288 9.63 0.42 15.51
CA GLN D 288 9.74 1.16 16.77
C GLN D 288 9.08 0.42 17.93
N LEU D 289 9.87 0.17 18.96
CA LEU D 289 9.42 -0.56 20.13
C LEU D 289 9.03 0.35 21.28
N LEU D 290 9.66 1.53 21.38
CA LEU D 290 9.49 2.41 22.53
C LEU D 290 9.00 3.80 22.13
N PRO D 291 8.37 4.50 23.06
CA PRO D 291 7.82 5.81 22.69
C PRO D 291 8.85 6.95 22.81
N THR D 292 9.90 6.79 23.60
CA THR D 292 11.07 7.69 23.52
C THR D 292 12.32 6.83 23.54
N GLY D 293 13.46 7.49 23.60
CA GLY D 293 14.74 6.81 23.56
C GLY D 293 15.01 5.90 24.75
N THR D 294 14.47 6.27 25.91
CA THR D 294 14.69 5.51 27.13
C THR D 294 13.51 5.53 28.10
N VAL D 295 13.19 4.35 28.61
CA VAL D 295 12.22 4.22 29.68
C VAL D 295 12.95 3.72 30.92
N ASN D 296 12.83 4.48 32.02
CA ASN D 296 13.37 4.11 33.33
C ASN D 296 12.35 3.27 34.11
N TYR D 297 12.83 2.26 34.82
CA TYR D 297 11.96 1.42 35.64
C TYR D 297 12.39 1.53 37.08
N PRO D 298 11.80 2.48 37.81
CA PRO D 298 12.18 2.76 39.19
C PRO D 298 11.62 1.70 40.12
N ASN D 299 10.53 1.07 39.71
CA ASN D 299 9.73 0.27 40.64
C ASN D 299 9.42 -1.17 40.24
N ASP D 300 9.85 -1.60 39.05
CA ASP D 300 9.59 -2.95 38.66
C ASP D 300 10.80 -3.47 37.93
N TYR D 301 10.79 -4.77 37.67
CA TYR D 301 11.82 -5.40 36.84
C TYR D 301 13.17 -5.39 37.50
N ALA D 302 14.07 -6.19 36.94
CA ALA D 302 15.43 -6.28 37.44
C ALA D 302 16.19 -5.10 36.88
N TYR D 303 15.90 -4.79 35.62
CA TYR D 303 16.63 -3.76 34.91
C TYR D 303 16.16 -2.37 35.33
N THR D 304 17.03 -1.39 35.14
CA THR D 304 16.70 0.00 35.43
C THR D 304 16.19 0.73 34.17
N ARG D 305 16.75 0.38 33.02
CA ARG D 305 16.48 1.15 31.80
C ARG D 305 16.29 0.26 30.58
N VAL D 306 15.41 0.70 29.67
CA VAL D 306 15.36 0.20 28.28
C VAL D 306 15.67 1.36 27.34
N SER D 307 16.60 1.16 26.42
CA SER D 307 16.84 2.18 25.42
C SER D 307 16.66 1.60 24.04
N GLU D 308 16.08 2.41 23.15
CA GLU D 308 15.97 2.06 21.75
C GLU D 308 16.88 2.97 20.95
N PHE D 309 17.90 2.37 20.34
CA PHE D 309 18.93 3.15 19.69
C PHE D 309 18.44 4.02 18.51
N LYS D 310 17.59 3.48 17.64
CA LYS D 310 17.12 4.26 16.50
C LYS D 310 16.61 5.64 16.91
N HIS D 311 16.20 5.80 18.17
CA HIS D 311 15.75 7.11 18.64
C HIS D 311 16.90 8.10 18.75
N ILE D 312 18.06 7.58 19.09
CA ILE D 312 19.22 8.39 19.42
C ILE D 312 19.99 8.70 18.14
N THR D 313 20.17 7.68 17.32
CA THR D 313 21.01 7.76 16.13
C THR D 313 20.28 8.37 14.94
N GLY D 314 18.96 8.30 14.96
CA GLY D 314 18.20 8.71 13.80
C GLY D 314 18.20 7.68 12.68
N GLN D 315 18.76 6.50 12.92
CA GLN D 315 18.80 5.44 11.89
C GLN D 315 17.43 5.00 11.39
N ARG D 316 17.33 4.84 10.08
CA ARG D 316 16.16 4.23 9.45
C ARG D 316 16.42 2.74 9.20
N HIS D 317 15.53 1.88 9.65
CA HIS D 317 15.79 0.45 9.58
C HIS D 317 14.47 -0.32 9.62
N HIS D 318 14.44 -1.49 8.99
CA HIS D 318 13.18 -2.25 8.95
C HIS D 318 12.88 -2.87 10.29
N GLN D 319 13.90 -3.08 11.11
CA GLN D 319 13.71 -3.50 12.50
C GLN D 319 14.27 -2.49 13.51
N THR D 320 14.39 -2.92 14.76
CA THR D 320 14.88 -2.04 15.81
C THR D 320 15.59 -2.79 16.90
N SER D 321 16.72 -2.25 17.36
CA SER D 321 17.48 -2.90 18.42
C SER D 321 17.40 -2.08 19.70
N VAL D 322 17.35 -2.78 20.82
CA VAL D 322 17.18 -2.16 22.12
C VAL D 322 18.09 -2.83 23.16
N VAL D 323 18.24 -2.18 24.30
CA VAL D 323 19.18 -2.66 25.28
C VAL D 323 18.57 -2.51 26.67
N TYR D 324 18.50 -3.63 27.40
CA TYR D 324 18.10 -3.60 28.80
C TYR D 324 19.35 -3.45 29.63
N GLU D 325 19.30 -2.55 30.62
CA GLU D 325 20.45 -2.34 31.47
C GLU D 325 20.18 -2.88 32.86
N TYR D 326 20.99 -3.87 33.25
CA TYR D 326 20.87 -4.49 34.56
C TYR D 326 21.97 -3.99 35.47
N PRO D 327 21.62 -3.61 36.71
CA PRO D 327 22.66 -3.21 37.66
C PRO D 327 23.50 -4.42 38.04
N ARG D 328 24.80 -4.19 38.27
CA ARG D 328 25.72 -5.25 38.67
C ARG D 328 26.73 -4.75 39.72
N ALA D 329 27.07 -5.60 40.69
CA ALA D 329 28.04 -5.23 41.71
C ALA D 329 29.46 -5.30 41.17
N GLU D 330 29.71 -6.31 40.33
CA GLU D 330 31.03 -6.49 39.76
C GLU D 330 31.02 -6.39 38.24
N GLY D 331 32.09 -5.82 37.71
CA GLY D 331 32.26 -5.73 36.28
C GLY D 331 33.08 -4.54 35.87
N ASP D 332 32.97 -4.17 34.60
CA ASP D 332 33.69 -3.00 34.14
C ASP D 332 33.27 -1.79 34.96
N PRO D 333 34.25 -1.01 35.43
CA PRO D 333 33.99 0.15 36.27
C PRO D 333 33.22 1.26 35.52
N TYR D 334 32.01 1.57 35.99
CA TYR D 334 31.13 2.53 35.34
C TYR D 334 30.78 3.71 36.25
N TYR D 335 30.13 3.40 37.37
CA TYR D 335 29.77 4.42 38.34
C TYR D 335 30.64 4.36 39.60
N PRO D 336 31.44 5.40 39.85
CA PRO D 336 32.14 5.50 41.13
C PRO D 336 31.14 5.71 42.26
N VAL D 337 31.30 5.02 43.39
CA VAL D 337 30.39 5.15 44.52
C VAL D 337 30.75 6.32 45.43
N PRO D 338 29.86 7.32 45.50
CA PRO D 338 30.16 8.51 46.29
C PRO D 338 29.79 8.35 47.77
N ARG D 339 30.75 7.92 48.57
CA ARG D 339 30.59 7.83 50.01
C ARG D 339 31.84 8.40 50.67
N PRO D 340 31.68 9.06 51.82
CA PRO D 340 32.80 9.76 52.47
C PRO D 340 34.11 8.97 52.40
N GLU D 341 34.08 7.73 52.87
CA GLU D 341 35.28 6.90 52.98
C GLU D 341 35.87 6.52 51.62
N ASN D 342 35.12 6.76 50.57
CA ASN D 342 35.62 6.54 49.21
C ASN D 342 36.40 7.76 48.74
N ALA D 343 35.88 8.95 49.05
CA ALA D 343 36.62 10.16 48.77
C ALA D 343 37.97 10.07 49.47
N GLU D 344 37.93 9.68 50.74
CA GLU D 344 39.13 9.49 51.53
C GLU D 344 40.14 8.57 50.84
N LEU D 345 39.69 7.39 50.42
CA LEU D 345 40.57 6.44 49.75
C LEU D 345 41.15 7.00 48.46
N TYR D 346 40.35 7.71 47.67
CA TYR D 346 40.86 8.28 46.44
C TYR D 346 41.93 9.36 46.68
N LYS D 347 41.69 10.22 47.66
CA LYS D 347 42.65 11.25 48.03
C LYS D 347 44.04 10.65 48.20
N LYS D 348 44.10 9.46 48.80
CA LYS D 348 45.38 8.79 48.98
C LYS D 348 46.01 8.47 47.62
N TYR D 349 45.22 7.92 46.71
CA TYR D 349 45.73 7.58 45.38
C TYR D 349 46.10 8.81 44.57
N GLU D 350 45.39 9.91 44.80
CA GLU D 350 45.65 11.18 44.11
C GLU D 350 47.03 11.76 44.44
N ALA D 351 47.41 11.69 45.70
CA ALA D 351 48.75 12.13 46.11
C ALA D 351 49.85 11.36 45.38
N LEU D 352 49.70 10.04 45.26
CA LEU D 352 50.69 9.24 44.54
C LEU D 352 50.78 9.69 43.10
N ALA D 353 49.62 9.96 42.52
CA ALA D 353 49.53 10.43 41.13
C ALA D 353 50.01 11.87 40.94
N ASP D 354 49.67 12.75 41.87
CA ASP D 354 50.14 14.14 41.80
C ASP D 354 51.68 14.17 41.78
N ALA D 355 52.27 13.13 42.37
CA ALA D 355 53.71 13.06 42.57
C ALA D 355 54.44 12.23 41.53
N ALA D 356 53.72 11.31 40.87
CA ALA D 356 54.31 10.50 39.80
C ALA D 356 54.93 11.43 38.78
N GLN D 357 56.24 11.31 38.62
CA GLN D 357 57.02 12.30 37.88
C GLN D 357 56.47 12.60 36.48
N ASP D 358 56.59 11.64 35.56
CA ASP D 358 56.30 11.93 34.15
C ASP D 358 54.99 11.35 33.62
N VAL D 359 53.95 11.38 34.44
CA VAL D 359 52.67 10.84 34.05
C VAL D 359 51.57 11.84 34.31
N THR D 360 50.71 12.06 33.31
CA THR D 360 49.55 12.90 33.51
C THR D 360 48.30 12.02 33.63
N PHE D 361 47.51 12.24 34.67
CA PHE D 361 46.29 11.46 34.92
C PHE D 361 45.03 12.24 34.59
N VAL D 362 44.24 11.74 33.64
CA VAL D 362 43.09 12.48 33.15
C VAL D 362 41.99 11.51 32.70
N GLY D 363 40.73 11.85 32.99
CA GLY D 363 39.61 11.01 32.60
C GLY D 363 38.73 10.50 33.72
N ARG D 364 37.67 9.77 33.34
CA ARG D 364 36.76 9.15 34.30
C ARG D 364 37.46 8.20 35.27
N LEU D 365 38.34 7.35 34.75
CA LEU D 365 38.92 6.28 35.57
C LEU D 365 40.19 6.75 36.24
N ALA D 366 40.75 7.82 35.71
CA ALA D 366 42.07 8.28 36.13
C ALA D 366 41.96 9.20 37.34
N THR D 367 40.76 9.71 37.58
CA THR D 367 40.58 10.70 38.62
C THR D 367 39.40 10.32 39.49
N TYR D 368 38.87 9.12 39.26
CA TYR D 368 37.76 8.56 40.04
C TYR D 368 36.61 9.54 40.23
N ARG D 369 36.10 10.04 39.11
CA ARG D 369 34.94 10.94 39.09
C ARG D 369 34.10 10.57 37.88
N TYR D 370 32.81 10.84 37.93
CA TYR D 370 31.98 10.60 36.75
C TYR D 370 31.82 11.87 35.93
N TYR D 371 32.42 11.87 34.76
CA TYR D 371 32.29 12.99 33.84
C TYR D 371 31.40 12.59 32.69
N ASN D 372 30.68 13.57 32.14
CA ASN D 372 30.02 13.41 30.86
C ASN D 372 31.07 13.50 29.77
N MET D 373 30.70 13.08 28.58
CA MET D 373 31.64 13.13 27.49
C MET D 373 32.22 14.53 27.30
N ASP D 374 31.35 15.54 27.15
CA ASP D 374 31.83 16.90 26.92
C ASP D 374 32.82 17.34 28.00
N GLN D 375 32.53 16.98 29.26
CA GLN D 375 33.40 17.28 30.39
C GLN D 375 34.81 16.70 30.27
N VAL D 376 34.90 15.43 29.92
CA VAL D 376 36.20 14.79 29.70
C VAL D 376 36.95 15.48 28.55
N VAL D 377 36.24 15.84 27.50
CA VAL D 377 36.82 16.56 26.36
C VAL D 377 37.35 17.92 26.80
N ALA D 378 36.57 18.66 27.57
CA ALA D 378 37.05 19.92 28.14
C ALA D 378 38.35 19.69 28.90
N GLN D 379 38.33 18.71 29.79
CA GLN D 379 39.49 18.39 30.61
C GLN D 379 40.71 18.09 29.77
N ALA D 380 40.55 17.24 28.77
CA ALA D 380 41.70 16.88 27.95
C ALA D 380 42.25 18.11 27.22
N LEU D 381 41.34 18.98 26.76
CA LEU D 381 41.70 20.25 26.13
C LEU D 381 42.47 21.17 27.08
N ALA D 382 42.00 21.29 28.31
CA ALA D 382 42.74 22.05 29.30
C ALA D 382 44.09 21.39 29.56
N THR D 383 44.11 20.06 29.61
CA THR D 383 45.36 19.35 29.87
C THR D 383 46.35 19.62 28.75
N PHE D 384 45.84 19.70 27.53
CA PHE D 384 46.72 19.95 26.39
C PHE D 384 47.39 21.31 26.50
N ARG D 385 46.62 22.31 26.93
CA ARG D 385 47.17 23.66 27.10
C ARG D 385 48.28 23.66 28.15
N ARG D 386 48.03 23.02 29.30
CA ARG D 386 49.05 22.90 30.34
C ARG D 386 50.33 22.32 29.76
N LEU D 387 50.26 21.11 29.24
CA LEU D 387 51.40 20.48 28.59
C LEU D 387 52.17 21.48 27.74
N GLN D 388 51.46 22.50 27.26
CA GLN D 388 52.06 23.51 26.40
C GLN D 388 52.01 24.93 26.99
N GLY E 29 -47.26 28.84 -33.93
CA GLY E 29 -46.38 29.59 -33.05
C GLY E 29 -46.16 28.91 -31.70
N PHE E 30 -45.83 29.71 -30.69
CA PHE E 30 -45.67 29.20 -29.31
C PHE E 30 -46.66 29.84 -28.33
N ASP E 31 -47.20 29.04 -27.43
CA ASP E 31 -48.11 29.55 -26.40
C ASP E 31 -47.36 30.40 -25.38
N TYR E 32 -46.11 30.02 -25.11
CA TYR E 32 -45.25 30.77 -24.19
C TYR E 32 -43.83 30.84 -24.71
N LEU E 33 -43.26 32.05 -24.64
CA LEU E 33 -41.84 32.25 -24.89
C LEU E 33 -41.16 32.62 -23.57
N ILE E 34 -40.39 31.68 -23.02
CA ILE E 34 -39.71 31.89 -21.73
C ILE E 34 -38.27 32.36 -21.94
N VAL E 35 -37.90 33.40 -21.23
CA VAL E 35 -36.57 33.98 -21.39
C VAL E 35 -35.69 33.66 -20.20
N GLY E 36 -34.59 32.94 -20.45
CA GLY E 36 -33.75 32.42 -19.40
C GLY E 36 -34.09 30.98 -19.06
N ALA E 37 -33.06 30.14 -18.95
CA ALA E 37 -33.26 28.73 -18.67
C ALA E 37 -32.76 28.37 -17.27
N GLY E 38 -32.86 29.32 -16.35
CA GLY E 38 -32.47 29.06 -14.97
C GLY E 38 -33.57 28.28 -14.28
N PHE E 39 -33.51 28.19 -12.96
CA PHE E 39 -34.64 27.65 -12.23
C PHE E 39 -35.95 28.35 -12.65
N ALA E 40 -35.99 29.67 -12.55
CA ALA E 40 -37.23 30.42 -12.80
C ALA E 40 -37.90 30.02 -14.10
N GLY E 41 -37.16 30.10 -15.20
CA GLY E 41 -37.70 29.81 -16.50
C GLY E 41 -37.91 28.33 -16.79
N SER E 42 -36.96 27.52 -16.36
CA SER E 42 -37.05 26.07 -16.53
C SER E 42 -38.25 25.50 -15.80
N VAL E 43 -38.49 25.93 -14.56
CA VAL E 43 -39.60 25.36 -13.82
C VAL E 43 -40.91 25.60 -14.54
N LEU E 44 -41.15 26.85 -14.93
CA LEU E 44 -42.34 27.20 -15.69
C LEU E 44 -42.45 26.41 -16.99
N ALA E 45 -41.35 26.33 -17.76
CA ALA E 45 -41.33 25.49 -18.94
C ALA E 45 -41.87 24.08 -18.67
N GLU E 46 -41.43 23.47 -17.57
CA GLU E 46 -41.84 22.09 -17.25
C GLU E 46 -43.33 21.99 -16.98
N ARG E 47 -43.82 22.98 -16.24
CA ARG E 47 -45.20 23.01 -15.76
C ARG E 47 -46.17 23.30 -16.89
N LEU E 48 -45.81 24.28 -17.73
CA LEU E 48 -46.62 24.66 -18.87
C LEU E 48 -46.67 23.54 -19.91
N ALA E 49 -45.52 22.93 -20.16
CA ALA E 49 -45.46 21.87 -21.14
C ALA E 49 -46.31 20.68 -20.70
N SER E 50 -46.42 20.49 -19.39
CA SER E 50 -47.12 19.33 -18.85
C SER E 50 -48.64 19.49 -18.95
N SER E 51 -49.07 20.72 -19.19
CA SER E 51 -50.49 21.00 -19.36
C SER E 51 -50.79 21.45 -20.78
N GLY E 52 -50.04 20.90 -21.74
CA GLY E 52 -50.34 21.10 -23.14
C GLY E 52 -49.64 22.23 -23.85
N GLN E 53 -49.31 23.32 -23.15
CA GLN E 53 -48.68 24.47 -23.81
C GLN E 53 -47.44 24.14 -24.64
N ARG E 54 -47.33 24.72 -25.83
CA ARG E 54 -46.06 24.67 -26.55
C ARG E 54 -45.19 25.79 -26.02
N VAL E 55 -43.94 25.47 -25.68
CA VAL E 55 -43.07 26.43 -25.02
C VAL E 55 -41.75 26.56 -25.73
N LEU E 56 -41.28 27.80 -25.87
CA LEU E 56 -39.95 28.02 -26.36
C LEU E 56 -39.18 28.70 -25.24
N ILE E 57 -38.18 28.00 -24.70
CA ILE E 57 -37.28 28.58 -23.70
C ILE E 57 -35.98 28.93 -24.40
N VAL E 58 -35.42 30.08 -24.05
CA VAL E 58 -34.21 30.54 -24.71
C VAL E 58 -33.32 31.25 -23.71
N ASP E 59 -32.02 31.06 -23.85
CA ASP E 59 -31.07 31.69 -22.96
C ASP E 59 -29.93 32.21 -23.84
N ARG E 60 -29.32 33.33 -23.47
CA ARG E 60 -28.18 33.82 -24.25
C ARG E 60 -26.87 33.10 -23.89
N ARG E 61 -26.88 32.40 -22.77
CA ARG E 61 -25.79 31.49 -22.45
C ARG E 61 -25.93 30.29 -23.39
N PRO E 62 -24.83 29.54 -23.59
CA PRO E 62 -24.84 28.36 -24.46
C PRO E 62 -25.14 27.05 -23.71
N HIS E 63 -25.91 27.14 -22.63
CA HIS E 63 -26.30 26.00 -21.82
C HIS E 63 -27.54 26.35 -21.03
N ILE E 64 -28.29 25.34 -20.62
CA ILE E 64 -29.44 25.55 -19.78
C ILE E 64 -28.97 25.69 -18.33
N GLY E 65 -29.91 25.95 -17.42
CA GLY E 65 -29.63 25.86 -15.99
C GLY E 65 -29.22 27.11 -15.23
N GLY E 66 -29.10 28.25 -15.92
CA GLY E 66 -28.76 29.52 -15.29
C GLY E 66 -27.42 29.53 -14.56
N ASN E 67 -27.42 30.15 -13.38
CA ASN E 67 -26.26 30.14 -12.50
C ASN E 67 -26.00 28.80 -11.84
N ALA E 68 -27.03 27.95 -11.83
CA ALA E 68 -26.92 26.67 -11.15
C ALA E 68 -26.38 25.61 -12.09
N TYR E 69 -26.06 26.00 -13.32
CA TYR E 69 -25.44 25.07 -14.26
C TYR E 69 -24.15 24.48 -13.72
N ASP E 70 -23.95 23.18 -13.95
CA ASP E 70 -22.70 22.53 -13.58
C ASP E 70 -22.18 21.63 -14.71
N CYS E 71 -20.88 21.39 -14.65
CA CYS E 71 -20.24 20.62 -15.69
C CYS E 71 -18.96 19.99 -15.18
N TYR E 72 -18.35 19.15 -16.01
CA TYR E 72 -17.10 18.49 -15.70
C TYR E 72 -15.94 19.29 -16.30
N ASP E 73 -15.06 19.77 -15.44
CA ASP E 73 -13.86 20.47 -15.89
C ASP E 73 -12.84 19.55 -16.56
N ASP E 74 -11.79 20.16 -17.12
CA ASP E 74 -10.75 19.43 -17.81
C ASP E 74 -10.16 18.25 -17.06
N ALA E 75 -10.37 18.20 -15.75
CA ALA E 75 -9.68 17.24 -14.89
C ALA E 75 -10.55 16.05 -14.56
N GLY E 76 -11.83 16.15 -14.89
CA GLY E 76 -12.78 15.10 -14.63
C GLY E 76 -13.58 15.40 -13.39
N VAL E 77 -13.41 16.60 -12.86
CA VAL E 77 -14.07 16.97 -11.60
C VAL E 77 -15.35 17.76 -11.82
N LEU E 78 -16.41 17.35 -11.13
CA LEU E 78 -17.72 17.97 -11.25
C LEU E 78 -17.75 19.30 -10.49
N ILE E 79 -17.93 20.41 -11.21
CA ILE E 79 -17.85 21.73 -10.59
C ILE E 79 -19.00 22.65 -10.98
N HIS E 80 -19.06 23.82 -10.33
CA HIS E 80 -20.01 24.87 -10.68
C HIS E 80 -19.26 26.08 -11.23
N PRO E 81 -19.50 26.40 -12.51
CA PRO E 81 -18.78 27.50 -13.15
C PRO E 81 -19.07 28.88 -12.59
N TYR E 82 -20.29 29.10 -12.09
CA TYR E 82 -20.63 30.40 -11.53
C TYR E 82 -20.76 30.31 -10.03
N GLY E 83 -19.76 29.72 -9.39
CA GLY E 83 -19.75 29.63 -7.94
C GLY E 83 -20.56 28.46 -7.41
N PRO E 84 -20.25 28.03 -6.19
CA PRO E 84 -20.89 26.84 -5.63
C PRO E 84 -22.37 27.06 -5.37
N HIS E 85 -23.19 26.07 -5.69
CA HIS E 85 -24.62 26.14 -5.39
C HIS E 85 -25.06 24.97 -4.51
N ILE E 86 -25.37 25.27 -3.25
CA ILE E 86 -25.76 24.28 -2.26
C ILE E 86 -27.26 24.33 -2.07
N PHE E 87 -27.95 23.25 -2.44
CA PHE E 87 -29.42 23.22 -2.33
C PHE E 87 -29.92 23.01 -0.94
N HIS E 88 -30.87 23.84 -0.53
CA HIS E 88 -31.44 23.73 0.80
C HIS E 88 -32.80 24.36 0.74
N THR E 89 -33.77 23.77 1.43
CA THR E 89 -35.11 24.31 1.49
C THR E 89 -35.83 23.89 2.76
N ASN E 90 -36.83 24.67 3.14
CA ASN E 90 -37.72 24.29 4.23
C ASN E 90 -39.05 23.82 3.68
N SER E 91 -39.24 24.02 2.38
CA SER E 91 -40.49 23.68 1.68
C SER E 91 -40.57 22.23 1.17
N LYS E 92 -41.38 21.43 1.85
CA LYS E 92 -41.56 20.03 1.51
C LYS E 92 -42.07 19.92 0.07
N ASP E 93 -42.83 20.93 -0.35
CA ASP E 93 -43.40 20.95 -1.69
C ASP E 93 -42.34 21.16 -2.76
N VAL E 94 -41.44 22.11 -2.54
CA VAL E 94 -40.35 22.36 -3.47
C VAL E 94 -39.49 21.12 -3.59
N PHE E 95 -39.07 20.60 -2.44
CA PHE E 95 -38.19 19.43 -2.42
C PHE E 95 -38.83 18.25 -3.11
N GLU E 96 -40.11 18.00 -2.82
CA GLU E 96 -40.82 16.91 -3.46
C GLU E 96 -41.01 17.10 -4.97
N TYR E 97 -41.06 18.35 -5.41
CA TYR E 97 -41.23 18.64 -6.84
C TYR E 97 -39.92 18.43 -7.55
N LEU E 98 -38.86 18.96 -6.97
CA LEU E 98 -37.53 18.81 -7.55
C LEU E 98 -37.16 17.32 -7.62
N SER E 99 -37.73 16.53 -6.71
CA SER E 99 -37.50 15.08 -6.61
C SER E 99 -38.03 14.32 -7.81
N ARG E 100 -38.85 14.99 -8.61
CA ARG E 100 -39.44 14.38 -9.79
C ARG E 100 -38.38 14.25 -10.90
N PHE E 101 -37.31 15.02 -10.75
CA PHE E 101 -36.34 15.18 -11.80
C PHE E 101 -34.91 14.83 -11.41
N THR E 102 -34.69 14.47 -10.16
CA THR E 102 -33.35 14.17 -9.66
C THR E 102 -33.41 13.41 -8.36
N GLU E 103 -32.38 12.60 -8.11
CA GLU E 103 -32.22 11.96 -6.82
C GLU E 103 -31.30 12.81 -5.97
N TRP E 104 -31.20 12.47 -4.70
CA TRP E 104 -30.47 13.31 -3.79
C TRP E 104 -29.26 12.69 -3.08
N ARG E 105 -28.17 13.45 -3.04
CA ARG E 105 -27.09 13.18 -2.13
C ARG E 105 -27.32 14.04 -0.91
N PRO E 106 -27.55 13.42 0.25
CA PRO E 106 -27.77 14.19 1.47
C PRO E 106 -26.52 15.00 1.78
N TYR E 107 -26.68 16.23 2.26
CA TYR E 107 -25.50 17.08 2.55
C TYR E 107 -25.87 18.36 3.28
N GLN E 108 -25.23 18.59 4.42
CA GLN E 108 -25.37 19.86 5.11
C GLN E 108 -24.06 20.62 5.04
N HIS E 109 -24.08 21.73 4.33
CA HIS E 109 -22.91 22.53 4.01
C HIS E 109 -22.32 23.10 5.28
N ARG E 110 -21.00 23.15 5.36
CA ARG E 110 -20.36 23.78 6.51
C ARG E 110 -19.26 24.78 6.09
N VAL E 111 -19.41 26.02 6.56
CA VAL E 111 -18.48 27.11 6.24
C VAL E 111 -17.61 27.46 7.44
N LEU E 112 -16.28 27.49 7.26
CA LEU E 112 -15.35 27.99 8.28
C LEU E 112 -14.84 29.35 7.85
N ALA E 113 -14.68 30.27 8.80
CA ALA E 113 -14.16 31.61 8.50
C ALA E 113 -12.76 31.78 8.99
N SER E 114 -11.88 32.28 8.13
CA SER E 114 -10.49 32.50 8.53
C SER E 114 -10.35 33.83 9.27
N VAL E 115 -10.30 33.78 10.59
CA VAL E 115 -10.18 34.97 11.40
C VAL E 115 -9.07 34.78 12.44
N ASP E 116 -8.18 35.76 12.58
CA ASP E 116 -7.11 35.66 13.54
C ASP E 116 -6.34 34.35 13.34
N GLY E 117 -6.12 33.98 12.09
CA GLY E 117 -5.38 32.77 11.80
C GLY E 117 -6.05 31.43 12.15
N GLN E 118 -7.33 31.47 12.53
CA GLN E 118 -8.04 30.23 12.79
C GLN E 118 -9.18 30.05 11.82
N LEU E 119 -9.67 28.82 11.73
CA LEU E 119 -10.87 28.52 10.96
C LEU E 119 -11.99 28.31 11.93
N LEU E 120 -12.86 29.30 12.05
CA LEU E 120 -13.94 29.26 13.01
C LEU E 120 -15.26 29.06 12.30
N PRO E 121 -16.25 28.51 13.01
CA PRO E 121 -17.55 28.33 12.35
C PRO E 121 -18.26 29.66 12.15
N ILE E 122 -18.91 29.79 11.00
CA ILE E 122 -19.81 30.90 10.71
C ILE E 122 -21.07 30.22 10.20
N PRO E 123 -22.25 30.60 10.73
CA PRO E 123 -22.63 31.62 11.70
C PRO E 123 -21.91 31.52 13.05
N ILE E 124 -21.59 32.67 13.61
CA ILE E 124 -20.98 32.73 14.93
C ILE E 124 -21.83 31.89 15.85
N ASN E 125 -21.22 30.94 16.57
CA ASN E 125 -21.96 30.17 17.57
C ASN E 125 -21.15 29.99 18.85
N LEU E 126 -21.64 29.17 19.78
CA LEU E 126 -20.96 28.97 21.06
C LEU E 126 -19.47 28.65 20.83
N ASP E 127 -19.22 27.78 19.87
CA ASP E 127 -17.85 27.38 19.59
C ASP E 127 -17.01 28.52 19.01
N THR E 128 -17.57 29.27 18.05
CA THR E 128 -16.84 30.40 17.53
C THR E 128 -16.34 31.29 18.68
N VAL E 129 -17.25 31.77 19.51
CA VAL E 129 -16.88 32.62 20.62
C VAL E 129 -15.83 31.93 21.51
N ASN E 130 -16.18 30.79 22.08
CA ASN E 130 -15.23 30.07 22.93
C ASN E 130 -13.84 29.94 22.31
N ARG E 131 -13.78 29.44 21.07
CA ARG E 131 -12.50 29.25 20.39
C ARG E 131 -11.78 30.55 20.09
N LEU E 132 -12.52 31.58 19.70
CA LEU E 132 -11.89 32.84 19.29
C LEU E 132 -11.20 33.52 20.44
N TYR E 133 -11.86 33.54 21.60
CA TYR E 133 -11.40 34.30 22.76
C TYR E 133 -10.74 33.46 23.83
N GLY E 134 -10.75 32.15 23.64
CA GLY E 134 -10.21 31.22 24.62
C GLY E 134 -11.15 31.06 25.80
N LEU E 135 -12.44 31.12 25.54
CA LEU E 135 -13.42 31.06 26.62
C LEU E 135 -14.01 29.65 26.80
N ASN E 136 -14.84 29.51 27.83
CA ASN E 136 -15.51 28.25 28.14
C ASN E 136 -16.96 28.43 28.57
N LEU E 137 -17.69 29.27 27.84
CA LEU E 137 -19.06 29.58 28.17
C LEU E 137 -20.00 28.45 27.75
N THR E 138 -21.07 28.25 28.52
CA THR E 138 -22.14 27.35 28.10
C THR E 138 -23.01 28.10 27.10
N SER E 139 -24.00 27.41 26.53
CA SER E 139 -24.96 28.06 25.66
C SER E 139 -25.73 29.12 26.44
N PHE E 140 -25.90 28.89 27.73
CA PHE E 140 -26.65 29.82 28.58
C PHE E 140 -25.84 31.07 28.83
N GLN E 141 -24.56 30.88 29.15
CA GLN E 141 -23.64 31.97 29.42
C GLN E 141 -23.32 32.82 28.19
N VAL E 142 -23.37 32.24 27.00
CA VAL E 142 -22.98 32.98 25.81
C VAL E 142 -24.05 34.00 25.46
N GLU E 143 -25.28 33.74 25.89
CA GLU E 143 -26.40 34.62 25.56
C GLU E 143 -26.24 35.91 26.33
N GLU E 144 -25.83 35.76 27.60
CA GLU E 144 -25.55 36.88 28.47
C GLU E 144 -24.27 37.59 28.05
N PHE E 145 -23.44 36.90 27.27
CA PHE E 145 -22.20 37.49 26.79
C PHE E 145 -22.48 38.42 25.63
N PHE E 146 -23.27 37.93 24.68
CA PHE E 146 -23.68 38.76 23.57
C PHE E 146 -24.36 39.98 24.15
N ALA E 147 -25.40 39.74 24.94
CA ALA E 147 -26.13 40.80 25.63
C ALA E 147 -25.23 41.89 26.26
N SER E 148 -24.03 41.52 26.68
CA SER E 148 -23.16 42.41 27.44
C SER E 148 -22.23 43.23 26.56
N VAL E 149 -22.11 42.82 25.30
CA VAL E 149 -21.27 43.52 24.33
C VAL E 149 -22.14 44.16 23.28
N ALA E 150 -23.39 43.69 23.21
CA ALA E 150 -24.36 44.19 22.25
C ALA E 150 -24.51 45.69 22.38
N GLU E 151 -24.87 46.34 21.28
CA GLU E 151 -25.17 47.76 21.32
C GLU E 151 -26.68 47.99 21.26
N LYS E 152 -27.17 48.87 22.12
CA LYS E 152 -28.57 49.28 22.05
C LYS E 152 -28.79 49.96 20.71
N VAL E 153 -29.67 49.38 19.90
CA VAL E 153 -30.00 49.99 18.61
C VAL E 153 -31.44 50.46 18.59
N GLU E 154 -31.60 51.79 18.54
CA GLU E 154 -32.90 52.44 18.46
C GLU E 154 -33.82 51.70 17.50
N GLN E 155 -33.45 51.66 16.23
CA GLN E 155 -34.24 50.94 15.25
C GLN E 155 -33.37 50.18 14.25
N VAL E 156 -33.41 48.85 14.33
CA VAL E 156 -32.62 48.00 13.43
C VAL E 156 -32.90 48.27 11.96
N ARG E 157 -32.06 49.08 11.33
CA ARG E 157 -32.26 49.47 9.92
C ARG E 157 -31.19 48.94 8.95
N THR E 158 -29.91 49.14 9.28
CA THR E 158 -28.82 48.71 8.41
C THR E 158 -28.37 47.25 8.66
N SER E 159 -27.53 46.72 7.76
CA SER E 159 -26.91 45.40 7.98
C SER E 159 -25.93 45.45 9.14
N GLU E 160 -25.38 46.64 9.38
CA GLU E 160 -24.53 46.89 10.53
C GLU E 160 -25.34 46.82 11.82
N ASP E 161 -26.56 47.33 11.77
CA ASP E 161 -27.42 47.33 12.94
C ASP E 161 -27.74 45.91 13.40
N VAL E 162 -28.20 45.08 12.48
CA VAL E 162 -28.50 43.68 12.76
C VAL E 162 -27.37 42.96 13.51
N VAL E 163 -26.15 43.12 13.02
CA VAL E 163 -25.00 42.44 13.62
C VAL E 163 -24.56 43.07 14.95
N VAL E 164 -24.24 44.36 14.91
CA VAL E 164 -23.77 45.09 16.10
C VAL E 164 -24.70 44.95 17.31
N SER E 165 -25.99 44.80 17.06
CA SER E 165 -26.98 44.78 18.13
C SER E 165 -27.28 43.36 18.60
N LYS E 166 -26.56 42.38 18.09
CA LYS E 166 -26.68 41.03 18.61
C LYS E 166 -25.38 40.50 19.19
N VAL E 167 -24.25 40.89 18.61
CA VAL E 167 -22.96 40.33 19.00
C VAL E 167 -21.88 41.36 19.30
N GLY E 168 -22.22 42.64 19.14
CA GLY E 168 -21.34 43.71 19.56
C GLY E 168 -20.37 44.13 18.47
N ARG E 169 -19.41 44.99 18.83
CA ARG E 169 -18.53 45.62 17.84
C ARG E 169 -17.31 44.78 17.47
N ASP E 170 -16.63 44.21 18.45
CA ASP E 170 -15.48 43.35 18.15
C ASP E 170 -15.85 42.18 17.20
N LEU E 171 -16.97 41.52 17.47
CA LEU E 171 -17.38 40.43 16.60
C LEU E 171 -17.79 40.94 15.23
N TYR E 172 -18.52 42.05 15.21
CA TYR E 172 -18.87 42.75 13.97
C TYR E 172 -17.64 42.97 13.09
N ASN E 173 -16.58 43.51 13.67
CA ASN E 173 -15.36 43.81 12.93
C ASN E 173 -14.71 42.56 12.39
N LYS E 174 -14.60 41.54 13.25
CA LYS E 174 -13.83 40.37 12.93
C LYS E 174 -14.52 39.49 11.91
N PHE E 175 -15.84 39.51 11.92
CA PHE E 175 -16.60 38.60 11.06
C PHE E 175 -17.41 39.26 9.93
N PHE E 176 -17.83 40.52 10.12
CA PHE E 176 -18.80 41.12 9.19
C PHE E 176 -18.29 42.33 8.38
N ARG E 177 -17.78 43.34 9.07
CA ARG E 177 -17.35 44.59 8.42
C ARG E 177 -16.49 44.33 7.20
N GLY E 178 -15.34 43.70 7.43
CA GLY E 178 -14.38 43.50 6.37
C GLY E 178 -14.96 42.73 5.20
N TYR E 179 -15.69 41.66 5.53
CA TYR E 179 -16.24 40.77 4.53
C TYR E 179 -17.24 41.55 3.69
N THR E 180 -18.21 42.14 4.37
CA THR E 180 -19.25 42.91 3.71
C THR E 180 -18.64 44.01 2.84
N ARG E 181 -17.71 44.79 3.40
CA ARG E 181 -17.01 45.80 2.62
C ARG E 181 -16.42 45.17 1.37
N LYS E 182 -15.91 43.95 1.54
CA LYS E 182 -15.22 43.25 0.46
C LYS E 182 -16.17 42.76 -0.63
N GLN E 183 -17.30 42.18 -0.22
CA GLN E 183 -18.26 41.61 -1.16
C GLN E 183 -19.06 42.67 -1.93
N TRP E 184 -19.52 43.71 -1.24
CA TRP E 184 -20.46 44.65 -1.82
C TRP E 184 -19.78 45.94 -2.25
N GLY E 185 -18.61 46.22 -1.69
CA GLY E 185 -17.97 47.49 -1.93
C GLY E 185 -18.63 48.57 -1.10
N LEU E 186 -19.61 48.18 -0.29
CA LEU E 186 -20.28 49.10 0.63
C LEU E 186 -20.08 48.66 2.09
N ASP E 187 -20.16 49.60 3.03
CA ASP E 187 -20.10 49.24 4.45
C ASP E 187 -21.44 48.61 4.84
N PRO E 188 -21.45 47.71 5.84
CA PRO E 188 -22.71 47.16 6.32
C PRO E 188 -23.74 48.24 6.70
N SER E 189 -23.30 49.47 6.97
CA SER E 189 -24.21 50.56 7.32
C SER E 189 -24.97 51.12 6.10
N GLU E 190 -24.32 51.05 4.94
CA GLU E 190 -24.94 51.48 3.69
C GLU E 190 -25.72 50.32 3.05
N LEU E 191 -26.19 49.38 3.87
CA LEU E 191 -26.96 48.22 3.37
C LEU E 191 -28.19 47.93 4.21
N ASP E 192 -29.25 47.50 3.55
CA ASP E 192 -30.45 47.07 4.25
C ASP E 192 -30.09 45.90 5.14
N ALA E 193 -30.66 45.86 6.33
CA ALA E 193 -30.36 44.82 7.32
C ALA E 193 -30.61 43.40 6.79
N SER E 194 -31.49 43.29 5.80
CA SER E 194 -31.89 41.99 5.26
C SER E 194 -30.70 41.19 4.73
N VAL E 195 -29.57 41.87 4.56
CA VAL E 195 -28.37 41.22 4.04
C VAL E 195 -27.66 40.38 5.11
N THR E 196 -27.22 41.01 6.20
CA THR E 196 -26.52 40.28 7.27
C THR E 196 -27.48 39.46 8.13
N ALA E 197 -28.77 39.72 7.98
CA ALA E 197 -29.79 38.98 8.71
C ALA E 197 -29.97 37.59 8.09
N ARG E 198 -29.40 37.40 6.90
CA ARG E 198 -29.43 36.10 6.24
C ARG E 198 -28.59 35.12 7.05
N VAL E 199 -27.60 35.65 7.75
CA VAL E 199 -26.74 34.87 8.61
C VAL E 199 -27.04 35.13 10.09
N PRO E 200 -27.78 34.21 10.72
CA PRO E 200 -28.19 34.26 12.13
C PRO E 200 -26.99 34.13 13.07
N THR E 201 -27.10 34.66 14.28
CA THR E 201 -26.09 34.38 15.28
C THR E 201 -26.65 33.31 16.22
N ARG E 202 -25.82 32.36 16.65
CA ARG E 202 -26.33 31.22 17.41
C ARG E 202 -25.72 31.16 18.78
N THR E 203 -26.52 30.77 19.76
CA THR E 203 -25.97 30.59 21.08
C THR E 203 -25.78 29.09 21.32
N ASN E 204 -26.06 28.29 20.29
CA ASN E 204 -25.87 26.86 20.35
C ASN E 204 -24.60 26.43 19.64
N ARG E 205 -24.46 25.13 19.38
CA ARG E 205 -23.23 24.59 18.83
C ARG E 205 -23.36 24.16 17.38
N ASP E 206 -24.51 24.45 16.78
CA ASP E 206 -24.79 24.14 15.37
C ASP E 206 -23.80 24.83 14.45
N ASN E 207 -23.14 24.04 13.62
CA ASN E 207 -22.15 24.58 12.70
C ASN E 207 -22.54 24.46 11.21
N ARG E 208 -23.77 24.02 10.92
CA ARG E 208 -24.31 24.04 9.55
C ARG E 208 -24.55 25.46 9.04
N TYR E 209 -24.17 25.75 7.81
CA TYR E 209 -24.48 27.07 7.29
C TYR E 209 -25.98 27.28 7.25
N PHE E 210 -26.71 26.25 6.83
CA PHE E 210 -28.18 26.28 6.79
C PHE E 210 -28.83 25.41 7.85
N ALA E 211 -29.94 25.89 8.40
CA ALA E 211 -30.69 25.11 9.38
C ALA E 211 -31.89 24.40 8.75
N ASP E 212 -32.05 24.55 7.43
CA ASP E 212 -33.21 23.99 6.72
C ASP E 212 -33.48 22.49 6.91
N THR E 213 -34.67 22.09 6.56
CA THR E 213 -35.17 20.75 6.82
C THR E 213 -34.71 19.78 5.76
N TYR E 214 -34.63 20.26 4.53
CA TYR E 214 -34.20 19.49 3.39
C TYR E 214 -32.90 20.07 2.87
N GLN E 215 -31.79 19.39 3.15
CA GLN E 215 -30.50 19.81 2.61
C GLN E 215 -29.91 18.60 1.91
N ALA E 216 -29.64 18.76 0.63
CA ALA E 216 -29.21 17.65 -0.20
C ALA E 216 -28.90 18.15 -1.59
N MET E 217 -27.92 17.54 -2.23
CA MET E 217 -27.49 17.95 -3.56
C MET E 217 -28.07 17.02 -4.63
N PRO E 218 -28.44 17.59 -5.79
CA PRO E 218 -28.81 16.72 -6.89
C PRO E 218 -27.72 15.70 -7.12
N LEU E 219 -28.06 14.42 -7.09
CA LEU E 219 -27.10 13.32 -7.15
C LEU E 219 -26.14 13.35 -8.33
N HIS E 220 -26.64 13.76 -9.48
CA HIS E 220 -25.76 13.85 -10.64
C HIS E 220 -25.56 15.29 -11.11
N GLY E 221 -25.73 16.23 -10.19
CA GLY E 221 -25.52 17.63 -10.52
C GLY E 221 -26.80 18.29 -10.93
N TYR E 222 -26.78 19.61 -11.03
CA TYR E 222 -27.95 20.39 -11.42
C TYR E 222 -28.29 20.24 -12.89
N THR E 223 -27.27 20.18 -13.73
CA THR E 223 -27.49 20.18 -15.17
C THR E 223 -28.33 18.99 -15.64
N ARG E 224 -28.05 17.82 -15.09
CA ARG E 224 -28.82 16.64 -15.44
C ARG E 224 -30.24 16.81 -14.96
N MET E 225 -30.39 17.44 -13.80
CA MET E 225 -31.72 17.75 -13.29
C MET E 225 -32.46 18.66 -14.27
N PHE E 226 -31.90 19.82 -14.57
CA PHE E 226 -32.47 20.72 -15.55
C PHE E 226 -32.78 19.99 -16.86
N GLN E 227 -31.87 19.09 -17.25
CA GLN E 227 -32.05 18.28 -18.45
C GLN E 227 -33.34 17.46 -18.44
N ASN E 228 -33.65 16.79 -17.33
CA ASN E 228 -34.91 16.06 -17.19
C ASN E 228 -36.07 17.03 -17.16
N MET E 229 -35.88 18.16 -16.49
CA MET E 229 -36.92 19.16 -16.34
C MET E 229 -37.42 19.71 -17.67
N LEU E 230 -36.57 19.71 -18.69
CA LEU E 230 -36.88 20.35 -19.96
C LEU E 230 -37.08 19.38 -21.12
N SER E 231 -37.28 18.11 -20.79
CA SER E 231 -37.22 17.03 -21.78
C SER E 231 -38.50 16.81 -22.62
N SER E 232 -39.65 17.26 -22.11
CA SER E 232 -40.91 17.20 -22.86
C SER E 232 -40.79 17.58 -24.34
N PRO E 233 -41.63 16.94 -25.18
CA PRO E 233 -41.81 17.22 -26.62
C PRO E 233 -42.33 18.63 -26.85
N ASN E 234 -42.98 19.19 -25.85
CA ASN E 234 -43.53 20.54 -25.97
C ASN E 234 -42.56 21.67 -25.72
N ILE E 235 -41.35 21.34 -25.29
CA ILE E 235 -40.39 22.39 -24.95
C ILE E 235 -39.30 22.44 -25.99
N LYS E 236 -39.18 23.58 -26.66
CA LYS E 236 -38.07 23.83 -27.57
C LYS E 236 -37.02 24.62 -26.80
N VAL E 237 -35.77 24.26 -26.97
CA VAL E 237 -34.70 24.91 -26.21
C VAL E 237 -33.80 25.68 -27.17
N MET E 238 -33.60 26.95 -26.88
CA MET E 238 -32.83 27.81 -27.75
C MET E 238 -31.66 28.46 -27.01
N LEU E 239 -30.46 28.20 -27.51
CA LEU E 239 -29.25 28.52 -26.78
C LEU E 239 -28.31 29.44 -27.55
N ASN E 240 -27.59 30.26 -26.80
CA ASN E 240 -26.68 31.25 -27.38
C ASN E 240 -27.52 32.26 -28.15
N THR E 241 -28.53 32.77 -27.49
CA THR E 241 -29.59 33.49 -28.16
C THR E 241 -30.22 34.53 -27.24
N ASP E 242 -30.07 35.80 -27.59
CA ASP E 242 -30.80 36.82 -26.86
C ASP E 242 -32.25 36.73 -27.31
N TYR E 243 -33.17 37.09 -26.43
CA TYR E 243 -34.58 37.01 -26.83
C TYR E 243 -34.86 38.05 -27.93
N ARG E 244 -34.08 39.12 -27.92
CA ARG E 244 -34.26 40.19 -28.90
C ARG E 244 -33.95 39.71 -30.31
N GLU E 245 -32.96 38.82 -30.42
CA GLU E 245 -32.52 38.32 -31.72
C GLU E 245 -33.61 37.52 -32.43
N ILE E 246 -34.67 37.16 -31.73
CA ILE E 246 -35.73 36.36 -32.34
C ILE E 246 -37.16 36.82 -32.03
N ALA E 247 -37.32 37.92 -31.29
CA ALA E 247 -38.65 38.38 -30.87
C ALA E 247 -39.50 38.86 -32.03
N ASP E 248 -38.86 39.53 -32.99
CA ASP E 248 -39.52 39.96 -34.20
C ASP E 248 -40.33 38.88 -34.91
N PHE E 249 -39.66 37.80 -35.33
CA PHE E 249 -40.24 36.81 -36.26
C PHE E 249 -40.82 35.49 -35.71
N ILE E 250 -40.58 35.18 -34.44
CA ILE E 250 -41.20 34.00 -33.84
C ILE E 250 -42.48 34.38 -33.14
N PRO E 251 -43.58 33.68 -33.48
CA PRO E 251 -44.87 33.94 -32.84
C PRO E 251 -44.97 33.38 -31.44
N PHE E 252 -45.35 34.21 -30.48
CA PHE E 252 -45.65 33.72 -29.14
C PHE E 252 -46.79 34.51 -28.49
N GLN E 253 -47.70 33.80 -27.81
CA GLN E 253 -48.87 34.43 -27.20
C GLN E 253 -48.59 35.08 -25.86
N HIS E 254 -47.50 34.68 -25.20
CA HIS E 254 -47.22 35.15 -23.85
C HIS E 254 -45.75 34.97 -23.48
N MET E 255 -45.11 36.03 -23.02
CA MET E 255 -43.71 35.95 -22.62
C MET E 255 -43.55 35.72 -21.10
N ILE E 256 -42.57 34.91 -20.72
CA ILE E 256 -42.15 34.77 -19.33
C ILE E 256 -40.70 35.21 -19.24
N TYR E 257 -40.43 36.32 -18.56
CA TYR E 257 -39.10 36.92 -18.56
C TYR E 257 -38.36 36.72 -17.23
N THR E 258 -37.16 36.14 -17.30
CA THR E 258 -36.44 35.86 -16.07
C THR E 258 -35.09 36.55 -16.01
N GLY E 259 -34.81 37.39 -17.00
CA GLY E 259 -33.62 38.24 -16.95
C GLY E 259 -33.79 39.43 -16.01
N PRO E 260 -32.85 40.40 -16.08
CA PRO E 260 -32.92 41.64 -15.30
C PRO E 260 -33.97 42.61 -15.88
N VAL E 261 -34.70 43.35 -15.04
CA VAL E 261 -35.78 44.24 -15.51
C VAL E 261 -35.30 45.57 -16.07
N ASP E 262 -34.34 46.20 -15.40
CA ASP E 262 -33.76 47.42 -15.93
C ASP E 262 -33.39 47.24 -17.41
N ALA E 263 -33.12 46.02 -17.82
CA ALA E 263 -32.73 45.75 -19.20
C ALA E 263 -33.94 45.57 -20.09
N PHE E 264 -35.01 45.04 -19.52
CA PHE E 264 -36.23 44.80 -20.28
C PHE E 264 -36.77 46.10 -20.87
N PHE E 265 -36.76 47.16 -20.07
CA PHE E 265 -37.21 48.49 -20.50
C PHE E 265 -35.99 49.39 -20.78
N ASP E 266 -35.03 48.84 -21.51
CA ASP E 266 -33.88 49.60 -22.02
C ASP E 266 -33.34 50.66 -21.06
N PHE E 267 -33.37 50.36 -19.76
CA PHE E 267 -32.76 51.23 -18.77
C PHE E 267 -33.38 52.63 -18.80
N CYS E 268 -34.70 52.66 -18.92
CA CYS E 268 -35.46 53.90 -19.02
C CYS E 268 -35.40 54.73 -17.73
N TYR E 269 -35.08 54.08 -16.61
CA TYR E 269 -34.97 54.75 -15.33
C TYR E 269 -33.53 54.72 -14.81
N GLY E 270 -32.59 54.35 -15.68
CA GLY E 270 -31.22 54.11 -15.25
C GLY E 270 -30.98 52.69 -14.73
N LYS E 271 -29.71 52.37 -14.50
CA LYS E 271 -29.31 51.00 -14.13
C LYS E 271 -29.69 50.66 -12.69
N LEU E 272 -30.30 49.49 -12.52
CA LEU E 272 -30.46 48.91 -11.20
C LEU E 272 -29.09 48.42 -10.73
N PRO E 273 -28.66 48.86 -9.55
CA PRO E 273 -27.34 48.36 -9.14
C PRO E 273 -27.36 46.86 -8.91
N TYR E 274 -26.52 46.14 -9.66
CA TYR E 274 -26.25 44.72 -9.41
C TYR E 274 -24.76 44.54 -9.11
N ARG E 275 -24.46 43.71 -8.12
CA ARG E 275 -23.08 43.42 -7.79
C ARG E 275 -22.68 42.06 -8.39
N SER E 276 -21.46 41.98 -8.92
CA SER E 276 -21.07 40.82 -9.69
C SER E 276 -19.87 40.07 -9.10
N LEU E 277 -19.45 39.01 -9.80
CA LEU E 277 -18.30 38.21 -9.40
C LEU E 277 -17.40 37.83 -10.58
N GLU E 278 -16.12 37.64 -10.29
CA GLU E 278 -15.23 36.94 -11.19
C GLU E 278 -14.79 35.66 -10.47
N PHE E 279 -14.76 34.54 -11.18
CA PHE E 279 -14.37 33.28 -10.54
C PHE E 279 -12.99 32.84 -11.00
N ARG E 280 -12.21 32.28 -10.07
CA ARG E 280 -10.94 31.70 -10.45
C ARG E 280 -10.88 30.21 -10.09
N HIS E 281 -10.98 29.35 -11.10
CA HIS E 281 -11.01 27.91 -10.86
C HIS E 281 -9.61 27.32 -10.89
N GLU E 282 -9.37 26.35 -10.02
CA GLU E 282 -8.07 25.68 -9.97
C GLU E 282 -8.22 24.20 -9.71
N THR E 283 -7.22 23.44 -10.14
CA THR E 283 -7.22 22.02 -9.89
C THR E 283 -5.90 21.61 -9.23
N HIS E 284 -5.98 20.83 -8.16
CA HIS E 284 -4.79 20.45 -7.42
C HIS E 284 -4.61 18.95 -7.38
N ASP E 285 -3.37 18.49 -7.49
CA ASP E 285 -3.06 17.06 -7.38
C ASP E 285 -2.91 16.66 -5.91
N THR E 286 -4.06 16.54 -5.26
CA THR E 286 -4.18 16.07 -3.89
C THR E 286 -5.66 15.70 -3.77
N GLU E 287 -6.03 14.86 -2.82
CA GLU E 287 -7.44 14.51 -2.74
C GLU E 287 -8.30 15.63 -2.16
N GLN E 288 -7.81 16.23 -1.07
CA GLN E 288 -8.56 17.28 -0.38
C GLN E 288 -7.66 18.48 -0.13
N LEU E 289 -8.23 19.66 -0.23
CA LEU E 289 -7.51 20.91 -0.05
C LEU E 289 -8.02 21.68 1.16
N LEU E 290 -9.31 21.59 1.45
CA LEU E 290 -9.94 22.30 2.58
C LEU E 290 -10.61 21.35 3.60
N PRO E 291 -10.76 21.82 4.83
CA PRO E 291 -11.41 21.08 5.92
C PRO E 291 -12.90 20.91 5.73
N THR E 292 -13.55 21.90 5.12
CA THR E 292 -14.95 21.81 4.74
C THR E 292 -15.10 22.42 3.35
N GLY E 293 -16.35 22.56 2.91
CA GLY E 293 -16.63 22.87 1.53
C GLY E 293 -16.23 24.28 1.15
N THR E 294 -16.43 25.21 2.08
CA THR E 294 -16.07 26.61 1.84
C THR E 294 -15.31 27.26 2.99
N VAL E 295 -14.30 28.05 2.63
CA VAL E 295 -13.64 28.91 3.60
C VAL E 295 -13.81 30.39 3.26
N ASN E 296 -14.59 31.09 4.10
CA ASN E 296 -14.75 32.55 4.01
C ASN E 296 -13.54 33.31 4.52
N TYR E 297 -13.19 34.39 3.82
CA TYR E 297 -12.06 35.23 4.21
C TYR E 297 -12.47 36.66 4.55
N PRO E 298 -12.91 36.90 5.79
CA PRO E 298 -13.43 38.22 6.13
C PRO E 298 -12.38 39.33 6.11
N ASN E 299 -11.11 39.01 6.37
CA ASN E 299 -10.11 40.05 6.61
C ASN E 299 -8.81 39.88 5.82
N ASP E 300 -8.78 38.97 4.86
CA ASP E 300 -7.54 38.66 4.16
C ASP E 300 -7.83 38.47 2.68
N TYR E 301 -6.85 38.76 1.84
CA TYR E 301 -6.91 38.47 0.40
C TYR E 301 -7.95 39.30 -0.37
N ALA E 302 -7.87 39.24 -1.70
CA ALA E 302 -8.87 39.90 -2.52
C ALA E 302 -10.11 39.04 -2.69
N TYR E 303 -9.95 37.72 -2.62
CA TYR E 303 -11.11 36.83 -2.73
C TYR E 303 -11.93 36.84 -1.45
N THR E 304 -13.25 36.68 -1.57
CA THR E 304 -14.06 36.54 -0.37
C THR E 304 -14.05 35.12 0.15
N ARG E 305 -13.85 34.16 -0.75
CA ARG E 305 -13.89 32.77 -0.35
C ARG E 305 -13.39 31.77 -1.38
N VAL E 306 -13.06 30.57 -0.87
CA VAL E 306 -12.62 29.42 -1.65
C VAL E 306 -13.55 28.27 -1.31
N SER E 307 -13.90 27.49 -2.32
CA SER E 307 -14.77 26.32 -2.16
C SER E 307 -14.16 25.11 -2.83
N GLU E 308 -14.51 23.93 -2.36
CA GLU E 308 -13.95 22.69 -2.91
C GLU E 308 -15.10 21.76 -3.27
N PHE E 309 -15.31 21.59 -4.56
CA PHE E 309 -16.53 20.95 -5.05
C PHE E 309 -16.81 19.54 -4.55
N LYS E 310 -15.79 18.70 -4.56
CA LYS E 310 -15.92 17.35 -3.99
C LYS E 310 -16.66 17.31 -2.64
N HIS E 311 -16.40 18.26 -1.75
CA HIS E 311 -17.15 18.32 -0.49
C HIS E 311 -18.66 18.43 -0.72
N ILE E 312 -19.04 19.08 -1.81
CA ILE E 312 -20.43 19.40 -2.06
C ILE E 312 -21.12 18.31 -2.86
N THR E 313 -20.38 17.69 -3.77
CA THR E 313 -20.93 16.70 -4.68
C THR E 313 -20.73 15.26 -4.21
N GLY E 314 -19.68 15.02 -3.46
CA GLY E 314 -19.39 13.68 -2.98
C GLY E 314 -18.58 12.88 -3.98
N GLN E 315 -18.16 13.53 -5.05
CA GLN E 315 -17.39 12.83 -6.06
C GLN E 315 -16.06 12.40 -5.49
N ARG E 316 -15.67 11.17 -5.82
CA ARG E 316 -14.37 10.66 -5.46
C ARG E 316 -13.49 10.86 -6.68
N HIS E 317 -12.24 11.23 -6.49
CA HIS E 317 -11.38 11.65 -7.59
C HIS E 317 -9.97 11.78 -7.04
N HIS E 318 -8.97 11.46 -7.84
CA HIS E 318 -7.59 11.51 -7.35
C HIS E 318 -7.13 12.96 -7.18
N GLN E 319 -7.88 13.89 -7.75
CA GLN E 319 -7.56 15.30 -7.66
C GLN E 319 -8.74 16.10 -7.13
N THR E 320 -8.53 17.38 -6.90
CA THR E 320 -9.60 18.22 -6.39
C THR E 320 -9.62 19.54 -7.14
N SER E 321 -10.81 20.06 -7.39
CA SER E 321 -10.95 21.36 -8.04
C SER E 321 -11.60 22.32 -7.07
N VAL E 322 -11.13 23.57 -7.08
CA VAL E 322 -11.64 24.59 -6.16
C VAL E 322 -11.97 25.89 -6.89
N VAL E 323 -12.77 26.74 -6.27
CA VAL E 323 -13.06 28.04 -6.88
C VAL E 323 -12.81 29.18 -5.90
N TYR E 324 -12.09 30.20 -6.37
CA TYR E 324 -11.94 31.46 -5.61
C TYR E 324 -12.89 32.49 -6.21
N GLU E 325 -13.69 33.09 -5.33
CA GLU E 325 -14.66 34.10 -5.72
C GLU E 325 -14.18 35.53 -5.40
N TYR E 326 -14.07 36.34 -6.47
CA TYR E 326 -13.68 37.76 -6.37
C TYR E 326 -14.85 38.68 -6.67
N PRO E 327 -15.26 39.49 -5.68
CA PRO E 327 -16.35 40.46 -5.90
C PRO E 327 -15.97 41.44 -6.99
N ARG E 328 -16.86 41.67 -7.96
CA ARG E 328 -16.61 42.63 -9.04
C ARG E 328 -17.70 43.70 -9.18
N ALA E 329 -17.30 44.85 -9.71
CA ALA E 329 -18.18 45.99 -9.90
C ALA E 329 -19.15 45.77 -11.08
N GLU E 330 -18.61 45.41 -12.24
CA GLU E 330 -19.43 45.01 -13.39
C GLU E 330 -19.24 43.54 -13.75
N GLY E 331 -20.07 43.06 -14.68
CA GLY E 331 -20.10 41.68 -15.07
C GLY E 331 -21.54 41.24 -14.95
N ASP E 332 -21.84 40.00 -15.35
CA ASP E 332 -23.20 39.46 -15.23
C ASP E 332 -23.75 39.73 -13.84
N PRO E 333 -25.05 40.05 -13.74
CA PRO E 333 -25.64 40.41 -12.45
C PRO E 333 -25.82 39.18 -11.56
N TYR E 334 -25.39 39.29 -10.31
CA TYR E 334 -25.49 38.15 -9.42
C TYR E 334 -26.24 38.54 -8.16
N TYR E 335 -25.93 39.70 -7.63
CA TYR E 335 -26.54 40.16 -6.40
C TYR E 335 -27.28 41.47 -6.56
N PRO E 336 -28.59 41.48 -6.28
CA PRO E 336 -29.22 42.77 -6.10
C PRO E 336 -28.50 43.46 -4.95
N VAL E 337 -28.59 44.77 -4.86
CA VAL E 337 -27.93 45.48 -3.79
C VAL E 337 -28.96 46.07 -2.82
N PRO E 338 -29.54 45.22 -1.96
CA PRO E 338 -30.60 45.62 -1.02
C PRO E 338 -30.21 46.86 -0.22
N ARG E 339 -30.81 48.00 -0.57
CA ARG E 339 -30.64 49.28 0.12
C ARG E 339 -31.74 50.24 -0.34
N PRO E 340 -32.15 51.18 0.53
CA PRO E 340 -33.32 52.03 0.28
C PRO E 340 -33.37 52.73 -1.09
N GLU E 341 -32.24 53.28 -1.55
CA GLU E 341 -32.25 54.00 -2.82
C GLU E 341 -32.57 53.05 -3.98
N ASN E 342 -32.12 51.81 -3.86
CA ASN E 342 -32.38 50.80 -4.87
C ASN E 342 -33.76 50.16 -4.68
N ALA E 343 -34.21 50.08 -3.43
CA ALA E 343 -35.54 49.53 -3.13
C ALA E 343 -36.61 50.32 -3.86
N GLU E 344 -36.31 51.59 -4.13
CA GLU E 344 -37.22 52.54 -4.78
C GLU E 344 -37.07 52.51 -6.30
N LEU E 345 -35.85 52.72 -6.75
CA LEU E 345 -35.48 52.58 -8.17
C LEU E 345 -36.20 51.39 -8.80
N TYR E 346 -36.26 50.27 -8.07
CA TYR E 346 -36.89 49.06 -8.59
C TYR E 346 -38.42 49.12 -8.59
N LYS E 347 -39.01 49.78 -7.60
CA LYS E 347 -40.47 49.89 -7.55
C LYS E 347 -41.00 50.63 -8.78
N LYS E 348 -40.19 51.51 -9.34
CA LYS E 348 -40.53 52.16 -10.60
C LYS E 348 -40.54 51.16 -11.76
N TYR E 349 -39.53 50.32 -11.85
CA TYR E 349 -39.47 49.28 -12.87
C TYR E 349 -40.60 48.29 -12.66
N GLU E 350 -40.88 48.00 -11.40
CA GLU E 350 -41.95 47.06 -11.07
C GLU E 350 -43.29 47.62 -11.50
N ALA E 351 -43.36 48.94 -11.66
CA ALA E 351 -44.54 49.59 -12.18
C ALA E 351 -44.73 49.23 -13.66
N LEU E 352 -43.72 49.48 -14.47
CA LEU E 352 -43.80 49.16 -15.89
C LEU E 352 -44.03 47.67 -16.09
N ALA E 353 -43.50 46.87 -15.18
CA ALA E 353 -43.60 45.41 -15.26
C ALA E 353 -45.01 44.90 -15.05
N ASP E 354 -45.64 45.34 -13.96
CA ASP E 354 -47.03 44.99 -13.72
C ASP E 354 -47.88 45.56 -14.85
N ALA E 355 -47.45 46.71 -15.37
CA ALA E 355 -48.15 47.40 -16.45
C ALA E 355 -48.23 46.55 -17.72
N ALA E 356 -47.15 46.55 -18.50
CA ALA E 356 -47.09 45.75 -19.73
C ALA E 356 -47.60 44.34 -19.49
N GLN E 357 -48.43 43.85 -20.40
CA GLN E 357 -49.05 42.54 -20.22
C GLN E 357 -48.62 41.58 -21.30
N ASP E 358 -49.19 40.39 -21.26
CA ASP E 358 -48.70 39.28 -22.07
C ASP E 358 -47.22 39.08 -21.77
N VAL E 359 -46.83 39.47 -20.56
CA VAL E 359 -45.46 39.28 -20.09
C VAL E 359 -45.44 39.13 -18.57
N THR E 360 -45.23 37.90 -18.11
CA THR E 360 -45.06 37.60 -16.69
C THR E 360 -43.61 37.72 -16.23
N PHE E 361 -43.39 38.27 -15.05
CA PHE E 361 -42.03 38.43 -14.53
C PHE E 361 -41.72 37.51 -13.32
N VAL E 362 -40.57 36.85 -13.36
CA VAL E 362 -40.21 35.92 -12.30
C VAL E 362 -38.70 35.66 -12.29
N GLY E 363 -38.13 35.48 -11.10
CA GLY E 363 -36.73 35.13 -10.97
C GLY E 363 -35.89 36.11 -10.17
N ARG E 364 -34.62 35.76 -9.95
CA ARG E 364 -33.73 36.55 -9.10
C ARG E 364 -33.42 37.91 -9.71
N LEU E 365 -33.57 38.01 -11.01
CA LEU E 365 -33.18 39.23 -11.70
C LEU E 365 -34.38 40.02 -12.25
N ALA E 366 -35.46 39.31 -12.56
CA ALA E 366 -36.66 39.94 -13.09
C ALA E 366 -37.51 40.58 -11.99
N THR E 367 -37.37 40.10 -10.76
CA THR E 367 -38.08 40.70 -9.62
C THR E 367 -37.14 41.34 -8.61
N TYR E 368 -35.84 41.29 -8.91
CA TYR E 368 -34.82 42.02 -8.14
C TYR E 368 -34.78 41.59 -6.67
N ARG E 369 -34.91 40.29 -6.43
CA ARG E 369 -34.86 39.77 -5.07
C ARG E 369 -33.67 38.84 -4.84
N TYR E 370 -33.19 38.81 -3.60
CA TYR E 370 -32.07 37.99 -3.19
C TYR E 370 -32.57 36.58 -2.84
N TYR E 371 -33.09 35.86 -3.83
CA TYR E 371 -33.69 34.55 -3.58
C TYR E 371 -32.72 33.39 -3.73
N ASN E 372 -32.89 32.41 -2.84
CA ASN E 372 -32.20 31.14 -2.93
C ASN E 372 -32.86 30.29 -4.03
N MET E 373 -32.15 29.30 -4.54
CA MET E 373 -32.70 28.37 -5.53
C MET E 373 -34.12 27.89 -5.21
N ASP E 374 -34.33 27.45 -3.97
CA ASP E 374 -35.63 26.89 -3.58
C ASP E 374 -36.76 27.92 -3.66
N GLN E 375 -36.45 29.16 -3.32
CA GLN E 375 -37.43 30.24 -3.36
C GLN E 375 -37.85 30.59 -4.79
N VAL E 376 -36.90 30.59 -5.72
CA VAL E 376 -37.25 30.74 -7.12
C VAL E 376 -38.17 29.59 -7.59
N VAL E 377 -37.86 28.35 -7.20
CA VAL E 377 -38.71 27.21 -7.57
C VAL E 377 -40.13 27.37 -6.99
N ALA E 378 -40.23 27.95 -5.81
CA ALA E 378 -41.53 28.23 -5.19
C ALA E 378 -42.22 29.39 -5.89
N GLN E 379 -41.44 30.42 -6.23
CA GLN E 379 -41.97 31.61 -6.88
C GLN E 379 -42.53 31.21 -8.24
N ALA E 380 -41.78 30.38 -8.95
CA ALA E 380 -42.23 29.90 -10.24
C ALA E 380 -43.48 29.04 -10.08
N LEU E 381 -43.43 28.06 -9.19
CA LEU E 381 -44.58 27.19 -8.99
C LEU E 381 -45.82 28.02 -8.70
N ALA E 382 -45.64 29.10 -7.95
CA ALA E 382 -46.76 29.96 -7.61
C ALA E 382 -47.29 30.66 -8.85
N THR E 383 -46.38 31.20 -9.66
CA THR E 383 -46.72 31.90 -10.89
C THR E 383 -47.41 31.00 -11.90
N PHE E 384 -47.06 29.72 -11.89
CA PHE E 384 -47.73 28.77 -12.76
C PHE E 384 -49.16 28.58 -12.30
N ARG E 385 -49.36 28.55 -10.99
CA ARG E 385 -50.70 28.49 -10.41
C ARG E 385 -51.53 29.74 -10.78
N ARG E 386 -50.89 30.91 -10.79
CA ARG E 386 -51.54 32.15 -11.24
C ARG E 386 -51.98 32.05 -12.70
N LEU E 387 -51.13 31.47 -13.54
CA LEU E 387 -51.43 31.33 -14.96
C LEU E 387 -52.49 30.27 -15.22
N GLN E 388 -53.14 29.80 -14.17
CA GLN E 388 -54.22 28.83 -14.31
C GLN E 388 -55.56 29.47 -13.90
N GLY E 389 -55.49 30.66 -13.33
CA GLY E 389 -56.67 31.34 -12.83
C GLY E 389 -56.45 32.04 -11.49
N LYS F 28 13.23 -52.21 41.68
CA LYS F 28 13.26 -51.03 42.53
C LYS F 28 12.22 -49.96 42.11
N GLY F 29 12.32 -49.45 40.89
CA GLY F 29 11.33 -48.48 40.43
C GLY F 29 11.65 -47.02 40.72
N PHE F 30 10.73 -46.32 41.38
CA PHE F 30 10.89 -44.88 41.53
C PHE F 30 10.99 -44.42 42.97
N ASP F 31 11.76 -43.35 43.17
CA ASP F 31 11.80 -42.67 44.45
C ASP F 31 10.51 -41.90 44.71
N TYR F 32 10.00 -41.21 43.68
CA TYR F 32 8.78 -40.43 43.82
C TYR F 32 7.80 -40.68 42.67
N LEU F 33 6.53 -40.88 43.03
CA LEU F 33 5.45 -40.82 42.05
C LEU F 33 4.77 -39.48 42.25
N ILE F 34 4.94 -38.57 41.30
CA ILE F 34 4.33 -37.25 41.36
C ILE F 34 3.05 -37.26 40.53
N VAL F 35 1.94 -36.89 41.16
CA VAL F 35 0.64 -36.94 40.50
C VAL F 35 0.18 -35.57 40.05
N GLY F 36 0.08 -35.38 38.74
CA GLY F 36 -0.22 -34.09 38.14
C GLY F 36 1.03 -33.39 37.60
N ALA F 37 0.94 -32.82 36.41
CA ALA F 37 2.09 -32.10 35.85
C ALA F 37 1.87 -30.61 35.64
N GLY F 38 1.07 -29.95 36.47
CA GLY F 38 1.04 -28.49 36.49
C GLY F 38 2.29 -27.93 37.17
N PHE F 39 2.21 -26.72 37.72
CA PHE F 39 3.37 -26.10 38.40
C PHE F 39 3.79 -26.87 39.65
N ALA F 40 2.81 -27.26 40.47
CA ALA F 40 3.08 -27.93 41.74
C ALA F 40 3.93 -29.16 41.52
N GLY F 41 3.49 -30.02 40.61
CA GLY F 41 4.18 -31.26 40.35
C GLY F 41 5.46 -31.06 39.60
N SER F 42 5.43 -30.21 38.57
CA SER F 42 6.61 -30.06 37.73
C SER F 42 7.75 -29.43 38.50
N VAL F 43 7.45 -28.44 39.34
CA VAL F 43 8.51 -27.85 40.15
C VAL F 43 9.10 -28.92 41.07
N LEU F 44 8.26 -29.69 41.73
CA LEU F 44 8.76 -30.75 42.59
C LEU F 44 9.58 -31.82 41.85
N ALA F 45 9.16 -32.18 40.65
CA ALA F 45 9.92 -33.12 39.82
C ALA F 45 11.29 -32.53 39.49
N GLU F 46 11.31 -31.30 39.00
CA GLU F 46 12.57 -30.67 38.63
C GLU F 46 13.52 -30.60 39.82
N ARG F 47 13.01 -30.15 40.96
CA ARG F 47 13.82 -30.04 42.17
C ARG F 47 14.32 -31.41 42.62
N LEU F 48 13.38 -32.35 42.76
CA LEU F 48 13.72 -33.71 43.13
C LEU F 48 14.73 -34.36 42.18
N ALA F 49 14.58 -34.12 40.89
CA ALA F 49 15.39 -34.83 39.91
C ALA F 49 16.82 -34.33 39.88
N SER F 50 17.00 -33.09 40.34
CA SER F 50 18.29 -32.45 40.29
C SER F 50 19.05 -32.90 41.51
N SER F 51 18.29 -33.35 42.50
CA SER F 51 18.85 -33.85 43.73
C SER F 51 19.07 -35.35 43.60
N GLY F 52 18.98 -35.88 42.37
CA GLY F 52 19.34 -37.26 42.14
C GLY F 52 18.22 -38.28 42.17
N GLN F 53 17.08 -37.92 42.74
CA GLN F 53 15.96 -38.84 42.84
C GLN F 53 15.46 -39.30 41.47
N ARG F 54 14.93 -40.52 41.47
CA ARG F 54 14.24 -41.07 40.32
C ARG F 54 12.76 -40.72 40.43
N VAL F 55 12.28 -39.89 39.50
CA VAL F 55 10.94 -39.33 39.55
C VAL F 55 10.08 -39.89 38.44
N LEU F 56 8.85 -40.27 38.77
CA LEU F 56 7.89 -40.57 37.73
C LEU F 56 6.74 -39.60 37.86
N ILE F 57 6.62 -38.64 36.94
CA ILE F 57 5.47 -37.72 36.97
C ILE F 57 4.42 -38.19 35.99
N VAL F 58 3.18 -37.93 36.36
CA VAL F 58 2.04 -38.59 35.74
C VAL F 58 0.89 -37.58 35.65
N ASP F 59 0.08 -37.66 34.58
CA ASP F 59 -1.08 -36.78 34.47
C ASP F 59 -2.18 -37.45 33.66
N ARG F 60 -3.42 -37.28 34.08
CA ARG F 60 -4.54 -37.88 33.39
C ARG F 60 -4.88 -37.09 32.11
N ARG F 61 -4.29 -35.92 31.99
CA ARG F 61 -4.41 -35.15 30.76
C ARG F 61 -3.40 -35.65 29.78
N PRO F 62 -3.64 -35.43 28.48
CA PRO F 62 -2.70 -35.83 27.43
C PRO F 62 -1.53 -34.85 27.23
N HIS F 63 -1.22 -34.04 28.25
CA HIS F 63 -0.14 -33.05 28.13
C HIS F 63 0.36 -32.59 29.50
N ILE F 64 1.57 -32.05 29.52
CA ILE F 64 2.14 -31.50 30.74
C ILE F 64 1.58 -30.09 30.94
N GLY F 65 1.97 -29.42 32.02
CA GLY F 65 1.65 -28.02 32.23
C GLY F 65 0.41 -27.70 33.01
N GLY F 66 -0.43 -28.68 33.25
CA GLY F 66 -1.66 -28.45 34.00
C GLY F 66 -2.55 -27.42 33.33
N ASN F 67 -3.18 -26.58 34.14
CA ASN F 67 -4.00 -25.46 33.69
C ASN F 67 -3.25 -24.48 32.82
N ALA F 68 -1.93 -24.46 32.94
CA ALA F 68 -1.11 -23.41 32.36
C ALA F 68 -0.60 -23.84 30.99
N TYR F 69 -0.89 -25.07 30.62
CA TYR F 69 -0.51 -25.58 29.30
C TYR F 69 -1.00 -24.65 28.19
N ASP F 70 -0.17 -24.44 27.18
CA ASP F 70 -0.60 -23.68 26.01
C ASP F 70 -0.22 -24.34 24.71
N CYS F 71 -0.81 -23.88 23.62
CA CYS F 71 -0.53 -24.51 22.33
C CYS F 71 -0.98 -23.64 21.17
N TYR F 72 -0.53 -24.03 19.99
CA TYR F 72 -1.00 -23.40 18.76
C TYR F 72 -2.36 -23.98 18.37
N ASP F 73 -3.33 -23.11 18.13
CA ASP F 73 -4.66 -23.56 17.69
C ASP F 73 -4.70 -23.90 16.18
N ASP F 74 -5.90 -24.08 15.62
CA ASP F 74 -5.96 -24.42 14.21
C ASP F 74 -5.45 -23.30 13.33
N ALA F 75 -5.63 -22.06 13.77
CA ALA F 75 -5.24 -20.91 12.98
C ALA F 75 -3.76 -20.58 13.12
N GLY F 76 -3.06 -21.30 13.99
CA GLY F 76 -1.65 -21.08 14.23
C GLY F 76 -1.37 -19.97 15.23
N VAL F 77 -2.39 -19.60 15.99
CA VAL F 77 -2.26 -18.59 17.06
C VAL F 77 -1.99 -19.25 18.38
N LEU F 78 -1.04 -18.69 19.14
CA LEU F 78 -0.70 -19.22 20.46
C LEU F 78 -1.81 -18.92 21.47
N ILE F 79 -2.47 -19.96 21.97
CA ILE F 79 -3.57 -19.79 22.92
C ILE F 79 -3.37 -20.55 24.23
N HIS F 80 -4.25 -20.27 25.19
CA HIS F 80 -4.29 -20.98 26.47
C HIS F 80 -5.62 -21.71 26.62
N PRO F 81 -5.65 -23.00 26.27
CA PRO F 81 -6.90 -23.76 26.24
C PRO F 81 -7.77 -23.64 27.50
N TYR F 82 -7.18 -23.31 28.63
CA TYR F 82 -7.94 -23.24 29.87
C TYR F 82 -8.01 -21.84 30.43
N GLY F 83 -8.21 -20.85 29.56
CA GLY F 83 -8.41 -19.48 29.99
C GLY F 83 -7.07 -18.80 30.05
N PRO F 84 -7.07 -17.47 29.98
CA PRO F 84 -5.78 -16.77 29.94
C PRO F 84 -5.00 -16.93 31.25
N HIS F 85 -3.70 -17.12 31.13
CA HIS F 85 -2.83 -17.23 32.30
C HIS F 85 -1.76 -16.17 32.22
N ILE F 86 -1.90 -15.13 33.03
CA ILE F 86 -0.92 -14.05 33.00
C ILE F 86 0.08 -14.19 34.16
N PHE F 87 1.34 -14.45 33.85
CA PHE F 87 2.34 -14.60 34.92
C PHE F 87 2.79 -13.29 35.56
N HIS F 88 2.90 -13.30 36.88
CA HIS F 88 3.28 -12.13 37.64
C HIS F 88 3.71 -12.54 39.03
N THR F 89 4.69 -11.83 39.58
CA THR F 89 5.16 -12.14 40.90
C THR F 89 6.00 -11.03 41.49
N ASN F 90 5.96 -10.94 42.82
CA ASN F 90 6.72 -9.98 43.60
C ASN F 90 7.93 -10.64 44.23
N SER F 91 8.04 -11.94 44.00
CA SER F 91 9.15 -12.73 44.49
C SER F 91 10.26 -12.87 43.45
N LYS F 92 11.40 -12.26 43.73
CA LYS F 92 12.58 -12.42 42.90
C LYS F 92 13.08 -13.86 42.93
N ASP F 93 12.89 -14.52 44.08
CA ASP F 93 13.40 -15.88 44.26
C ASP F 93 12.72 -16.77 43.25
N VAL F 94 11.41 -16.60 43.15
CA VAL F 94 10.60 -17.35 42.22
C VAL F 94 10.89 -16.93 40.79
N PHE F 95 11.06 -15.63 40.57
CA PHE F 95 11.25 -15.16 39.19
C PHE F 95 12.55 -15.73 38.63
N GLU F 96 13.60 -15.66 39.42
CA GLU F 96 14.90 -16.16 38.99
C GLU F 96 14.93 -17.65 38.83
N TYR F 97 14.10 -18.34 39.61
CA TYR F 97 13.95 -19.78 39.48
C TYR F 97 13.38 -20.18 38.11
N LEU F 98 12.18 -19.67 37.83
CA LEU F 98 11.52 -19.91 36.56
C LEU F 98 12.40 -19.47 35.39
N SER F 99 13.18 -18.41 35.59
CA SER F 99 14.09 -17.95 34.56
C SER F 99 15.13 -19.00 34.13
N ARG F 100 15.30 -20.05 34.94
CA ARG F 100 16.16 -21.15 34.52
C ARG F 100 15.59 -21.92 33.33
N PHE F 101 14.30 -21.75 33.06
CA PHE F 101 13.63 -22.60 32.09
C PHE F 101 12.96 -21.85 30.96
N THR F 102 13.02 -20.54 31.00
CA THR F 102 12.38 -19.77 29.96
C THR F 102 12.98 -18.37 29.89
N GLU F 103 12.94 -17.77 28.70
CA GLU F 103 13.21 -16.34 28.60
C GLU F 103 11.87 -15.67 28.72
N TRP F 104 11.87 -14.34 28.78
CA TRP F 104 10.63 -13.62 29.06
C TRP F 104 10.23 -12.62 27.98
N ARG F 105 8.95 -12.28 27.97
CA ARG F 105 8.46 -11.16 27.19
C ARG F 105 7.78 -10.26 28.16
N PRO F 106 8.34 -9.06 28.40
CA PRO F 106 7.74 -8.13 29.36
C PRO F 106 6.28 -7.91 29.03
N TYR F 107 5.39 -7.93 30.03
CA TYR F 107 3.95 -7.72 29.79
C TYR F 107 3.19 -7.38 31.03
N GLN F 108 2.42 -6.30 30.94
CA GLN F 108 1.60 -5.83 32.03
C GLN F 108 0.13 -5.81 31.60
N HIS F 109 -0.59 -6.83 32.05
CA HIS F 109 -1.96 -7.11 31.70
C HIS F 109 -2.84 -5.98 32.14
N ARG F 110 -3.68 -5.50 31.24
CA ARG F 110 -4.69 -4.49 31.57
C ARG F 110 -6.09 -5.05 31.25
N VAL F 111 -7.05 -4.78 32.13
CA VAL F 111 -8.41 -5.30 31.98
C VAL F 111 -9.40 -4.14 32.00
N LEU F 112 -10.33 -4.14 31.06
CA LEU F 112 -11.37 -3.15 31.04
C LEU F 112 -12.66 -3.82 31.43
N ALA F 113 -13.46 -3.18 32.26
CA ALA F 113 -14.75 -3.74 32.59
C ALA F 113 -15.84 -3.00 31.80
N SER F 114 -16.72 -3.75 31.16
CA SER F 114 -17.85 -3.16 30.44
C SER F 114 -18.97 -2.82 31.42
N VAL F 115 -19.05 -1.55 31.80
CA VAL F 115 -20.02 -1.06 32.76
C VAL F 115 -20.66 0.16 32.17
N ASP F 116 -21.99 0.21 32.20
CA ASP F 116 -22.73 1.37 31.69
C ASP F 116 -22.33 1.74 30.28
N GLY F 117 -22.23 0.74 29.42
CA GLY F 117 -21.91 0.98 28.03
C GLY F 117 -20.50 1.46 27.78
N GLN F 118 -19.66 1.49 28.83
CA GLN F 118 -18.27 1.93 28.70
C GLN F 118 -17.22 0.86 28.99
N LEU F 119 -15.99 1.14 28.58
CA LEU F 119 -14.87 0.25 28.86
C LEU F 119 -13.92 0.89 29.87
N LEU F 120 -14.12 0.58 31.13
CA LEU F 120 -13.42 1.27 32.21
C LEU F 120 -12.37 0.40 32.89
N PRO F 121 -11.36 1.05 33.48
CA PRO F 121 -10.30 0.33 34.19
C PRO F 121 -10.82 -0.43 35.42
N ILE F 122 -10.45 -1.70 35.56
CA ILE F 122 -10.64 -2.48 36.79
C ILE F 122 -9.29 -3.10 37.06
N PRO F 123 -8.75 -2.97 38.28
CA PRO F 123 -9.20 -2.35 39.54
C PRO F 123 -9.69 -0.92 39.36
N ILE F 124 -10.74 -0.57 40.08
CA ILE F 124 -11.27 0.77 40.08
C ILE F 124 -10.19 1.73 40.53
N ASN F 125 -9.93 2.73 39.70
CA ASN F 125 -8.96 3.77 40.03
C ASN F 125 -9.56 5.14 39.76
N LEU F 126 -8.73 6.18 39.79
CA LEU F 126 -9.18 7.56 39.56
C LEU F 126 -9.97 7.71 38.26
N ASP F 127 -9.36 7.29 37.15
CA ASP F 127 -10.03 7.38 35.87
C ASP F 127 -11.36 6.63 35.85
N THR F 128 -11.43 5.50 36.56
CA THR F 128 -12.67 4.73 36.58
C THR F 128 -13.79 5.60 37.14
N VAL F 129 -13.54 6.16 38.31
CA VAL F 129 -14.54 7.00 38.95
C VAL F 129 -14.87 8.25 38.14
N ASN F 130 -13.85 8.90 37.59
CA ASN F 130 -14.07 10.13 36.83
C ASN F 130 -14.88 9.89 35.57
N ARG F 131 -14.48 8.90 34.79
CA ARG F 131 -15.09 8.66 33.50
C ARG F 131 -16.51 8.16 33.64
N LEU F 132 -16.78 7.45 34.73
CA LEU F 132 -18.12 6.88 34.95
C LEU F 132 -19.16 7.91 35.37
N TYR F 133 -18.77 8.82 36.25
CA TYR F 133 -19.71 9.78 36.80
C TYR F 133 -19.59 11.14 36.13
N GLY F 134 -18.64 11.29 35.22
CA GLY F 134 -18.41 12.57 34.58
C GLY F 134 -17.70 13.53 35.51
N LEU F 135 -16.98 12.98 36.48
CA LEU F 135 -16.28 13.76 37.50
C LEU F 135 -14.87 14.17 37.09
N ASN F 136 -14.27 15.07 37.87
CA ASN F 136 -12.88 15.43 37.65
C ASN F 136 -12.04 15.49 38.91
N LEU F 137 -12.26 14.54 39.82
CA LEU F 137 -11.52 14.49 41.06
C LEU F 137 -10.03 14.31 40.80
N THR F 138 -9.20 14.73 41.75
CA THR F 138 -7.78 14.41 41.75
C THR F 138 -7.61 13.14 42.59
N SER F 139 -6.43 12.55 42.60
CA SER F 139 -6.14 11.45 43.51
C SER F 139 -6.53 11.76 44.95
N PHE F 140 -6.28 13.00 45.37
CA PHE F 140 -6.56 13.42 46.72
C PHE F 140 -8.06 13.52 46.99
N GLN F 141 -8.81 13.86 45.96
CA GLN F 141 -10.26 14.00 46.11
C GLN F 141 -11.01 12.67 45.99
N VAL F 142 -10.51 11.77 45.16
CA VAL F 142 -11.19 10.49 44.96
C VAL F 142 -11.13 9.69 46.26
N GLU F 143 -10.11 9.95 47.07
CA GLU F 143 -10.00 9.32 48.37
C GLU F 143 -11.15 9.76 49.28
N GLU F 144 -11.42 11.06 49.32
CA GLU F 144 -12.54 11.61 50.08
C GLU F 144 -13.88 11.18 49.53
N PHE F 145 -13.96 11.07 48.20
CA PHE F 145 -15.20 10.61 47.53
C PHE F 145 -15.52 9.19 47.96
N PHE F 146 -14.55 8.30 47.81
CA PHE F 146 -14.67 6.96 48.35
C PHE F 146 -15.10 6.97 49.82
N ALA F 147 -14.34 7.69 50.66
CA ALA F 147 -14.68 7.81 52.06
C ALA F 147 -16.15 8.25 52.24
N SER F 148 -16.59 9.15 51.37
CA SER F 148 -17.93 9.69 51.49
C SER F 148 -19.02 8.65 51.20
N VAL F 149 -18.76 7.72 50.28
CA VAL F 149 -19.80 6.75 49.87
C VAL F 149 -19.66 5.41 50.55
N ALA F 150 -18.54 5.19 51.23
CA ALA F 150 -18.31 3.89 51.86
C ALA F 150 -19.42 3.60 52.87
N GLU F 151 -19.50 2.35 53.33
CA GLU F 151 -20.35 2.01 54.47
C GLU F 151 -19.45 1.43 55.54
N LYS F 152 -19.53 1.95 56.76
CA LYS F 152 -18.76 1.32 57.83
C LYS F 152 -19.26 -0.10 58.02
N VAL F 153 -18.35 -0.97 58.41
CA VAL F 153 -18.70 -2.34 58.72
C VAL F 153 -18.01 -2.74 60.02
N GLU F 154 -18.78 -3.31 60.95
CA GLU F 154 -18.25 -3.67 62.25
C GLU F 154 -16.95 -4.43 62.09
N GLN F 155 -17.01 -5.56 61.38
CA GLN F 155 -15.80 -6.23 60.94
C GLN F 155 -15.97 -6.76 59.52
N VAL F 156 -14.94 -6.52 58.71
CA VAL F 156 -14.91 -6.97 57.33
C VAL F 156 -14.77 -8.47 57.30
N ARG F 157 -15.86 -9.18 56.97
CA ARG F 157 -15.84 -10.63 56.97
C ARG F 157 -16.13 -11.27 55.60
N THR F 158 -17.12 -10.76 54.88
CA THR F 158 -17.47 -11.28 53.54
C THR F 158 -16.86 -10.50 52.37
N SER F 159 -17.11 -10.98 51.15
CA SER F 159 -16.58 -10.32 49.96
C SER F 159 -17.42 -9.11 49.62
N GLU F 160 -18.57 -8.98 50.29
CA GLU F 160 -19.40 -7.78 50.21
C GLU F 160 -18.81 -6.66 51.07
N ASP F 161 -18.40 -7.02 52.29
CA ASP F 161 -17.85 -6.04 53.22
C ASP F 161 -16.60 -5.38 52.63
N VAL F 162 -15.72 -6.18 52.05
CA VAL F 162 -14.45 -5.66 51.54
C VAL F 162 -14.65 -4.52 50.56
N VAL F 163 -15.64 -4.67 49.69
CA VAL F 163 -15.86 -3.76 48.59
C VAL F 163 -16.70 -2.59 49.05
N VAL F 164 -17.84 -2.92 49.65
CA VAL F 164 -18.79 -1.93 50.12
C VAL F 164 -18.16 -0.93 51.11
N SER F 165 -17.27 -1.41 51.98
CA SER F 165 -16.63 -0.54 52.98
C SER F 165 -15.40 0.22 52.46
N LYS F 166 -15.09 0.05 51.17
CA LYS F 166 -14.00 0.80 50.56
C LYS F 166 -14.50 1.77 49.47
N VAL F 167 -15.43 1.32 48.63
CA VAL F 167 -15.86 2.16 47.51
C VAL F 167 -17.35 2.39 47.44
N GLY F 168 -18.08 1.93 48.46
CA GLY F 168 -19.51 2.19 48.53
C GLY F 168 -20.44 1.18 47.86
N ARG F 169 -21.73 1.34 48.09
CA ARG F 169 -22.73 0.40 47.58
C ARG F 169 -22.85 0.46 46.05
N ASP F 170 -22.94 1.67 45.50
CA ASP F 170 -23.22 1.79 44.06
C ASP F 170 -22.12 1.26 43.16
N LEU F 171 -20.88 1.53 43.50
CA LEU F 171 -19.78 0.93 42.75
C LEU F 171 -19.71 -0.60 42.91
N TYR F 172 -20.03 -1.11 44.10
CA TYR F 172 -20.03 -2.56 44.34
C TYR F 172 -21.02 -3.26 43.41
N ASN F 173 -22.19 -2.64 43.24
CA ASN F 173 -23.23 -3.20 42.41
C ASN F 173 -22.85 -3.25 40.94
N LYS F 174 -22.12 -2.24 40.49
CA LYS F 174 -21.69 -2.12 39.10
C LYS F 174 -20.50 -3.04 38.71
N PHE F 175 -19.48 -3.12 39.56
CA PHE F 175 -18.27 -3.83 39.16
C PHE F 175 -18.11 -5.21 39.78
N PHE F 176 -18.74 -5.44 40.91
CA PHE F 176 -18.40 -6.61 41.71
C PHE F 176 -19.56 -7.54 41.91
N ARG F 177 -20.69 -7.00 42.34
CA ARG F 177 -21.77 -7.86 42.80
C ARG F 177 -22.20 -8.80 41.70
N GLY F 178 -22.61 -8.23 40.57
CA GLY F 178 -23.04 -9.02 39.43
C GLY F 178 -21.95 -9.92 38.87
N TYR F 179 -20.76 -9.38 38.69
CA TYR F 179 -19.65 -10.21 38.26
C TYR F 179 -19.47 -11.42 39.20
N THR F 180 -19.45 -11.19 40.50
CA THR F 180 -19.23 -12.27 41.43
C THR F 180 -20.40 -13.27 41.41
N ARG F 181 -21.62 -12.76 41.27
CA ARG F 181 -22.79 -13.62 41.22
C ARG F 181 -22.67 -14.57 40.04
N LYS F 182 -22.02 -14.08 39.00
CA LYS F 182 -21.89 -14.82 37.76
C LYS F 182 -20.78 -15.84 37.95
N GLN F 183 -19.64 -15.36 38.43
CA GLN F 183 -18.43 -16.16 38.51
C GLN F 183 -18.53 -17.31 39.52
N TRP F 184 -19.21 -17.08 40.64
CA TRP F 184 -19.24 -18.05 41.72
C TRP F 184 -20.60 -18.65 41.95
N GLY F 185 -21.63 -18.04 41.35
CA GLY F 185 -22.99 -18.50 41.56
C GLY F 185 -23.30 -18.35 43.03
N LEU F 186 -22.67 -17.34 43.61
CA LEU F 186 -22.79 -17.04 45.02
C LEU F 186 -22.66 -15.53 45.15
N ASP F 187 -23.47 -14.94 46.01
CA ASP F 187 -23.43 -13.51 46.28
C ASP F 187 -22.14 -13.18 47.03
N PRO F 188 -21.59 -11.95 46.84
CA PRO F 188 -20.35 -11.61 47.55
C PRO F 188 -20.41 -11.84 49.06
N SER F 189 -21.61 -11.76 49.64
CA SER F 189 -21.81 -11.91 51.09
C SER F 189 -21.69 -13.36 51.52
N GLU F 190 -21.95 -14.26 50.59
CA GLU F 190 -21.80 -15.69 50.82
C GLU F 190 -20.40 -16.16 50.43
N LEU F 191 -19.43 -15.25 50.44
CA LEU F 191 -18.03 -15.57 50.11
C LEU F 191 -17.04 -14.86 51.03
N ASP F 192 -15.87 -15.48 51.19
CA ASP F 192 -14.84 -14.94 52.09
C ASP F 192 -14.32 -13.58 51.62
N ALA F 193 -13.94 -12.73 52.57
CA ALA F 193 -13.42 -11.43 52.23
C ALA F 193 -12.27 -11.56 51.24
N SER F 194 -11.52 -12.66 51.35
CA SER F 194 -10.30 -12.81 50.59
C SER F 194 -10.50 -12.78 49.06
N VAL F 195 -11.71 -13.12 48.61
CA VAL F 195 -11.94 -13.22 47.17
C VAL F 195 -11.90 -11.84 46.46
N THR F 196 -12.87 -10.96 46.74
CA THR F 196 -12.88 -9.62 46.16
C THR F 196 -11.72 -8.71 46.64
N ALA F 197 -11.01 -9.16 47.67
CA ALA F 197 -9.85 -8.43 48.16
C ALA F 197 -8.68 -8.55 47.19
N ARG F 198 -8.67 -9.63 46.41
CA ARG F 198 -7.63 -9.86 45.41
C ARG F 198 -7.51 -8.66 44.45
N VAL F 199 -8.60 -7.93 44.29
CA VAL F 199 -8.64 -6.78 43.42
C VAL F 199 -8.74 -5.54 44.28
N PRO F 200 -7.62 -4.84 44.46
CA PRO F 200 -7.52 -3.69 45.34
C PRO F 200 -8.16 -2.48 44.68
N THR F 201 -8.75 -1.58 45.45
CA THR F 201 -9.24 -0.35 44.87
C THR F 201 -8.15 0.71 44.93
N ARG F 202 -7.92 1.40 43.82
CA ARG F 202 -6.85 2.39 43.81
C ARG F 202 -7.37 3.80 43.73
N THR F 203 -6.61 4.73 44.29
CA THR F 203 -6.95 6.14 44.19
C THR F 203 -6.09 6.82 43.13
N ASN F 204 -5.02 6.14 42.70
CA ASN F 204 -4.14 6.65 41.65
C ASN F 204 -4.68 6.35 40.25
N ARG F 205 -3.83 6.43 39.23
CA ARG F 205 -4.31 6.22 37.88
C ARG F 205 -3.76 4.96 37.22
N ASP F 206 -3.12 4.11 38.02
CA ASP F 206 -2.63 2.81 37.57
C ASP F 206 -3.75 1.96 37.00
N ASN F 207 -3.56 1.45 35.79
CA ASN F 207 -4.61 0.66 35.15
C ASN F 207 -4.15 -0.77 34.83
N ARG F 208 -3.00 -1.16 35.38
CA ARG F 208 -2.53 -2.53 35.31
C ARG F 208 -3.33 -3.38 36.27
N TYR F 209 -3.48 -4.67 35.96
CA TYR F 209 -4.28 -5.53 36.80
C TYR F 209 -3.50 -5.90 38.02
N PHE F 210 -2.18 -6.02 37.87
CA PHE F 210 -1.28 -6.26 38.99
C PHE F 210 -0.22 -5.17 39.08
N ALA F 211 0.22 -4.87 40.30
CA ALA F 211 1.29 -3.91 40.49
C ALA F 211 2.62 -4.61 40.79
N ASP F 212 2.65 -5.92 40.55
CA ASP F 212 3.78 -6.76 40.90
C ASP F 212 5.06 -6.31 40.23
N THR F 213 6.17 -6.59 40.90
CA THR F 213 7.51 -6.18 40.48
C THR F 213 7.91 -6.80 39.14
N TYR F 214 7.56 -8.07 39.00
CA TYR F 214 7.99 -8.85 37.85
C TYR F 214 6.75 -9.26 37.09
N GLN F 215 6.48 -8.57 35.99
CA GLN F 215 5.40 -9.02 35.11
C GLN F 215 5.95 -9.31 33.72
N ALA F 216 5.80 -10.56 33.31
CA ALA F 216 6.34 -11.03 32.04
C ALA F 216 5.75 -12.39 31.72
N MET F 217 5.65 -12.70 30.42
CA MET F 217 5.18 -13.99 29.95
C MET F 217 6.36 -14.82 29.43
N PRO F 218 6.34 -16.14 29.64
CA PRO F 218 7.40 -16.96 29.07
C PRO F 218 7.44 -16.72 27.57
N LEU F 219 8.61 -16.35 27.05
CA LEU F 219 8.81 -15.92 25.67
C LEU F 219 8.18 -16.83 24.63
N HIS F 220 8.34 -18.13 24.78
CA HIS F 220 7.80 -19.06 23.80
C HIS F 220 6.64 -19.91 24.30
N GLY F 221 5.95 -19.44 25.33
CA GLY F 221 4.82 -20.17 25.88
C GLY F 221 5.10 -21.02 27.12
N TYR F 222 4.06 -21.30 27.91
CA TYR F 222 4.21 -22.10 29.14
C TYR F 222 4.74 -23.48 28.88
N THR F 223 4.25 -24.11 27.82
CA THR F 223 4.53 -25.51 27.58
C THR F 223 6.02 -25.73 27.32
N ARG F 224 6.62 -24.82 26.56
CA ARG F 224 8.06 -24.90 26.30
C ARG F 224 8.87 -24.80 27.59
N MET F 225 8.38 -23.97 28.50
CA MET F 225 9.01 -23.80 29.79
C MET F 225 8.87 -25.08 30.60
N PHE F 226 7.65 -25.61 30.62
CA PHE F 226 7.44 -26.88 31.29
C PHE F 226 8.37 -27.97 30.72
N GLN F 227 8.48 -28.05 29.41
CA GLN F 227 9.37 -29.04 28.82
C GLN F 227 10.79 -28.97 29.38
N ASN F 228 11.36 -27.77 29.39
CA ASN F 228 12.68 -27.55 29.99
C ASN F 228 12.73 -28.02 31.43
N MET F 229 11.69 -27.64 32.17
CA MET F 229 11.59 -27.90 33.59
C MET F 229 11.55 -29.41 33.82
N LEU F 230 10.92 -30.15 32.90
CA LEU F 230 10.79 -31.61 33.02
C LEU F 230 11.79 -32.41 32.19
N SER F 231 12.86 -31.75 31.71
CA SER F 231 13.83 -32.38 30.83
C SER F 231 14.88 -33.34 31.44
N SER F 232 15.06 -33.33 32.76
CA SER F 232 16.08 -34.20 33.38
C SER F 232 16.01 -35.69 32.99
N PRO F 233 17.20 -36.30 32.83
CA PRO F 233 17.21 -37.75 32.56
C PRO F 233 16.47 -38.55 33.67
N ASN F 234 16.46 -38.02 34.89
CA ASN F 234 15.71 -38.65 35.99
C ASN F 234 14.19 -38.43 36.01
N ILE F 235 13.63 -37.74 35.04
CA ILE F 235 12.18 -37.55 35.05
C ILE F 235 11.48 -38.34 33.95
N LYS F 236 10.60 -39.24 34.35
CA LYS F 236 9.81 -40.02 33.39
C LYS F 236 8.42 -39.42 33.39
N VAL F 237 7.95 -39.06 32.21
CA VAL F 237 6.68 -38.37 32.06
C VAL F 237 5.66 -39.33 31.51
N MET F 238 4.54 -39.46 32.20
CA MET F 238 3.50 -40.40 31.81
C MET F 238 2.19 -39.64 31.68
N LEU F 239 1.68 -39.56 30.46
CA LEU F 239 0.47 -38.79 30.18
C LEU F 239 -0.70 -39.70 29.85
N ASN F 240 -1.89 -39.17 30.03
CA ASN F 240 -3.13 -39.89 29.80
C ASN F 240 -3.31 -41.00 30.85
N THR F 241 -2.61 -40.84 31.97
CA THR F 241 -2.64 -41.83 33.03
C THR F 241 -3.18 -41.27 34.35
N ASP F 242 -4.29 -41.81 34.83
CA ASP F 242 -4.70 -41.56 36.21
C ASP F 242 -3.73 -42.35 37.10
N TYR F 243 -3.24 -41.73 38.16
CA TYR F 243 -2.28 -42.44 39.03
C TYR F 243 -2.83 -43.79 39.54
N ARG F 244 -4.14 -43.87 39.72
CA ARG F 244 -4.74 -45.11 40.19
C ARG F 244 -4.57 -46.25 39.18
N GLU F 245 -4.45 -45.91 37.90
CA GLU F 245 -4.26 -46.93 36.88
C GLU F 245 -2.90 -47.60 37.00
N ILE F 246 -1.97 -47.02 37.74
CA ILE F 246 -0.64 -47.60 37.80
C ILE F 246 -0.10 -47.74 39.21
N ALA F 247 -0.82 -47.17 40.17
CA ALA F 247 -0.42 -47.21 41.57
C ALA F 247 -0.29 -48.63 42.13
N ASP F 248 -1.03 -49.57 41.54
CA ASP F 248 -1.00 -50.95 42.01
C ASP F 248 0.27 -51.72 41.65
N PHE F 249 0.95 -51.33 40.58
CA PHE F 249 2.06 -52.13 40.10
C PHE F 249 3.33 -51.37 39.73
N ILE F 250 3.39 -50.08 40.02
CA ILE F 250 4.65 -49.37 39.84
C ILE F 250 5.26 -48.97 41.16
N PRO F 251 6.48 -49.43 41.41
CA PRO F 251 7.14 -49.18 42.69
C PRO F 251 7.53 -47.73 42.86
N PHE F 252 7.10 -47.15 43.97
CA PHE F 252 7.57 -45.83 44.37
C PHE F 252 7.70 -45.70 45.88
N GLN F 253 8.70 -44.94 46.32
CA GLN F 253 8.93 -44.75 47.75
C GLN F 253 7.95 -43.73 48.33
N HIS F 254 7.84 -42.59 47.67
CA HIS F 254 6.98 -41.52 48.18
C HIS F 254 6.09 -41.01 47.06
N MET F 255 4.88 -40.60 47.41
CA MET F 255 3.99 -39.96 46.46
C MET F 255 3.79 -38.47 46.75
N ILE F 256 3.90 -37.66 45.71
CA ILE F 256 3.53 -36.25 45.79
C ILE F 256 2.25 -36.10 45.00
N TYR F 257 1.17 -35.65 45.63
CA TYR F 257 -0.11 -35.59 44.93
C TYR F 257 -0.60 -34.16 44.81
N THR F 258 -0.95 -33.75 43.59
CA THR F 258 -1.40 -32.37 43.39
C THR F 258 -2.82 -32.24 42.80
N GLY F 259 -3.58 -33.34 42.79
CA GLY F 259 -4.99 -33.32 42.40
C GLY F 259 -5.92 -32.74 43.46
N PRO F 260 -7.24 -32.86 43.26
CA PRO F 260 -8.16 -32.31 44.26
C PRO F 260 -8.13 -33.19 45.51
N VAL F 261 -8.19 -32.59 46.69
CA VAL F 261 -7.92 -33.33 47.92
C VAL F 261 -9.05 -34.27 48.27
N ASP F 262 -10.29 -33.83 48.04
CA ASP F 262 -11.45 -34.65 48.35
C ASP F 262 -11.45 -35.95 47.56
N ALA F 263 -11.20 -35.84 46.26
CA ALA F 263 -11.14 -37.00 45.39
C ALA F 263 -10.17 -38.08 45.90
N PHE F 264 -9.00 -37.64 46.39
CA PHE F 264 -7.94 -38.55 46.82
C PHE F 264 -8.40 -39.50 47.94
N PHE F 265 -9.36 -39.04 48.73
CA PHE F 265 -9.92 -39.81 49.83
C PHE F 265 -11.35 -40.26 49.55
N ASP F 266 -11.63 -40.50 48.27
CA ASP F 266 -12.93 -40.99 47.83
C ASP F 266 -14.11 -40.18 48.33
N PHE F 267 -13.93 -38.87 48.41
CA PHE F 267 -14.99 -38.00 48.88
C PHE F 267 -15.62 -38.51 50.15
N CYS F 268 -14.84 -39.15 50.99
CA CYS F 268 -15.38 -39.80 52.17
C CYS F 268 -16.21 -38.82 52.98
N TYR F 269 -15.81 -37.55 53.00
CA TYR F 269 -16.51 -36.56 53.82
C TYR F 269 -17.53 -35.74 53.05
N GLY F 270 -17.73 -36.04 51.78
CA GLY F 270 -18.58 -35.21 50.94
C GLY F 270 -17.77 -34.42 49.91
N LYS F 271 -18.47 -33.83 48.94
CA LYS F 271 -17.81 -33.11 47.86
C LYS F 271 -17.25 -31.75 48.31
N LEU F 272 -15.93 -31.64 48.35
CA LEU F 272 -15.31 -30.33 48.55
C LEU F 272 -15.64 -29.43 47.33
N PRO F 273 -16.41 -28.35 47.55
CA PRO F 273 -16.85 -27.59 46.38
C PRO F 273 -15.71 -26.88 45.64
N TYR F 274 -15.56 -27.19 44.36
CA TYR F 274 -14.75 -26.37 43.47
C TYR F 274 -15.66 -25.77 42.42
N ARG F 275 -15.39 -24.53 42.04
CA ARG F 275 -16.09 -23.93 40.90
C ARG F 275 -15.30 -24.23 39.63
N SER F 276 -16.00 -24.37 38.51
CA SER F 276 -15.38 -24.74 37.23
C SER F 276 -15.61 -23.69 36.16
N LEU F 277 -15.04 -23.89 34.97
CA LEU F 277 -15.33 -23.01 33.84
C LEU F 277 -15.53 -23.79 32.55
N GLU F 278 -16.20 -23.15 31.60
CA GLU F 278 -16.30 -23.66 30.24
C GLU F 278 -15.81 -22.56 29.28
N PHE F 279 -14.90 -22.93 28.39
CA PHE F 279 -14.30 -21.98 27.45
C PHE F 279 -14.86 -22.10 26.05
N ARG F 280 -15.24 -20.99 25.44
CA ARG F 280 -15.56 -21.05 24.04
CA ARG F 280 -15.61 -20.98 24.03
C ARG F 280 -14.53 -20.25 23.24
N HIS F 281 -13.73 -20.99 22.47
CA HIS F 281 -12.64 -20.45 21.67
C HIS F 281 -13.11 -20.04 20.28
N GLU F 282 -12.53 -18.97 19.74
CA GLU F 282 -12.95 -18.38 18.45
C GLU F 282 -11.81 -17.69 17.72
N THR F 283 -11.70 -17.92 16.42
CA THR F 283 -10.73 -17.16 15.63
C THR F 283 -11.42 -16.19 14.67
N HIS F 284 -10.94 -14.96 14.63
CA HIS F 284 -11.50 -13.97 13.73
C HIS F 284 -10.52 -13.55 12.66
N ASP F 285 -11.05 -13.35 11.46
CA ASP F 285 -10.22 -12.95 10.33
C ASP F 285 -9.88 -11.45 10.45
N THR F 286 -9.16 -11.10 11.51
CA THR F 286 -8.71 -9.73 11.73
C THR F 286 -7.60 -9.68 12.79
N GLU F 287 -6.74 -8.69 12.73
CA GLU F 287 -5.58 -8.65 13.61
C GLU F 287 -5.96 -8.48 15.08
N GLN F 288 -6.73 -7.45 15.38
CA GLN F 288 -7.09 -7.16 16.74
C GLN F 288 -8.61 -7.13 16.88
N LEU F 289 -9.12 -7.43 18.07
CA LEU F 289 -10.55 -7.56 18.28
C LEU F 289 -10.94 -6.79 19.50
N LEU F 290 -10.01 -6.71 20.45
CA LEU F 290 -10.25 -6.05 21.72
C LEU F 290 -9.21 -4.98 21.97
N PRO F 291 -9.60 -3.93 22.70
CA PRO F 291 -8.71 -2.81 23.06
C PRO F 291 -7.61 -3.19 24.07
N THR F 292 -7.84 -4.20 24.91
CA THR F 292 -6.81 -4.76 25.76
C THR F 292 -6.94 -6.27 25.80
N GLY F 293 -6.16 -6.90 26.67
CA GLY F 293 -6.08 -8.35 26.76
C GLY F 293 -7.38 -8.99 27.22
N THR F 294 -8.05 -8.35 28.15
CA THR F 294 -9.26 -8.92 28.69
C THR F 294 -10.34 -7.87 28.90
N VAL F 295 -11.57 -8.21 28.55
CA VAL F 295 -12.71 -7.37 28.88
C VAL F 295 -13.64 -8.16 29.79
N ASN F 296 -14.05 -7.53 30.88
CA ASN F 296 -14.95 -8.14 31.83
C ASN F 296 -16.39 -7.74 31.58
N TYR F 297 -17.30 -8.68 31.85
CA TYR F 297 -18.71 -8.40 31.71
C TYR F 297 -19.50 -8.67 32.99
N PRO F 298 -19.43 -7.72 33.93
CA PRO F 298 -20.15 -7.70 35.22
C PRO F 298 -21.66 -7.86 35.08
N ASN F 299 -22.26 -7.10 34.17
CA ASN F 299 -23.70 -6.94 34.14
C ASN F 299 -24.34 -7.23 32.78
N ASP F 300 -23.60 -7.89 31.90
CA ASP F 300 -24.14 -8.35 30.63
C ASP F 300 -23.70 -9.78 30.30
N TYR F 301 -24.45 -10.44 29.44
CA TYR F 301 -24.11 -11.77 28.92
C TYR F 301 -23.96 -12.91 29.92
N ALA F 302 -23.81 -14.12 29.36
CA ALA F 302 -23.62 -15.35 30.14
C ALA F 302 -22.16 -15.48 30.55
N TYR F 303 -21.27 -14.94 29.72
CA TYR F 303 -19.86 -15.08 29.95
C TYR F 303 -19.31 -13.96 30.84
N THR F 304 -18.39 -14.30 31.74
CA THR F 304 -17.78 -13.32 32.62
C THR F 304 -16.73 -12.48 31.91
N ARG F 305 -16.06 -13.04 30.90
CA ARG F 305 -15.05 -12.23 30.20
C ARG F 305 -14.53 -12.80 28.88
N VAL F 306 -14.02 -11.90 28.02
CA VAL F 306 -13.35 -12.28 26.77
C VAL F 306 -11.89 -11.90 26.86
N SER F 307 -11.04 -12.75 26.31
CA SER F 307 -9.62 -12.45 26.27
C SER F 307 -9.10 -12.71 24.88
N GLU F 308 -8.04 -11.98 24.54
CA GLU F 308 -7.39 -12.07 23.24
C GLU F 308 -5.91 -12.37 23.43
N PHE F 309 -5.52 -13.58 23.05
CA PHE F 309 -4.21 -14.11 23.37
C PHE F 309 -3.05 -13.34 22.75
N LYS F 310 -3.23 -12.78 21.57
CA LYS F 310 -2.13 -12.05 20.96
C LYS F 310 -1.69 -10.88 21.80
N HIS F 311 -2.63 -10.29 22.55
CA HIS F 311 -2.29 -9.23 23.50
C HIS F 311 -1.32 -9.74 24.53
N ILE F 312 -1.55 -10.97 24.96
CA ILE F 312 -0.81 -11.55 26.05
C ILE F 312 0.54 -12.12 25.60
N THR F 313 0.55 -12.86 24.50
CA THR F 313 1.76 -13.57 24.07
C THR F 313 2.69 -12.66 23.30
N GLY F 314 2.13 -11.64 22.68
CA GLY F 314 2.90 -10.73 21.85
C GLY F 314 3.02 -11.27 20.44
N GLN F 315 2.32 -12.37 20.16
CA GLN F 315 2.39 -12.98 18.82
C GLN F 315 1.94 -12.04 17.70
N ARG F 316 2.65 -12.08 16.58
CA ARG F 316 2.23 -11.40 15.38
C ARG F 316 1.52 -12.43 14.49
N HIS F 317 0.41 -12.02 13.88
CA HIS F 317 -0.39 -12.97 13.11
C HIS F 317 -1.39 -12.19 12.27
N HIS F 318 -1.94 -12.85 11.24
CA HIS F 318 -2.89 -12.18 10.35
C HIS F 318 -4.32 -12.27 10.85
N GLN F 319 -4.55 -13.24 11.73
CA GLN F 319 -5.83 -13.40 12.40
C GLN F 319 -5.68 -13.21 13.90
N THR F 320 -6.71 -13.58 14.65
CA THR F 320 -6.69 -13.43 16.10
C THR F 320 -7.61 -14.45 16.78
N SER F 321 -7.21 -14.91 17.95
CA SER F 321 -8.00 -15.88 18.71
C SER F 321 -8.38 -15.38 20.10
N VAL F 322 -9.63 -15.56 20.44
CA VAL F 322 -10.16 -15.03 21.67
C VAL F 322 -10.83 -16.17 22.39
N VAL F 323 -11.07 -16.02 23.69
CA VAL F 323 -11.84 -17.04 24.38
C VAL F 323 -12.83 -16.39 25.32
N TYR F 324 -14.03 -16.95 25.38
CA TYR F 324 -15.05 -16.45 26.29
C TYR F 324 -15.13 -17.42 27.46
N GLU F 325 -15.18 -16.90 28.68
CA GLU F 325 -15.31 -17.77 29.84
C GLU F 325 -16.74 -17.86 30.42
N TYR F 326 -17.20 -19.09 30.59
CA TYR F 326 -18.51 -19.33 31.18
C TYR F 326 -18.36 -20.05 32.52
N PRO F 327 -18.79 -19.41 33.61
CA PRO F 327 -18.64 -20.18 34.86
C PRO F 327 -19.58 -21.37 34.84
N ARG F 328 -19.16 -22.48 35.43
CA ARG F 328 -20.01 -23.64 35.56
C ARG F 328 -19.86 -24.25 36.95
N ALA F 329 -20.91 -24.90 37.43
CA ALA F 329 -20.85 -25.51 38.74
C ALA F 329 -20.24 -26.90 38.63
N GLU F 330 -20.43 -27.52 37.46
CA GLU F 330 -19.90 -28.85 37.18
C GLU F 330 -18.68 -28.77 36.27
N GLY F 331 -17.86 -29.81 36.27
CA GLY F 331 -16.71 -29.89 35.39
C GLY F 331 -15.40 -29.97 36.13
N ASP F 332 -14.28 -29.93 35.40
CA ASP F 332 -12.95 -29.92 36.01
C ASP F 332 -12.80 -28.81 37.05
N PRO F 333 -12.32 -29.16 38.26
CA PRO F 333 -12.08 -28.21 39.35
C PRO F 333 -11.02 -27.14 39.02
N TYR F 334 -11.36 -25.87 39.20
CA TYR F 334 -10.43 -24.78 38.90
C TYR F 334 -10.20 -23.90 40.12
N TYR F 335 -11.29 -23.50 40.76
CA TYR F 335 -11.25 -22.61 41.90
C TYR F 335 -11.73 -23.30 43.18
N PRO F 336 -11.02 -23.05 44.30
CA PRO F 336 -11.62 -23.41 45.58
C PRO F 336 -12.72 -22.40 45.84
N VAL F 337 -13.71 -22.72 46.66
CA VAL F 337 -14.73 -21.73 46.98
C VAL F 337 -14.58 -21.30 48.42
N PRO F 338 -13.74 -20.27 48.67
CA PRO F 338 -13.39 -19.84 50.03
C PRO F 338 -14.54 -19.17 50.77
N ARG F 339 -15.13 -19.90 51.71
CA ARG F 339 -16.17 -19.42 52.59
C ARG F 339 -16.11 -20.28 53.87
N PRO F 340 -16.59 -19.74 55.02
CA PRO F 340 -16.44 -20.47 56.29
C PRO F 340 -16.77 -21.98 56.23
N GLU F 341 -17.92 -22.36 55.68
CA GLU F 341 -18.38 -23.74 55.73
C GLU F 341 -17.53 -24.66 54.87
N ASN F 342 -16.89 -24.10 53.85
CA ASN F 342 -16.05 -24.89 52.97
C ASN F 342 -14.67 -25.08 53.60
N ALA F 343 -14.22 -24.06 54.32
CA ALA F 343 -12.93 -24.10 54.99
C ALA F 343 -13.01 -25.13 56.11
N GLU F 344 -14.20 -25.22 56.70
CA GLU F 344 -14.47 -26.22 57.72
C GLU F 344 -14.33 -27.60 57.13
N LEU F 345 -15.04 -27.85 56.03
CA LEU F 345 -15.02 -29.14 55.35
C LEU F 345 -13.61 -29.56 54.95
N TYR F 346 -12.83 -28.63 54.41
CA TYR F 346 -11.47 -28.96 53.95
C TYR F 346 -10.57 -29.33 55.12
N LYS F 347 -10.79 -28.71 56.28
CA LYS F 347 -10.00 -29.04 57.47
C LYS F 347 -10.13 -30.54 57.80
N LYS F 348 -11.33 -31.11 57.62
CA LYS F 348 -11.52 -32.55 57.77
C LYS F 348 -10.53 -33.29 56.86
N TYR F 349 -10.55 -32.96 55.57
CA TYR F 349 -9.68 -33.61 54.61
C TYR F 349 -8.21 -33.38 54.92
N GLU F 350 -7.91 -32.17 55.41
CA GLU F 350 -6.54 -31.81 55.69
C GLU F 350 -5.97 -32.70 56.81
N ALA F 351 -6.77 -32.95 57.83
CA ALA F 351 -6.38 -33.88 58.88
C ALA F 351 -5.93 -35.20 58.27
N LEU F 352 -6.74 -35.71 57.34
CA LEU F 352 -6.44 -36.96 56.67
C LEU F 352 -5.18 -36.82 55.85
N ALA F 353 -5.03 -35.70 55.16
CA ALA F 353 -3.87 -35.52 54.33
C ALA F 353 -2.58 -35.48 55.17
N ASP F 354 -2.59 -34.73 56.26
CA ASP F 354 -1.44 -34.73 57.17
C ASP F 354 -1.20 -36.11 57.77
N ALA F 355 -2.30 -36.83 58.02
CA ALA F 355 -2.20 -38.21 58.50
C ALA F 355 -1.55 -39.18 57.50
N ALA F 356 -1.72 -38.92 56.20
CA ALA F 356 -1.18 -39.80 55.15
C ALA F 356 0.33 -39.97 55.24
N GLN F 357 0.77 -41.21 55.36
CA GLN F 357 2.16 -41.48 55.76
C GLN F 357 3.20 -41.19 54.68
N ASP F 358 3.05 -41.78 53.50
CA ASP F 358 4.04 -41.49 52.47
C ASP F 358 3.48 -40.68 51.32
N VAL F 359 2.63 -39.72 51.65
CA VAL F 359 2.01 -38.86 50.64
C VAL F 359 2.07 -37.38 51.01
N THR F 360 2.80 -36.61 50.21
CA THR F 360 2.86 -35.16 50.35
C THR F 360 1.85 -34.48 49.43
N PHE F 361 0.98 -33.63 49.98
CA PHE F 361 0.05 -32.85 49.16
C PHE F 361 0.60 -31.45 48.90
N VAL F 362 0.61 -31.04 47.64
CA VAL F 362 1.01 -29.68 47.30
C VAL F 362 0.23 -29.21 46.07
N GLY F 363 -0.24 -27.97 46.10
CA GLY F 363 -0.88 -27.40 44.92
C GLY F 363 -2.20 -26.71 45.22
N ARG F 364 -2.70 -25.95 44.25
CA ARG F 364 -3.96 -25.22 44.39
C ARG F 364 -5.14 -26.17 44.59
N LEU F 365 -5.14 -27.30 43.90
CA LEU F 365 -6.22 -28.24 44.12
C LEU F 365 -6.02 -29.06 45.39
N ALA F 366 -4.79 -29.55 45.60
CA ALA F 366 -4.52 -30.46 46.73
C ALA F 366 -4.69 -29.85 48.12
N THR F 367 -4.33 -28.57 48.26
CA THR F 367 -4.37 -27.90 49.55
C THR F 367 -5.44 -26.82 49.59
N TYR F 368 -6.30 -26.80 48.58
CA TYR F 368 -7.47 -25.93 48.58
C TYR F 368 -7.17 -24.41 48.74
N ARG F 369 -6.06 -23.95 48.19
CA ARG F 369 -5.71 -22.54 48.19
C ARG F 369 -6.03 -21.88 46.84
N TYR F 370 -6.56 -20.66 46.91
CA TYR F 370 -6.78 -19.86 45.73
C TYR F 370 -5.44 -19.24 45.36
N TYR F 371 -4.57 -20.04 44.74
CA TYR F 371 -3.16 -19.64 44.53
C TYR F 371 -2.80 -19.24 43.09
N ASN F 372 -2.06 -18.14 42.94
CA ASN F 372 -1.54 -17.78 41.62
C ASN F 372 -0.38 -18.68 41.25
N MET F 373 -0.11 -18.76 39.95
CA MET F 373 1.00 -19.57 39.45
C MET F 373 2.25 -19.43 40.33
N ASP F 374 2.59 -18.20 40.70
CA ASP F 374 3.86 -17.93 41.39
C ASP F 374 3.82 -18.42 42.84
N GLN F 375 2.63 -18.34 43.44
CA GLN F 375 2.39 -18.82 44.78
C GLN F 375 2.49 -20.35 44.84
N VAL F 376 2.01 -21.02 43.80
CA VAL F 376 2.16 -22.46 43.76
C VAL F 376 3.65 -22.82 43.57
N VAL F 377 4.36 -22.05 42.76
CA VAL F 377 5.78 -22.33 42.58
C VAL F 377 6.49 -22.22 43.91
N ALA F 378 6.13 -21.19 44.67
CA ALA F 378 6.73 -20.95 45.97
C ALA F 378 6.34 -22.05 46.98
N GLN F 379 5.11 -22.53 46.91
CA GLN F 379 4.63 -23.55 47.84
C GLN F 379 5.37 -24.84 47.55
N ALA F 380 5.79 -25.02 46.30
CA ALA F 380 6.44 -26.25 45.91
C ALA F 380 7.90 -26.22 46.32
N LEU F 381 8.50 -25.04 46.23
CA LEU F 381 9.90 -24.94 46.61
C LEU F 381 10.02 -25.17 48.14
N ALA F 382 9.05 -24.66 48.88
CA ALA F 382 9.07 -24.88 50.32
C ALA F 382 8.82 -26.36 50.63
N THR F 383 7.93 -27.00 49.86
CA THR F 383 7.64 -28.42 50.03
C THR F 383 8.90 -29.27 49.84
N PHE F 384 9.61 -29.01 48.76
CA PHE F 384 10.88 -29.67 48.45
C PHE F 384 11.84 -29.62 49.63
N ARG F 385 12.08 -28.40 50.09
CA ARG F 385 12.99 -28.15 51.18
C ARG F 385 12.60 -29.00 52.40
N ARG F 386 11.30 -29.11 52.65
CA ARG F 386 10.80 -29.95 53.72
C ARG F 386 11.08 -31.42 53.47
N LEU F 387 10.87 -31.90 52.24
CA LEU F 387 11.15 -33.29 51.93
C LEU F 387 12.62 -33.54 52.18
N GLN F 388 13.42 -32.50 51.97
CA GLN F 388 14.86 -32.66 52.06
C GLN F 388 15.39 -32.62 53.48
N GLY F 389 14.64 -32.09 54.41
CA GLY F 389 15.14 -32.00 55.76
C GLY F 389 14.72 -33.20 56.55
N GLN F 390 14.13 -34.17 55.87
CA GLN F 390 13.54 -35.30 56.54
C GLN F 390 14.39 -36.54 56.47
N PRO F 391 14.20 -37.41 57.46
CA PRO F 391 14.79 -38.75 57.48
C PRO F 391 13.68 -39.77 57.56
N SER G 27 -33.26 41.22 -46.37
CA SER G 27 -34.12 40.26 -45.70
C SER G 27 -33.82 40.19 -44.19
N LYS G 28 -34.78 39.66 -43.42
CA LYS G 28 -34.60 39.43 -41.98
C LYS G 28 -34.86 37.97 -41.58
N GLY G 29 -34.21 37.52 -40.52
CA GLY G 29 -34.28 36.14 -40.09
C GLY G 29 -32.90 35.53 -40.12
N PHE G 30 -32.78 34.34 -40.72
CA PHE G 30 -31.47 33.72 -40.84
C PHE G 30 -31.05 33.52 -42.29
N ASP G 31 -29.75 33.60 -42.54
CA ASP G 31 -29.20 33.24 -43.84
C ASP G 31 -29.27 31.72 -44.05
N TYR G 32 -28.85 30.95 -43.05
CA TYR G 32 -28.94 29.49 -43.15
C TYR G 32 -29.69 28.84 -42.01
N LEU G 33 -30.68 28.03 -42.35
CA LEU G 33 -31.28 27.13 -41.40
C LEU G 33 -30.54 25.80 -41.57
N ILE G 34 -29.93 25.30 -40.51
CA ILE G 34 -29.21 24.03 -40.60
C ILE G 34 -29.87 22.96 -39.76
N VAL G 35 -30.21 21.86 -40.40
CA VAL G 35 -30.94 20.80 -39.76
C VAL G 35 -29.97 19.69 -39.39
N GLY G 36 -29.77 19.50 -38.08
CA GLY G 36 -28.91 18.46 -37.55
C GLY G 36 -27.61 19.07 -37.08
N ALA G 37 -27.21 18.82 -35.82
CA ALA G 37 -26.00 19.43 -35.29
C ALA G 37 -24.86 18.44 -35.04
N GLY G 38 -24.74 17.44 -35.90
CA GLY G 38 -23.62 16.53 -35.85
C GLY G 38 -22.46 17.08 -36.68
N PHE G 39 -21.57 16.21 -37.09
CA PHE G 39 -20.38 16.69 -37.77
C PHE G 39 -20.73 17.51 -39.00
N ALA G 40 -21.70 17.02 -39.77
CA ALA G 40 -22.08 17.67 -41.01
C ALA G 40 -22.58 19.10 -40.77
N GLY G 41 -23.65 19.22 -40.01
CA GLY G 41 -24.22 20.52 -39.71
C GLY G 41 -23.27 21.47 -39.03
N SER G 42 -22.57 20.98 -38.01
CA SER G 42 -21.74 21.83 -37.15
C SER G 42 -20.57 22.42 -37.91
N VAL G 43 -19.95 21.62 -38.77
CA VAL G 43 -18.82 22.12 -39.52
C VAL G 43 -19.31 23.27 -40.38
N LEU G 44 -20.34 23.03 -41.19
CA LEU G 44 -20.96 24.08 -41.99
C LEU G 44 -21.35 25.31 -41.16
N ALA G 45 -22.05 25.09 -40.05
CA ALA G 45 -22.46 26.17 -39.16
C ALA G 45 -21.31 27.12 -38.82
N GLU G 46 -20.16 26.52 -38.51
CA GLU G 46 -18.98 27.25 -38.07
C GLU G 46 -18.39 28.03 -39.24
N ARG G 47 -18.25 27.35 -40.36
CA ARG G 47 -17.62 27.93 -41.52
C ARG G 47 -18.50 29.06 -42.00
N LEU G 48 -19.77 28.75 -42.24
CA LEU G 48 -20.71 29.78 -42.66
C LEU G 48 -20.62 30.98 -41.73
N ALA G 49 -20.74 30.73 -40.43
CA ALA G 49 -20.76 31.82 -39.46
C ALA G 49 -19.52 32.72 -39.54
N SER G 50 -18.36 32.12 -39.80
CA SER G 50 -17.12 32.88 -39.69
C SER G 50 -16.98 33.86 -40.85
N SER G 51 -17.70 33.59 -41.93
CA SER G 51 -17.80 34.52 -43.04
C SER G 51 -19.07 35.39 -42.91
N GLY G 52 -19.49 35.58 -41.67
CA GLY G 52 -20.54 36.54 -41.33
C GLY G 52 -21.98 36.12 -41.49
N GLN G 53 -22.23 34.92 -41.99
CA GLN G 53 -23.61 34.43 -42.15
C GLN G 53 -24.33 34.21 -40.82
N ARG G 54 -25.64 34.47 -40.80
CA ARG G 54 -26.43 34.21 -39.60
C ARG G 54 -27.04 32.81 -39.68
N VAL G 55 -26.66 31.94 -38.74
CA VAL G 55 -27.07 30.54 -38.78
C VAL G 55 -28.04 30.15 -37.67
N LEU G 56 -29.02 29.33 -38.03
CA LEU G 56 -29.88 28.67 -37.07
C LEU G 56 -29.67 27.18 -37.22
N ILE G 57 -29.02 26.57 -36.24
CA ILE G 57 -28.76 25.14 -36.27
C ILE G 57 -29.72 24.46 -35.32
N VAL G 58 -30.42 23.46 -35.83
CA VAL G 58 -31.48 22.83 -35.07
C VAL G 58 -31.33 21.29 -35.07
N ASP G 59 -31.70 20.65 -33.97
CA ASP G 59 -31.61 19.20 -33.85
C ASP G 59 -32.82 18.60 -33.11
N ARG G 60 -33.28 17.43 -33.55
CA ARG G 60 -34.33 16.69 -32.86
C ARG G 60 -33.84 16.34 -31.48
N ARG G 61 -32.55 16.07 -31.37
CA ARG G 61 -31.96 15.56 -30.13
C ARG G 61 -31.83 16.69 -29.12
N PRO G 62 -31.74 16.33 -27.83
CA PRO G 62 -31.63 17.34 -26.77
C PRO G 62 -30.21 17.88 -26.64
N HIS G 63 -29.36 17.64 -27.62
CA HIS G 63 -27.95 17.98 -27.49
C HIS G 63 -27.29 18.16 -28.85
N ILE G 64 -26.09 18.73 -28.86
CA ILE G 64 -25.33 18.92 -30.10
C ILE G 64 -24.36 17.74 -30.32
N GLY G 65 -23.67 17.72 -31.44
CA GLY G 65 -22.67 16.68 -31.69
C GLY G 65 -23.19 15.45 -32.40
N GLY G 66 -24.51 15.31 -32.45
CA GLY G 66 -25.12 14.21 -33.18
C GLY G 66 -24.74 12.83 -32.65
N ASN G 67 -24.11 12.03 -33.50
CA ASN G 67 -23.72 10.68 -33.12
C ASN G 67 -22.47 10.63 -32.28
N ALA G 68 -21.73 11.74 -32.24
CA ALA G 68 -20.43 11.77 -31.61
C ALA G 68 -20.53 12.47 -30.28
N TYR G 69 -21.75 12.83 -29.92
CA TYR G 69 -21.97 13.40 -28.61
C TYR G 69 -21.41 12.50 -27.52
N ASP G 70 -20.52 13.03 -26.67
CA ASP G 70 -20.11 12.30 -25.50
C ASP G 70 -20.48 13.02 -24.21
N CYS G 71 -20.44 12.30 -23.10
CA CYS G 71 -20.84 12.86 -21.81
C CYS G 71 -20.42 11.92 -20.69
N TYR G 72 -20.51 12.42 -19.48
CA TYR G 72 -20.20 11.65 -18.28
C TYR G 72 -21.41 10.89 -17.77
N ASP G 73 -21.23 9.57 -17.58
CA ASP G 73 -22.26 8.73 -16.99
C ASP G 73 -22.38 8.96 -15.48
N ASP G 74 -23.24 8.18 -14.83
CA ASP G 74 -23.53 8.31 -13.40
C ASP G 74 -22.29 8.15 -12.53
N ALA G 75 -21.33 7.38 -13.02
CA ALA G 75 -20.15 7.06 -12.23
C ALA G 75 -19.08 8.14 -12.37
N GLY G 76 -19.29 9.06 -13.31
CA GLY G 76 -18.31 10.09 -13.63
C GLY G 76 -17.32 9.65 -14.69
N VAL G 77 -17.68 8.63 -15.44
CA VAL G 77 -16.83 8.18 -16.54
C VAL G 77 -17.27 8.82 -17.85
N LEU G 78 -16.30 9.22 -18.66
CA LEU G 78 -16.61 9.81 -19.95
C LEU G 78 -16.89 8.71 -20.97
N ILE G 79 -18.14 8.64 -21.41
CA ILE G 79 -18.55 7.64 -22.38
C ILE G 79 -19.17 8.27 -23.61
N HIS G 80 -19.44 7.46 -24.62
CA HIS G 80 -20.15 7.87 -25.83
C HIS G 80 -21.48 7.13 -25.92
N PRO G 81 -22.60 7.80 -25.65
CA PRO G 81 -23.90 7.13 -25.55
C PRO G 81 -24.35 6.40 -26.83
N TYR G 82 -24.11 6.97 -28.01
CA TYR G 82 -24.49 6.29 -29.25
C TYR G 82 -23.38 5.40 -29.77
N GLY G 83 -22.57 4.83 -28.90
CA GLY G 83 -21.54 3.89 -29.33
C GLY G 83 -20.16 4.47 -29.52
N PRO G 84 -19.12 3.66 -29.35
CA PRO G 84 -17.74 4.15 -29.37
C PRO G 84 -17.36 4.87 -30.67
N HIS G 85 -16.96 6.13 -30.58
CA HIS G 85 -16.51 6.87 -31.75
C HIS G 85 -15.01 7.15 -31.64
N ILE G 86 -14.23 6.51 -32.51
CA ILE G 86 -12.77 6.70 -32.55
C ILE G 86 -12.38 7.57 -33.75
N PHE G 87 -11.76 8.73 -33.49
CA PHE G 87 -11.33 9.63 -34.57
C PHE G 87 -10.04 9.19 -35.28
N HIS G 88 -10.10 9.19 -36.61
CA HIS G 88 -8.94 8.85 -37.42
C HIS G 88 -9.05 9.52 -38.80
N THR G 89 -7.91 9.96 -39.32
CA THR G 89 -7.89 10.54 -40.66
C THR G 89 -6.53 10.39 -41.36
N ASN G 90 -6.56 10.41 -42.69
CA ASN G 90 -5.34 10.53 -43.49
C ASN G 90 -5.17 11.97 -43.92
N SER G 91 -6.22 12.75 -43.69
CA SER G 91 -6.29 14.12 -44.18
C SER G 91 -5.68 15.15 -43.24
N LYS G 92 -4.47 15.59 -43.58
CA LYS G 92 -3.82 16.71 -42.89
C LYS G 92 -4.77 17.91 -42.71
N ASP G 93 -5.53 18.24 -43.75
CA ASP G 93 -6.52 19.29 -43.71
C ASP G 93 -7.57 19.13 -42.61
N VAL G 94 -8.36 18.07 -42.72
CA VAL G 94 -9.38 17.75 -41.74
C VAL G 94 -8.82 17.79 -40.31
N PHE G 95 -7.66 17.18 -40.12
CA PHE G 95 -7.07 17.18 -38.78
C PHE G 95 -6.71 18.61 -38.35
N GLU G 96 -6.05 19.37 -39.21
CA GLU G 96 -5.70 20.75 -38.87
C GLU G 96 -6.94 21.58 -38.61
N TYR G 97 -8.00 21.32 -39.35
CA TYR G 97 -9.20 22.10 -39.17
C TYR G 97 -9.80 21.84 -37.79
N LEU G 98 -9.97 20.58 -37.44
CA LEU G 98 -10.56 20.21 -36.16
C LEU G 98 -9.67 20.69 -35.01
N SER G 99 -8.35 20.73 -35.21
CA SER G 99 -7.41 21.24 -34.21
C SER G 99 -7.72 22.66 -33.73
N ARG G 100 -8.39 23.44 -34.57
CA ARG G 100 -8.81 24.78 -34.21
C ARG G 100 -9.79 24.76 -33.04
N PHE G 101 -10.34 23.59 -32.74
CA PHE G 101 -11.45 23.46 -31.79
C PHE G 101 -11.18 22.51 -30.64
N THR G 102 -10.14 21.69 -30.76
CA THR G 102 -9.80 20.76 -29.68
C THR G 102 -8.33 20.39 -29.66
N GLU G 103 -7.82 20.17 -28.46
CA GLU G 103 -6.52 19.55 -28.31
C GLU G 103 -6.66 18.04 -28.48
N TRP G 104 -5.55 17.36 -28.65
CA TRP G 104 -5.65 15.94 -28.95
C TRP G 104 -5.01 14.99 -27.94
N ARG G 105 -5.62 13.81 -27.77
CA ARG G 105 -4.94 12.72 -27.08
C ARG G 105 -4.58 11.68 -28.10
N PRO G 106 -3.28 11.54 -28.41
CA PRO G 106 -2.87 10.56 -29.41
C PRO G 106 -3.36 9.17 -29.04
N TYR G 107 -4.04 8.49 -29.96
CA TYR G 107 -4.60 7.17 -29.70
C TYR G 107 -4.75 6.35 -30.95
N GLN G 108 -4.24 5.13 -30.92
CA GLN G 108 -4.45 4.20 -32.01
C GLN G 108 -5.26 2.97 -31.58
N HIS G 109 -6.53 2.94 -31.97
CA HIS G 109 -7.45 1.85 -31.62
C HIS G 109 -6.95 0.45 -31.96
N ARG G 110 -6.98 -0.45 -30.98
CA ARG G 110 -6.68 -1.87 -31.24
C ARG G 110 -7.87 -2.77 -30.91
N VAL G 111 -8.27 -3.57 -31.90
CA VAL G 111 -9.43 -4.46 -31.74
C VAL G 111 -9.04 -5.97 -31.71
N LEU G 112 -9.82 -6.72 -30.94
CA LEU G 112 -9.50 -8.12 -30.72
C LEU G 112 -10.75 -8.91 -31.06
N ALA G 113 -10.63 -9.91 -31.91
CA ALA G 113 -11.78 -10.79 -32.17
C ALA G 113 -11.74 -11.98 -31.24
N SER G 114 -12.89 -12.29 -30.65
CA SER G 114 -13.02 -13.47 -29.81
C SER G 114 -13.35 -14.69 -30.67
N VAL G 115 -12.32 -15.48 -30.99
CA VAL G 115 -12.46 -16.64 -31.88
C VAL G 115 -11.80 -17.89 -31.29
N ASP G 116 -12.53 -19.00 -31.27
CA ASP G 116 -12.04 -20.25 -30.66
C ASP G 116 -11.48 -20.00 -29.27
N GLY G 117 -12.15 -19.17 -28.50
CA GLY G 117 -11.69 -18.89 -27.14
C GLY G 117 -10.39 -18.11 -27.04
N GLN G 118 -9.99 -17.44 -28.11
CA GLN G 118 -8.84 -16.55 -28.07
C GLN G 118 -9.20 -15.12 -28.44
N LEU G 119 -8.39 -14.19 -27.97
CA LEU G 119 -8.45 -12.80 -28.37
C LEU G 119 -7.39 -12.52 -29.47
N LEU G 120 -7.85 -12.50 -30.72
CA LEU G 120 -6.96 -12.40 -31.86
C LEU G 120 -7.12 -11.05 -32.57
N PRO G 121 -6.02 -10.47 -33.04
CA PRO G 121 -6.00 -9.26 -33.86
C PRO G 121 -6.93 -9.33 -35.10
N ILE G 122 -7.84 -8.37 -35.18
CA ILE G 122 -8.70 -8.12 -36.33
C ILE G 122 -8.47 -6.64 -36.69
N PRO G 123 -8.20 -6.32 -37.96
CA PRO G 123 -8.07 -7.09 -39.20
C PRO G 123 -7.13 -8.29 -39.06
N ILE G 124 -7.39 -9.33 -39.82
CA ILE G 124 -6.52 -10.49 -39.76
C ILE G 124 -5.14 -10.09 -40.21
N ASN G 125 -4.14 -10.41 -39.40
CA ASN G 125 -2.77 -10.25 -39.82
C ASN G 125 -1.97 -11.51 -39.55
N LEU G 126 -0.65 -11.41 -39.68
CA LEU G 126 0.26 -12.52 -39.49
C LEU G 126 0.01 -13.20 -38.15
N ASP G 127 -0.11 -12.39 -37.11
CA ASP G 127 -0.30 -12.92 -35.76
C ASP G 127 -1.65 -13.61 -35.58
N THR G 128 -2.67 -13.19 -36.31
CA THR G 128 -3.96 -13.85 -36.25
C THR G 128 -3.83 -15.28 -36.80
N VAL G 129 -3.20 -15.39 -37.96
CA VAL G 129 -3.03 -16.68 -38.59
C VAL G 129 -2.15 -17.58 -37.73
N ASN G 130 -0.99 -17.09 -37.29
CA ASN G 130 -0.09 -17.91 -36.50
C ASN G 130 -0.67 -18.35 -35.19
N ARG G 131 -1.38 -17.46 -34.50
CA ARG G 131 -1.85 -17.79 -33.17
C ARG G 131 -3.04 -18.71 -33.22
N LEU G 132 -3.81 -18.63 -34.30
CA LEU G 132 -5.04 -19.39 -34.41
C LEU G 132 -4.76 -20.86 -34.65
N TYR G 133 -3.77 -21.13 -35.51
CA TYR G 133 -3.51 -22.45 -36.05
C TYR G 133 -2.24 -23.05 -35.48
N GLY G 134 -1.54 -22.28 -34.67
CA GLY G 134 -0.26 -22.73 -34.13
C GLY G 134 0.84 -22.78 -35.17
N LEU G 135 0.79 -21.88 -36.14
CA LEU G 135 1.80 -21.79 -37.20
C LEU G 135 2.94 -20.85 -36.81
N ASN G 136 4.01 -20.85 -37.61
CA ASN G 136 5.08 -19.89 -37.48
C ASN G 136 5.49 -19.26 -38.80
N LEU G 137 4.53 -19.02 -39.68
CA LEU G 137 4.83 -18.35 -40.93
C LEU G 137 5.48 -16.99 -40.67
N THR G 138 6.37 -16.60 -41.60
CA THR G 138 6.88 -15.24 -41.67
C THR G 138 5.92 -14.48 -42.57
N SER G 139 6.06 -13.17 -42.67
CA SER G 139 5.15 -12.39 -43.50
C SER G 139 5.23 -12.85 -44.94
N PHE G 140 6.42 -13.27 -45.33
CA PHE G 140 6.64 -13.73 -46.70
C PHE G 140 5.93 -15.06 -46.96
N GLN G 141 5.80 -15.87 -45.91
CA GLN G 141 5.15 -17.17 -46.02
C GLN G 141 3.62 -17.04 -45.99
N VAL G 142 3.13 -15.94 -45.42
CA VAL G 142 1.70 -15.82 -45.16
C VAL G 142 0.94 -15.41 -46.40
N GLU G 143 1.59 -14.66 -47.28
CA GLU G 143 0.90 -14.27 -48.50
C GLU G 143 0.58 -15.56 -49.26
N GLU G 144 1.52 -16.50 -49.18
CA GLU G 144 1.40 -17.77 -49.86
C GLU G 144 0.34 -18.65 -49.19
N PHE G 145 0.25 -18.55 -47.87
CA PHE G 145 -0.80 -19.27 -47.14
C PHE G 145 -2.20 -18.80 -47.54
N PHE G 146 -2.40 -17.48 -47.57
CA PHE G 146 -3.66 -16.92 -48.07
C PHE G 146 -3.98 -17.40 -49.48
N ALA G 147 -3.04 -17.21 -50.40
CA ALA G 147 -3.18 -17.76 -51.75
C ALA G 147 -3.50 -19.27 -51.72
N SER G 148 -2.78 -20.01 -50.88
CA SER G 148 -2.95 -21.46 -50.79
C SER G 148 -4.40 -21.89 -50.56
N VAL G 149 -5.05 -21.26 -49.59
CA VAL G 149 -6.40 -21.65 -49.20
C VAL G 149 -7.46 -20.67 -49.71
N ALA G 150 -7.06 -19.70 -50.52
CA ALA G 150 -8.02 -18.73 -51.04
C ALA G 150 -8.97 -19.40 -52.03
N GLU G 151 -10.07 -18.73 -52.36
CA GLU G 151 -11.00 -19.23 -53.38
C GLU G 151 -11.07 -18.24 -54.53
N LYS G 152 -10.71 -18.66 -55.73
CA LYS G 152 -10.77 -17.74 -56.87
C LYS G 152 -12.21 -17.40 -57.23
N VAL G 153 -12.48 -16.10 -57.34
CA VAL G 153 -13.74 -15.58 -57.86
C VAL G 153 -13.40 -14.74 -59.08
N GLU G 154 -14.16 -14.91 -60.16
CA GLU G 154 -13.91 -14.13 -61.37
C GLU G 154 -14.29 -12.66 -61.20
N GLN G 155 -15.56 -12.39 -60.91
CA GLN G 155 -16.00 -11.04 -60.58
C GLN G 155 -16.45 -10.90 -59.12
N VAL G 156 -15.86 -9.92 -58.42
CA VAL G 156 -16.10 -9.68 -57.01
C VAL G 156 -17.27 -8.70 -56.81
N ARG G 157 -18.42 -9.23 -56.39
CA ARG G 157 -19.65 -8.44 -56.24
C ARG G 157 -20.06 -8.23 -54.78
N THR G 158 -19.93 -9.29 -53.97
CA THR G 158 -20.46 -9.31 -52.61
C THR G 158 -19.38 -9.24 -51.52
N SER G 159 -19.81 -9.04 -50.28
CA SER G 159 -18.90 -9.00 -49.14
C SER G 159 -18.31 -10.37 -48.80
N GLU G 160 -18.93 -11.41 -49.34
CA GLU G 160 -18.40 -12.77 -49.21
C GLU G 160 -17.21 -12.94 -50.16
N ASP G 161 -17.42 -12.57 -51.42
CA ASP G 161 -16.38 -12.67 -52.43
C ASP G 161 -15.10 -11.96 -51.98
N VAL G 162 -15.26 -10.70 -51.57
CA VAL G 162 -14.13 -9.91 -51.08
C VAL G 162 -13.27 -10.65 -50.08
N VAL G 163 -13.90 -11.41 -49.18
CA VAL G 163 -13.15 -12.08 -48.14
C VAL G 163 -12.69 -13.47 -48.57
N VAL G 164 -13.60 -14.31 -49.07
CA VAL G 164 -13.22 -15.65 -49.49
C VAL G 164 -12.11 -15.57 -50.54
N SER G 165 -12.15 -14.53 -51.37
CA SER G 165 -11.15 -14.38 -52.42
C SER G 165 -9.74 -14.12 -51.86
N LYS G 166 -9.66 -13.53 -50.69
CA LYS G 166 -8.37 -13.13 -50.16
C LYS G 166 -7.84 -14.09 -49.08
N VAL G 167 -8.70 -14.45 -48.14
CA VAL G 167 -8.27 -15.19 -46.95
C VAL G 167 -8.81 -16.62 -46.84
N GLY G 168 -9.78 -16.97 -47.68
CA GLY G 168 -10.26 -18.33 -47.72
C GLY G 168 -11.55 -18.53 -46.96
N ARG G 169 -12.13 -19.72 -47.10
CA ARG G 169 -13.43 -20.04 -46.56
C ARG G 169 -13.39 -20.24 -45.04
N ASP G 170 -12.39 -20.95 -44.54
CA ASP G 170 -12.27 -21.12 -43.10
C ASP G 170 -12.09 -19.80 -42.34
N LEU G 171 -11.11 -19.00 -42.74
CA LEU G 171 -10.92 -17.70 -42.12
C LEU G 171 -12.16 -16.81 -42.23
N TYR G 172 -12.85 -16.87 -43.36
CA TYR G 172 -14.09 -16.12 -43.56
C TYR G 172 -15.19 -16.56 -42.60
N ASN G 173 -15.20 -17.86 -42.29
CA ASN G 173 -16.20 -18.40 -41.39
C ASN G 173 -15.96 -18.01 -39.95
N LYS G 174 -14.69 -17.87 -39.58
CA LYS G 174 -14.33 -17.59 -38.21
C LYS G 174 -14.37 -16.09 -37.86
N PHE G 175 -14.05 -15.24 -38.83
CA PHE G 175 -14.01 -13.81 -38.54
C PHE G 175 -15.12 -12.97 -39.17
N PHE G 176 -15.69 -13.43 -40.29
CA PHE G 176 -16.64 -12.60 -41.03
C PHE G 176 -18.10 -13.08 -41.10
N ARG G 177 -18.30 -14.38 -41.30
CA ARG G 177 -19.65 -14.86 -41.60
C ARG G 177 -20.64 -14.53 -40.48
N GLY G 178 -20.34 -14.98 -39.27
CA GLY G 178 -21.26 -14.79 -38.16
C GLY G 178 -21.34 -13.35 -37.73
N TYR G 179 -20.19 -12.67 -37.76
CA TYR G 179 -20.18 -11.28 -37.37
C TYR G 179 -21.09 -10.52 -38.30
N THR G 180 -20.84 -10.64 -39.61
CA THR G 180 -21.65 -9.96 -40.61
C THR G 180 -23.15 -10.29 -40.49
N ARG G 181 -23.47 -11.57 -40.27
CA ARG G 181 -24.87 -11.96 -40.09
C ARG G 181 -25.50 -11.28 -38.89
N LYS G 182 -24.80 -11.32 -37.78
CA LYS G 182 -25.27 -10.71 -36.55
C LYS G 182 -25.46 -9.20 -36.72
N GLN G 183 -24.48 -8.56 -37.35
CA GLN G 183 -24.49 -7.11 -37.56
C GLN G 183 -25.59 -6.62 -38.52
N TRP G 184 -25.73 -7.31 -39.65
CA TRP G 184 -26.56 -6.83 -40.77
C TRP G 184 -27.91 -7.54 -40.95
N GLY G 185 -28.06 -8.73 -40.40
CA GLY G 185 -29.29 -9.48 -40.58
C GLY G 185 -29.28 -10.14 -41.93
N LEU G 186 -28.18 -9.97 -42.65
CA LEU G 186 -27.99 -10.58 -43.97
C LEU G 186 -26.66 -11.30 -44.01
N ASP G 187 -26.60 -12.42 -44.73
CA ASP G 187 -25.33 -13.06 -45.02
C ASP G 187 -24.43 -12.11 -45.83
N PRO G 188 -23.11 -12.26 -45.71
CA PRO G 188 -22.24 -11.34 -46.44
C PRO G 188 -22.47 -11.45 -47.94
N SER G 189 -23.18 -12.49 -48.37
CA SER G 189 -23.49 -12.66 -49.79
C SER G 189 -24.60 -11.69 -50.20
N GLU G 190 -25.60 -11.56 -49.35
CA GLU G 190 -26.65 -10.60 -49.61
C GLU G 190 -26.19 -9.18 -49.31
N LEU G 191 -24.87 -8.95 -49.42
CA LEU G 191 -24.28 -7.63 -49.13
C LEU G 191 -23.16 -7.23 -50.10
N ASP G 192 -23.03 -5.93 -50.34
CA ASP G 192 -22.04 -5.43 -51.29
C ASP G 192 -20.61 -5.65 -50.81
N ALA G 193 -19.69 -5.85 -51.73
CA ALA G 193 -18.27 -6.02 -51.39
C ALA G 193 -17.69 -4.85 -50.59
N SER G 194 -18.31 -3.67 -50.74
CA SER G 194 -17.74 -2.45 -50.20
C SER G 194 -17.84 -2.40 -48.67
N VAL G 195 -18.66 -3.29 -48.13
CA VAL G 195 -18.85 -3.38 -46.68
C VAL G 195 -17.74 -4.15 -45.96
N THR G 196 -17.42 -5.37 -46.40
CA THR G 196 -16.35 -6.10 -45.75
C THR G 196 -14.97 -5.73 -46.29
N ALA G 197 -14.94 -5.05 -47.43
CA ALA G 197 -13.67 -4.59 -48.00
C ALA G 197 -13.10 -3.42 -47.18
N ARG G 198 -13.93 -2.89 -46.28
CA ARG G 198 -13.53 -1.81 -45.37
C ARG G 198 -12.39 -2.26 -44.47
N VAL G 199 -12.49 -3.49 -43.98
CA VAL G 199 -11.42 -4.10 -43.19
C VAL G 199 -10.44 -4.87 -44.07
N PRO G 200 -9.19 -4.39 -44.16
CA PRO G 200 -8.15 -5.03 -44.97
C PRO G 200 -7.74 -6.39 -44.41
N THR G 201 -7.02 -7.17 -45.19
CA THR G 201 -6.31 -8.30 -44.63
C THR G 201 -4.81 -8.06 -44.74
N ARG G 202 -4.10 -8.34 -43.67
CA ARG G 202 -2.71 -7.98 -43.62
C ARG G 202 -1.79 -9.19 -43.62
N THR G 203 -0.57 -8.95 -44.09
CA THR G 203 0.46 -9.97 -44.09
C THR G 203 1.54 -9.54 -43.12
N ASN G 204 1.41 -8.32 -42.61
CA ASN G 204 2.37 -7.83 -41.64
C ASN G 204 1.85 -8.03 -40.21
N ARG G 205 2.48 -7.36 -39.25
CA ARG G 205 2.14 -7.65 -37.86
C ARG G 205 1.43 -6.48 -37.21
N ASP G 206 0.67 -5.76 -38.01
CA ASP G 206 0.10 -4.51 -37.56
C ASP G 206 -1.24 -4.78 -36.90
N ASN G 207 -1.39 -4.37 -35.65
CA ASN G 207 -2.64 -4.63 -34.96
C ASN G 207 -3.56 -3.43 -34.79
N ARG G 208 -3.17 -2.25 -35.28
CA ARG G 208 -4.10 -1.12 -35.23
C ARG G 208 -5.28 -1.40 -36.16
N TYR G 209 -6.47 -1.01 -35.72
CA TYR G 209 -7.61 -1.13 -36.58
C TYR G 209 -7.44 -0.20 -37.78
N PHE G 210 -6.97 1.01 -37.51
CA PHE G 210 -6.73 2.02 -38.55
C PHE G 210 -5.24 2.24 -38.80
N ALA G 211 -4.86 2.31 -40.07
CA ALA G 211 -3.50 2.64 -40.47
C ALA G 211 -3.37 4.12 -40.83
N ASP G 212 -4.42 4.88 -40.58
CA ASP G 212 -4.46 6.31 -40.88
C ASP G 212 -3.30 7.11 -40.26
N THR G 213 -2.99 8.22 -40.90
CA THR G 213 -1.84 9.02 -40.53
C THR G 213 -2.07 9.75 -39.23
N TYR G 214 -3.29 10.24 -39.04
CA TYR G 214 -3.60 11.02 -37.86
C TYR G 214 -4.57 10.29 -36.95
N GLN G 215 -4.07 9.81 -35.82
CA GLN G 215 -4.90 9.01 -34.92
C GLN G 215 -4.86 9.55 -33.50
N ALA G 216 -5.97 10.14 -33.09
CA ALA G 216 -6.07 10.76 -31.78
C ALA G 216 -7.51 11.12 -31.46
N MET G 217 -7.79 11.23 -30.17
CA MET G 217 -9.12 11.54 -29.68
C MET G 217 -9.07 12.94 -29.16
N PRO G 218 -10.18 13.67 -29.30
CA PRO G 218 -10.15 15.06 -28.82
C PRO G 218 -10.00 15.05 -27.30
N LEU G 219 -9.12 15.91 -26.80
CA LEU G 219 -8.62 15.76 -25.44
C LEU G 219 -9.69 15.71 -24.39
N HIS G 220 -10.78 16.43 -24.59
CA HIS G 220 -11.74 16.58 -23.53
C HIS G 220 -13.11 16.08 -23.93
N GLY G 221 -13.12 15.25 -24.96
CA GLY G 221 -14.36 14.73 -25.50
C GLY G 221 -14.89 15.49 -26.71
N TYR G 222 -15.62 14.77 -27.57
CA TYR G 222 -16.30 15.36 -28.73
C TYR G 222 -17.18 16.56 -28.39
N THR G 223 -18.02 16.43 -27.37
CA THR G 223 -18.96 17.49 -27.02
C THR G 223 -18.26 18.85 -26.83
N ARG G 224 -17.19 18.88 -26.05
CA ARG G 224 -16.43 20.12 -25.87
C ARG G 224 -15.94 20.70 -27.19
N MET G 225 -15.53 19.83 -28.11
CA MET G 225 -15.04 20.32 -29.38
C MET G 225 -16.17 20.97 -30.19
N PHE G 226 -17.33 20.32 -30.25
CA PHE G 226 -18.49 20.91 -30.88
C PHE G 226 -18.84 22.23 -30.19
N GLN G 227 -18.83 22.24 -28.87
CA GLN G 227 -19.14 23.46 -28.14
C GLN G 227 -18.36 24.67 -28.67
N ASN G 228 -17.08 24.45 -28.99
CA ASN G 228 -16.25 25.51 -29.53
C ASN G 228 -16.63 25.79 -30.95
N MET G 229 -16.83 24.71 -31.68
CA MET G 229 -17.17 24.76 -33.09
C MET G 229 -18.43 25.63 -33.29
N LEU G 230 -19.27 25.71 -32.27
CA LEU G 230 -20.55 26.40 -32.37
C LEU G 230 -20.61 27.66 -31.51
N SER G 231 -19.45 28.13 -31.05
CA SER G 231 -19.43 29.29 -30.14
C SER G 231 -19.77 30.66 -30.76
N SER G 232 -19.54 30.83 -32.06
CA SER G 232 -19.87 32.09 -32.75
C SER G 232 -21.20 32.76 -32.38
N PRO G 233 -21.17 34.09 -32.21
CA PRO G 233 -22.37 34.91 -31.96
C PRO G 233 -23.38 34.76 -33.10
N ASN G 234 -22.88 34.39 -34.28
CA ASN G 234 -23.70 34.21 -35.45
C ASN G 234 -24.51 32.91 -35.49
N ILE G 235 -24.23 32.01 -34.56
CA ILE G 235 -24.95 30.73 -34.54
C ILE G 235 -25.91 30.62 -33.36
N LYS G 236 -27.17 30.35 -33.67
CA LYS G 236 -28.18 30.11 -32.65
C LYS G 236 -28.45 28.61 -32.63
N VAL G 237 -28.48 28.03 -31.43
CA VAL G 237 -28.63 26.58 -31.33
C VAL G 237 -30.01 26.19 -30.82
N MET G 238 -30.66 25.30 -31.54
CA MET G 238 -31.99 24.87 -31.14
C MET G 238 -32.04 23.34 -30.95
N LEU G 239 -32.33 22.91 -29.73
CA LEU G 239 -32.33 21.49 -29.43
C LEU G 239 -33.73 20.99 -29.11
N ASN G 240 -33.92 19.69 -29.28
CA ASN G 240 -35.22 19.08 -29.02
C ASN G 240 -36.28 19.63 -29.96
N THR G 241 -35.84 20.06 -31.14
CA THR G 241 -36.72 20.66 -32.15
C THR G 241 -36.63 19.92 -33.47
N ASP G 242 -37.74 19.41 -33.98
CA ASP G 242 -37.76 18.94 -35.36
C ASP G 242 -37.89 20.17 -36.26
N TYR G 243 -37.09 20.24 -37.32
CA TYR G 243 -37.02 21.48 -38.08
C TYR G 243 -38.40 21.82 -38.63
N ARG G 244 -39.21 20.78 -38.84
CA ARG G 244 -40.57 20.94 -39.32
C ARG G 244 -41.44 21.76 -38.37
N GLU G 245 -41.14 21.69 -37.08
CA GLU G 245 -41.85 22.48 -36.08
C GLU G 245 -41.57 23.98 -36.20
N ILE G 246 -40.58 24.37 -36.99
CA ILE G 246 -40.26 25.80 -37.10
C ILE G 246 -40.13 26.34 -38.52
N ALA G 247 -40.06 25.46 -39.51
CA ALA G 247 -39.88 25.96 -40.87
C ALA G 247 -41.05 26.88 -41.26
N ASP G 248 -42.25 26.52 -40.80
CA ASP G 248 -43.47 27.26 -41.10
C ASP G 248 -43.40 28.74 -40.71
N PHE G 249 -42.49 29.11 -39.80
CA PHE G 249 -42.48 30.49 -39.29
C PHE G 249 -41.13 31.14 -38.95
N ILE G 250 -40.02 30.50 -39.30
CA ILE G 250 -38.72 31.13 -39.10
C ILE G 250 -38.07 31.39 -40.45
N PRO G 251 -37.79 32.67 -40.74
CA PRO G 251 -37.24 33.11 -42.02
C PRO G 251 -35.83 32.58 -42.30
N PHE G 252 -35.64 31.88 -43.42
CA PHE G 252 -34.30 31.47 -43.85
C PHE G 252 -34.06 31.47 -45.37
N GLN G 253 -33.00 32.14 -45.80
CA GLN G 253 -32.66 32.23 -47.22
C GLN G 253 -32.28 30.88 -47.84
N HIS G 254 -31.77 29.96 -47.03
CA HIS G 254 -31.25 28.69 -47.54
C HIS G 254 -31.27 27.63 -46.43
N MET G 255 -31.24 26.35 -46.81
CA MET G 255 -31.28 25.23 -45.86
C MET G 255 -30.23 24.16 -46.13
N ILE G 256 -29.56 23.73 -45.06
CA ILE G 256 -28.60 22.63 -45.10
C ILE G 256 -29.20 21.45 -44.33
N TYR G 257 -29.57 20.39 -45.04
CA TYR G 257 -30.26 19.25 -44.43
C TYR G 257 -29.29 18.09 -44.20
N THR G 258 -29.25 17.58 -42.98
CA THR G 258 -28.31 16.51 -42.68
C THR G 258 -29.05 15.30 -42.13
N GLY G 259 -30.37 15.39 -42.08
CA GLY G 259 -31.21 14.27 -41.68
C GLY G 259 -31.23 13.26 -42.80
N PRO G 260 -32.02 12.19 -42.64
CA PRO G 260 -32.16 11.14 -43.66
C PRO G 260 -32.96 11.63 -44.88
N VAL G 261 -32.56 11.22 -46.09
CA VAL G 261 -33.15 11.75 -47.32
C VAL G 261 -34.61 11.37 -47.45
N ASP G 262 -34.89 10.09 -47.19
CA ASP G 262 -36.26 9.61 -47.32
C ASP G 262 -37.30 10.44 -46.53
N ALA G 263 -37.07 10.67 -45.24
CA ALA G 263 -38.04 11.41 -44.42
C ALA G 263 -38.37 12.81 -44.96
N PHE G 264 -37.46 13.33 -45.79
CA PHE G 264 -37.54 14.71 -46.26
C PHE G 264 -38.49 14.85 -47.45
N PHE G 265 -38.58 13.80 -48.26
CA PHE G 265 -39.57 13.71 -49.33
C PHE G 265 -40.63 12.68 -48.93
N ASP G 266 -40.95 12.69 -47.64
CA ASP G 266 -41.94 11.82 -46.99
C ASP G 266 -42.03 10.38 -47.48
N PHE G 267 -40.88 9.73 -47.60
CA PHE G 267 -40.82 8.30 -47.87
C PHE G 267 -41.58 7.96 -49.15
N CYS G 268 -41.53 8.87 -50.11
CA CYS G 268 -42.35 8.77 -51.29
C CYS G 268 -42.03 7.56 -52.16
N TYR G 269 -40.77 7.16 -52.22
CA TYR G 269 -40.36 6.04 -53.07
C TYR G 269 -40.14 4.77 -52.25
N GLY G 270 -40.63 4.76 -51.02
CA GLY G 270 -40.36 3.67 -50.09
C GLY G 270 -39.39 4.08 -48.99
N LYS G 271 -39.40 3.34 -47.90
CA LYS G 271 -38.46 3.58 -46.80
C LYS G 271 -37.07 3.06 -47.17
N LEU G 272 -36.06 3.90 -46.95
CA LEU G 272 -34.66 3.54 -47.23
C LEU G 272 -34.07 2.69 -46.10
N PRO G 273 -33.65 1.44 -46.42
CA PRO G 273 -33.20 0.46 -45.42
C PRO G 273 -31.96 0.87 -44.61
N TYR G 274 -32.13 1.06 -43.31
CA TYR G 274 -31.00 1.26 -42.41
C TYR G 274 -30.94 0.10 -41.39
N ARG G 275 -29.76 -0.12 -40.83
CA ARG G 275 -29.60 -1.05 -39.74
C ARG G 275 -29.39 -0.21 -38.49
N SER G 276 -29.90 -0.66 -37.35
CA SER G 276 -29.76 0.13 -36.13
C SER G 276 -28.98 -0.61 -35.05
N LEU G 277 -28.86 0.01 -33.88
CA LEU G 277 -28.15 -0.58 -32.75
C LEU G 277 -28.86 -0.24 -31.45
N GLU G 278 -28.91 -1.20 -30.53
CA GLU G 278 -29.27 -0.91 -29.16
C GLU G 278 -27.99 -0.94 -28.33
N PHE G 279 -27.92 -0.09 -27.32
CA PHE G 279 -26.70 -0.04 -26.52
C PHE G 279 -26.98 -0.49 -25.09
N ARG G 280 -26.11 -1.30 -24.53
CA ARG G 280 -26.24 -1.58 -23.10
C ARG G 280 -24.99 -1.10 -22.38
N HIS G 281 -25.17 -0.20 -21.43
CA HIS G 281 -24.04 0.38 -20.70
C HIS G 281 -23.83 -0.24 -19.32
N GLU G 282 -22.59 -0.55 -18.98
CA GLU G 282 -22.28 -1.02 -17.65
C GLU G 282 -21.10 -0.31 -17.01
N THR G 283 -21.08 -0.32 -15.68
CA THR G 283 -19.97 0.24 -14.93
C THR G 283 -19.54 -0.81 -13.92
N HIS G 284 -18.25 -1.08 -13.85
CA HIS G 284 -17.74 -2.11 -12.98
C HIS G 284 -16.77 -1.54 -11.96
N ASP G 285 -16.73 -2.15 -10.77
CA ASP G 285 -15.91 -1.68 -9.68
C ASP G 285 -14.49 -2.23 -9.81
N THR G 286 -13.80 -1.77 -10.85
CA THR G 286 -12.45 -2.23 -11.19
C THR G 286 -11.87 -1.25 -12.20
N GLU G 287 -10.53 -1.19 -12.29
CA GLU G 287 -9.91 -0.20 -13.18
C GLU G 287 -9.94 -0.56 -14.64
N GLN G 288 -10.05 -1.85 -14.95
CA GLN G 288 -9.94 -2.27 -16.33
C GLN G 288 -10.56 -3.63 -16.59
N LEU G 289 -11.59 -3.65 -17.42
CA LEU G 289 -12.32 -4.86 -17.73
C LEU G 289 -11.74 -5.52 -18.98
N LEU G 290 -11.57 -4.76 -20.06
CA LEU G 290 -11.03 -5.31 -21.32
C LEU G 290 -9.54 -5.08 -21.51
N PRO G 291 -8.90 -5.93 -22.31
CA PRO G 291 -7.46 -5.79 -22.58
C PRO G 291 -7.14 -4.85 -23.72
N THR G 292 -8.12 -4.47 -24.53
CA THR G 292 -8.00 -3.35 -25.46
C THR G 292 -9.35 -2.65 -25.47
N GLY G 293 -9.45 -1.60 -26.28
CA GLY G 293 -10.65 -0.76 -26.36
C GLY G 293 -11.90 -1.49 -26.82
N THR G 294 -11.73 -2.49 -27.68
CA THR G 294 -12.89 -3.20 -28.19
C THR G 294 -12.65 -4.68 -28.43
N VAL G 295 -13.58 -5.49 -27.96
CA VAL G 295 -13.56 -6.90 -28.32
C VAL G 295 -14.72 -7.20 -29.25
N ASN G 296 -14.40 -7.80 -30.40
CA ASN G 296 -15.40 -8.28 -31.34
C ASN G 296 -15.86 -9.72 -31.09
N TYR G 297 -17.18 -9.95 -31.19
CA TYR G 297 -17.73 -11.29 -31.02
C TYR G 297 -18.39 -11.82 -32.30
N PRO G 298 -17.58 -12.35 -33.22
CA PRO G 298 -18.05 -12.94 -34.47
C PRO G 298 -18.98 -14.13 -34.24
N ASN G 299 -18.65 -14.99 -33.30
CA ASN G 299 -19.37 -16.25 -33.16
C ASN G 299 -20.10 -16.52 -31.86
N ASP G 300 -20.10 -15.58 -30.92
CA ASP G 300 -20.77 -15.86 -29.67
C ASP G 300 -21.60 -14.68 -29.27
N TYR G 301 -22.62 -14.91 -28.45
CA TYR G 301 -23.39 -13.84 -27.84
C TYR G 301 -24.31 -13.12 -28.80
N ALA G 302 -25.26 -12.38 -28.22
CA ALA G 302 -26.23 -11.59 -28.97
C ALA G 302 -25.54 -10.33 -29.40
N TYR G 303 -24.72 -9.79 -28.51
CA TYR G 303 -24.01 -8.58 -28.87
C TYR G 303 -22.96 -8.81 -29.92
N THR G 304 -22.55 -7.71 -30.52
CA THR G 304 -21.64 -7.77 -31.62
C THR G 304 -20.25 -7.46 -31.09
N ARG G 305 -20.19 -6.57 -30.09
CA ARG G 305 -18.92 -6.14 -29.52
C ARG G 305 -19.04 -5.39 -28.20
N VAL G 306 -17.93 -5.28 -27.48
CA VAL G 306 -17.88 -4.60 -26.19
C VAL G 306 -16.76 -3.57 -26.22
N SER G 307 -17.00 -2.41 -25.64
CA SER G 307 -15.96 -1.39 -25.62
C SER G 307 -15.78 -0.77 -24.26
N GLU G 308 -14.54 -0.44 -23.94
CA GLU G 308 -14.21 0.19 -22.66
C GLU G 308 -13.69 1.59 -22.91
N PHE G 309 -14.49 2.58 -22.56
CA PHE G 309 -14.18 3.97 -22.87
C PHE G 309 -12.83 4.50 -22.37
N LYS G 310 -12.44 4.06 -21.18
CA LYS G 310 -11.17 4.52 -20.62
C LYS G 310 -10.00 4.26 -21.57
N HIS G 311 -10.02 3.12 -22.27
CA HIS G 311 -8.99 2.83 -23.26
C HIS G 311 -8.94 3.89 -24.36
N ILE G 312 -10.08 4.54 -24.58
CA ILE G 312 -10.23 5.45 -25.69
C ILE G 312 -10.01 6.91 -25.27
N THR G 313 -10.54 7.27 -24.12
CA THR G 313 -10.48 8.65 -23.70
C THR G 313 -9.17 8.92 -22.96
N GLY G 314 -8.55 7.87 -22.43
CA GLY G 314 -7.35 8.01 -21.65
C GLY G 314 -7.65 8.47 -20.24
N GLN G 315 -8.93 8.46 -19.88
CA GLN G 315 -9.35 8.91 -18.55
C GLN G 315 -8.93 7.97 -17.42
N ARG G 316 -8.47 8.58 -16.33
CA ARG G 316 -8.14 7.86 -15.10
C ARG G 316 -9.35 7.81 -14.17
N HIS G 317 -9.62 6.66 -13.55
CA HIS G 317 -10.84 6.51 -12.76
C HIS G 317 -10.82 5.22 -11.94
N HIS G 318 -11.37 5.25 -10.73
CA HIS G 318 -11.33 4.05 -9.88
C HIS G 318 -12.21 2.91 -10.42
N GLN G 319 -13.22 3.28 -11.21
CA GLN G 319 -14.11 2.31 -11.85
C GLN G 319 -13.93 2.34 -13.36
N THR G 320 -14.69 1.52 -14.07
CA THR G 320 -14.66 1.58 -15.53
C THR G 320 -16.05 1.38 -16.11
N SER G 321 -16.30 2.01 -17.27
CA SER G 321 -17.59 1.89 -17.93
C SER G 321 -17.46 1.31 -19.32
N VAL G 322 -18.28 0.31 -19.62
CA VAL G 322 -18.26 -0.37 -20.91
C VAL G 322 -19.61 -0.29 -21.60
N VAL G 323 -19.64 -0.63 -22.88
CA VAL G 323 -20.89 -0.72 -23.61
C VAL G 323 -20.95 -1.97 -24.53
N TYR G 324 -22.05 -2.72 -24.44
CA TYR G 324 -22.32 -3.84 -25.34
C TYR G 324 -23.22 -3.36 -26.45
N GLU G 325 -22.79 -3.50 -27.70
CA GLU G 325 -23.61 -3.11 -28.85
C GLU G 325 -24.45 -4.29 -29.35
N TYR G 326 -25.76 -4.09 -29.44
CA TYR G 326 -26.63 -5.09 -30.07
C TYR G 326 -27.22 -4.60 -31.39
N PRO G 327 -27.04 -5.39 -32.45
CA PRO G 327 -27.71 -5.08 -33.71
C PRO G 327 -29.22 -5.15 -33.54
N ARG G 328 -29.92 -4.14 -34.04
CA ARG G 328 -31.38 -4.17 -34.09
C ARG G 328 -31.83 -3.81 -35.51
N ALA G 329 -33.03 -4.23 -35.89
CA ALA G 329 -33.54 -3.91 -37.22
C ALA G 329 -34.34 -2.60 -37.17
N GLU G 330 -34.99 -2.35 -36.04
CA GLU G 330 -35.76 -1.14 -35.85
C GLU G 330 -34.94 -0.19 -34.99
N GLY G 331 -35.22 1.11 -35.07
CA GLY G 331 -34.51 2.09 -34.26
C GLY G 331 -33.82 3.18 -35.06
N ASP G 332 -33.01 4.00 -34.40
CA ASP G 332 -32.36 5.13 -35.06
C ASP G 332 -31.38 4.68 -36.13
N PRO G 333 -31.36 5.39 -37.27
CA PRO G 333 -30.54 5.04 -38.44
C PRO G 333 -29.05 5.24 -38.23
N TYR G 334 -28.30 4.17 -38.46
CA TYR G 334 -26.88 4.16 -38.22
C TYR G 334 -26.12 3.65 -39.45
N TYR G 335 -26.46 2.44 -39.89
CA TYR G 335 -25.78 1.82 -41.02
C TYR G 335 -26.71 1.70 -42.23
N PRO G 336 -26.39 2.42 -43.33
CA PRO G 336 -27.07 2.15 -44.60
C PRO G 336 -26.71 0.75 -45.06
N VAL G 337 -27.65 0.04 -45.66
CA VAL G 337 -27.43 -1.33 -46.12
C VAL G 337 -27.09 -1.37 -47.62
N PRO G 338 -25.79 -1.39 -47.96
CA PRO G 338 -25.36 -1.29 -49.37
C PRO G 338 -25.61 -2.55 -50.19
N ARG G 339 -26.69 -2.54 -50.95
CA ARG G 339 -27.03 -3.63 -51.85
C ARG G 339 -27.88 -3.10 -53.02
N PRO G 340 -27.60 -3.59 -54.23
CA PRO G 340 -28.23 -3.16 -55.47
C PRO G 340 -29.60 -2.50 -55.31
N GLU G 341 -30.59 -3.18 -54.76
CA GLU G 341 -31.92 -2.58 -54.75
C GLU G 341 -32.02 -1.32 -53.88
N ASN G 342 -31.00 -1.08 -53.05
CA ASN G 342 -30.98 0.09 -52.19
C ASN G 342 -30.26 1.29 -52.81
N ALA G 343 -29.09 1.05 -53.38
CA ALA G 343 -28.35 2.09 -54.08
C ALA G 343 -29.27 2.70 -55.13
N GLU G 344 -30.15 1.87 -55.67
CA GLU G 344 -31.08 2.27 -56.71
C GLU G 344 -32.27 3.03 -56.17
N LEU G 345 -32.70 2.69 -54.96
CA LEU G 345 -33.75 3.47 -54.31
C LEU G 345 -33.20 4.86 -53.93
N TYR G 346 -31.93 4.90 -53.52
CA TYR G 346 -31.36 6.20 -53.12
C TYR G 346 -31.19 7.07 -54.36
N LYS G 347 -30.76 6.45 -55.45
CA LYS G 347 -30.66 7.16 -56.72
C LYS G 347 -31.94 7.96 -56.99
N LYS G 348 -33.10 7.37 -56.72
CA LYS G 348 -34.37 8.08 -56.89
C LYS G 348 -34.48 9.33 -56.01
N TYR G 349 -34.15 9.19 -54.73
CA TYR G 349 -34.15 10.32 -53.82
C TYR G 349 -33.06 11.32 -54.19
N GLU G 350 -31.91 10.79 -54.59
CA GLU G 350 -30.78 11.64 -54.93
C GLU G 350 -31.23 12.62 -56.00
N ALA G 351 -32.02 12.11 -56.94
CA ALA G 351 -32.57 12.91 -58.02
C ALA G 351 -33.41 14.04 -57.46
N LEU G 352 -34.33 13.73 -56.55
CA LEU G 352 -35.13 14.78 -55.93
C LEU G 352 -34.26 15.73 -55.12
N ALA G 353 -33.18 15.20 -54.55
CA ALA G 353 -32.25 16.00 -53.75
C ALA G 353 -31.61 17.12 -54.59
N ASP G 354 -30.88 16.72 -55.62
CA ASP G 354 -30.30 17.65 -56.59
C ASP G 354 -31.33 18.65 -57.12
N ALA G 355 -32.58 18.21 -57.26
CA ALA G 355 -33.64 19.04 -57.81
C ALA G 355 -34.16 20.10 -56.83
N ALA G 356 -33.78 20.01 -55.57
CA ALA G 356 -34.19 21.04 -54.60
C ALA G 356 -33.29 22.24 -54.77
N GLN G 357 -33.87 23.43 -54.75
CA GLN G 357 -33.10 24.58 -55.19
C GLN G 357 -32.53 25.45 -54.08
N ASP G 358 -33.07 25.33 -52.88
CA ASP G 358 -32.44 26.04 -51.77
C ASP G 358 -32.18 25.16 -50.57
N VAL G 359 -32.05 23.86 -50.85
CA VAL G 359 -31.74 22.88 -49.83
C VAL G 359 -30.50 22.10 -50.25
N THR G 360 -29.48 22.09 -49.39
CA THR G 360 -28.25 21.35 -49.68
C THR G 360 -28.16 20.12 -48.81
N PHE G 361 -28.02 18.96 -49.42
CA PHE G 361 -27.99 17.73 -48.63
C PHE G 361 -26.55 17.30 -48.38
N VAL G 362 -26.22 17.12 -47.10
CA VAL G 362 -24.89 16.68 -46.74
C VAL G 362 -24.93 15.92 -45.41
N GLY G 363 -24.13 14.86 -45.31
CA GLY G 363 -24.10 14.04 -44.13
C GLY G 363 -24.29 12.58 -44.48
N ARG G 364 -23.94 11.71 -43.53
CA ARG G 364 -24.09 10.26 -43.71
C ARG G 364 -25.56 9.88 -43.99
N LEU G 365 -26.48 10.65 -43.42
CA LEU G 365 -27.89 10.34 -43.53
C LEU G 365 -28.51 10.92 -44.80
N ALA G 366 -28.06 12.12 -45.16
CA ALA G 366 -28.63 12.87 -46.27
C ALA G 366 -28.15 12.34 -47.63
N THR G 367 -27.04 11.62 -47.63
CA THR G 367 -26.44 11.16 -48.88
C THR G 367 -26.35 9.63 -48.87
N TYR G 368 -26.97 9.03 -47.86
CA TYR G 368 -27.03 7.58 -47.69
C TYR G 368 -25.67 6.93 -47.89
N ARG G 369 -24.62 7.54 -47.36
CA ARG G 369 -23.31 6.92 -47.38
C ARG G 369 -22.82 6.49 -45.99
N TYR G 370 -22.03 5.43 -45.96
CA TYR G 370 -21.43 4.87 -44.77
C TYR G 370 -20.13 5.64 -44.58
N TYR G 371 -20.23 6.85 -44.05
CA TYR G 371 -19.09 7.75 -43.95
C TYR G 371 -18.43 7.79 -42.55
N ASN G 372 -17.10 7.79 -42.50
CA ASN G 372 -16.38 8.06 -41.25
C ASN G 372 -16.52 9.52 -40.80
N MET G 373 -16.11 9.81 -39.57
CA MET G 373 -16.15 11.17 -39.07
C MET G 373 -15.31 12.13 -39.93
N ASP G 374 -14.03 11.82 -40.10
CA ASP G 374 -13.18 12.71 -40.86
C ASP G 374 -13.82 12.93 -42.22
N GLN G 375 -14.36 11.86 -42.80
CA GLN G 375 -14.89 11.95 -44.14
C GLN G 375 -15.97 13.02 -44.21
N VAL G 376 -16.90 12.99 -43.26
CA VAL G 376 -18.00 13.95 -43.24
C VAL G 376 -17.51 15.38 -43.00
N VAL G 377 -16.51 15.53 -42.13
CA VAL G 377 -15.90 16.84 -41.89
C VAL G 377 -15.39 17.39 -43.22
N ALA G 378 -14.86 16.50 -44.05
CA ALA G 378 -14.33 16.90 -45.36
C ALA G 378 -15.46 17.17 -46.37
N GLN G 379 -16.40 16.24 -46.48
CA GLN G 379 -17.60 16.46 -47.28
C GLN G 379 -18.21 17.83 -46.93
N ALA G 380 -18.05 18.25 -45.68
CA ALA G 380 -18.70 19.47 -45.23
C ALA G 380 -17.90 20.71 -45.60
N LEU G 381 -16.58 20.56 -45.66
CA LEU G 381 -15.73 21.68 -46.02
C LEU G 381 -15.74 21.90 -47.53
N ALA G 382 -16.10 20.86 -48.27
CA ALA G 382 -16.26 21.01 -49.71
C ALA G 382 -17.59 21.70 -50.00
N THR G 383 -18.63 21.31 -49.28
CA THR G 383 -19.93 21.92 -49.43
C THR G 383 -19.88 23.39 -49.07
N PHE G 384 -19.08 23.75 -48.08
CA PHE G 384 -18.95 25.15 -47.72
C PHE G 384 -18.32 25.91 -48.88
N ARG G 385 -17.16 25.44 -49.34
CA ARG G 385 -16.47 26.04 -50.48
C ARG G 385 -17.35 26.15 -51.73
N ARG G 386 -18.19 25.14 -51.97
CA ARG G 386 -19.15 25.21 -53.07
C ARG G 386 -20.20 26.29 -52.83
N LEU G 387 -20.90 26.20 -51.71
CA LEU G 387 -21.89 27.20 -51.33
C LEU G 387 -21.39 28.62 -51.58
N GLN G 388 -20.09 28.85 -51.43
CA GLN G 388 -19.49 30.16 -51.76
C GLN G 388 -19.15 30.27 -53.25
N GLY G 389 -18.43 29.29 -53.78
CA GLY G 389 -18.06 29.22 -55.19
C GLY G 389 -17.53 27.85 -55.61
N SER H 27 -52.87 -39.13 6.44
CA SER H 27 -52.47 -37.86 5.83
C SER H 27 -53.64 -37.12 5.21
N LYS H 28 -54.67 -36.85 6.02
CA LYS H 28 -55.89 -36.19 5.56
C LYS H 28 -56.02 -34.75 6.08
N GLY H 29 -54.90 -34.09 6.36
CA GLY H 29 -54.92 -32.69 6.77
C GLY H 29 -53.81 -32.27 7.73
N PHE H 30 -54.04 -31.14 8.41
CA PHE H 30 -53.11 -30.65 9.42
C PHE H 30 -53.84 -30.42 10.73
N ASP H 31 -53.09 -30.45 11.83
CA ASP H 31 -53.63 -30.06 13.11
C ASP H 31 -53.77 -28.54 13.18
N TYR H 32 -52.68 -27.85 12.85
CA TYR H 32 -52.64 -26.40 12.91
C TYR H 32 -52.35 -25.79 11.55
N LEU H 33 -53.15 -24.80 11.15
CA LEU H 33 -52.77 -23.91 10.08
C LEU H 33 -52.32 -22.60 10.71
N ILE H 34 -51.03 -22.31 10.63
CA ILE H 34 -50.47 -21.11 11.26
C ILE H 34 -50.25 -20.02 10.23
N VAL H 35 -50.91 -18.88 10.41
CA VAL H 35 -50.85 -17.81 9.43
C VAL H 35 -49.80 -16.74 9.80
N GLY H 36 -48.76 -16.63 8.96
CA GLY H 36 -47.66 -15.69 9.17
C GLY H 36 -46.42 -16.43 9.61
N ALA H 37 -45.30 -16.17 8.94
CA ALA H 37 -44.05 -16.86 9.28
C ALA H 37 -43.01 -15.98 9.98
N GLY H 38 -43.47 -14.94 10.66
CA GLY H 38 -42.61 -14.11 11.48
C GLY H 38 -42.34 -14.84 12.78
N PHE H 39 -41.78 -14.15 13.77
CA PHE H 39 -41.46 -14.79 15.03
C PHE H 39 -42.63 -15.51 15.64
N ALA H 40 -43.77 -14.83 15.69
CA ALA H 40 -44.94 -15.36 16.36
C ALA H 40 -45.29 -16.75 15.79
N GLY H 41 -45.58 -16.80 14.50
CA GLY H 41 -45.97 -18.04 13.85
C GLY H 41 -44.89 -19.10 13.79
N SER H 42 -43.65 -18.67 13.66
CA SER H 42 -42.54 -19.59 13.58
C SER H 42 -42.19 -20.25 14.92
N VAL H 43 -42.26 -19.51 16.01
CA VAL H 43 -41.93 -20.12 17.29
C VAL H 43 -42.96 -21.16 17.61
N LEU H 44 -44.20 -20.82 17.28
CA LEU H 44 -45.32 -21.71 17.56
C LEU H 44 -45.26 -22.97 16.70
N ALA H 45 -44.82 -22.83 15.46
CA ALA H 45 -44.71 -23.97 14.59
C ALA H 45 -43.61 -24.91 15.08
N GLU H 46 -42.51 -24.34 15.55
CA GLU H 46 -41.42 -25.19 15.99
C GLU H 46 -41.85 -25.90 17.25
N ARG H 47 -42.54 -25.17 18.11
CA ARG H 47 -43.06 -25.72 19.37
C ARG H 47 -44.09 -26.80 19.10
N LEU H 48 -45.09 -26.46 18.31
CA LEU H 48 -46.16 -27.40 18.01
C LEU H 48 -45.60 -28.68 17.36
N ALA H 49 -44.72 -28.50 16.38
CA ALA H 49 -44.18 -29.62 15.61
C ALA H 49 -43.30 -30.56 16.44
N SER H 50 -42.48 -30.01 17.32
CA SER H 50 -41.62 -30.86 18.14
C SER H 50 -42.45 -31.66 19.14
N SER H 51 -43.71 -31.26 19.30
CA SER H 51 -44.63 -31.99 20.17
C SER H 51 -45.54 -32.87 19.34
N GLY H 52 -45.17 -33.06 18.06
CA GLY H 52 -45.80 -34.04 17.22
C GLY H 52 -46.95 -33.54 16.37
N GLN H 53 -47.19 -32.25 16.40
CA GLN H 53 -48.27 -31.70 15.60
C GLN H 53 -47.88 -31.53 14.14
N ARG H 54 -48.87 -31.67 13.25
CA ARG H 54 -48.64 -31.44 11.84
C ARG H 54 -49.04 -30.02 11.48
N VAL H 55 -48.04 -29.22 11.14
CA VAL H 55 -48.23 -27.80 10.95
C VAL H 55 -48.15 -27.40 9.49
N LEU H 56 -49.15 -26.68 9.02
CA LEU H 56 -48.98 -25.96 7.76
C LEU H 56 -48.81 -24.46 8.06
N ILE H 57 -47.61 -23.93 7.88
CA ILE H 57 -47.41 -22.49 8.07
C ILE H 57 -47.48 -21.75 6.73
N VAL H 58 -48.24 -20.67 6.68
CA VAL H 58 -48.41 -19.97 5.43
C VAL H 58 -48.11 -18.47 5.59
N ASP H 59 -47.60 -17.85 4.53
CA ASP H 59 -47.34 -16.42 4.56
C ASP H 59 -47.59 -15.83 3.18
N ARG H 60 -48.26 -14.68 3.14
CA ARG H 60 -48.56 -14.02 1.87
C ARG H 60 -47.28 -13.43 1.26
N ARG H 61 -46.25 -13.26 2.09
CA ARG H 61 -44.94 -12.82 1.61
C ARG H 61 -44.15 -13.97 0.98
N PRO H 62 -43.23 -13.67 0.09
CA PRO H 62 -42.64 -14.79 -0.63
C PRO H 62 -41.48 -15.45 0.13
N HIS H 63 -41.48 -15.29 1.46
CA HIS H 63 -40.30 -15.67 2.24
C HIS H 63 -40.73 -15.78 3.68
N ILE H 64 -39.93 -16.50 4.49
CA ILE H 64 -40.23 -16.69 5.90
C ILE H 64 -39.61 -15.57 6.73
N GLY H 65 -39.97 -15.48 8.02
CA GLY H 65 -39.31 -14.57 8.95
C GLY H 65 -40.03 -13.26 9.22
N GLY H 66 -41.01 -12.93 8.41
CA GLY H 66 -41.70 -11.66 8.56
C GLY H 66 -40.74 -10.49 8.55
N ASN H 67 -41.07 -9.43 9.28
CA ASN H 67 -40.20 -8.24 9.38
C ASN H 67 -38.74 -8.54 9.50
N ALA H 68 -38.43 -9.63 10.19
CA ALA H 68 -37.11 -9.85 10.70
C ALA H 68 -36.29 -10.54 9.64
N TYR H 69 -36.92 -10.71 8.48
CA TYR H 69 -36.27 -11.38 7.36
C TYR H 69 -35.08 -10.59 6.88
N ASP H 70 -33.94 -11.26 6.68
CA ASP H 70 -32.78 -10.64 6.07
C ASP H 70 -32.26 -11.45 4.87
N CYS H 71 -31.41 -10.81 4.06
CA CYS H 71 -30.86 -11.46 2.88
C CYS H 71 -29.72 -10.63 2.32
N TYR H 72 -28.96 -11.21 1.40
CA TYR H 72 -27.92 -10.50 0.67
C TYR H 72 -28.48 -9.69 -0.53
N ASP H 73 -28.05 -8.44 -0.66
CA ASP H 73 -28.52 -7.59 -1.77
C ASP H 73 -27.66 -7.67 -3.02
N ASP H 74 -27.93 -6.80 -3.99
CA ASP H 74 -27.18 -6.86 -5.23
C ASP H 74 -25.66 -6.78 -5.03
N ALA H 75 -25.22 -6.06 -4.01
CA ALA H 75 -23.80 -5.86 -3.82
C ALA H 75 -23.20 -6.99 -3.02
N GLY H 76 -24.06 -7.79 -2.39
CA GLY H 76 -23.60 -8.94 -1.62
C GLY H 76 -23.45 -8.58 -0.15
N VAL H 77 -24.14 -7.52 0.25
CA VAL H 77 -24.19 -7.12 1.64
C VAL H 77 -25.41 -7.74 2.27
N LEU H 78 -25.25 -8.20 3.50
CA LEU H 78 -26.35 -8.75 4.26
C LEU H 78 -27.14 -7.59 4.82
N ILE H 79 -28.41 -7.44 4.38
CA ILE H 79 -29.26 -6.33 4.81
C ILE H 79 -30.59 -6.78 5.40
N HIS H 80 -31.31 -5.87 6.06
CA HIS H 80 -32.69 -6.14 6.48
C HIS H 80 -33.68 -5.35 5.61
N PRO H 81 -34.33 -6.02 4.66
CA PRO H 81 -35.20 -5.37 3.68
C PRO H 81 -36.26 -4.50 4.34
N TYR H 82 -36.76 -4.92 5.51
CA TYR H 82 -37.78 -4.17 6.22
C TYR H 82 -37.19 -3.42 7.42
N GLY H 83 -36.04 -2.79 7.22
CA GLY H 83 -35.42 -1.99 8.27
C GLY H 83 -34.67 -2.80 9.30
N PRO H 84 -33.78 -2.12 10.05
CA PRO H 84 -32.81 -2.73 10.98
C PRO H 84 -33.45 -3.44 12.17
N HIS H 85 -33.21 -4.74 12.28
CA HIS H 85 -33.70 -5.49 13.42
C HIS H 85 -32.56 -5.89 14.35
N ILE H 86 -32.47 -5.23 15.50
CA ILE H 86 -31.39 -5.46 16.45
C ILE H 86 -31.96 -6.33 17.55
N PHE H 87 -31.45 -7.55 17.68
CA PHE H 87 -31.97 -8.42 18.73
C PHE H 87 -31.43 -8.05 20.12
N HIS H 88 -32.31 -8.06 21.11
CA HIS H 88 -31.94 -7.73 22.48
C HIS H 88 -32.98 -8.30 23.45
N THR H 89 -32.54 -8.87 24.55
CA THR H 89 -33.50 -9.34 25.55
C THR H 89 -32.91 -9.38 26.95
N ASN H 90 -33.78 -9.18 27.95
CA ASN H 90 -33.41 -9.45 29.35
C ASN H 90 -33.77 -10.89 29.75
N SER H 91 -34.46 -11.61 28.86
CA SER H 91 -34.99 -12.93 29.16
C SER H 91 -34.04 -14.09 28.84
N LYS H 92 -33.38 -14.62 29.87
CA LYS H 92 -32.51 -15.81 29.74
C LYS H 92 -33.22 -16.94 29.02
N ASP H 93 -34.49 -17.15 29.37
CA ASP H 93 -35.31 -18.15 28.70
C ASP H 93 -35.29 -17.93 27.18
N VAL H 94 -35.89 -16.82 26.73
CA VAL H 94 -35.92 -16.47 25.32
C VAL H 94 -34.54 -16.59 24.66
N PHE H 95 -33.52 -16.03 25.28
CA PHE H 95 -32.22 -16.08 24.65
C PHE H 95 -31.72 -17.50 24.50
N GLU H 96 -32.04 -18.36 25.46
CA GLU H 96 -31.55 -19.73 25.35
C GLU H 96 -32.37 -20.51 24.34
N TYR H 97 -33.66 -20.19 24.26
CA TYR H 97 -34.54 -20.82 23.27
C TYR H 97 -34.04 -20.55 21.86
N LEU H 98 -33.64 -19.30 21.60
CA LEU H 98 -33.23 -18.88 20.27
C LEU H 98 -31.82 -19.37 19.97
N SER H 99 -31.01 -19.54 21.01
CA SER H 99 -29.69 -20.17 20.88
C SER H 99 -29.79 -21.58 20.30
N ARG H 100 -30.96 -22.19 20.42
CA ARG H 100 -31.15 -23.51 19.83
C ARG H 100 -31.04 -23.51 18.30
N PHE H 101 -31.27 -22.34 17.69
CA PHE H 101 -31.34 -22.26 16.22
C PHE H 101 -30.31 -21.39 15.55
N THR H 102 -29.42 -20.80 16.34
CA THR H 102 -28.45 -19.86 15.80
C THR H 102 -27.32 -19.54 16.78
N GLU H 103 -26.14 -19.26 16.22
CA GLU H 103 -25.06 -18.74 17.02
C GLU H 103 -25.23 -17.22 17.10
N TRP H 104 -24.41 -16.56 17.92
CA TRP H 104 -24.57 -15.13 18.07
C TRP H 104 -23.30 -14.38 17.73
N ARG H 105 -23.48 -13.16 17.26
CA ARG H 105 -22.40 -12.19 17.17
C ARG H 105 -22.76 -11.12 18.21
N PRO H 106 -21.91 -10.94 19.22
CA PRO H 106 -22.26 -9.97 20.25
C PRO H 106 -22.28 -8.58 19.65
N TYR H 107 -23.33 -7.81 19.96
CA TYR H 107 -23.47 -6.46 19.42
C TYR H 107 -24.33 -5.62 20.33
N GLN H 108 -23.82 -4.44 20.65
CA GLN H 108 -24.57 -3.49 21.46
C GLN H 108 -24.78 -2.27 20.59
N HIS H 109 -26.05 -2.07 20.24
CA HIS H 109 -26.46 -1.06 19.25
C HIS H 109 -26.35 0.34 19.83
N ARG H 110 -25.86 1.28 19.02
CA ARG H 110 -25.75 2.67 19.45
C ARG H 110 -26.37 3.63 18.42
N VAL H 111 -27.28 4.48 18.88
CA VAL H 111 -27.94 5.41 17.99
C VAL H 111 -27.51 6.85 18.27
N LEU H 112 -27.38 7.64 17.22
CA LEU H 112 -27.03 9.04 17.33
C LEU H 112 -28.17 9.84 16.73
N ALA H 113 -28.61 10.87 17.44
CA ALA H 113 -29.64 11.77 16.93
C ALA H 113 -28.95 12.98 16.34
N SER H 114 -29.40 13.39 15.16
CA SER H 114 -28.89 14.61 14.54
C SER H 114 -29.65 15.82 15.07
N VAL H 115 -29.04 16.53 16.01
CA VAL H 115 -29.66 17.71 16.61
C VAL H 115 -28.68 18.89 16.58
N ASP H 116 -29.16 20.06 16.17
CA ASP H 116 -28.32 21.24 16.08
C ASP H 116 -27.03 20.92 15.36
N GLY H 117 -27.15 20.16 14.28
CA GLY H 117 -25.99 19.76 13.48
C GLY H 117 -24.93 18.93 14.20
N GLN H 118 -25.31 18.31 15.32
CA GLN H 118 -24.43 17.38 16.02
C GLN H 118 -24.98 15.96 16.03
N LEU H 119 -24.11 15.00 16.33
CA LEU H 119 -24.54 13.62 16.49
C LEU H 119 -24.47 13.22 17.96
N LEU H 120 -25.58 13.38 18.67
CA LEU H 120 -25.62 13.16 20.10
C LEU H 120 -26.30 11.83 20.49
N PRO H 121 -25.89 11.25 21.63
CA PRO H 121 -26.44 9.96 22.10
C PRO H 121 -27.94 10.01 22.40
N ILE H 122 -28.70 9.06 21.86
CA ILE H 122 -30.12 8.87 22.20
C ILE H 122 -30.31 7.38 22.54
N PRO H 123 -30.94 7.06 23.68
CA PRO H 123 -31.64 7.90 24.65
C PRO H 123 -30.76 9.01 25.19
N ILE H 124 -31.37 10.10 25.65
CA ILE H 124 -30.66 11.22 26.23
C ILE H 124 -29.86 10.81 27.49
N ASN H 125 -28.58 11.16 27.52
CA ASN H 125 -27.78 11.00 28.73
C ASN H 125 -26.92 12.22 29.11
N LEU H 126 -26.09 12.07 30.15
CA LEU H 126 -25.14 13.08 30.61
C LEU H 126 -24.37 13.75 29.47
N ASP H 127 -23.84 12.97 28.53
CA ASP H 127 -23.08 13.53 27.44
C ASP H 127 -23.99 14.23 26.43
N THR H 128 -25.22 13.78 26.28
CA THR H 128 -26.17 14.47 25.40
C THR H 128 -26.37 15.90 25.91
N VAL H 129 -26.71 16.01 27.18
CA VAL H 129 -26.92 17.30 27.81
C VAL H 129 -25.66 18.20 27.77
N ASN H 130 -24.52 17.64 28.17
CA ASN H 130 -23.25 18.39 28.16
C ASN H 130 -22.87 18.90 26.78
N ARG H 131 -22.90 18.02 25.78
CA ARG H 131 -22.39 18.38 24.47
C ARG H 131 -23.34 19.33 23.73
N LEU H 132 -24.62 19.28 24.11
CA LEU H 132 -25.62 20.07 23.41
C LEU H 132 -25.51 21.51 23.82
N TYR H 133 -25.48 21.71 25.13
CA TYR H 133 -25.53 23.03 25.72
C TYR H 133 -24.14 23.59 26.04
N GLY H 134 -23.11 22.78 25.86
CA GLY H 134 -21.77 23.14 26.28
C GLY H 134 -21.57 23.13 27.79
N LEU H 135 -22.30 22.28 28.50
CA LEU H 135 -22.16 22.17 29.95
C LEU H 135 -21.05 21.20 30.39
N ASN H 136 -20.91 21.04 31.70
CA ASN H 136 -19.95 20.12 32.26
C ASN H 136 -20.48 19.50 33.52
N LEU H 137 -21.78 19.21 33.51
CA LEU H 137 -22.42 18.52 34.63
C LEU H 137 -21.81 17.14 34.86
N THR H 138 -21.88 16.73 36.12
CA THR H 138 -21.57 15.37 36.49
C THR H 138 -22.89 14.63 36.60
N SER H 139 -22.84 13.30 36.60
CA SER H 139 -24.05 12.52 36.80
C SER H 139 -24.87 13.12 37.92
N PHE H 140 -24.22 13.47 39.03
CA PHE H 140 -24.93 13.92 40.22
C PHE H 140 -25.66 15.24 40.02
N GLN H 141 -25.10 16.08 39.15
CA GLN H 141 -25.70 17.36 38.82
C GLN H 141 -26.81 17.26 37.78
N VAL H 142 -26.64 16.39 36.79
CA VAL H 142 -27.58 16.39 35.67
C VAL H 142 -29.01 16.00 36.10
N GLU H 143 -29.12 15.30 37.21
CA GLU H 143 -30.42 14.95 37.76
C GLU H 143 -31.07 16.21 38.32
N GLU H 144 -30.27 17.05 38.98
CA GLU H 144 -30.76 18.32 39.50
C GLU H 144 -31.08 19.22 38.31
N PHE H 145 -30.23 19.18 37.28
CA PHE H 145 -30.50 19.98 36.09
C PHE H 145 -31.88 19.65 35.53
N PHE H 146 -32.08 18.38 35.20
CA PHE H 146 -33.37 17.90 34.71
C PHE H 146 -34.46 18.34 35.67
N ALA H 147 -34.27 18.03 36.95
CA ALA H 147 -35.27 18.35 37.95
C ALA H 147 -35.70 19.81 37.83
N SER H 148 -34.75 20.67 37.44
CA SER H 148 -35.01 22.10 37.37
C SER H 148 -35.56 22.58 36.04
N VAL H 149 -35.61 21.71 35.03
CA VAL H 149 -36.29 22.08 33.79
C VAL H 149 -37.58 21.32 33.62
N ALA H 150 -37.76 20.27 34.43
CA ALA H 150 -38.96 19.43 34.34
C ALA H 150 -40.27 20.21 34.54
N GLU H 151 -41.31 19.81 33.83
CA GLU H 151 -42.63 20.39 34.00
C GLU H 151 -43.48 19.51 34.91
N LYS H 152 -44.23 20.14 35.82
CA LYS H 152 -45.10 19.40 36.72
C LYS H 152 -46.24 18.83 35.90
N VAL H 153 -46.61 17.59 36.22
CA VAL H 153 -47.73 16.93 35.56
C VAL H 153 -48.55 16.15 36.56
N GLU H 154 -49.82 16.54 36.68
CA GLU H 154 -50.79 15.86 37.52
C GLU H 154 -50.59 14.36 37.40
N GLN H 155 -50.91 13.83 36.22
CA GLN H 155 -50.63 12.43 35.90
C GLN H 155 -49.99 12.23 34.53
N VAL H 156 -48.91 11.44 34.52
CA VAL H 156 -48.22 11.05 33.30
C VAL H 156 -49.16 10.17 32.50
N ARG H 157 -49.77 10.72 31.47
CA ARG H 157 -50.71 9.94 30.67
C ARG H 157 -50.27 9.82 29.20
N THR H 158 -49.75 10.91 28.63
CA THR H 158 -49.34 10.91 27.23
C THR H 158 -47.82 10.76 27.04
N SER H 159 -47.41 10.68 25.78
CA SER H 159 -45.99 10.67 25.44
C SER H 159 -45.35 12.05 25.61
N GLU H 160 -46.16 13.10 25.59
CA GLU H 160 -45.66 14.42 25.94
C GLU H 160 -45.38 14.50 27.45
N ASP H 161 -46.31 13.99 28.25
CA ASP H 161 -46.18 14.01 29.71
C ASP H 161 -44.96 13.23 30.18
N VAL H 162 -44.72 12.09 29.55
CA VAL H 162 -43.60 11.23 29.90
C VAL H 162 -42.24 11.92 29.76
N VAL H 163 -42.11 12.81 28.78
CA VAL H 163 -40.82 13.42 28.48
C VAL H 163 -40.67 14.76 29.18
N VAL H 164 -41.59 15.66 28.89
CA VAL H 164 -41.60 16.98 29.47
C VAL H 164 -41.50 16.95 31.01
N SER H 165 -42.10 15.94 31.62
CA SER H 165 -42.15 15.87 33.08
C SER H 165 -40.87 15.34 33.68
N LYS H 166 -39.96 14.86 32.85
CA LYS H 166 -38.68 14.37 33.37
C LYS H 166 -37.49 15.22 32.93
N VAL H 167 -37.50 15.69 31.68
CA VAL H 167 -36.37 16.43 31.14
C VAL H 167 -36.71 17.83 30.63
N GLY H 168 -37.97 18.23 30.72
CA GLY H 168 -38.37 19.59 30.38
C GLY H 168 -38.69 19.83 28.92
N ARG H 169 -39.29 20.98 28.63
CA ARG H 169 -39.87 21.24 27.31
C ARG H 169 -38.86 21.28 26.15
N ASP H 170 -37.71 21.91 26.37
CA ASP H 170 -36.74 22.11 25.30
C ASP H 170 -36.10 20.81 24.79
N LEU H 171 -35.53 20.02 25.69
CA LEU H 171 -35.05 18.70 25.29
C LEU H 171 -36.14 17.92 24.53
N TYR H 172 -37.38 18.05 24.99
CA TYR H 172 -38.49 17.35 24.37
C TYR H 172 -38.67 17.83 22.93
N ASN H 173 -38.64 19.14 22.73
CA ASN H 173 -38.69 19.67 21.36
C ASN H 173 -37.53 19.19 20.47
N LYS H 174 -36.31 19.14 21.01
CA LYS H 174 -35.13 18.79 20.21
C LYS H 174 -35.04 17.31 19.84
N PHE H 175 -35.47 16.42 20.72
CA PHE H 175 -35.35 14.99 20.48
C PHE H 175 -36.66 14.23 20.23
N PHE H 176 -37.75 14.64 20.88
CA PHE H 176 -39.00 13.87 20.80
C PHE H 176 -40.12 14.45 19.93
N ARG H 177 -40.40 15.74 20.04
CA ARG H 177 -41.58 16.31 19.38
C ARG H 177 -41.54 16.06 17.88
N GLY H 178 -40.50 16.55 17.22
CA GLY H 178 -40.37 16.39 15.78
C GLY H 178 -40.34 14.93 15.34
N TYR H 179 -39.52 14.12 16.01
CA TYR H 179 -39.42 12.73 15.63
C TYR H 179 -40.78 12.04 15.70
N THR H 180 -41.43 12.15 16.87
CA THR H 180 -42.71 11.50 17.10
C THR H 180 -43.78 11.98 16.11
N ARG H 181 -43.80 13.28 15.84
CA ARG H 181 -44.77 13.83 14.88
C ARG H 181 -44.55 13.29 13.48
N LYS H 182 -43.29 13.09 13.12
CA LYS H 182 -42.94 12.60 11.80
C LYS H 182 -43.25 11.10 11.72
N GLN H 183 -42.85 10.38 12.77
CA GLN H 183 -42.97 8.94 12.82
C GLN H 183 -44.42 8.46 12.85
N TRP H 184 -45.27 9.14 13.62
CA TRP H 184 -46.65 8.70 13.77
C TRP H 184 -47.68 9.55 13.04
N GLY H 185 -47.28 10.74 12.60
CA GLY H 185 -48.24 11.70 12.08
C GLY H 185 -49.20 12.22 13.14
N LEU H 186 -48.86 12.00 14.41
CA LEU H 186 -49.60 12.56 15.53
C LEU H 186 -48.60 13.20 16.51
N ASP H 187 -49.02 14.28 17.17
CA ASP H 187 -48.20 14.91 18.18
C ASP H 187 -48.01 13.99 19.39
N PRO H 188 -46.91 14.14 20.14
CA PRO H 188 -46.63 13.24 21.26
C PRO H 188 -47.69 13.22 22.36
N SER H 189 -48.70 14.07 22.23
CA SER H 189 -49.72 14.19 23.26
C SER H 189 -50.98 13.49 22.80
N GLU H 190 -50.99 13.13 21.52
CA GLU H 190 -52.08 12.35 20.96
C GLU H 190 -51.76 10.85 21.05
N LEU H 191 -50.64 10.53 21.70
CA LEU H 191 -50.25 9.14 21.89
C LEU H 191 -50.18 8.78 23.36
N ASP H 192 -50.17 7.49 23.63
CA ASP H 192 -50.08 7.03 24.99
C ASP H 192 -48.66 7.23 25.52
N ALA H 193 -48.51 7.24 26.83
CA ALA H 193 -47.22 7.52 27.44
C ALA H 193 -46.17 6.49 27.06
N SER H 194 -46.63 5.29 26.74
CA SER H 194 -45.73 4.16 26.62
C SER H 194 -44.86 4.24 25.38
N VAL H 195 -45.30 5.01 24.40
CA VAL H 195 -44.50 5.14 23.19
C VAL H 195 -43.13 5.80 23.46
N THR H 196 -43.12 7.06 23.88
CA THR H 196 -41.85 7.72 24.20
C THR H 196 -41.22 7.19 25.48
N ALA H 197 -41.99 6.46 26.29
CA ALA H 197 -41.45 5.85 27.51
C ALA H 197 -40.48 4.71 27.21
N ARG H 198 -40.51 4.20 25.98
CA ARG H 198 -39.58 3.15 25.55
C ARG H 198 -38.14 3.62 25.58
N VAL H 199 -37.94 4.91 25.39
CA VAL H 199 -36.62 5.48 25.32
C VAL H 199 -36.39 6.36 26.53
N PRO H 200 -36.15 5.76 27.69
CA PRO H 200 -36.10 6.52 28.94
C PRO H 200 -34.90 7.46 28.92
N THR H 201 -34.97 8.55 29.67
CA THR H 201 -33.82 9.43 29.80
C THR H 201 -32.87 8.94 30.89
N ARG H 202 -31.57 9.03 30.65
CA ARG H 202 -30.58 8.56 31.61
C ARG H 202 -29.83 9.74 32.24
N THR H 203 -29.17 9.51 33.37
CA THR H 203 -28.29 10.52 33.97
C THR H 203 -26.84 10.07 33.96
N ASN H 204 -26.62 8.83 33.54
CA ASN H 204 -25.29 8.29 33.40
C ASN H 204 -24.71 8.60 32.01
N ARG H 205 -23.69 7.87 31.60
CA ARG H 205 -23.07 8.11 30.31
C ARG H 205 -23.22 6.91 29.38
N ASP H 206 -24.15 6.01 29.72
CA ASP H 206 -24.43 4.83 28.94
C ASP H 206 -25.01 5.25 27.59
N ASN H 207 -24.37 4.89 26.48
CA ASN H 207 -24.87 5.35 25.19
C ASN H 207 -25.48 4.23 24.33
N ARG H 208 -25.65 3.05 24.92
CA ARG H 208 -26.32 1.95 24.25
C ARG H 208 -27.80 2.27 24.11
N TYR H 209 -28.40 1.85 23.00
CA TYR H 209 -29.82 2.02 22.84
C TYR H 209 -30.59 1.17 23.83
N PHE H 210 -30.10 -0.04 24.07
CA PHE H 210 -30.70 -0.98 25.02
C PHE H 210 -29.75 -1.24 26.18
N ALA H 211 -30.29 -1.53 27.36
CA ALA H 211 -29.45 -1.92 28.51
C ALA H 211 -29.64 -3.41 28.82
N ASP H 212 -30.27 -4.10 27.88
CA ASP H 212 -30.58 -5.52 28.03
C ASP H 212 -29.36 -6.38 28.35
N THR H 213 -29.57 -7.39 29.18
CA THR H 213 -28.55 -8.38 29.51
C THR H 213 -27.91 -9.03 28.28
N TYR H 214 -28.75 -9.63 27.43
CA TYR H 214 -28.30 -10.27 26.20
C TYR H 214 -28.55 -9.38 24.96
N GLN H 215 -27.48 -8.85 24.39
CA GLN H 215 -27.54 -8.11 23.14
C GLN H 215 -26.58 -8.76 22.15
N ALA H 216 -27.14 -9.30 21.07
CA ALA H 216 -26.37 -10.07 20.12
C ALA H 216 -27.24 -10.31 18.90
N MET H 217 -26.60 -10.37 17.74
CA MET H 217 -27.27 -10.65 16.48
C MET H 217 -27.08 -12.12 16.10
N PRO H 218 -28.08 -12.71 15.41
CA PRO H 218 -27.99 -14.06 14.87
C PRO H 218 -26.75 -14.15 13.98
N LEU H 219 -25.85 -15.11 14.23
CA LEU H 219 -24.52 -15.04 13.64
C LEU H 219 -24.57 -14.90 12.14
N HIS H 220 -25.49 -15.62 11.49
CA HIS H 220 -25.59 -15.62 10.04
C HIS H 220 -26.90 -15.05 9.53
N GLY H 221 -27.48 -14.11 10.30
CA GLY H 221 -28.74 -13.48 9.93
C GLY H 221 -29.98 -14.20 10.47
N TYR H 222 -31.09 -13.47 10.50
CA TYR H 222 -32.35 -14.01 10.99
C TYR H 222 -32.88 -15.13 10.13
N THR H 223 -32.60 -15.08 8.84
CA THR H 223 -33.27 -15.99 7.95
C THR H 223 -32.70 -17.39 8.11
N ARG H 224 -31.39 -17.47 8.34
CA ARG H 224 -30.77 -18.76 8.63
C ARG H 224 -31.40 -19.34 9.91
N MET H 225 -31.61 -18.48 10.90
CA MET H 225 -32.23 -18.89 12.16
C MET H 225 -33.64 -19.43 11.93
N PHE H 226 -34.46 -18.70 11.18
CA PHE H 226 -35.83 -19.11 10.96
C PHE H 226 -35.87 -20.43 10.21
N GLN H 227 -34.95 -20.59 9.26
CA GLN H 227 -34.88 -21.80 8.48
C GLN H 227 -34.64 -23.01 9.36
N ASN H 228 -33.82 -22.82 10.40
CA ASN H 228 -33.57 -23.87 11.37
C ASN H 228 -34.80 -24.14 12.22
N MET H 229 -35.49 -23.07 12.58
CA MET H 229 -36.67 -23.16 13.40
C MET H 229 -37.74 -23.94 12.67
N LEU H 230 -37.76 -23.87 11.34
CA LEU H 230 -38.85 -24.44 10.56
C LEU H 230 -38.52 -25.80 9.93
N SER H 231 -37.35 -26.34 10.26
CA SER H 231 -36.81 -27.48 9.54
C SER H 231 -37.35 -28.88 9.87
N SER H 232 -38.31 -28.98 10.79
CA SER H 232 -38.86 -30.30 11.14
C SER H 232 -39.75 -30.86 10.03
N PRO H 233 -39.84 -32.19 9.92
CA PRO H 233 -40.63 -32.83 8.87
C PRO H 233 -42.11 -32.61 9.09
N ASN H 234 -42.47 -32.22 10.31
CA ASN H 234 -43.86 -31.89 10.60
C ASN H 234 -44.31 -30.50 10.20
N ILE H 235 -43.38 -29.67 9.70
CA ILE H 235 -43.72 -28.33 9.19
C ILE H 235 -43.73 -28.21 7.66
N LYS H 236 -44.89 -27.92 7.09
CA LYS H 236 -44.96 -27.57 5.68
C LYS H 236 -44.97 -26.03 5.54
N VAL H 237 -44.10 -25.49 4.71
CA VAL H 237 -44.03 -24.06 4.56
C VAL H 237 -44.64 -23.66 3.25
N MET H 238 -45.63 -22.79 3.30
CA MET H 238 -46.28 -22.30 2.07
C MET H 238 -46.14 -20.77 1.98
N LEU H 239 -45.68 -20.28 0.83
CA LEU H 239 -45.31 -18.89 0.70
C LEU H 239 -46.03 -18.24 -0.46
N ASN H 240 -46.09 -16.91 -0.42
CA ASN H 240 -46.76 -16.13 -1.45
C ASN H 240 -48.25 -16.48 -1.46
N THR H 241 -48.80 -16.71 -0.29
CA THR H 241 -50.15 -17.25 -0.15
C THR H 241 -50.93 -16.61 0.98
N ASP H 242 -52.01 -15.90 0.67
CA ASP H 242 -52.96 -15.50 1.72
C ASP H 242 -53.64 -16.78 2.23
N TYR H 243 -53.80 -16.92 3.55
CA TYR H 243 -54.47 -18.11 4.06
C TYR H 243 -55.87 -18.28 3.46
N ARG H 244 -56.51 -17.15 3.16
CA ARG H 244 -57.82 -17.15 2.52
C ARG H 244 -57.83 -17.69 1.08
N GLU H 245 -56.67 -18.14 0.61
CA GLU H 245 -56.57 -18.70 -0.74
C GLU H 245 -56.59 -20.23 -0.65
N ILE H 246 -56.50 -20.75 0.57
CA ILE H 246 -56.37 -22.19 0.74
C ILE H 246 -57.11 -22.74 1.94
N ALA H 247 -57.71 -21.88 2.75
CA ALA H 247 -58.34 -22.35 3.98
C ALA H 247 -59.73 -22.92 3.71
N ASP H 248 -60.27 -22.61 2.54
CA ASP H 248 -61.54 -23.18 2.11
C ASP H 248 -61.44 -24.65 1.71
N PHE H 249 -60.24 -25.20 1.59
CA PHE H 249 -60.12 -26.59 1.16
C PHE H 249 -58.90 -27.32 1.68
N ILE H 250 -58.26 -26.81 2.72
CA ILE H 250 -57.18 -27.54 3.35
C ILE H 250 -57.55 -27.84 4.78
N PRO H 251 -57.67 -29.13 5.10
CA PRO H 251 -58.09 -29.58 6.42
C PRO H 251 -57.20 -29.02 7.51
N PHE H 252 -57.78 -28.28 8.45
CA PHE H 252 -57.09 -28.00 9.69
C PHE H 252 -58.06 -27.98 10.87
N GLN H 253 -57.62 -28.54 12.00
CA GLN H 253 -58.31 -28.43 13.27
C GLN H 253 -58.33 -26.98 13.74
N HIS H 254 -57.16 -26.54 14.19
CA HIS H 254 -57.02 -25.24 14.82
C HIS H 254 -56.20 -24.25 13.96
N MET H 255 -56.45 -22.95 14.15
CA MET H 255 -55.68 -21.91 13.46
C MET H 255 -54.98 -20.97 14.42
N ILE H 256 -53.74 -20.63 14.08
CA ILE H 256 -52.99 -19.61 14.79
C ILE H 256 -52.77 -18.48 13.81
N TYR H 257 -53.31 -17.31 14.13
CA TYR H 257 -53.30 -16.18 13.22
C TYR H 257 -52.40 -15.06 13.75
N THR H 258 -51.53 -14.53 12.91
CA THR H 258 -50.56 -13.53 13.37
C THR H 258 -50.54 -12.30 12.50
N GLY H 259 -51.47 -12.17 11.54
CA GLY H 259 -51.67 -10.93 10.83
C GLY H 259 -52.49 -9.87 11.56
N PRO H 260 -52.84 -8.77 10.87
CA PRO H 260 -53.65 -7.67 11.43
C PRO H 260 -54.98 -8.20 11.98
N VAL H 261 -55.40 -7.78 13.17
CA VAL H 261 -56.69 -8.25 13.69
C VAL H 261 -57.86 -7.75 12.87
N ASP H 262 -57.95 -6.45 12.71
CA ASP H 262 -59.06 -5.84 12.00
C ASP H 262 -59.38 -6.52 10.67
N ALA H 263 -58.35 -6.83 9.88
CA ALA H 263 -58.53 -7.46 8.57
C ALA H 263 -59.12 -8.87 8.61
N PHE H 264 -59.00 -9.53 9.77
CA PHE H 264 -59.53 -10.88 9.97
C PHE H 264 -61.05 -10.85 10.15
N PHE H 265 -61.56 -9.74 10.65
CA PHE H 265 -62.97 -9.58 10.86
C PHE H 265 -63.52 -8.60 9.83
N ASP H 266 -62.87 -8.62 8.66
CA ASP H 266 -63.25 -7.80 7.52
C ASP H 266 -63.53 -6.34 7.89
N PHE H 267 -62.81 -5.85 8.90
CA PHE H 267 -62.92 -4.46 9.29
C PHE H 267 -64.32 -4.11 9.73
N CYS H 268 -65.07 -5.10 10.19
CA CYS H 268 -66.46 -4.89 10.56
C CYS H 268 -66.66 -3.69 11.47
N TYR H 269 -65.63 -3.33 12.22
CA TYR H 269 -65.74 -2.21 13.15
C TYR H 269 -65.01 -0.94 12.70
N GLY H 270 -64.65 -0.88 11.42
CA GLY H 270 -63.82 0.20 10.89
C GLY H 270 -62.36 -0.21 10.90
N LYS H 271 -61.53 0.55 10.18
CA LYS H 271 -60.10 0.28 10.10
C LYS H 271 -59.38 0.60 11.43
N LEU H 272 -58.74 -0.41 12.02
CA LEU H 272 -57.91 -0.23 13.23
C LEU H 272 -56.58 0.34 12.77
N PRO H 273 -56.18 1.50 13.32
CA PRO H 273 -55.01 2.18 12.74
C PRO H 273 -53.70 1.47 13.00
N TYR H 274 -52.92 1.30 11.94
CA TYR H 274 -51.52 0.87 12.05
C TYR H 274 -50.67 1.87 11.29
N ARG H 275 -49.41 1.99 11.67
CA ARG H 275 -48.49 2.87 10.97
C ARG H 275 -47.59 2.04 10.05
N SER H 276 -47.30 2.54 8.86
CA SER H 276 -46.42 1.82 7.95
C SER H 276 -45.10 2.54 7.69
N LEU H 277 -44.26 1.94 6.88
CA LEU H 277 -43.01 2.57 6.49
C LEU H 277 -42.73 2.27 5.03
N GLU H 278 -42.21 3.24 4.29
CA GLU H 278 -41.59 2.99 3.00
C GLU H 278 -40.07 2.87 3.26
N PHE H 279 -39.40 1.94 2.59
CA PHE H 279 -37.98 1.71 2.84
C PHE H 279 -37.19 2.01 1.59
N ARG H 280 -36.12 2.80 1.72
CA ARG H 280 -35.28 3.11 0.57
C ARG H 280 -33.83 2.71 0.87
N HIS H 281 -33.35 1.68 0.17
CA HIS H 281 -32.02 1.12 0.40
C HIS H 281 -31.03 1.69 -0.61
N GLU H 282 -29.80 1.88 -0.16
CA GLU H 282 -28.71 2.31 -1.02
C GLU H 282 -27.44 1.54 -0.70
N THR H 283 -26.61 1.37 -1.73
CA THR H 283 -25.26 0.83 -1.57
C THR H 283 -24.30 1.95 -1.96
N HIS H 284 -23.24 2.14 -1.18
CA HIS H 284 -22.22 3.13 -1.51
C HIS H 284 -20.84 2.50 -1.67
N ASP H 285 -19.97 3.14 -2.45
CA ASP H 285 -18.65 2.60 -2.66
C ASP H 285 -17.64 3.10 -1.61
N THR H 286 -17.87 2.77 -0.33
CA THR H 286 -16.85 2.88 0.71
C THR H 286 -17.15 1.85 1.75
N GLU H 287 -16.22 1.69 2.70
CA GLU H 287 -16.36 0.71 3.75
C GLU H 287 -17.35 1.14 4.81
N GLN H 288 -17.40 2.45 5.10
CA GLN H 288 -18.23 2.93 6.21
C GLN H 288 -18.87 4.31 5.98
N LEU H 289 -20.19 4.34 5.92
CA LEU H 289 -20.91 5.59 5.72
C LEU H 289 -21.15 6.38 7.02
N LEU H 290 -21.73 5.75 8.04
CA LEU H 290 -22.07 6.43 9.28
C LEU H 290 -21.14 5.99 10.42
N PRO H 291 -21.02 6.83 11.46
CA PRO H 291 -20.16 6.46 12.60
C PRO H 291 -20.76 5.40 13.54
N THR H 292 -22.07 5.19 13.47
CA THR H 292 -22.70 4.06 14.19
C THR H 292 -23.81 3.48 13.35
N GLY H 293 -24.44 2.42 13.87
CA GLY H 293 -25.42 1.67 13.12
C GLY H 293 -26.65 2.43 12.67
N THR H 294 -27.06 3.43 13.46
CA THR H 294 -28.21 4.25 13.09
C THR H 294 -28.07 5.72 13.50
N VAL H 295 -28.52 6.59 12.60
CA VAL H 295 -28.59 8.03 12.87
C VAL H 295 -30.04 8.48 12.80
N ASN H 296 -30.59 8.99 13.91
CA ASN H 296 -31.93 9.55 13.94
C ASN H 296 -31.97 11.02 13.53
N TYR H 297 -33.06 11.41 12.85
CA TYR H 297 -33.25 12.80 12.48
C TYR H 297 -34.54 13.39 13.04
N PRO H 298 -34.50 13.88 14.29
CA PRO H 298 -35.71 14.44 14.90
C PRO H 298 -36.26 15.67 14.17
N ASN H 299 -35.39 16.45 13.52
CA ASN H 299 -35.78 17.77 13.04
C ASN H 299 -35.43 18.08 11.60
N ASP H 300 -34.93 17.10 10.85
CA ASP H 300 -34.61 17.32 9.45
C ASP H 300 -35.02 16.11 8.61
N TYR H 301 -35.32 16.35 7.33
CA TYR H 301 -35.55 15.29 6.32
C TYR H 301 -36.88 14.57 6.44
N ALA H 302 -37.35 13.98 5.35
CA ALA H 302 -38.60 13.25 5.38
C ALA H 302 -38.43 11.92 6.13
N TYR H 303 -37.27 11.31 5.98
CA TYR H 303 -36.95 10.07 6.71
C TYR H 303 -36.68 10.35 8.17
N THR H 304 -36.91 9.34 9.00
CA THR H 304 -36.66 9.43 10.42
C THR H 304 -35.23 9.01 10.75
N ARG H 305 -34.69 8.10 9.93
CA ARG H 305 -33.36 7.54 10.21
C ARG H 305 -32.68 6.80 9.05
N VAL H 306 -31.38 6.60 9.21
CA VAL H 306 -30.55 5.82 8.29
C VAL H 306 -29.77 4.80 9.09
N SER H 307 -29.76 3.55 8.62
CA SER H 307 -28.94 2.55 9.26
C SER H 307 -27.91 2.00 8.31
N GLU H 308 -26.77 1.57 8.85
CA GLU H 308 -25.77 0.90 8.05
C GLU H 308 -25.60 -0.53 8.54
N PHE H 309 -26.01 -1.48 7.70
CA PHE H 309 -26.11 -2.87 8.13
C PHE H 309 -24.80 -3.52 8.60
N LYS H 310 -23.68 -3.18 7.98
CA LYS H 310 -22.40 -3.77 8.37
C LYS H 310 -22.04 -3.53 9.84
N HIS H 311 -22.47 -2.40 10.40
CA HIS H 311 -22.33 -2.13 11.83
C HIS H 311 -22.99 -3.21 12.68
N ILE H 312 -24.08 -3.75 12.17
CA ILE H 312 -24.90 -4.64 12.95
C ILE H 312 -24.52 -6.09 12.71
N THR H 313 -24.16 -6.42 11.47
CA THR H 313 -23.94 -7.83 11.10
C THR H 313 -22.53 -8.26 11.41
N GLY H 314 -21.62 -7.29 11.39
CA GLY H 314 -20.20 -7.53 11.56
C GLY H 314 -19.56 -7.81 10.22
N GLN H 315 -20.36 -7.85 9.17
CA GLN H 315 -19.86 -8.26 7.88
C GLN H 315 -18.80 -7.31 7.36
N ARG H 316 -17.71 -7.91 6.91
CA ARG H 316 -16.65 -7.18 6.23
C ARG H 316 -16.93 -7.13 4.74
N HIS H 317 -16.74 -5.98 4.12
CA HIS H 317 -17.13 -5.85 2.72
C HIS H 317 -16.58 -4.55 2.12
N HIS H 318 -16.25 -4.57 0.82
CA HIS H 318 -15.63 -3.40 0.20
C HIS H 318 -16.60 -2.23 0.04
N GLN H 319 -17.89 -2.50 0.10
CA GLN H 319 -18.92 -1.48 -0.01
C GLN H 319 -19.80 -1.51 1.22
N THR H 320 -20.87 -0.74 1.20
CA THR H 320 -21.72 -0.69 2.35
C THR H 320 -23.11 -0.31 1.90
N SER H 321 -24.11 -0.91 2.52
CA SER H 321 -25.48 -0.65 2.13
C SER H 321 -26.20 -0.11 3.34
N VAL H 322 -27.09 0.84 3.10
CA VAL H 322 -27.81 1.51 4.18
C VAL H 322 -29.28 1.52 3.86
N VAL H 323 -30.11 1.93 4.81
CA VAL H 323 -31.53 2.09 4.51
C VAL H 323 -32.09 3.32 5.20
N TYR H 324 -32.85 4.11 4.44
CA TYR H 324 -33.61 5.23 5.00
C TYR H 324 -35.05 4.82 5.18
N GLU H 325 -35.61 5.11 6.35
CA GLU H 325 -37.03 4.79 6.62
C GLU H 325 -37.95 6.01 6.53
N TYR H 326 -39.04 5.85 5.81
CA TYR H 326 -40.03 6.89 5.62
C TYR H 326 -41.35 6.49 6.25
N PRO H 327 -41.75 7.22 7.30
CA PRO H 327 -43.08 6.94 7.85
C PRO H 327 -44.15 7.16 6.79
N ARG H 328 -45.16 6.30 6.82
CA ARG H 328 -46.24 6.31 5.84
C ARG H 328 -47.53 5.89 6.53
N ALA H 329 -48.67 6.34 6.02
CA ALA H 329 -49.95 6.03 6.65
C ALA H 329 -50.57 4.78 6.05
N GLU H 330 -50.16 4.46 4.83
CA GLU H 330 -50.67 3.30 4.12
C GLU H 330 -49.55 2.32 3.83
N GLY H 331 -49.91 1.04 3.77
CA GLY H 331 -48.95 -0.01 3.48
C GLY H 331 -48.98 -1.13 4.50
N ASP H 332 -48.07 -2.09 4.33
CA ASP H 332 -47.96 -3.17 5.31
C ASP H 332 -47.95 -2.60 6.72
N PRO H 333 -48.78 -3.15 7.62
CA PRO H 333 -48.85 -2.74 9.03
C PRO H 333 -47.66 -3.21 9.87
N TYR H 334 -46.99 -2.27 10.52
CA TYR H 334 -45.79 -2.54 11.28
C TYR H 334 -45.94 -2.08 12.72
N TYR H 335 -46.71 -1.01 12.94
CA TYR H 335 -46.90 -0.46 14.29
C TYR H 335 -48.35 -0.31 14.63
N PRO H 336 -48.73 -0.81 15.82
CA PRO H 336 -50.03 -0.35 16.32
C PRO H 336 -49.84 1.09 16.78
N VAL H 337 -50.91 1.87 16.81
CA VAL H 337 -50.81 3.25 17.21
C VAL H 337 -51.47 3.44 18.55
N PRO H 338 -50.73 3.22 19.64
CA PRO H 338 -51.29 3.23 20.99
C PRO H 338 -51.87 4.58 21.40
N ARG H 339 -53.18 4.64 21.60
CA ARG H 339 -53.77 5.82 22.16
C ARG H 339 -55.17 5.45 22.62
N PRO H 340 -55.68 6.15 23.65
CA PRO H 340 -57.01 5.87 24.18
C PRO H 340 -57.98 5.31 23.15
N GLU H 341 -58.23 6.08 22.09
CA GLU H 341 -59.32 5.74 21.18
C GLU H 341 -59.00 4.53 20.33
N ASN H 342 -57.71 4.23 20.20
CA ASN H 342 -57.32 3.05 19.47
C ASN H 342 -57.42 1.80 20.30
N ALA H 343 -56.99 1.88 21.56
CA ALA H 343 -57.21 0.79 22.50
C ALA H 343 -58.70 0.43 22.56
N GLU H 344 -59.58 1.40 22.42
CA GLU H 344 -61.01 1.12 22.48
C GLU H 344 -61.52 0.47 21.22
N LEU H 345 -60.99 0.86 20.06
CA LEU H 345 -61.29 0.11 18.85
C LEU H 345 -60.79 -1.34 18.98
N TYR H 346 -59.60 -1.52 19.54
CA TYR H 346 -59.00 -2.85 19.60
C TYR H 346 -59.80 -3.75 20.50
N LYS H 347 -60.22 -3.22 21.64
CA LYS H 347 -61.03 -4.01 22.54
C LYS H 347 -62.15 -4.66 21.75
N LYS H 348 -62.88 -3.86 20.98
CA LYS H 348 -64.02 -4.38 20.21
C LYS H 348 -63.60 -5.63 19.43
N TYR H 349 -62.51 -5.54 18.69
CA TYR H 349 -62.00 -6.67 17.93
C TYR H 349 -61.52 -7.80 18.84
N GLU H 350 -60.93 -7.46 19.97
CA GLU H 350 -60.43 -8.48 20.87
C GLU H 350 -61.57 -9.36 21.36
N ALA H 351 -62.74 -8.76 21.52
CA ALA H 351 -63.91 -9.51 21.97
C ALA H 351 -64.31 -10.58 20.96
N LEU H 352 -64.30 -10.21 19.67
CA LEU H 352 -64.57 -11.15 18.59
C LEU H 352 -63.48 -12.21 18.55
N ALA H 353 -62.23 -11.77 18.75
CA ALA H 353 -61.11 -12.67 18.76
C ALA H 353 -61.21 -13.71 19.87
N ASP H 354 -61.69 -13.29 21.03
CA ASP H 354 -61.81 -14.20 22.17
C ASP H 354 -62.91 -15.19 21.90
N ALA H 355 -63.90 -14.75 21.13
CA ALA H 355 -65.01 -15.60 20.77
C ALA H 355 -64.60 -16.58 19.68
N ALA H 356 -63.54 -16.27 18.96
CA ALA H 356 -63.08 -17.13 17.87
C ALA H 356 -62.71 -18.47 18.47
N GLN H 357 -63.58 -19.45 18.25
CA GLN H 357 -63.46 -20.74 18.90
C GLN H 357 -62.16 -21.45 18.55
N ASP H 358 -61.90 -21.59 17.25
CA ASP H 358 -60.81 -22.41 16.76
C ASP H 358 -59.68 -21.58 16.21
N VAL H 359 -59.43 -20.44 16.84
CA VAL H 359 -58.43 -19.51 16.35
C VAL H 359 -57.72 -18.81 17.50
N THR H 360 -56.40 -18.91 17.50
CA THR H 360 -55.58 -18.25 18.51
C THR H 360 -54.82 -17.09 17.88
N PHE H 361 -54.90 -15.91 18.49
CA PHE H 361 -54.21 -14.75 17.94
C PHE H 361 -52.94 -14.50 18.72
N VAL H 362 -51.83 -14.27 18.03
CA VAL H 362 -50.59 -14.01 18.74
C VAL H 362 -49.64 -13.17 17.90
N GLY H 363 -48.93 -12.23 18.52
CA GLY H 363 -47.94 -11.42 17.81
C GLY H 363 -48.23 -9.93 17.81
N ARG H 364 -47.28 -9.14 17.28
CA ARG H 364 -47.37 -7.69 17.30
C ARG H 364 -48.63 -7.20 16.60
N LEU H 365 -48.93 -7.78 15.45
CA LEU H 365 -50.08 -7.33 14.68
C LEU H 365 -51.42 -7.90 15.17
N ALA H 366 -51.43 -9.17 15.56
CA ALA H 366 -52.69 -9.84 15.85
C ALA H 366 -53.25 -9.59 17.25
N THR H 367 -52.38 -9.22 18.19
CA THR H 367 -52.85 -8.81 19.52
C THR H 367 -52.65 -7.29 19.75
N TYR H 368 -52.18 -6.61 18.71
CA TYR H 368 -52.10 -5.14 18.70
C TYR H 368 -51.22 -4.62 19.83
N ARG H 369 -49.98 -5.11 19.87
CA ARG H 369 -48.99 -4.71 20.88
C ARG H 369 -47.64 -4.28 20.26
N TYR H 370 -47.07 -3.21 20.81
CA TYR H 370 -45.79 -2.68 20.40
C TYR H 370 -44.68 -3.55 21.02
N TYR H 371 -44.60 -4.81 20.59
CA TYR H 371 -43.65 -5.78 21.16
C TYR H 371 -42.34 -5.93 20.38
N ASN H 372 -41.23 -6.00 21.12
CA ASN H 372 -39.96 -6.34 20.53
C ASN H 372 -39.88 -7.83 20.19
N MET H 373 -38.94 -8.17 19.32
CA MET H 373 -38.76 -9.54 18.88
C MET H 373 -38.78 -10.49 20.05
N ASP H 374 -37.94 -10.21 21.05
CA ASP H 374 -37.81 -11.11 22.20
C ASP H 374 -39.19 -11.31 22.80
N GLN H 375 -39.96 -10.24 22.85
CA GLN H 375 -41.29 -10.25 23.48
C GLN H 375 -42.31 -11.07 22.73
N VAL H 376 -42.24 -11.08 21.40
CA VAL H 376 -43.11 -11.94 20.63
C VAL H 376 -42.71 -13.40 20.80
N VAL H 377 -41.41 -13.66 20.88
CA VAL H 377 -40.97 -15.02 21.18
C VAL H 377 -41.49 -15.49 22.54
N ALA H 378 -41.43 -14.60 23.53
CA ALA H 378 -41.97 -14.90 24.85
C ALA H 378 -43.49 -15.09 24.84
N GLN H 379 -44.18 -14.35 23.98
CA GLN H 379 -45.63 -14.42 23.92
C GLN H 379 -46.08 -15.72 23.25
N ALA H 380 -45.37 -16.10 22.19
CA ALA H 380 -45.66 -17.34 21.48
C ALA H 380 -45.32 -18.57 22.34
N LEU H 381 -44.28 -18.46 23.16
CA LEU H 381 -43.90 -19.56 24.04
C LEU H 381 -44.95 -19.77 25.12
N ALA H 382 -45.36 -18.68 25.74
CA ALA H 382 -46.48 -18.73 26.68
C ALA H 382 -47.71 -19.35 26.01
N THR H 383 -48.01 -18.92 24.79
CA THR H 383 -49.18 -19.39 24.04
C THR H 383 -49.10 -20.88 23.72
N PHE H 384 -47.89 -21.38 23.47
CA PHE H 384 -47.71 -22.82 23.30
C PHE H 384 -48.07 -23.54 24.61
N ARG H 385 -47.52 -23.05 25.72
CA ARG H 385 -47.84 -23.60 27.03
C ARG H 385 -49.37 -23.63 27.21
N ARG H 386 -50.05 -22.50 27.01
CA ARG H 386 -51.51 -22.49 27.12
C ARG H 386 -52.13 -23.61 26.29
N LEU H 387 -51.85 -23.61 24.98
CA LEU H 387 -52.39 -24.58 24.04
C LEU H 387 -52.22 -26.03 24.53
N GLN H 388 -51.00 -26.41 24.92
CA GLN H 388 -50.75 -27.76 25.43
C GLN H 388 -51.48 -28.03 26.75
N GLY H 389 -51.86 -26.96 27.45
CA GLY H 389 -52.67 -27.02 28.66
C GLY H 389 -52.07 -27.71 29.87
N GLN H 390 -51.21 -27.02 30.62
CA GLN H 390 -50.61 -25.74 30.22
C GLN H 390 -49.08 -25.87 30.10
N GLU I 26 21.97 48.89 -33.66
CA GLU I 26 21.69 50.29 -33.94
C GLU I 26 21.90 51.23 -32.72
N SER I 27 21.53 50.76 -31.53
CA SER I 27 21.49 51.61 -30.34
C SER I 27 22.88 52.13 -29.92
N LYS I 28 22.91 53.27 -29.23
CA LYS I 28 24.17 53.97 -29.01
C LYS I 28 24.55 54.05 -27.52
N GLY I 29 23.74 53.40 -26.69
CA GLY I 29 23.98 53.36 -25.26
C GLY I 29 22.67 53.21 -24.51
N PHE I 30 22.70 53.52 -23.22
CA PHE I 30 21.53 53.32 -22.34
C PHE I 30 21.08 54.59 -21.63
N ASP I 31 19.82 54.60 -21.25
CA ASP I 31 19.27 55.65 -20.42
C ASP I 31 19.59 55.37 -18.97
N TYR I 32 19.56 54.10 -18.58
CA TYR I 32 19.80 53.76 -17.19
C TYR I 32 20.74 52.59 -17.01
N LEU I 33 21.64 52.73 -16.06
CA LEU I 33 22.52 51.66 -15.65
C LEU I 33 22.05 51.36 -14.25
N ILE I 34 21.49 50.17 -14.06
CA ILE I 34 20.97 49.79 -12.76
C ILE I 34 21.89 48.75 -12.13
N VAL I 35 22.46 49.09 -10.97
CA VAL I 35 23.29 48.16 -10.22
C VAL I 35 22.45 47.40 -9.23
N GLY I 36 22.28 46.09 -9.48
CA GLY I 36 21.56 45.22 -8.57
C GLY I 36 20.29 44.70 -9.19
N ALA I 37 20.16 43.38 -9.28
CA ALA I 37 18.98 42.76 -9.88
C ALA I 37 18.05 42.12 -8.85
N GLY I 38 18.02 42.69 -7.67
CA GLY I 38 17.05 42.27 -6.67
C GLY I 38 15.77 43.00 -6.94
N PHE I 39 14.92 43.09 -5.93
CA PHE I 39 13.64 43.73 -6.10
C PHE I 39 13.84 45.19 -6.46
N ALA I 40 14.74 45.85 -5.74
CA ALA I 40 14.92 47.28 -5.92
C ALA I 40 15.18 47.61 -7.40
N GLY I 41 16.26 47.04 -7.93
CA GLY I 41 16.63 47.32 -9.32
C GLY I 41 15.68 46.72 -10.35
N SER I 42 15.25 45.49 -10.12
CA SER I 42 14.39 44.80 -11.08
C SER I 42 13.05 45.52 -11.30
N VAL I 43 12.37 45.89 -10.23
CA VAL I 43 11.14 46.68 -10.36
C VAL I 43 11.36 47.95 -11.19
N LEU I 44 12.36 48.75 -10.80
CA LEU I 44 12.73 49.95 -11.56
C LEU I 44 13.04 49.67 -13.03
N ALA I 45 13.82 48.63 -13.31
CA ALA I 45 14.06 48.17 -14.69
C ALA I 45 12.77 47.89 -15.46
N GLU I 46 11.80 47.27 -14.81
CA GLU I 46 10.57 46.91 -15.51
C GLU I 46 9.74 48.17 -15.80
N ARG I 47 9.55 48.98 -14.76
CA ARG I 47 8.81 50.22 -14.92
C ARG I 47 9.50 51.16 -15.94
N LEU I 48 10.80 51.37 -15.78
CA LEU I 48 11.53 52.25 -16.71
C LEU I 48 11.35 51.78 -18.17
N ALA I 49 11.48 50.48 -18.37
CA ALA I 49 11.51 49.90 -19.68
C ALA I 49 10.14 49.92 -20.31
N SER I 50 9.12 49.73 -19.49
CA SER I 50 7.76 49.77 -19.99
C SER I 50 7.43 51.20 -20.48
N SER I 51 8.11 52.18 -19.92
CA SER I 51 7.94 53.56 -20.29
C SER I 51 8.94 53.92 -21.37
N GLY I 52 9.47 52.89 -22.03
CA GLY I 52 10.30 53.08 -23.20
C GLY I 52 11.74 53.43 -22.96
N GLN I 53 12.21 53.36 -21.70
CA GLN I 53 13.60 53.65 -21.42
C GLN I 53 14.50 52.49 -21.78
N ARG I 54 15.75 52.78 -22.14
CA ARG I 54 16.71 51.73 -22.44
C ARG I 54 17.54 51.42 -21.19
N VAL I 55 17.54 50.16 -20.79
CA VAL I 55 18.00 49.81 -19.47
C VAL I 55 19.05 48.70 -19.49
N LEU I 56 20.15 48.93 -18.80
CA LEU I 56 21.12 47.88 -18.61
C LEU I 56 21.19 47.57 -17.11
N ILE I 57 20.66 46.40 -16.72
CA ILE I 57 20.71 45.99 -15.32
C ILE I 57 21.89 45.05 -15.08
N VAL I 58 22.52 45.21 -13.93
CA VAL I 58 23.82 44.65 -13.66
C VAL I 58 23.87 44.03 -12.27
N ASP I 59 24.43 42.83 -12.17
CA ASP I 59 24.65 42.25 -10.87
C ASP I 59 25.99 41.55 -10.75
N ARG I 60 26.57 41.65 -9.57
CA ARG I 60 27.88 41.14 -9.24
C ARG I 60 27.75 39.64 -9.27
N ARG I 61 26.58 39.17 -8.83
CA ARG I 61 26.25 37.76 -8.78
C ARG I 61 25.96 37.18 -10.16
N PRO I 62 25.90 35.85 -10.28
CA PRO I 62 25.63 35.22 -11.58
C PRO I 62 24.14 35.01 -11.84
N HIS I 63 23.29 35.64 -11.05
CA HIS I 63 21.87 35.36 -11.13
C HIS I 63 21.08 36.59 -10.75
N ILE I 64 19.86 36.71 -11.23
CA ILE I 64 19.02 37.86 -10.87
C ILE I 64 18.20 37.51 -9.62
N GLY I 65 17.34 38.43 -9.15
CA GLY I 65 16.52 38.18 -7.97
C GLY I 65 17.23 38.63 -6.71
N GLY I 66 18.51 38.94 -6.86
CA GLY I 66 19.37 39.23 -5.73
C GLY I 66 19.19 38.21 -4.60
N ASN I 67 18.67 38.74 -3.50
CA ASN I 67 18.51 38.00 -2.28
C ASN I 67 17.38 36.98 -2.26
N ALA I 68 16.42 37.17 -3.17
CA ALA I 68 15.21 36.38 -3.17
C ALA I 68 15.36 35.29 -4.21
N TYR I 69 16.52 35.25 -4.85
CA TYR I 69 16.74 34.26 -5.89
C TYR I 69 16.40 32.89 -5.35
N ASP I 70 15.59 32.12 -6.08
CA ASP I 70 15.39 30.74 -5.70
C ASP I 70 15.71 29.80 -6.85
N CYS I 71 16.07 28.57 -6.51
CA CYS I 71 16.51 27.59 -7.48
C CYS I 71 16.25 26.18 -6.99
N TYR I 72 16.42 25.21 -7.88
CA TYR I 72 16.31 23.80 -7.51
C TYR I 72 17.65 23.22 -7.07
N ASP I 73 17.65 22.57 -5.89
CA ASP I 73 18.88 21.97 -5.38
C ASP I 73 19.22 20.64 -6.06
N ASP I 74 20.37 20.08 -5.69
CA ASP I 74 20.86 18.81 -6.23
C ASP I 74 19.83 17.67 -6.22
N ALA I 75 18.74 17.83 -5.46
CA ALA I 75 17.74 16.78 -5.30
C ALA I 75 16.43 17.12 -5.99
N GLY I 76 16.35 18.29 -6.61
CA GLY I 76 15.14 18.72 -7.30
C GLY I 76 14.10 19.40 -6.44
N VAL I 77 14.49 19.75 -5.21
CA VAL I 77 13.66 20.53 -4.29
C VAL I 77 13.84 22.03 -4.53
N LEU I 78 12.72 22.76 -4.56
CA LEU I 78 12.78 24.21 -4.76
C LEU I 78 13.22 24.93 -3.50
N ILE I 79 14.42 25.49 -3.50
CA ILE I 79 14.91 26.13 -2.28
C ILE I 79 15.22 27.64 -2.40
N HIS I 80 15.71 28.21 -1.32
CA HIS I 80 16.10 29.62 -1.26
C HIS I 80 17.49 29.72 -0.68
N PRO I 81 18.52 29.81 -1.54
CA PRO I 81 19.94 29.73 -1.19
C PRO I 81 20.37 30.75 -0.14
N TYR I 82 19.66 31.88 -0.01
CA TYR I 82 19.96 32.90 0.99
C TYR I 82 18.85 33.02 2.01
N GLY I 83 18.29 31.90 2.43
CA GLY I 83 17.38 31.95 3.57
C GLY I 83 15.95 32.00 3.10
N PRO I 84 15.04 31.44 3.89
CA PRO I 84 13.68 31.43 3.38
C PRO I 84 13.18 32.86 3.14
N HIS I 85 12.58 33.15 1.99
CA HIS I 85 11.89 34.43 1.79
C HIS I 85 10.40 34.24 1.71
N ILE I 86 9.70 34.79 2.70
CA ILE I 86 8.26 34.67 2.76
C ILE I 86 7.64 36.01 2.35
N PHE I 87 6.97 36.02 1.21
CA PHE I 87 6.31 37.24 0.73
C PHE I 87 5.00 37.53 1.43
N HIS I 88 4.84 38.77 1.89
CA HIS I 88 3.63 39.19 2.57
C HIS I 88 3.49 40.72 2.49
N THR I 89 2.32 41.21 2.09
CA THR I 89 2.14 42.64 2.01
C THR I 89 0.76 43.06 2.52
N ASN I 90 0.66 44.28 3.06
CA ASN I 90 -0.65 44.87 3.31
C ASN I 90 -1.09 45.76 2.17
N SER I 91 -0.22 45.91 1.17
CA SER I 91 -0.45 46.83 0.07
C SER I 91 -1.11 46.20 -1.15
N LYS I 92 -2.40 46.46 -1.30
CA LYS I 92 -3.13 46.08 -2.52
C LYS I 92 -2.33 46.42 -3.78
N ASP I 93 -1.67 47.59 -3.78
CA ASP I 93 -0.93 48.08 -4.95
C ASP I 93 0.28 47.22 -5.31
N VAL I 94 1.13 46.99 -4.32
CA VAL I 94 2.28 46.12 -4.49
C VAL I 94 1.88 44.70 -4.94
N PHE I 95 0.88 44.13 -4.28
CA PHE I 95 0.46 42.80 -4.60
C PHE I 95 -0.06 42.71 -6.04
N GLU I 96 -0.89 43.67 -6.45
CA GLU I 96 -1.38 43.65 -7.84
C GLU I 96 -0.23 43.89 -8.83
N TYR I 97 0.75 44.70 -8.44
CA TYR I 97 1.89 44.94 -9.32
C TYR I 97 2.63 43.62 -9.58
N LEU I 98 3.05 42.95 -8.52
CA LEU I 98 3.73 41.65 -8.65
C LEU I 98 2.86 40.60 -9.39
N SER I 99 1.55 40.80 -9.38
CA SER I 99 0.62 39.84 -10.01
C SER I 99 0.72 39.83 -11.52
N ARG I 100 1.35 40.83 -12.10
CA ARG I 100 1.49 40.84 -13.54
C ARG I 100 2.60 39.88 -13.93
N PHE I 101 3.45 39.55 -12.97
CA PHE I 101 4.61 38.75 -13.25
C PHE I 101 4.57 37.32 -12.69
N THR I 102 3.64 37.05 -11.77
CA THR I 102 3.56 35.73 -11.17
C THR I 102 2.14 35.36 -10.77
N GLU I 103 1.84 34.07 -10.80
CA GLU I 103 0.66 33.56 -10.12
C GLU I 103 1.05 33.28 -8.67
N TRP I 104 0.06 33.07 -7.81
CA TRP I 104 0.35 32.87 -6.39
C TRP I 104 -0.07 31.52 -5.82
N ARG I 105 0.72 31.02 -4.88
CA ARG I 105 0.25 29.96 -4.00
C ARG I 105 -0.06 30.58 -2.65
N PRO I 106 -1.31 30.61 -2.26
CA PRO I 106 -1.64 31.12 -0.93
C PRO I 106 -0.87 30.40 0.16
N TYR I 107 -0.34 31.15 1.10
CA TYR I 107 0.44 30.59 2.18
C TYR I 107 0.59 31.62 3.30
N GLN I 108 0.26 31.20 4.51
CA GLN I 108 0.44 32.04 5.68
C GLN I 108 1.51 31.45 6.62
N HIS I 109 2.76 31.86 6.44
CA HIS I 109 3.88 31.34 7.20
C HIS I 109 3.60 31.18 8.72
N ARG I 110 4.05 30.06 9.30
CA ARG I 110 3.96 29.86 10.76
C ARG I 110 5.29 29.47 11.39
N VAL I 111 5.67 30.17 12.44
CA VAL I 111 6.92 29.92 13.13
C VAL I 111 6.66 29.34 14.52
N LEU I 112 7.54 28.44 14.94
CA LEU I 112 7.41 27.82 16.25
C LEU I 112 8.73 28.01 16.97
N ALA I 113 8.67 28.53 18.19
CA ALA I 113 9.92 28.75 18.91
C ALA I 113 10.14 27.59 19.85
N SER I 114 11.37 27.09 19.87
CA SER I 114 11.77 26.03 20.80
C SER I 114 12.13 26.62 22.16
N VAL I 115 11.22 26.56 23.10
CA VAL I 115 11.50 27.03 24.43
C VAL I 115 11.04 25.97 25.42
N ASP I 116 11.84 25.76 26.47
CA ASP I 116 11.59 24.75 27.51
C ASP I 116 11.13 23.40 26.95
N GLY I 117 11.81 22.92 25.91
CA GLY I 117 11.49 21.64 25.31
C GLY I 117 10.18 21.58 24.55
N GLN I 118 9.58 22.73 24.27
CA GLN I 118 8.34 22.78 23.50
C GLN I 118 8.44 23.60 22.22
N LEU I 119 7.47 23.41 21.34
CA LEU I 119 7.39 24.20 20.12
C LEU I 119 6.24 25.20 20.26
N LEU I 120 6.57 26.42 20.63
CA LEU I 120 5.55 27.39 20.94
C LEU I 120 5.39 28.41 19.81
N PRO I 121 4.17 28.94 19.66
CA PRO I 121 3.87 29.96 18.65
C PRO I 121 4.60 31.29 18.95
N ILE I 122 5.08 31.91 17.87
CA ILE I 122 5.77 33.19 17.92
C ILE I 122 5.42 33.94 16.64
N PRO I 123 4.91 35.17 16.76
CA PRO I 123 4.60 36.01 17.93
C PRO I 123 4.07 35.29 19.16
N ILE I 124 4.52 35.69 20.34
CA ILE I 124 3.89 35.25 21.58
C ILE I 124 2.39 35.59 21.53
N ASN I 125 1.54 34.57 21.69
CA ASN I 125 0.09 34.78 21.82
C ASN I 125 -0.53 34.14 23.06
N LEU I 126 -1.86 34.08 23.10
CA LEU I 126 -2.59 33.47 24.20
C LEU I 126 -2.08 32.04 24.43
N ASP I 127 -1.90 31.33 23.33
CA ASP I 127 -1.53 29.92 23.42
C ASP I 127 -0.07 29.73 23.82
N THR I 128 0.79 30.68 23.45
CA THR I 128 2.16 30.60 23.88
C THR I 128 2.19 30.67 25.40
N VAL I 129 1.47 31.64 25.95
CA VAL I 129 1.46 31.87 27.38
C VAL I 129 0.80 30.71 28.12
N ASN I 130 -0.38 30.28 27.63
CA ASN I 130 -1.05 29.16 28.28
C ASN I 130 -0.23 27.88 28.25
N ARG I 131 0.42 27.57 27.13
CA ARG I 131 1.13 26.31 27.02
C ARG I 131 2.48 26.33 27.77
N LEU I 132 3.02 27.52 27.98
CA LEU I 132 4.32 27.64 28.60
C LEU I 132 4.22 27.44 30.10
N TYR I 133 3.26 28.13 30.71
CA TYR I 133 3.12 28.20 32.16
C TYR I 133 2.08 27.22 32.67
N GLY I 134 1.42 26.53 31.76
CA GLY I 134 0.38 25.58 32.13
C GLY I 134 -0.88 26.27 32.60
N LEU I 135 -1.19 27.39 31.94
CA LEU I 135 -2.28 28.27 32.34
C LEU I 135 -3.53 28.05 31.50
N ASN I 136 -4.65 28.56 31.99
CA ASN I 136 -5.85 28.60 31.15
C ASN I 136 -6.46 29.98 31.01
N LEU I 137 -5.68 30.96 30.54
CA LEU I 137 -6.22 32.30 30.45
C LEU I 137 -7.10 32.45 29.23
N THR I 138 -8.06 33.36 29.32
CA THR I 138 -8.83 33.75 28.14
C THR I 138 -8.05 34.88 27.50
N SER I 139 -8.55 35.41 26.40
CA SER I 139 -7.87 36.53 25.75
C SER I 139 -7.95 37.79 26.62
N PHE I 140 -9.05 37.93 27.36
CA PHE I 140 -9.23 39.06 28.24
C PHE I 140 -8.32 38.98 29.46
N GLN I 141 -8.04 37.76 29.90
CA GLN I 141 -7.15 37.55 31.03
C GLN I 141 -5.68 37.72 30.65
N VAL I 142 -5.25 37.21 29.49
CA VAL I 142 -3.84 37.34 29.15
C VAL I 142 -3.42 38.79 28.95
N GLU I 143 -4.39 39.68 28.75
CA GLU I 143 -4.10 41.10 28.71
C GLU I 143 -3.74 41.60 30.12
N GLU I 144 -4.58 41.26 31.10
CA GLU I 144 -4.27 41.58 32.48
C GLU I 144 -2.98 40.89 32.94
N PHE I 145 -2.75 39.67 32.47
CA PHE I 145 -1.51 38.96 32.82
C PHE I 145 -0.30 39.71 32.27
N PHE I 146 -0.37 40.08 30.99
CA PHE I 146 0.66 40.92 30.36
C PHE I 146 0.87 42.25 31.11
N ALA I 147 -0.21 42.91 31.52
CA ALA I 147 -0.10 44.14 32.27
C ALA I 147 0.47 43.89 33.65
N SER I 148 0.33 42.66 34.12
CA SER I 148 0.66 42.32 35.50
C SER I 148 2.13 41.95 35.66
N VAL I 149 2.84 41.86 34.54
CA VAL I 149 4.25 41.49 34.60
C VAL I 149 5.09 42.43 33.75
N ALA I 150 4.43 43.36 33.06
CA ALA I 150 5.14 44.31 32.23
C ALA I 150 6.01 45.15 33.13
N GLU I 151 7.12 45.62 32.59
CA GLU I 151 7.93 46.59 33.29
C GLU I 151 7.68 47.91 32.59
N LYS I 152 7.13 48.87 33.31
CA LYS I 152 6.94 50.21 32.77
C LYS I 152 8.29 50.88 32.46
N VAL I 153 8.45 51.33 31.22
CA VAL I 153 9.61 52.13 30.87
C VAL I 153 9.13 53.53 30.50
N GLU I 154 9.80 54.54 31.04
CA GLU I 154 9.43 55.94 30.78
C GLU I 154 9.31 56.22 29.26
N GLN I 155 10.42 56.11 28.56
CA GLN I 155 10.35 56.21 27.11
C GLN I 155 10.96 54.95 26.49
N VAL I 156 10.35 54.47 25.40
CA VAL I 156 10.79 53.22 24.78
C VAL I 156 11.82 53.44 23.68
N ARG I 157 13.07 53.15 24.02
CA ARG I 157 14.19 53.45 23.15
C ARG I 157 14.78 52.23 22.45
N THR I 158 15.07 51.18 23.23
CA THR I 158 15.74 50.00 22.69
C THR I 158 14.81 48.83 22.40
N SER I 159 15.38 47.79 21.80
CA SER I 159 14.68 46.53 21.58
C SER I 159 14.36 45.77 22.88
N GLU I 160 15.08 46.09 23.96
CA GLU I 160 14.74 45.55 25.26
C GLU I 160 13.47 46.24 25.79
N ASP I 161 13.44 47.57 25.74
CA ASP I 161 12.27 48.31 26.22
C ASP I 161 11.00 47.85 25.52
N VAL I 162 11.09 47.62 24.22
CA VAL I 162 9.90 47.31 23.42
C VAL I 162 9.24 46.02 23.87
N VAL I 163 10.05 44.99 24.07
CA VAL I 163 9.56 43.69 24.53
C VAL I 163 9.15 43.65 26.01
N VAL I 164 9.91 44.35 26.85
CA VAL I 164 9.74 44.25 28.28
C VAL I 164 8.53 45.03 28.80
N SER I 165 8.19 46.11 28.10
CA SER I 165 7.09 46.95 28.53
C SER I 165 5.78 46.38 28.04
N LYS I 166 5.86 45.28 27.30
CA LYS I 166 4.66 44.60 26.80
C LYS I 166 4.44 43.21 27.41
N VAL I 167 5.50 42.43 27.58
CA VAL I 167 5.33 41.07 28.10
C VAL I 167 6.16 40.72 29.33
N GLY I 168 7.01 41.64 29.77
CA GLY I 168 7.77 41.39 30.99
C GLY I 168 9.12 40.74 30.80
N ARG I 169 9.88 40.64 31.89
CA ARG I 169 11.28 40.26 31.82
C ARG I 169 11.43 38.75 31.57
N ASP I 170 10.47 37.96 31.99
CA ASP I 170 10.59 36.51 31.81
C ASP I 170 10.35 36.04 30.38
N LEU I 171 9.25 36.49 29.79
CA LEU I 171 8.99 36.18 28.39
C LEU I 171 10.12 36.75 27.51
N TYR I 172 10.51 38.00 27.78
CA TYR I 172 11.63 38.62 27.07
C TYR I 172 12.87 37.74 27.07
N ASN I 173 13.24 37.23 28.25
CA ASN I 173 14.34 36.29 28.38
C ASN I 173 14.17 34.99 27.59
N LYS I 174 13.02 34.35 27.76
CA LYS I 174 12.77 33.07 27.08
C LYS I 174 12.69 33.18 25.57
N PHE I 175 12.26 34.33 25.04
CA PHE I 175 11.92 34.42 23.63
C PHE I 175 12.71 35.40 22.80
N PHE I 176 13.28 36.41 23.45
CA PHE I 176 13.90 37.50 22.71
C PHE I 176 15.38 37.69 22.97
N ARG I 177 15.77 37.70 24.24
CA ARG I 177 17.13 38.02 24.67
C ARG I 177 18.18 37.16 23.98
N GLY I 178 18.15 35.86 24.24
CA GLY I 178 19.14 34.94 23.69
C GLY I 178 19.10 34.90 22.17
N TYR I 179 17.89 34.85 21.61
CA TYR I 179 17.73 34.88 20.17
C TYR I 179 18.37 36.12 19.58
N THR I 180 17.92 37.29 20.03
CA THR I 180 18.54 38.56 19.67
C THR I 180 20.08 38.60 19.86
N ARG I 181 20.58 38.24 21.04
CA ARG I 181 22.03 38.20 21.26
C ARG I 181 22.68 37.33 20.20
N LYS I 182 22.05 36.21 19.90
CA LYS I 182 22.55 35.26 18.92
C LYS I 182 22.52 35.84 17.49
N GLN I 183 21.35 36.30 17.06
CA GLN I 183 21.20 36.92 15.74
C GLN I 183 22.12 38.10 15.47
N TRP I 184 22.16 39.09 16.38
CA TRP I 184 22.84 40.37 16.12
C TRP I 184 24.25 40.50 16.68
N GLY I 185 24.55 39.77 17.75
CA GLY I 185 25.82 39.91 18.42
C GLY I 185 25.74 41.11 19.36
N LEU I 186 24.52 41.56 19.64
CA LEU I 186 24.29 42.71 20.53
C LEU I 186 23.17 42.32 21.46
N ASP I 187 23.14 42.93 22.64
CA ASP I 187 21.98 42.78 23.52
C ASP I 187 20.85 43.57 22.89
N PRO I 188 19.59 43.17 23.16
CA PRO I 188 18.46 43.96 22.68
C PRO I 188 18.50 45.40 23.24
N SER I 189 19.26 45.60 24.30
CA SER I 189 19.43 46.92 24.91
C SER I 189 20.32 47.82 24.06
N GLU I 190 21.15 47.23 23.21
CA GLU I 190 22.08 47.98 22.40
C GLU I 190 21.54 48.16 20.99
N LEU I 191 20.29 47.77 20.79
CA LEU I 191 19.69 47.86 19.48
C LEU I 191 18.50 48.80 19.52
N ASP I 192 18.29 49.52 18.42
CA ASP I 192 17.20 50.45 18.38
C ASP I 192 15.89 49.70 18.56
N ALA I 193 14.85 50.40 19.02
CA ALA I 193 13.58 49.77 19.29
C ALA I 193 12.95 49.12 18.06
N SER I 194 13.24 49.64 16.88
CA SER I 194 12.54 49.22 15.67
C SER I 194 12.84 47.77 15.28
N VAL I 195 13.77 47.16 16.00
CA VAL I 195 14.18 45.79 15.69
C VAL I 195 13.23 44.72 16.26
N THR I 196 13.14 44.62 17.59
CA THR I 196 12.21 43.66 18.19
C THR I 196 10.76 44.10 18.06
N ALA I 197 10.53 45.39 17.79
CA ALA I 197 9.16 45.87 17.60
C ALA I 197 8.54 45.23 16.36
N ARG I 198 9.40 44.76 15.46
CA ARG I 198 8.94 44.05 14.27
C ARG I 198 8.08 42.82 14.59
N VAL I 199 8.17 42.29 15.80
CA VAL I 199 7.39 41.10 16.13
C VAL I 199 6.31 41.38 17.15
N PRO I 200 5.07 41.46 16.67
CA PRO I 200 3.87 41.76 17.46
C PRO I 200 3.73 40.87 18.70
N THR I 201 3.14 41.44 19.73
CA THR I 201 2.73 40.70 20.92
C THR I 201 1.22 40.61 20.89
N ARG I 202 0.68 39.41 21.10
CA ARG I 202 -0.75 39.26 20.89
C ARG I 202 -1.48 38.68 22.08
N THR I 203 -2.71 39.14 22.27
CA THR I 203 -3.60 38.54 23.27
C THR I 203 -4.59 37.56 22.62
N ASN I 204 -4.59 37.53 21.29
CA ASN I 204 -5.41 36.58 20.58
C ASN I 204 -4.66 35.27 20.38
N ARG I 205 -5.31 34.32 19.69
CA ARG I 205 -4.73 33.01 19.47
C ARG I 205 -4.21 32.89 18.06
N ASP I 206 -3.96 34.04 17.44
CA ASP I 206 -3.46 34.09 16.07
C ASP I 206 -2.02 33.61 16.04
N ASN I 207 -1.76 32.55 15.27
CA ASN I 207 -0.45 31.94 15.28
C ASN I 207 0.36 32.12 13.99
N ARG I 208 -0.05 33.06 13.14
CA ARG I 208 0.72 33.38 11.93
C ARG I 208 1.84 34.33 12.26
N TYR I 209 2.97 34.19 11.57
CA TYR I 209 4.07 35.11 11.79
C TYR I 209 3.67 36.50 11.33
N PHE I 210 2.86 36.55 10.26
CA PHE I 210 2.37 37.81 9.74
C PHE I 210 0.86 37.86 9.80
N ALA I 211 0.31 39.02 10.05
CA ALA I 211 -1.13 39.19 10.03
C ALA I 211 -1.54 40.01 8.81
N ASP I 212 -0.63 40.09 7.84
CA ASP I 212 -0.84 40.89 6.65
C ASP I 212 -2.04 40.45 5.82
N THR I 213 -2.57 41.39 5.04
CA THR I 213 -3.72 41.17 4.19
C THR I 213 -3.43 40.25 3.01
N TYR I 214 -2.23 40.32 2.47
CA TYR I 214 -1.90 39.52 1.31
C TYR I 214 -0.71 38.62 1.60
N GLN I 215 -0.97 37.31 1.64
CA GLN I 215 0.07 36.33 1.97
C GLN I 215 0.05 35.14 1.03
N ALA I 216 1.11 35.06 0.21
CA ALA I 216 1.23 34.07 -0.83
C ALA I 216 2.62 34.11 -1.44
N MET I 217 3.01 32.99 -2.05
CA MET I 217 4.33 32.82 -2.64
C MET I 217 4.14 32.77 -4.13
N PRO I 218 5.13 33.26 -4.89
CA PRO I 218 5.05 33.14 -6.33
C PRO I 218 5.03 31.65 -6.70
N LEU I 219 3.93 31.26 -7.32
CA LEU I 219 3.61 29.88 -7.60
C LEU I 219 4.81 29.03 -7.99
N HIS I 220 5.60 29.55 -8.94
CA HIS I 220 6.73 28.80 -9.49
C HIS I 220 8.07 29.37 -9.06
N GLY I 221 8.07 30.14 -7.97
CA GLY I 221 9.33 30.67 -7.47
C GLY I 221 9.63 32.11 -7.88
N TYR I 222 10.39 32.78 -7.03
CA TYR I 222 10.78 34.17 -7.24
C TYR I 222 11.52 34.40 -8.55
N THR I 223 12.50 33.54 -8.81
CA THR I 223 13.31 33.64 -10.01
C THR I 223 12.49 33.65 -11.31
N ARG I 224 11.39 32.91 -11.33
CA ARG I 224 10.57 32.82 -12.54
C ARG I 224 9.80 34.12 -12.64
N MET I 225 9.40 34.63 -11.49
CA MET I 225 8.73 35.92 -11.40
C MET I 225 9.70 36.98 -11.95
N PHE I 226 10.90 37.00 -11.40
CA PHE I 226 11.92 37.96 -11.82
C PHE I 226 12.20 37.87 -13.31
N GLN I 227 12.18 36.66 -13.86
CA GLN I 227 12.49 36.50 -15.27
C GLN I 227 11.47 37.26 -16.14
N ASN I 228 10.21 37.24 -15.73
CA ASN I 228 9.15 37.95 -16.43
C ASN I 228 9.38 39.43 -16.33
N MET I 229 9.75 39.85 -15.12
CA MET I 229 9.96 41.23 -14.81
C MET I 229 11.03 41.85 -15.70
N LEU I 230 12.06 41.08 -16.03
CA LEU I 230 13.18 41.61 -16.83
C LEU I 230 13.10 41.29 -18.32
N SER I 231 11.94 40.81 -18.76
CA SER I 231 11.83 40.24 -20.10
C SER I 231 11.72 41.27 -21.24
N SER I 232 11.30 42.49 -20.94
CA SER I 232 11.24 43.55 -21.95
C SER I 232 12.50 43.62 -22.82
N PRO I 233 12.34 43.96 -24.10
CA PRO I 233 13.47 44.18 -25.02
C PRO I 233 14.32 45.41 -24.67
N ASN I 234 13.79 46.30 -23.84
CA ASN I 234 14.59 47.45 -23.43
C ASN I 234 15.42 47.14 -22.21
N ILE I 235 15.39 45.89 -21.76
CA ILE I 235 16.18 45.49 -20.61
C ILE I 235 17.30 44.55 -21.01
N LYS I 236 18.53 45.00 -20.84
CA LYS I 236 19.70 44.17 -21.04
C LYS I 236 20.19 43.76 -19.66
N VAL I 237 20.48 42.47 -19.49
CA VAL I 237 20.80 41.93 -18.17
C VAL I 237 22.24 41.47 -18.21
N MET I 238 23.04 41.97 -17.28
CA MET I 238 24.44 41.61 -17.21
C MET I 238 24.78 41.01 -15.82
N LEU I 239 25.28 39.77 -15.80
CA LEU I 239 25.51 39.06 -14.55
C LEU I 239 26.99 38.79 -14.42
N ASN I 240 27.42 38.40 -13.21
CA ASN I 240 28.84 38.18 -12.90
C ASN I 240 29.69 39.46 -13.09
N THR I 241 29.09 40.59 -12.80
CA THR I 241 29.63 41.86 -13.20
C THR I 241 29.49 42.91 -12.11
N ASP I 242 30.61 43.38 -11.57
CA ASP I 242 30.56 44.57 -10.73
C ASP I 242 30.49 45.85 -11.59
N TYR I 243 29.55 46.75 -11.30
CA TYR I 243 29.34 47.92 -12.15
C TYR I 243 30.61 48.72 -12.47
N ARG I 244 31.54 48.73 -11.52
CA ARG I 244 32.78 49.48 -11.64
C ARG I 244 33.62 48.96 -12.79
N GLU I 245 33.40 47.70 -13.16
CA GLU I 245 34.13 47.05 -14.25
C GLU I 245 33.70 47.57 -15.63
N ILE I 246 32.55 48.19 -15.72
CA ILE I 246 32.02 48.49 -17.05
C ILE I 246 31.42 49.89 -17.20
N ALA I 247 31.42 50.65 -16.12
CA ALA I 247 30.81 51.97 -16.13
C ALA I 247 31.67 52.97 -16.91
N ASP I 248 32.96 52.69 -17.01
CA ASP I 248 33.84 53.63 -17.71
C ASP I 248 33.67 53.60 -19.21
N PHE I 249 33.07 52.55 -19.75
CA PHE I 249 32.91 52.47 -21.19
C PHE I 249 31.52 52.05 -21.67
N ILE I 250 30.54 52.08 -20.79
CA ILE I 250 29.16 51.90 -21.21
C ILE I 250 28.40 53.22 -21.02
N PRO I 251 27.96 53.83 -22.11
CA PRO I 251 27.20 55.08 -22.05
C PRO I 251 25.84 54.94 -21.38
N PHE I 252 25.65 55.63 -20.27
CA PHE I 252 24.35 55.69 -19.61
C PHE I 252 24.10 57.08 -19.06
N GLN I 253 22.84 57.50 -19.03
CA GLN I 253 22.44 58.78 -18.48
C GLN I 253 22.47 58.82 -16.98
N HIS I 254 21.61 57.97 -16.41
CA HIS I 254 21.39 57.92 -15.00
C HIS I 254 21.78 56.56 -14.44
N MET I 255 22.27 56.54 -13.21
CA MET I 255 22.51 55.30 -12.53
C MET I 255 21.56 55.13 -11.35
N ILE I 256 20.99 53.93 -11.22
CA ILE I 256 20.33 53.54 -10.00
C ILE I 256 21.20 52.51 -9.30
N TYR I 257 21.50 52.75 -8.03
CA TYR I 257 22.40 51.88 -7.29
C TYR I 257 21.66 51.22 -6.14
N THR I 258 21.76 49.90 -6.03
CA THR I 258 21.06 49.19 -4.96
C THR I 258 22.04 48.38 -4.09
N GLY I 259 23.33 48.61 -4.29
CA GLY I 259 24.36 48.02 -3.44
C GLY I 259 24.46 48.71 -2.09
N PRO I 260 25.47 48.33 -1.29
CA PRO I 260 25.79 48.96 0.00
C PRO I 260 26.28 50.41 -0.20
N VAL I 261 25.78 51.39 0.55
CA VAL I 261 26.20 52.80 0.43
C VAL I 261 27.66 53.02 0.76
N ASP I 262 28.08 52.54 1.92
CA ASP I 262 29.47 52.67 2.35
C ASP I 262 30.43 52.27 1.24
N ALA I 263 30.19 51.12 0.62
CA ALA I 263 31.05 50.64 -0.43
C ALA I 263 31.08 51.56 -1.66
N PHE I 264 29.96 52.21 -1.94
CA PHE I 264 29.84 53.06 -3.12
C PHE I 264 30.79 54.27 -3.03
N PHE I 265 30.95 54.73 -1.79
CA PHE I 265 31.82 55.85 -1.47
C PHE I 265 33.15 55.36 -0.92
N ASP I 266 33.56 54.22 -1.45
CA ASP I 266 34.85 53.62 -1.13
C ASP I 266 35.17 53.55 0.37
N PHE I 267 34.14 53.55 1.20
CA PHE I 267 34.29 53.37 2.65
C PHE I 267 34.90 54.59 3.33
N CYS I 268 34.84 55.74 2.67
CA CYS I 268 35.54 56.92 3.14
C CYS I 268 35.32 57.24 4.62
N TYR I 269 34.14 56.98 5.15
CA TYR I 269 33.88 57.29 6.57
C TYR I 269 34.05 56.07 7.49
N GLY I 270 34.55 54.96 6.96
CA GLY I 270 34.58 53.70 7.68
C GLY I 270 33.45 52.76 7.29
N LYS I 271 33.58 51.50 7.68
CA LYS I 271 32.59 50.47 7.33
C LYS I 271 31.23 50.67 8.02
N LEU I 272 30.17 50.73 7.22
CA LEU I 272 28.82 50.73 7.78
C LEU I 272 28.53 49.29 8.18
N PRO I 273 28.23 49.05 9.45
CA PRO I 273 28.09 47.65 9.90
C PRO I 273 26.82 46.98 9.36
N TYR I 274 26.97 45.91 8.59
CA TYR I 274 25.83 45.06 8.32
C TYR I 274 26.04 43.70 8.98
N ARG I 275 24.95 43.03 9.31
CA ARG I 275 25.03 41.69 9.90
C ARG I 275 24.90 40.68 8.78
N SER I 276 25.59 39.55 8.92
CA SER I 276 25.60 38.56 7.84
C SER I 276 25.00 37.22 8.24
N LEU I 277 25.03 36.28 7.31
CA LEU I 277 24.51 34.94 7.55
C LEU I 277 25.28 33.86 6.81
N GLU I 278 25.50 32.74 7.48
CA GLU I 278 25.96 31.54 6.82
C GLU I 278 24.78 30.56 6.76
N PHE I 279 24.63 29.91 5.62
CA PHE I 279 23.52 28.97 5.43
C PHE I 279 24.04 27.55 5.28
N ARG I 280 23.54 26.63 6.11
CA ARG I 280 23.84 25.22 5.91
C ARG I 280 22.60 24.51 5.35
N HIS I 281 22.68 24.05 4.11
CA HIS I 281 21.54 23.37 3.50
C HIS I 281 21.62 21.87 3.69
N GLU I 282 20.50 21.23 3.98
CA GLU I 282 20.47 19.77 4.08
C GLU I 282 19.27 19.16 3.38
N THR I 283 19.46 17.96 2.83
CA THR I 283 18.36 17.22 2.19
C THR I 283 18.17 15.93 2.94
N HIS I 284 16.93 15.61 3.28
CA HIS I 284 16.61 14.42 4.06
C HIS I 284 15.69 13.46 3.31
N ASP I 285 15.93 12.17 3.51
CA ASP I 285 15.13 11.12 2.88
C ASP I 285 13.85 10.86 3.67
N THR I 286 12.96 11.85 3.68
CA THR I 286 11.69 11.81 4.38
C THR I 286 10.86 12.92 3.78
N GLU I 287 9.53 12.84 3.89
CA GLU I 287 8.71 13.84 3.22
C GLU I 287 8.61 15.13 4.01
N GLN I 288 8.76 15.04 5.33
CA GLN I 288 8.58 16.17 6.19
C GLN I 288 9.43 16.06 7.45
N LEU I 289 10.26 17.07 7.67
CA LEU I 289 11.17 17.11 8.80
C LEU I 289 10.64 17.98 9.94
N LEU I 290 9.82 18.99 9.65
CA LEU I 290 9.37 19.90 10.70
C LEU I 290 7.87 20.06 10.72
N PRO I 291 7.33 20.38 11.89
CA PRO I 291 5.89 20.59 12.12
C PRO I 291 5.33 21.89 11.52
N THR I 292 6.17 22.88 11.21
CA THR I 292 5.79 24.06 10.39
C THR I 292 6.96 24.45 9.52
N GLY I 293 6.84 25.60 8.87
CA GLY I 293 7.87 26.06 7.96
C GLY I 293 9.17 26.51 8.59
N THR I 294 9.10 27.16 9.74
CA THR I 294 10.34 27.53 10.42
C THR I 294 10.28 27.22 11.90
N VAL I 295 11.35 26.65 12.43
CA VAL I 295 11.54 26.56 13.87
C VAL I 295 12.67 27.47 14.37
N ASN I 296 12.31 28.37 15.30
CA ASN I 296 13.26 29.30 15.93
C ASN I 296 13.88 28.75 17.21
N TYR I 297 15.18 28.95 17.35
CA TYR I 297 15.90 28.51 18.54
C TYR I 297 16.52 29.68 19.29
N PRO I 298 15.76 30.30 20.20
CA PRO I 298 16.27 31.41 21.03
C PRO I 298 17.37 30.96 21.98
N ASN I 299 17.21 29.78 22.55
CA ASN I 299 17.97 29.42 23.75
C ASN I 299 18.90 28.24 23.59
N ASP I 300 18.88 27.63 22.41
CA ASP I 300 19.67 26.43 22.14
C ASP I 300 20.34 26.53 20.78
N TYR I 301 21.50 25.89 20.63
CA TYR I 301 22.16 25.76 19.32
C TYR I 301 22.87 27.00 18.77
N ALA I 302 23.75 26.78 17.81
CA ALA I 302 24.53 27.84 17.19
C ALA I 302 23.67 28.59 16.19
N TYR I 303 22.86 27.84 15.44
CA TYR I 303 21.94 28.42 14.48
C TYR I 303 20.76 29.07 15.19
N THR I 304 20.17 30.09 14.58
CA THR I 304 18.99 30.74 15.13
C THR I 304 17.69 30.08 14.68
N ARG I 305 17.75 29.32 13.61
CA ARG I 305 16.52 28.76 13.05
C ARG I 305 16.75 27.73 11.96
N VAL I 306 15.83 26.76 11.86
CA VAL I 306 15.74 25.87 10.67
C VAL I 306 14.47 26.13 9.91
N SER I 307 14.53 26.06 8.58
CA SER I 307 13.32 26.14 7.75
C SER I 307 13.23 24.97 6.77
N GLU I 308 12.00 24.53 6.49
CA GLU I 308 11.75 23.49 5.50
C GLU I 308 11.05 24.11 4.28
N PHE I 309 11.72 24.08 3.14
CA PHE I 309 11.19 24.80 1.97
C PHE I 309 9.82 24.36 1.47
N LYS I 310 9.58 23.04 1.43
CA LYS I 310 8.32 22.50 0.94
C LYS I 310 7.12 23.09 1.66
N HIS I 311 7.31 23.50 2.92
CA HIS I 311 6.22 24.15 3.65
C HIS I 311 5.84 25.45 2.97
N ILE I 312 6.84 26.09 2.38
CA ILE I 312 6.68 27.43 1.85
C ILE I 312 6.24 27.40 0.40
N THR I 313 6.80 26.49 -0.38
CA THR I 313 6.58 26.49 -1.80
C THR I 313 5.39 25.62 -2.16
N GLY I 314 5.01 24.75 -1.23
CA GLY I 314 3.96 23.77 -1.50
C GLY I 314 4.37 22.61 -2.41
N GLN I 315 5.66 22.48 -2.70
CA GLN I 315 6.15 21.45 -3.61
C GLN I 315 5.90 20.04 -3.05
N ARG I 316 5.67 19.10 -3.94
CA ARG I 316 5.53 17.72 -3.57
C ARG I 316 6.79 17.01 -4.00
N HIS I 317 7.31 16.13 -3.14
CA HIS I 317 8.64 15.53 -3.33
C HIS I 317 8.91 14.39 -2.34
N HIS I 318 9.64 13.38 -2.78
CA HIS I 318 9.93 12.22 -1.94
C HIS I 318 10.84 12.57 -0.77
N GLN I 319 11.84 13.40 -1.03
CA GLN I 319 12.72 13.90 0.03
C GLN I 319 12.32 15.32 0.45
N THR I 320 13.13 15.94 1.31
CA THR I 320 12.88 17.31 1.75
C THR I 320 14.18 18.08 2.03
N SER I 321 14.19 19.37 1.66
CA SER I 321 15.35 20.22 1.90
C SER I 321 15.10 21.31 2.94
N VAL I 322 16.05 21.41 3.88
CA VAL I 322 15.98 22.39 4.95
C VAL I 322 17.19 23.30 4.94
N VAL I 323 17.11 24.43 5.63
CA VAL I 323 18.31 25.24 5.79
C VAL I 323 18.43 25.75 7.21
N TYR I 324 19.60 25.56 7.79
CA TYR I 324 19.97 26.14 9.08
C TYR I 324 20.72 27.47 8.86
N GLU I 325 20.26 28.54 9.50
CA GLU I 325 20.92 29.84 9.40
C GLU I 325 21.82 30.13 10.61
N TYR I 326 23.11 30.34 10.35
CA TYR I 326 24.06 30.75 11.38
C TYR I 326 24.47 32.23 11.25
N PRO I 327 24.20 33.03 12.30
CA PRO I 327 24.59 34.44 12.32
C PRO I 327 26.08 34.61 12.12
N ARG I 328 26.48 35.61 11.35
CA ARG I 328 27.89 35.90 11.13
C ARG I 328 28.11 37.41 11.10
N ALA I 329 29.25 37.85 11.62
CA ALA I 329 29.60 39.26 11.59
C ALA I 329 30.31 39.59 10.29
N GLU I 330 30.89 38.57 9.68
CA GLU I 330 31.56 38.69 8.39
C GLU I 330 30.74 37.99 7.31
N GLY I 331 30.70 38.57 6.11
CA GLY I 331 30.00 37.98 4.99
C GLY I 331 29.22 39.00 4.16
N ASP I 332 28.49 38.53 3.17
CA ASP I 332 27.64 39.43 2.40
C ASP I 332 26.74 40.18 3.36
N PRO I 333 26.52 41.47 3.08
CA PRO I 333 25.61 42.26 3.92
C PRO I 333 24.16 41.85 3.69
N TYR I 334 23.43 41.63 4.78
CA TYR I 334 22.04 41.20 4.71
C TYR I 334 21.17 42.12 5.59
N TYR I 335 21.65 42.38 6.80
CA TYR I 335 20.92 43.24 7.73
C TYR I 335 21.68 44.54 8.04
N PRO I 336 20.96 45.66 8.11
CA PRO I 336 21.62 46.82 8.70
C PRO I 336 21.50 46.67 10.21
N VAL I 337 22.41 47.26 10.96
CA VAL I 337 22.32 47.22 12.41
C VAL I 337 21.79 48.54 12.98
N PRO I 338 20.47 48.63 13.16
CA PRO I 338 19.86 49.89 13.60
C PRO I 338 20.20 50.25 15.03
N ARG I 339 20.87 51.38 15.20
CA ARG I 339 21.23 51.90 16.52
C ARG I 339 21.89 53.27 16.30
N PRO I 340 21.89 54.13 17.35
CA PRO I 340 22.25 55.55 17.24
C PRO I 340 23.61 55.78 16.61
N GLU I 341 24.62 55.06 17.06
CA GLU I 341 25.94 55.27 16.49
C GLU I 341 25.98 54.91 15.00
N ASN I 342 25.11 54.01 14.59
CA ASN I 342 25.11 53.59 13.19
C ASN I 342 24.27 54.52 12.33
N ALA I 343 23.15 54.97 12.88
CA ALA I 343 22.29 55.91 12.15
C ALA I 343 23.07 57.20 11.91
N GLU I 344 24.04 57.47 12.79
CA GLU I 344 24.88 58.64 12.66
C GLU I 344 25.94 58.45 11.61
N LEU I 345 26.56 57.27 11.59
CA LEU I 345 27.49 56.93 10.52
C LEU I 345 26.76 56.95 9.16
N TYR I 346 25.50 56.52 9.14
CA TYR I 346 24.76 56.47 7.89
C TYR I 346 24.38 57.87 7.40
N LYS I 347 24.14 58.80 8.31
CA LYS I 347 23.80 60.14 7.88
C LYS I 347 24.96 60.72 7.03
N LYS I 348 26.18 60.42 7.45
CA LYS I 348 27.34 60.92 6.73
C LYS I 348 27.31 60.45 5.30
N TYR I 349 26.95 59.17 5.12
CA TYR I 349 26.92 58.54 3.80
C TYR I 349 25.68 58.98 3.06
N GLU I 350 24.57 59.08 3.79
CA GLU I 350 23.33 59.61 3.23
C GLU I 350 23.60 61.00 2.62
N ALA I 351 24.43 61.80 3.27
CA ALA I 351 24.79 63.12 2.75
C ALA I 351 25.49 63.06 1.39
N LEU I 352 26.48 62.19 1.27
CA LEU I 352 27.22 62.06 0.03
C LEU I 352 26.30 61.59 -1.09
N ALA I 353 25.35 60.71 -0.73
CA ALA I 353 24.46 60.16 -1.74
C ALA I 353 23.47 61.22 -2.24
N ASP I 354 22.92 61.99 -1.31
CA ASP I 354 22.06 63.12 -1.66
C ASP I 354 22.79 64.12 -2.57
N ALA I 355 24.11 64.16 -2.48
CA ALA I 355 24.91 65.02 -3.37
C ALA I 355 25.12 64.38 -4.74
N ALA I 356 25.16 63.05 -4.78
CA ALA I 356 25.47 62.31 -6.01
C ALA I 356 24.54 62.71 -7.14
N GLN I 357 25.13 63.19 -8.23
CA GLN I 357 24.37 63.95 -9.22
C GLN I 357 23.41 63.08 -10.02
N ASP I 358 23.97 62.10 -10.72
CA ASP I 358 23.11 61.22 -11.49
C ASP I 358 23.09 59.81 -10.92
N VAL I 359 22.88 59.74 -9.61
CA VAL I 359 22.74 58.47 -8.92
C VAL I 359 21.55 58.51 -7.98
N THR I 360 20.62 57.59 -8.17
CA THR I 360 19.51 57.48 -7.26
C THR I 360 19.80 56.29 -6.39
N PHE I 361 19.71 56.46 -5.08
CA PHE I 361 19.95 55.33 -4.19
C PHE I 361 18.64 54.74 -3.77
N VAL I 362 18.39 53.50 -4.17
CA VAL I 362 17.18 52.80 -3.75
C VAL I 362 17.54 51.39 -3.28
N GLY I 363 16.93 50.96 -2.18
CA GLY I 363 17.05 49.58 -1.74
C GLY I 363 17.42 49.40 -0.27
N ARG I 364 17.36 48.16 0.18
CA ARG I 364 17.62 47.83 1.58
C ARG I 364 19.07 48.13 1.93
N LEU I 365 19.98 47.90 0.99
CA LEU I 365 21.40 48.17 1.21
C LEU I 365 21.74 49.63 0.91
N ALA I 366 21.25 50.11 -0.23
CA ALA I 366 21.52 51.47 -0.67
C ALA I 366 21.09 52.48 0.37
N THR I 367 19.95 52.25 0.99
CA THR I 367 19.35 53.25 1.87
C THR I 367 19.40 52.80 3.32
N TYR I 368 20.14 51.73 3.57
CA TYR I 368 20.39 51.22 4.91
C TYR I 368 19.11 51.03 5.75
N ARG I 369 18.08 50.46 5.13
CA ARG I 369 16.79 50.24 5.81
C ARG I 369 16.47 48.76 5.92
N TYR I 370 15.81 48.39 7.01
CA TYR I 370 15.44 47.00 7.27
C TYR I 370 14.11 46.78 6.56
N TYR I 371 14.17 46.67 5.24
CA TYR I 371 12.97 46.61 4.40
C TYR I 371 12.55 45.18 4.01
N ASN I 372 11.25 44.93 4.09
CA ASN I 372 10.65 43.71 3.58
C ASN I 372 10.56 43.74 2.06
N MET I 373 10.43 42.57 1.45
CA MET I 373 10.28 42.48 0.02
C MET I 373 9.26 43.49 -0.47
N ASP I 374 8.06 43.49 0.13
CA ASP I 374 7.01 44.37 -0.36
C ASP I 374 7.36 45.83 -0.19
N GLN I 375 8.09 46.12 0.88
CA GLN I 375 8.49 47.49 1.22
C GLN I 375 9.51 48.05 0.23
N VAL I 376 10.44 47.21 -0.20
CA VAL I 376 11.34 47.59 -1.26
C VAL I 376 10.61 47.72 -2.59
N VAL I 377 9.53 46.97 -2.81
CA VAL I 377 8.83 47.08 -4.08
C VAL I 377 8.14 48.44 -4.11
N ALA I 378 7.69 48.88 -2.95
CA ALA I 378 6.99 50.14 -2.87
C ALA I 378 8.00 51.29 -3.01
N GLN I 379 9.17 51.13 -2.40
CA GLN I 379 10.22 52.13 -2.51
C GLN I 379 10.53 52.35 -3.98
N ALA I 380 10.60 51.25 -4.73
CA ALA I 380 11.00 51.31 -6.13
C ALA I 380 9.93 51.97 -7.02
N LEU I 381 8.69 51.55 -6.84
CA LEU I 381 7.57 52.10 -7.57
C LEU I 381 7.48 53.61 -7.35
N ALA I 382 7.74 54.02 -6.11
CA ALA I 382 7.70 55.44 -5.78
C ALA I 382 8.85 56.19 -6.43
N THR I 383 10.02 55.54 -6.49
CA THR I 383 11.17 56.13 -7.14
C THR I 383 10.88 56.31 -8.61
N PHE I 384 10.29 55.29 -9.24
CA PHE I 384 9.92 55.39 -10.65
C PHE I 384 9.03 56.62 -10.92
N ARG I 385 8.04 56.82 -10.05
CA ARG I 385 7.13 57.96 -10.17
C ARG I 385 7.88 59.29 -10.10
N ARG I 386 8.83 59.41 -9.17
CA ARG I 386 9.69 60.57 -9.07
C ARG I 386 10.46 60.76 -10.36
N LEU I 387 11.23 59.74 -10.72
CA LEU I 387 12.05 59.72 -11.92
C LEU I 387 11.26 60.06 -13.18
N GLN I 388 9.92 60.05 -13.09
CA GLN I 388 9.08 60.37 -14.24
C GLN I 388 8.30 61.69 -14.09
N GLY I 389 8.34 62.29 -12.90
CA GLY I 389 7.60 63.51 -12.60
C GLY I 389 6.80 63.42 -11.31
N SER J 27 63.93 -12.37 28.20
CA SER J 27 62.53 -12.75 28.01
C SER J 27 61.97 -12.18 26.70
N LYS J 28 62.50 -11.02 26.28
CA LYS J 28 62.20 -10.40 24.98
C LYS J 28 60.82 -9.74 24.85
N GLY J 29 60.43 -9.46 23.60
CA GLY J 29 59.13 -8.89 23.29
C GLY J 29 58.20 -9.83 22.52
N PHE J 30 58.35 -9.88 21.20
CA PHE J 30 57.50 -10.72 20.36
C PHE J 30 58.23 -11.82 19.62
N ASP J 31 57.56 -12.96 19.49
CA ASP J 31 58.09 -14.05 18.71
C ASP J 31 57.99 -13.73 17.22
N TYR J 32 56.81 -13.31 16.76
CA TYR J 32 56.64 -12.90 15.38
C TYR J 32 56.11 -11.48 15.27
N LEU J 33 56.68 -10.72 14.35
CA LEU J 33 56.16 -9.43 13.93
C LEU J 33 55.59 -9.58 12.51
N ILE J 34 54.27 -9.46 12.40
CA ILE J 34 53.57 -9.69 11.13
C ILE J 34 53.21 -8.38 10.41
N VAL J 35 53.80 -8.17 9.23
CA VAL J 35 53.59 -6.97 8.44
C VAL J 35 52.40 -7.13 7.45
N GLY J 36 51.29 -6.49 7.78
CA GLY J 36 50.07 -6.62 6.99
C GLY J 36 49.01 -7.41 7.73
N ALA J 37 47.82 -6.83 7.84
CA ALA J 37 46.70 -7.53 8.48
C ALA J 37 45.66 -8.02 7.46
N GLY J 38 46.11 -8.27 6.23
CA GLY J 38 45.26 -8.92 5.24
C GLY J 38 45.09 -10.39 5.57
N PHE J 39 44.56 -11.16 4.63
CA PHE J 39 44.32 -12.59 4.88
C PHE J 39 45.61 -13.32 5.25
N ALA J 40 46.66 -13.04 4.48
CA ALA J 40 47.95 -13.65 4.72
C ALA J 40 48.39 -13.38 6.17
N GLY J 41 48.35 -12.11 6.57
CA GLY J 41 48.79 -11.69 7.88
C GLY J 41 47.98 -12.26 9.04
N SER J 42 46.67 -12.06 8.96
CA SER J 42 45.77 -12.46 10.03
C SER J 42 45.70 -13.97 10.22
N VAL J 43 45.75 -14.75 9.13
CA VAL J 43 45.70 -16.21 9.23
C VAL J 43 46.91 -16.71 9.97
N LEU J 44 48.07 -16.21 9.56
CA LEU J 44 49.32 -16.56 10.24
C LEU J 44 49.32 -16.05 11.69
N ALA J 45 48.75 -14.88 11.90
CA ALA J 45 48.64 -14.35 13.26
C ALA J 45 47.81 -15.24 14.17
N GLU J 46 46.70 -15.75 13.63
CA GLU J 46 45.80 -16.63 14.38
C GLU J 46 46.44 -18.00 14.67
N ARG J 47 46.95 -18.65 13.64
CA ARG J 47 47.60 -19.95 13.79
C ARG J 47 48.71 -19.91 14.82
N LEU J 48 49.61 -18.94 14.67
CA LEU J 48 50.68 -18.71 15.61
C LEU J 48 50.16 -18.48 17.04
N ALA J 49 49.20 -17.58 17.19
CA ALA J 49 48.70 -17.22 18.51
C ALA J 49 48.08 -18.40 19.30
N SER J 50 47.55 -19.38 18.57
CA SER J 50 46.89 -20.50 19.23
C SER J 50 47.90 -21.58 19.57
N SER J 51 48.99 -21.61 18.80
CA SER J 51 50.11 -22.47 19.13
C SER J 51 50.92 -21.81 20.23
N GLY J 52 50.43 -20.68 20.73
CA GLY J 52 51.01 -20.02 21.88
C GLY J 52 52.12 -19.02 21.63
N GLN J 53 52.23 -18.51 20.41
CA GLN J 53 53.24 -17.51 20.11
C GLN J 53 52.75 -16.11 20.49
N ARG J 54 53.69 -15.18 20.67
CA ARG J 54 53.37 -13.79 20.97
C ARG J 54 53.44 -12.99 19.68
N VAL J 55 52.29 -12.53 19.20
CA VAL J 55 52.23 -11.92 17.89
C VAL J 55 52.02 -10.42 17.96
N LEU J 56 52.87 -9.66 17.29
CA LEU J 56 52.54 -8.28 17.00
C LEU J 56 52.17 -8.24 15.54
N ILE J 57 50.96 -7.80 15.22
CA ILE J 57 50.58 -7.61 13.81
C ILE J 57 50.39 -6.12 13.52
N VAL J 58 50.97 -5.68 12.40
CA VAL J 58 51.04 -4.26 12.09
C VAL J 58 50.61 -3.94 10.66
N ASP J 59 49.92 -2.81 10.46
CA ASP J 59 49.51 -2.40 9.13
C ASP J 59 49.64 -0.89 8.93
N ARG J 60 50.02 -0.45 7.74
CA ARG J 60 50.09 0.99 7.46
C ARG J 60 48.69 1.61 7.51
N ARG J 61 47.69 0.81 7.12
CA ARG J 61 46.29 1.22 7.12
C ARG J 61 45.72 1.31 8.53
N PRO J 62 44.73 2.19 8.74
CA PRO J 62 44.15 2.33 10.08
C PRO J 62 43.11 1.27 10.37
N HIS J 63 43.12 0.17 9.64
CA HIS J 63 42.15 -0.91 9.85
C HIS J 63 42.71 -2.31 9.52
N ILE J 64 42.09 -3.35 10.08
CA ILE J 64 42.49 -4.73 9.77
C ILE J 64 41.81 -5.26 8.49
N GLY J 65 42.28 -6.39 7.98
CA GLY J 65 41.62 -7.05 6.85
C GLY J 65 42.17 -6.73 5.46
N GLY J 66 43.09 -5.77 5.37
CA GLY J 66 43.70 -5.43 4.08
C GLY J 66 42.72 -5.07 2.97
N ASN J 67 42.99 -5.51 1.74
CA ASN J 67 42.08 -5.26 0.60
C ASN J 67 40.65 -5.67 0.87
N ALA J 68 40.48 -6.66 1.75
CA ALA J 68 39.18 -7.32 1.95
C ALA J 68 38.32 -6.67 3.05
N TYR J 69 38.85 -5.62 3.66
CA TYR J 69 38.17 -4.92 4.73
C TYR J 69 36.82 -4.46 4.23
N ASP J 70 35.80 -4.57 5.06
CA ASP J 70 34.54 -3.92 4.75
C ASP J 70 34.05 -3.06 5.91
N CYS J 71 33.01 -2.27 5.65
CA CYS J 71 32.46 -1.35 6.64
C CYS J 71 31.13 -0.83 6.13
N TYR J 72 30.38 -0.18 7.02
CA TYR J 72 29.16 0.52 6.63
C TYR J 72 29.47 1.96 6.18
N ASP J 73 28.97 2.36 5.01
CA ASP J 73 29.17 3.74 4.50
C ASP J 73 28.22 4.76 5.15
N ASP J 74 28.26 6.01 4.71
CA ASP J 74 27.48 7.05 5.39
C ASP J 74 25.99 6.75 5.38
N ALA J 75 25.55 5.94 4.44
CA ALA J 75 24.11 5.65 4.35
C ALA J 75 23.71 4.39 5.07
N GLY J 76 24.66 3.82 5.82
CA GLY J 76 24.44 2.58 6.55
C GLY J 76 24.39 1.36 5.68
N VAL J 77 25.06 1.41 4.53
CA VAL J 77 25.12 0.25 3.64
C VAL J 77 26.48 -0.36 3.79
N LEU J 78 26.53 -1.69 3.84
CA LEU J 78 27.78 -2.41 4.04
C LEU J 78 28.51 -2.54 2.72
N ILE J 79 29.73 -2.04 2.65
CA ILE J 79 30.43 -1.97 1.36
C ILE J 79 31.89 -2.40 1.51
N HIS J 80 32.54 -2.66 0.39
CA HIS J 80 33.98 -2.94 0.38
C HIS J 80 34.66 -1.74 -0.27
N PRO J 81 35.25 -0.87 0.55
CA PRO J 81 36.01 0.32 0.12
C PRO J 81 37.00 -0.01 -0.98
N TYR J 82 37.69 -1.15 -0.91
CA TYR J 82 38.73 -1.51 -1.90
C TYR J 82 38.26 -2.42 -3.05
N GLY J 83 36.99 -2.36 -3.41
CA GLY J 83 36.50 -3.24 -4.46
C GLY J 83 35.69 -4.40 -3.93
N PRO J 84 34.74 -4.90 -4.75
CA PRO J 84 33.93 -6.06 -4.39
C PRO J 84 34.80 -7.33 -4.19
N HIS J 85 34.68 -7.97 -3.04
CA HIS J 85 35.39 -9.23 -2.80
C HIS J 85 34.41 -10.38 -2.59
N ILE J 86 34.32 -11.25 -3.59
CA ILE J 86 33.41 -12.39 -3.52
C ILE J 86 34.21 -13.63 -3.12
N PHE J 87 33.86 -14.21 -1.97
CA PHE J 87 34.60 -15.36 -1.48
C PHE J 87 34.15 -16.67 -2.12
N HIS J 88 35.10 -17.52 -2.46
CA HIS J 88 34.82 -18.75 -3.21
C HIS J 88 36.04 -19.65 -3.12
N THR J 89 35.82 -20.95 -2.96
CA THR J 89 36.93 -21.88 -2.80
C THR J 89 36.52 -23.30 -3.19
N ASN J 90 37.48 -24.08 -3.69
CA ASN J 90 37.27 -25.51 -3.87
C ASN J 90 37.75 -26.35 -2.68
N SER J 91 38.49 -25.70 -1.77
CA SER J 91 39.10 -26.40 -0.62
C SER J 91 38.19 -26.56 0.61
N LYS J 92 37.86 -27.79 0.95
CA LYS J 92 37.12 -28.04 2.19
C LYS J 92 37.89 -27.51 3.42
N ASP J 93 39.22 -27.60 3.41
CA ASP J 93 39.97 -27.17 4.58
C ASP J 93 39.94 -25.66 4.73
N VAL J 94 40.07 -24.92 3.63
CA VAL J 94 40.02 -23.47 3.72
C VAL J 94 38.63 -23.03 4.19
N PHE J 95 37.58 -23.61 3.62
CA PHE J 95 36.25 -23.18 4.00
C PHE J 95 35.94 -23.53 5.46
N GLU J 96 36.36 -24.70 5.90
CA GLU J 96 36.09 -25.10 7.28
C GLU J 96 36.92 -24.31 8.30
N TYR J 97 38.11 -23.88 7.92
CA TYR J 97 38.91 -22.97 8.75
C TYR J 97 38.20 -21.61 8.94
N LEU J 98 37.98 -20.89 7.85
CA LEU J 98 37.29 -19.60 7.90
C LEU J 98 35.96 -19.76 8.66
N SER J 99 35.31 -20.92 8.53
CA SER J 99 34.04 -21.17 9.23
C SER J 99 34.18 -21.08 10.74
N ARG J 100 35.41 -21.20 11.23
CA ARG J 100 35.68 -21.06 12.65
C ARG J 100 35.55 -19.60 13.13
N PHE J 101 35.25 -18.67 12.23
CA PHE J 101 35.26 -17.24 12.57
C PHE J 101 34.10 -16.44 12.03
N THR J 102 33.30 -17.05 11.16
CA THR J 102 32.16 -16.39 10.59
C THR J 102 31.12 -17.44 10.20
N GLU J 103 29.83 -17.10 10.30
CA GLU J 103 28.80 -17.86 9.60
C GLU J 103 28.72 -17.37 8.17
N TRP J 104 27.92 -18.05 7.37
CA TRP J 104 27.89 -17.72 5.96
C TRP J 104 26.54 -17.28 5.42
N ARG J 105 26.61 -16.54 4.32
CA ARG J 105 25.44 -16.20 3.57
C ARG J 105 25.73 -16.75 2.19
N PRO J 106 25.05 -17.85 1.82
CA PRO J 106 25.21 -18.48 0.51
C PRO J 106 25.07 -17.44 -0.60
N TYR J 107 25.98 -17.45 -1.56
CA TYR J 107 25.94 -16.48 -2.63
C TYR J 107 26.83 -16.92 -3.78
N GLN J 108 26.25 -16.97 -4.96
CA GLN J 108 26.97 -17.32 -6.17
C GLN J 108 26.99 -16.11 -7.09
N HIS J 109 28.14 -15.46 -7.14
CA HIS J 109 28.32 -14.24 -7.91
C HIS J 109 28.00 -14.42 -9.40
N ARG J 110 27.22 -13.50 -9.96
CA ARG J 110 26.96 -13.51 -11.41
C ARG J 110 27.32 -12.16 -12.06
N VAL J 111 28.28 -12.21 -12.98
CA VAL J 111 28.69 -11.04 -13.73
C VAL J 111 28.05 -11.00 -15.13
N LEU J 112 27.57 -9.83 -15.51
CA LEU J 112 27.00 -9.61 -16.82
C LEU J 112 27.94 -8.65 -17.58
N ALA J 113 28.33 -8.99 -18.80
CA ALA J 113 29.17 -8.07 -19.59
C ALA J 113 28.33 -7.24 -20.55
N SER J 114 28.63 -5.96 -20.63
CA SER J 114 27.92 -5.09 -21.55
C SER J 114 28.59 -5.11 -22.92
N VAL J 115 27.98 -5.81 -23.86
CA VAL J 115 28.54 -5.94 -25.18
C VAL J 115 27.44 -5.72 -26.20
N ASP J 116 27.75 -5.00 -27.28
CA ASP J 116 26.77 -4.60 -28.29
C ASP J 116 25.42 -4.22 -27.66
N GLY J 117 25.47 -3.44 -26.57
CA GLY J 117 24.27 -2.96 -25.91
C GLY J 117 23.41 -3.99 -25.16
N GLN J 118 24.02 -5.09 -24.75
CA GLN J 118 23.32 -6.12 -24.00
C GLN J 118 24.09 -6.48 -22.74
N LEU J 119 23.37 -6.97 -21.73
CA LEU J 119 24.03 -7.59 -20.60
C LEU J 119 24.10 -9.09 -20.80
N LEU J 120 25.29 -9.59 -21.15
CA LEU J 120 25.52 -11.00 -21.45
C LEU J 120 26.44 -11.66 -20.45
N PRO J 121 26.15 -12.93 -20.15
CA PRO J 121 26.93 -13.76 -19.22
C PRO J 121 28.41 -13.78 -19.57
N ILE J 122 29.25 -13.48 -18.60
CA ILE J 122 30.67 -13.73 -18.74
C ILE J 122 31.02 -14.53 -17.48
N PRO J 123 31.76 -15.64 -17.61
CA PRO J 123 32.41 -16.22 -18.81
C PRO J 123 31.44 -16.46 -19.98
N ILE J 124 31.96 -16.31 -21.19
CA ILE J 124 31.19 -16.56 -22.41
C ILE J 124 30.62 -17.98 -22.31
N ASN J 125 29.33 -18.11 -22.55
CA ASN J 125 28.71 -19.43 -22.50
C ASN J 125 27.68 -19.67 -23.62
N LEU J 126 27.07 -20.86 -23.63
CA LEU J 126 26.10 -21.23 -24.65
C LEU J 126 25.10 -20.09 -24.86
N ASP J 127 24.74 -19.42 -23.77
CA ASP J 127 23.72 -18.38 -23.81
C ASP J 127 24.31 -17.08 -24.36
N THR J 128 25.58 -16.84 -24.02
CA THR J 128 26.29 -15.66 -24.47
C THR J 128 26.42 -15.65 -25.98
N VAL J 129 26.75 -16.80 -26.53
CA VAL J 129 26.91 -16.94 -27.96
C VAL J 129 25.54 -16.82 -28.60
N ASN J 130 24.55 -17.53 -28.08
CA ASN J 130 23.25 -17.50 -28.72
C ASN J 130 22.58 -16.14 -28.71
N ARG J 131 22.64 -15.45 -27.59
CA ARG J 131 22.04 -14.14 -27.48
C ARG J 131 22.80 -13.14 -28.33
N LEU J 132 24.13 -13.19 -28.28
CA LEU J 132 24.94 -12.23 -29.00
C LEU J 132 24.63 -12.25 -30.50
N TYR J 133 24.54 -13.46 -31.04
CA TYR J 133 24.42 -13.66 -32.49
C TYR J 133 22.99 -13.96 -32.94
N GLY J 134 22.11 -14.26 -32.00
CA GLY J 134 20.74 -14.59 -32.35
C GLY J 134 20.77 -15.98 -32.92
N LEU J 135 21.76 -16.76 -32.45
CA LEU J 135 21.90 -18.15 -32.83
C LEU J 135 21.01 -19.00 -31.95
N ASN J 136 20.95 -20.28 -32.28
CA ASN J 136 20.18 -21.25 -31.50
C ASN J 136 20.90 -22.57 -31.26
N LEU J 137 22.21 -22.49 -31.07
CA LEU J 137 23.05 -23.65 -30.79
C LEU J 137 22.66 -24.41 -29.50
N THR J 138 23.03 -25.69 -29.45
CA THR J 138 22.94 -26.49 -28.24
C THR J 138 24.35 -26.61 -27.68
N SER J 139 24.49 -27.21 -26.51
CA SER J 139 25.83 -27.42 -25.98
C SER J 139 26.65 -28.31 -26.88
N PHE J 140 26.01 -29.25 -27.56
CA PHE J 140 26.74 -30.15 -28.44
C PHE J 140 27.20 -29.41 -29.71
N GLN J 141 26.46 -28.37 -30.10
CA GLN J 141 26.79 -27.63 -31.30
C GLN J 141 27.79 -26.51 -31.04
N VAL J 142 27.61 -25.82 -29.93
CA VAL J 142 28.39 -24.61 -29.69
C VAL J 142 29.88 -24.91 -29.60
N GLU J 143 30.20 -26.17 -29.36
CA GLU J 143 31.59 -26.60 -29.40
C GLU J 143 32.08 -26.53 -30.84
N GLU J 144 31.34 -27.11 -31.77
CA GLU J 144 31.76 -27.10 -33.17
C GLU J 144 31.88 -25.66 -33.65
N PHE J 145 30.87 -24.84 -33.36
CA PHE J 145 30.92 -23.40 -33.65
C PHE J 145 32.26 -22.77 -33.27
N PHE J 146 32.59 -22.82 -31.99
CA PHE J 146 33.87 -22.30 -31.55
C PHE J 146 35.00 -22.76 -32.47
N ALA J 147 35.09 -24.07 -32.71
CA ALA J 147 36.21 -24.60 -33.49
C ALA J 147 36.22 -24.02 -34.90
N SER J 148 35.05 -23.68 -35.42
CA SER J 148 34.98 -23.11 -36.76
C SER J 148 35.31 -21.62 -36.81
N VAL J 149 35.62 -21.03 -35.65
CA VAL J 149 36.07 -19.65 -35.64
C VAL J 149 37.40 -19.57 -34.91
N ALA J 150 37.70 -20.57 -34.09
CA ALA J 150 38.95 -20.57 -33.37
C ALA J 150 40.10 -20.36 -34.34
N GLU J 151 41.11 -19.64 -33.91
CA GLU J 151 42.31 -19.48 -34.72
C GLU J 151 43.36 -20.50 -34.32
N LYS J 152 44.13 -20.97 -35.29
CA LYS J 152 45.19 -21.93 -35.03
C LYS J 152 46.40 -21.18 -34.47
N VAL J 153 46.82 -21.56 -33.26
CA VAL J 153 48.00 -20.96 -32.66
C VAL J 153 49.03 -22.02 -32.32
N GLU J 154 50.23 -21.89 -32.87
CA GLU J 154 51.28 -22.87 -32.66
C GLU J 154 51.46 -23.15 -31.16
N GLN J 155 52.09 -22.22 -30.46
CA GLN J 155 52.28 -22.36 -29.02
C GLN J 155 51.52 -21.25 -28.31
N VAL J 156 50.82 -21.61 -27.24
CA VAL J 156 49.97 -20.68 -26.51
C VAL J 156 50.75 -19.99 -25.40
N ARG J 157 51.03 -18.71 -25.61
CA ARG J 157 51.93 -17.97 -24.73
C ARG J 157 51.29 -16.71 -24.15
N THR J 158 50.54 -15.98 -24.99
CA THR J 158 49.97 -14.69 -24.59
C THR J 158 48.47 -14.79 -24.26
N SER J 159 47.95 -13.77 -23.57
CA SER J 159 46.54 -13.73 -23.21
C SER J 159 45.64 -13.47 -24.40
N GLU J 160 46.25 -13.22 -25.54
CA GLU J 160 45.50 -13.12 -26.78
C GLU J 160 45.34 -14.53 -27.33
N ASP J 161 46.36 -15.36 -27.15
CA ASP J 161 46.36 -16.71 -27.68
C ASP J 161 45.35 -17.59 -26.96
N VAL J 162 45.27 -17.44 -25.64
CA VAL J 162 44.40 -18.30 -24.86
C VAL J 162 42.97 -18.10 -25.27
N VAL J 163 42.63 -16.86 -25.62
CA VAL J 163 41.27 -16.58 -26.02
C VAL J 163 41.02 -16.94 -27.48
N VAL J 164 41.91 -16.49 -28.36
CA VAL J 164 41.69 -16.61 -29.81
C VAL J 164 41.69 -18.07 -30.28
N SER J 165 42.56 -18.88 -29.67
CA SER J 165 42.67 -20.28 -30.00
C SER J 165 41.42 -21.08 -29.64
N LYS J 166 40.66 -20.60 -28.65
CA LYS J 166 39.45 -21.28 -28.22
C LYS J 166 38.17 -20.71 -28.83
N VAL J 167 37.97 -19.38 -28.73
CA VAL J 167 36.70 -18.78 -29.16
C VAL J 167 36.70 -17.87 -30.38
N GLY J 168 37.85 -17.62 -31.00
CA GLY J 168 37.88 -16.80 -32.20
C GLY J 168 38.19 -15.34 -31.97
N ARG J 169 38.63 -14.66 -33.04
CA ARG J 169 39.02 -13.25 -33.04
C ARG J 169 37.84 -12.38 -32.66
N ASP J 170 36.70 -12.64 -33.28
CA ASP J 170 35.55 -11.79 -33.01
C ASP J 170 35.13 -11.81 -31.54
N LEU J 171 34.90 -12.98 -30.94
CA LEU J 171 34.54 -13.01 -29.51
C LEU J 171 35.63 -12.42 -28.61
N TYR J 172 36.89 -12.62 -28.97
CA TYR J 172 38.02 -11.98 -28.28
C TYR J 172 37.91 -10.45 -28.32
N ASN J 173 37.61 -9.90 -29.49
CA ASN J 173 37.45 -8.45 -29.63
C ASN J 173 36.34 -7.93 -28.73
N LYS J 174 35.22 -8.64 -28.70
CA LYS J 174 34.08 -8.13 -27.97
C LYS J 174 34.21 -8.24 -26.46
N PHE J 175 34.84 -9.29 -25.95
CA PHE J 175 34.85 -9.49 -24.50
C PHE J 175 36.18 -9.26 -23.80
N PHE J 176 37.29 -9.58 -24.46
CA PHE J 176 38.58 -9.59 -23.76
C PHE J 176 39.54 -8.47 -24.14
N ARG J 177 39.59 -8.12 -25.43
CA ARG J 177 40.64 -7.22 -25.88
C ARG J 177 40.50 -5.84 -25.23
N GLY J 178 39.31 -5.25 -25.34
CA GLY J 178 39.02 -3.95 -24.78
C GLY J 178 39.18 -4.00 -23.28
N TYR J 179 38.38 -4.86 -22.64
CA TYR J 179 38.46 -5.04 -21.21
C TYR J 179 39.90 -5.13 -20.69
N THR J 180 40.69 -6.04 -21.27
CA THR J 180 42.08 -6.22 -20.84
C THR J 180 42.96 -5.00 -21.11
N ARG J 181 42.79 -4.36 -22.26
CA ARG J 181 43.59 -3.19 -22.58
C ARG J 181 43.40 -2.16 -21.49
N LYS J 182 42.15 -1.99 -21.11
CA LYS J 182 41.73 -1.01 -20.14
C LYS J 182 42.21 -1.34 -18.71
N GLN J 183 41.93 -2.56 -18.26
CA GLN J 183 42.32 -3.02 -16.92
C GLN J 183 43.83 -3.04 -16.66
N TRP J 184 44.60 -3.47 -17.66
CA TRP J 184 46.04 -3.69 -17.48
C TRP J 184 46.94 -2.63 -18.03
N GLY J 185 46.46 -1.89 -19.03
CA GLY J 185 47.27 -0.89 -19.71
C GLY J 185 48.20 -1.52 -20.74
N LEU J 186 48.00 -2.80 -21.00
CA LEU J 186 48.77 -3.55 -21.98
C LEU J 186 47.80 -4.25 -22.93
N ASP J 187 48.19 -4.41 -24.19
CA ASP J 187 47.47 -5.28 -25.10
C ASP J 187 47.52 -6.72 -24.56
N PRO J 188 46.51 -7.55 -24.87
CA PRO J 188 46.47 -8.91 -24.32
C PRO J 188 47.68 -9.73 -24.74
N SER J 189 48.26 -9.35 -25.87
CA SER J 189 49.38 -10.07 -26.44
C SER J 189 50.66 -9.80 -25.69
N GLU J 190 50.58 -8.86 -24.75
CA GLU J 190 51.76 -8.45 -24.00
C GLU J 190 51.64 -8.97 -22.59
N LEU J 191 50.65 -9.84 -22.39
CA LEU J 191 50.41 -10.45 -21.09
C LEU J 191 50.50 -11.98 -21.17
N ASP J 192 50.99 -12.57 -20.08
CA ASP J 192 51.08 -14.02 -19.96
C ASP J 192 49.75 -14.68 -20.21
N ALA J 193 49.76 -15.81 -20.89
CA ALA J 193 48.51 -16.51 -21.19
C ALA J 193 47.65 -16.71 -19.95
N SER J 194 48.30 -16.85 -18.79
CA SER J 194 47.58 -17.09 -17.54
C SER J 194 46.48 -16.07 -17.19
N VAL J 195 46.65 -14.81 -17.59
CA VAL J 195 45.71 -13.76 -17.20
C VAL J 195 44.30 -13.94 -17.79
N THR J 196 44.18 -14.04 -19.10
CA THR J 196 42.86 -14.24 -19.68
C THR J 196 42.41 -15.67 -19.44
N ALA J 197 43.37 -16.53 -19.08
CA ALA J 197 43.08 -17.95 -18.86
C ALA J 197 42.27 -18.13 -17.59
N ARG J 198 42.24 -17.08 -16.76
CA ARG J 198 41.46 -17.06 -15.53
C ARG J 198 39.95 -17.10 -15.80
N VAL J 199 39.55 -16.64 -16.98
CA VAL J 199 38.14 -16.57 -17.32
C VAL J 199 37.89 -17.48 -18.51
N PRO J 200 37.79 -18.78 -18.24
CA PRO J 200 37.72 -19.89 -19.20
C PRO J 200 36.32 -19.97 -19.78
N THR J 201 36.21 -20.41 -21.03
CA THR J 201 34.95 -20.37 -21.75
C THR J 201 34.14 -21.66 -21.57
N ARG J 202 32.83 -21.55 -21.66
CA ARG J 202 31.95 -22.66 -21.33
C ARG J 202 31.00 -23.05 -22.44
N THR J 203 30.73 -24.35 -22.54
CA THR J 203 29.78 -24.83 -23.54
C THR J 203 28.40 -25.01 -22.93
N ASN J 204 28.33 -24.97 -21.60
CA ASN J 204 27.07 -25.12 -20.89
C ASN J 204 26.37 -23.80 -20.60
N ARG J 205 25.22 -23.87 -19.91
CA ARG J 205 24.42 -22.67 -19.67
C ARG J 205 24.66 -22.08 -18.30
N ASP J 206 25.87 -22.30 -17.78
CA ASP J 206 26.22 -21.86 -16.43
C ASP J 206 26.69 -20.40 -16.42
N ASN J 207 25.92 -19.55 -15.74
CA ASN J 207 26.14 -18.12 -15.78
C ASN J 207 26.87 -17.56 -14.52
N ARG J 208 27.35 -18.46 -13.66
CA ARG J 208 28.12 -18.08 -12.47
C ARG J 208 29.57 -17.76 -12.79
N TYR J 209 30.11 -16.72 -12.16
CA TYR J 209 31.47 -16.31 -12.43
C TYR J 209 32.42 -17.37 -11.90
N PHE J 210 32.04 -17.98 -10.77
CA PHE J 210 32.83 -19.07 -10.22
C PHE J 210 32.11 -20.41 -10.28
N ALA J 211 32.83 -21.49 -10.58
CA ALA J 211 32.23 -22.81 -10.45
C ALA J 211 32.73 -23.53 -9.20
N ASP J 212 33.33 -22.77 -8.28
CA ASP J 212 33.87 -23.33 -7.04
C ASP J 212 32.82 -24.05 -6.20
N THR J 213 33.28 -25.01 -5.40
CA THR J 213 32.40 -25.81 -4.55
C THR J 213 31.77 -24.99 -3.44
N TYR J 214 32.56 -24.14 -2.80
CA TYR J 214 32.06 -23.34 -1.71
C TYR J 214 32.02 -21.87 -2.08
N GLN J 215 30.82 -21.33 -2.19
CA GLN J 215 30.62 -19.91 -2.51
C GLN J 215 29.63 -19.31 -1.55
N ALA J 216 30.13 -18.50 -0.62
CA ALA J 216 29.29 -17.87 0.36
C ALA J 216 30.05 -16.66 0.87
N MET J 217 29.35 -15.73 1.50
CA MET J 217 29.97 -14.52 2.05
C MET J 217 29.95 -14.57 3.57
N PRO J 218 30.99 -14.02 4.22
CA PRO J 218 30.90 -13.94 5.68
C PRO J 218 29.64 -13.18 6.10
N LEU J 219 28.79 -13.81 6.88
CA LEU J 219 27.45 -13.33 7.16
C LEU J 219 27.31 -11.88 7.62
N HIS J 220 28.32 -11.37 8.31
CA HIS J 220 28.24 -10.02 8.83
C HIS J 220 29.43 -9.24 8.30
N GLY J 221 30.01 -9.76 7.23
CA GLY J 221 31.13 -9.10 6.58
C GLY J 221 32.50 -9.61 6.96
N TYR J 222 33.47 -9.30 6.09
CA TYR J 222 34.86 -9.66 6.32
C TYR J 222 35.40 -9.07 7.62
N THR J 223 35.05 -7.83 7.92
CA THR J 223 35.73 -7.18 9.04
C THR J 223 35.39 -7.89 10.36
N ARG J 224 34.13 -8.23 10.55
CA ARG J 224 33.71 -9.03 11.69
C ARG J 224 34.50 -10.37 11.75
N MET J 225 34.75 -10.96 10.59
CA MET J 225 35.48 -12.21 10.53
C MET J 225 36.91 -12.04 11.01
N PHE J 226 37.59 -11.03 10.47
CA PHE J 226 38.98 -10.75 10.82
C PHE J 226 39.08 -10.39 12.29
N GLN J 227 38.07 -9.71 12.82
CA GLN J 227 38.09 -9.34 14.22
C GLN J 227 38.14 -10.57 15.12
N ASN J 228 37.31 -11.56 14.81
CA ASN J 228 37.34 -12.84 15.51
C ASN J 228 38.68 -13.52 15.31
N MET J 229 39.13 -13.60 14.07
CA MET J 229 40.43 -14.15 13.77
C MET J 229 41.54 -13.59 14.67
N LEU J 230 41.57 -12.27 14.87
CA LEU J 230 42.66 -11.67 15.61
C LEU J 230 42.34 -11.49 17.09
N SER J 231 41.30 -12.16 17.58
CA SER J 231 40.81 -11.90 18.93
C SER J 231 41.67 -12.49 20.08
N SER J 232 42.61 -13.37 19.76
CA SER J 232 43.49 -13.98 20.78
C SER J 232 44.19 -12.96 21.69
N PRO J 233 44.40 -13.33 22.96
CA PRO J 233 45.14 -12.45 23.86
C PRO J 233 46.62 -12.37 23.50
N ASN J 234 47.08 -13.29 22.68
CA ASN J 234 48.47 -13.30 22.22
C ASN J 234 48.68 -12.48 20.97
N ILE J 235 47.64 -11.80 20.50
CA ILE J 235 47.79 -10.96 19.32
C ILE J 235 47.58 -9.50 19.65
N LYS J 236 48.63 -8.72 19.42
CA LYS J 236 48.58 -7.28 19.59
C LYS J 236 48.48 -6.67 18.19
N VAL J 237 47.61 -5.68 18.05
CA VAL J 237 47.29 -5.13 16.76
C VAL J 237 47.70 -3.67 16.69
N MET J 238 48.46 -3.32 15.64
CA MET J 238 49.06 -2.01 15.50
C MET J 238 48.73 -1.39 14.15
N LEU J 239 47.88 -0.37 14.15
CA LEU J 239 47.39 0.21 12.90
C LEU J 239 47.97 1.61 12.63
N ASN J 240 47.83 2.07 11.39
CA ASN J 240 48.33 3.39 10.99
C ASN J 240 49.84 3.46 11.08
N THR J 241 50.48 2.30 11.06
CA THR J 241 51.90 2.16 11.35
C THR J 241 52.60 1.45 10.19
N ASP J 242 53.78 1.91 9.81
CA ASP J 242 54.61 1.16 8.87
C ASP J 242 55.61 0.36 9.72
N TYR J 243 55.89 -0.89 9.34
CA TYR J 243 56.78 -1.68 10.16
C TYR J 243 58.14 -0.98 10.29
N ARG J 244 58.47 -0.16 9.29
CA ARG J 244 59.74 0.56 9.30
C ARG J 244 59.83 1.68 10.34
N GLU J 245 58.69 2.10 10.90
CA GLU J 245 58.75 3.10 11.97
C GLU J 245 58.86 2.48 13.36
N ILE J 246 58.64 1.17 13.48
CA ILE J 246 58.71 0.51 14.79
C ILE J 246 59.67 -0.66 14.85
N ALA J 247 60.05 -1.20 13.70
CA ALA J 247 60.85 -2.42 13.68
C ALA J 247 62.20 -2.27 14.38
N ASP J 248 62.64 -1.03 14.56
CA ASP J 248 63.96 -0.76 15.14
C ASP J 248 64.05 -0.70 16.68
N PHE J 249 62.92 -0.72 17.37
CA PHE J 249 62.96 -0.75 18.83
C PHE J 249 61.94 -1.69 19.45
N ILE J 250 61.36 -2.56 18.65
CA ILE J 250 60.51 -3.62 19.18
C ILE J 250 61.19 -4.96 18.91
N PRO J 251 61.38 -5.76 19.97
CA PRO J 251 61.96 -7.10 19.90
C PRO J 251 61.09 -8.08 19.13
N PHE J 252 61.62 -8.65 18.05
CA PHE J 252 60.92 -9.74 17.39
C PHE J 252 61.87 -10.84 16.92
N GLN J 253 61.48 -12.10 17.14
CA GLN J 253 62.33 -13.26 16.81
C GLN J 253 62.30 -13.64 15.33
N HIS J 254 61.13 -13.51 14.70
CA HIS J 254 60.98 -13.82 13.29
C HIS J 254 59.93 -12.85 12.72
N MET J 255 60.04 -12.49 11.44
CA MET J 255 59.10 -11.57 10.83
C MET J 255 58.37 -12.17 9.64
N ILE J 256 57.05 -12.04 9.62
CA ILE J 256 56.25 -12.43 8.46
C ILE J 256 55.80 -11.20 7.68
N TYR J 257 56.30 -11.04 6.45
CA TYR J 257 56.03 -9.83 5.70
C TYR J 257 55.08 -10.11 4.54
N THR J 258 53.97 -9.39 4.49
CA THR J 258 52.99 -9.61 3.41
C THR J 258 52.79 -8.42 2.45
N GLY J 259 53.61 -7.37 2.60
CA GLY J 259 53.59 -6.25 1.68
C GLY J 259 54.21 -6.55 0.31
N PRO J 260 54.51 -5.51 -0.48
CA PRO J 260 55.15 -5.70 -1.79
C PRO J 260 56.63 -6.04 -1.64
N VAL J 261 57.15 -6.97 -2.44
CA VAL J 261 58.54 -7.39 -2.30
C VAL J 261 59.56 -6.31 -2.67
N ASP J 262 59.37 -5.62 -3.80
CA ASP J 262 60.34 -4.60 -4.20
C ASP J 262 60.55 -3.55 -3.12
N ALA J 263 59.46 -3.05 -2.53
CA ALA J 263 59.57 -2.06 -1.46
C ALA J 263 60.32 -2.58 -0.23
N PHE J 264 60.34 -3.88 -0.03
CA PHE J 264 61.03 -4.46 1.12
C PHE J 264 62.55 -4.41 0.93
N PHE J 265 62.99 -4.73 -0.28
CA PHE J 265 64.42 -4.67 -0.60
C PHE J 265 64.77 -3.31 -1.22
N ASP J 266 64.16 -2.26 -0.67
CA ASP J 266 64.39 -0.88 -1.07
C ASP J 266 64.46 -0.62 -2.58
N PHE J 267 63.86 -1.51 -3.38
CA PHE J 267 63.77 -1.38 -4.84
C PHE J 267 65.10 -1.58 -5.53
N CYS J 268 66.02 -2.19 -4.81
CA CYS J 268 67.37 -2.43 -5.28
C CYS J 268 67.51 -2.99 -6.70
N TYR J 269 66.42 -3.50 -7.28
CA TYR J 269 66.47 -4.06 -8.65
C TYR J 269 65.54 -3.37 -9.66
N GLY J 270 64.94 -2.26 -9.26
CA GLY J 270 63.96 -1.58 -10.10
C GLY J 270 62.55 -1.86 -9.61
N LYS J 271 61.59 -1.04 -10.05
CA LYS J 271 60.20 -1.19 -9.64
C LYS J 271 59.57 -2.41 -10.28
N LEU J 272 59.23 -3.39 -9.45
CA LEU J 272 58.43 -4.52 -9.90
C LEU J 272 57.04 -3.99 -10.26
N PRO J 273 56.64 -4.08 -11.55
CA PRO J 273 55.33 -3.54 -11.94
C PRO J 273 54.12 -4.17 -11.21
N TYR J 274 53.32 -3.33 -10.55
CA TYR J 274 52.00 -3.74 -10.10
C TYR J 274 50.98 -2.85 -10.79
N ARG J 275 49.74 -3.29 -10.80
CA ARG J 275 48.69 -2.44 -11.31
C ARG J 275 47.77 -2.01 -10.18
N SER J 276 47.04 -0.91 -10.37
CA SER J 276 46.30 -0.31 -9.26
C SER J 276 44.90 0.07 -9.69
N LEU J 277 44.07 0.45 -8.72
CA LEU J 277 42.72 0.85 -9.04
C LEU J 277 42.39 2.09 -8.26
N GLU J 278 41.41 2.81 -8.77
CA GLU J 278 40.77 3.88 -8.04
C GLU J 278 39.31 3.46 -7.94
N PHE J 279 38.65 3.86 -6.86
CA PHE J 279 37.26 3.54 -6.66
C PHE J 279 36.42 4.80 -6.53
N ARG J 280 35.30 4.83 -7.25
CA ARG J 280 34.32 5.88 -7.03
C ARG J 280 33.09 5.21 -6.46
N HIS J 281 32.78 5.52 -5.21
CA HIS J 281 31.56 4.98 -4.61
C HIS J 281 30.38 5.93 -4.84
N GLU J 282 29.19 5.37 -5.03
CA GLU J 282 27.99 6.19 -5.10
C GLU J 282 26.86 5.54 -4.31
N THR J 283 26.00 6.36 -3.71
CA THR J 283 24.78 5.84 -3.07
C THR J 283 23.55 6.40 -3.81
N HIS J 284 22.56 5.57 -4.06
CA HIS J 284 21.40 5.98 -4.84
C HIS J 284 20.12 5.77 -4.05
N ASP J 285 19.19 6.71 -4.12
CA ASP J 285 17.93 6.53 -3.42
C ASP J 285 16.99 5.60 -4.19
N THR J 286 17.32 4.31 -4.16
CA THR J 286 16.52 3.25 -4.80
C THR J 286 17.03 1.92 -4.29
N GLU J 287 16.17 0.91 -4.31
CA GLU J 287 16.49 -0.36 -3.65
C GLU J 287 17.47 -1.19 -4.44
N GLN J 288 17.36 -1.14 -5.76
CA GLN J 288 18.28 -1.87 -6.62
C GLN J 288 18.65 -1.10 -7.91
N LEU J 289 19.95 -1.01 -8.19
CA LEU J 289 20.42 -0.32 -9.39
C LEU J 289 20.73 -1.25 -10.54
N LEU J 290 21.50 -2.29 -10.26
CA LEU J 290 21.96 -3.25 -11.28
C LEU J 290 21.16 -4.55 -11.24
N PRO J 291 21.09 -5.25 -12.37
CA PRO J 291 20.40 -6.55 -12.47
C PRO J 291 21.18 -7.74 -11.86
N THR J 292 22.50 -7.63 -11.72
CA THR J 292 23.27 -8.64 -10.97
C THR J 292 24.31 -7.95 -10.09
N GLY J 293 25.23 -8.76 -9.55
CA GLY J 293 26.26 -8.25 -8.68
C GLY J 293 27.20 -7.30 -9.36
N THR J 294 27.59 -7.62 -10.59
CA THR J 294 28.55 -6.80 -11.30
C THR J 294 28.29 -6.76 -12.78
N VAL J 295 28.41 -5.56 -13.36
CA VAL J 295 28.37 -5.38 -14.82
C VAL J 295 29.74 -4.91 -15.28
N ASN J 296 30.28 -5.62 -16.28
CA ASN J 296 31.58 -5.30 -16.89
C ASN J 296 31.42 -4.45 -18.13
N TYR J 297 32.43 -3.63 -18.40
CA TYR J 297 32.44 -2.78 -19.60
C TYR J 297 33.71 -2.95 -20.38
N PRO J 298 33.72 -3.94 -21.30
CA PRO J 298 34.90 -4.18 -22.12
C PRO J 298 35.13 -3.05 -23.11
N ASN J 299 34.06 -2.37 -23.55
CA ASN J 299 34.12 -1.47 -24.70
C ASN J 299 33.58 -0.04 -24.54
N ASP J 300 33.17 0.32 -23.32
CA ASP J 300 32.61 1.63 -23.05
C ASP J 300 33.05 2.16 -21.69
N TYR J 301 33.18 3.48 -21.60
CA TYR J 301 33.51 4.15 -20.35
C TYR J 301 34.97 3.99 -19.95
N ALA J 302 35.37 4.78 -18.97
CA ALA J 302 36.74 4.73 -18.46
C ALA J 302 36.89 3.64 -17.42
N TYR J 303 35.81 3.30 -16.74
CA TYR J 303 35.82 2.28 -15.70
C TYR J 303 35.65 0.87 -16.31
N THR J 304 36.23 -0.13 -15.63
CA THR J 304 36.13 -1.51 -16.08
C THR J 304 34.77 -2.09 -15.75
N ARG J 305 34.25 -1.79 -14.57
CA ARG J 305 32.99 -2.40 -14.13
C ARG J 305 32.31 -1.70 -12.93
N VAL J 306 31.01 -1.96 -12.74
CA VAL J 306 30.23 -1.49 -11.59
C VAL J 306 29.66 -2.63 -10.76
N SER J 307 29.68 -2.47 -9.45
CA SER J 307 29.23 -3.52 -8.55
C SER J 307 28.27 -2.89 -7.56
N GLU J 308 27.28 -3.67 -7.14
CA GLU J 308 26.26 -3.23 -6.20
C GLU J 308 26.30 -4.14 -4.98
N PHE J 309 26.78 -3.61 -3.87
CA PHE J 309 27.10 -4.42 -2.72
C PHE J 309 25.94 -5.25 -2.14
N LYS J 310 24.73 -4.73 -2.17
CA LYS J 310 23.60 -5.48 -1.63
C LYS J 310 23.37 -6.86 -2.32
N HIS J 311 23.72 -6.98 -3.59
CA HIS J 311 23.60 -8.25 -4.27
C HIS J 311 24.54 -9.23 -3.62
N ILE J 312 25.68 -8.72 -3.15
CA ILE J 312 26.67 -9.60 -2.56
C ILE J 312 26.47 -9.92 -1.07
N THR J 313 26.09 -8.93 -0.28
CA THR J 313 26.01 -9.08 1.15
C THR J 313 24.67 -9.61 1.57
N GLY J 314 23.68 -9.46 0.70
CA GLY J 314 22.32 -9.83 1.06
C GLY J 314 21.62 -8.78 1.91
N GLN J 315 22.28 -7.66 2.18
CA GLN J 315 21.70 -6.61 3.03
C GLN J 315 20.42 -5.99 2.51
N ARG J 316 19.43 -5.89 3.39
CA ARG J 316 18.21 -5.15 3.13
C ARG J 316 18.43 -3.68 3.49
N HIS J 317 17.98 -2.78 2.61
CA HIS J 317 18.22 -1.37 2.83
C HIS J 317 17.36 -0.57 1.85
N HIS J 318 16.93 0.62 2.26
CA HIS J 318 16.02 1.45 1.47
C HIS J 318 16.75 2.11 0.29
N GLN J 319 18.05 2.29 0.45
CA GLN J 319 18.89 2.79 -0.62
C GLN J 319 19.85 1.70 -1.10
N THR J 320 20.75 2.05 -2.01
CA THR J 320 21.76 1.12 -2.47
C THR J 320 23.05 1.86 -2.78
N SER J 321 24.17 1.21 -2.51
CA SER J 321 25.48 1.77 -2.82
C SER J 321 26.20 0.93 -3.87
N VAL J 322 26.83 1.61 -4.83
CA VAL J 322 27.58 0.92 -5.86
C VAL J 322 29.00 1.44 -5.91
N VAL J 323 29.88 0.75 -6.62
CA VAL J 323 31.25 1.23 -6.86
C VAL J 323 31.70 1.10 -8.33
N TYR J 324 32.52 2.04 -8.78
CA TYR J 324 33.07 2.03 -10.13
C TYR J 324 34.57 1.90 -10.05
N GLU J 325 35.12 0.91 -10.73
CA GLU J 325 36.55 0.69 -10.66
C GLU J 325 37.25 1.35 -11.84
N TYR J 326 38.19 2.25 -11.54
CA TYR J 326 39.01 2.82 -12.60
C TYR J 326 40.41 2.29 -12.45
N PRO J 327 40.93 1.63 -13.49
CA PRO J 327 42.32 1.16 -13.43
C PRO J 327 43.28 2.33 -13.50
N ARG J 328 44.44 2.16 -12.86
CA ARG J 328 45.42 3.22 -12.74
C ARG J 328 46.81 2.60 -12.76
N ALA J 329 47.81 3.41 -13.10
CA ALA J 329 49.17 2.88 -13.18
C ALA J 329 49.89 3.12 -11.87
N GLU J 330 49.32 3.99 -11.03
CA GLU J 330 49.96 4.40 -9.79
C GLU J 330 49.01 4.33 -8.61
N GLY J 331 49.57 4.03 -7.44
CA GLY J 331 48.77 3.91 -6.23
C GLY J 331 48.98 2.55 -5.60
N ASP J 332 48.21 2.24 -4.56
CA ASP J 332 48.33 0.95 -3.87
C ASP J 332 48.30 -0.23 -4.86
N PRO J 333 49.29 -1.13 -4.73
CA PRO J 333 49.42 -2.32 -5.59
C PRO J 333 48.33 -3.36 -5.31
N TYR J 334 47.55 -3.66 -6.33
CA TYR J 334 46.42 -4.57 -6.20
C TYR J 334 46.62 -5.80 -7.08
N TYR J 335 47.25 -5.59 -8.24
CA TYR J 335 47.49 -6.66 -9.19
C TYR J 335 48.96 -6.77 -9.57
N PRO J 336 49.51 -8.00 -9.49
CA PRO J 336 50.77 -8.33 -10.17
C PRO J 336 50.57 -8.20 -11.68
N VAL J 337 51.64 -7.99 -12.44
CA VAL J 337 51.55 -7.94 -13.90
C VAL J 337 52.24 -9.15 -14.53
N PRO J 338 51.51 -10.26 -14.70
CA PRO J 338 52.10 -11.52 -15.16
C PRO J 338 52.57 -11.47 -16.62
N ARG J 339 53.86 -11.28 -16.82
CA ARG J 339 54.44 -11.33 -18.17
C ARG J 339 55.92 -11.68 -18.06
N PRO J 340 56.48 -12.29 -19.14
CA PRO J 340 57.83 -12.83 -19.06
C PRO J 340 58.83 -11.86 -18.42
N GLU J 341 58.81 -10.60 -18.83
CA GLU J 341 59.83 -9.68 -18.35
C GLU J 341 59.66 -9.29 -16.89
N ASN J 342 58.42 -9.35 -16.39
CA ASN J 342 58.20 -9.09 -14.97
C ASN J 342 58.47 -10.36 -14.16
N ALA J 343 58.18 -11.51 -14.75
CA ALA J 343 58.42 -12.78 -14.08
C ALA J 343 59.91 -12.89 -13.82
N GLU J 344 60.69 -12.41 -14.78
CA GLU J 344 62.14 -12.38 -14.66
C GLU J 344 62.54 -11.48 -13.51
N LEU J 345 62.11 -10.22 -13.58
CA LEU J 345 62.42 -9.25 -12.55
C LEU J 345 62.11 -9.82 -11.19
N TYR J 346 60.95 -10.46 -11.06
CA TYR J 346 60.53 -10.96 -9.76
C TYR J 346 61.53 -11.95 -9.20
N LYS J 347 61.81 -13.01 -9.96
CA LYS J 347 62.69 -14.08 -9.49
C LYS J 347 63.95 -13.50 -8.83
N LYS J 348 64.46 -12.42 -9.41
CA LYS J 348 65.57 -11.70 -8.80
C LYS J 348 65.28 -11.38 -7.33
N TYR J 349 64.19 -10.67 -7.07
CA TYR J 349 63.78 -10.40 -5.68
C TYR J 349 63.58 -11.69 -4.91
N GLU J 350 62.82 -12.61 -5.49
CA GLU J 350 62.56 -13.89 -4.85
C GLU J 350 63.85 -14.41 -4.23
N ALA J 351 64.93 -14.35 -5.00
CA ALA J 351 66.25 -14.79 -4.55
C ALA J 351 66.63 -14.14 -3.21
N LEU J 352 66.64 -12.81 -3.18
CA LEU J 352 66.96 -12.08 -1.94
C LEU J 352 66.02 -12.49 -0.81
N ALA J 353 64.76 -12.73 -1.15
CA ALA J 353 63.76 -13.05 -0.14
C ALA J 353 63.96 -14.46 0.40
N ASP J 354 64.41 -15.36 -0.46
CA ASP J 354 64.82 -16.69 -0.03
C ASP J 354 66.10 -16.57 0.82
N ALA J 355 66.93 -15.57 0.53
CA ALA J 355 68.14 -15.31 1.28
C ALA J 355 67.83 -14.80 2.68
N ALA J 356 66.78 -13.99 2.78
CA ALA J 356 66.31 -13.44 4.04
C ALA J 356 66.48 -14.42 5.21
N GLN J 357 67.17 -13.97 6.24
CA GLN J 357 67.43 -14.80 7.42
C GLN J 357 66.11 -15.24 8.04
N ASP J 358 65.54 -14.37 8.86
CA ASP J 358 64.29 -14.68 9.55
C ASP J 358 63.15 -13.78 9.04
N VAL J 359 62.78 -13.99 7.78
CA VAL J 359 61.69 -13.25 7.15
C VAL J 359 61.00 -14.15 6.14
N THR J 360 59.79 -14.62 6.47
CA THR J 360 58.99 -15.38 5.52
C THR J 360 58.08 -14.44 4.72
N PHE J 361 58.20 -14.49 3.40
CA PHE J 361 57.36 -13.72 2.52
C PHE J 361 56.11 -14.51 2.17
N VAL J 362 54.93 -13.98 2.49
CA VAL J 362 53.68 -14.67 2.17
C VAL J 362 52.56 -13.70 1.77
N GLY J 363 51.79 -14.06 0.76
CA GLY J 363 50.69 -13.21 0.33
C GLY J 363 50.75 -12.89 -1.14
N ARG J 364 49.66 -12.32 -1.67
CA ARG J 364 49.58 -11.93 -3.07
C ARG J 364 50.69 -10.97 -3.45
N LEU J 365 50.89 -9.93 -2.63
CA LEU J 365 51.90 -8.92 -2.90
C LEU J 365 53.29 -9.45 -2.66
N ALA J 366 53.53 -9.99 -1.47
CA ALA J 366 54.86 -10.45 -1.06
C ALA J 366 55.40 -11.61 -1.92
N THR J 367 54.53 -12.27 -2.67
CA THR J 367 54.96 -13.35 -3.53
C THR J 367 54.60 -13.10 -4.99
N TYR J 368 54.06 -11.92 -5.28
CA TYR J 368 53.80 -11.55 -6.67
C TYR J 368 52.97 -12.61 -7.37
N ARG J 369 51.83 -12.94 -6.77
CA ARG J 369 50.94 -13.96 -7.29
C ARG J 369 49.50 -13.47 -7.36
N TYR J 370 48.90 -13.67 -8.53
CA TYR J 370 47.51 -13.30 -8.75
C TYR J 370 46.63 -14.31 -7.99
N TYR J 371 46.73 -14.26 -6.66
CA TYR J 371 46.03 -15.20 -5.78
C TYR J 371 44.67 -14.70 -5.36
N ASN J 372 43.73 -15.62 -5.24
CA ASN J 372 42.43 -15.30 -4.66
C ASN J 372 42.49 -15.41 -3.14
N MET J 373 41.45 -14.91 -2.48
CA MET J 373 41.37 -14.88 -1.04
C MET J 373 41.63 -16.25 -0.41
N ASP J 374 41.04 -17.28 -1.02
CA ASP J 374 41.10 -18.63 -0.43
C ASP J 374 42.49 -19.22 -0.60
N GLN J 375 43.05 -19.04 -1.80
CA GLN J 375 44.42 -19.43 -2.09
C GLN J 375 45.41 -18.79 -1.12
N VAL J 376 45.14 -17.55 -0.72
CA VAL J 376 46.01 -16.88 0.25
C VAL J 376 45.90 -17.52 1.63
N VAL J 377 44.68 -17.83 2.06
CA VAL J 377 44.50 -18.55 3.32
C VAL J 377 45.23 -19.89 3.22
N ALA J 378 45.07 -20.54 2.08
CA ALA J 378 45.77 -21.80 1.83
C ALA J 378 47.27 -21.59 1.94
N GLN J 379 47.77 -20.59 1.22
CA GLN J 379 49.21 -20.32 1.21
C GLN J 379 49.68 -20.01 2.61
N ALA J 380 48.79 -19.42 3.40
CA ALA J 380 49.13 -19.02 4.76
C ALA J 380 49.14 -20.20 5.73
N LEU J 381 48.13 -21.07 5.62
CA LEU J 381 48.03 -22.25 6.47
C LEU J 381 49.21 -23.19 6.25
N ALA J 382 49.62 -23.34 5.00
CA ALA J 382 50.77 -24.18 4.63
C ALA J 382 52.08 -23.61 5.19
N THR J 383 52.25 -22.30 5.07
CA THR J 383 53.41 -21.63 5.59
C THR J 383 53.49 -21.81 7.10
N PHE J 384 52.33 -21.87 7.75
CA PHE J 384 52.27 -22.10 9.19
C PHE J 384 52.81 -23.47 9.54
N ARG J 385 52.36 -24.49 8.81
CA ARG J 385 52.87 -25.85 9.00
C ARG J 385 54.40 -25.95 8.90
N ARG J 386 55.00 -25.30 7.89
CA ARG J 386 56.47 -25.21 7.77
C ARG J 386 57.13 -24.61 9.02
N LEU J 387 56.54 -23.55 9.55
CA LEU J 387 57.04 -22.92 10.76
C LEU J 387 56.74 -23.78 12.00
N GLN J 388 56.55 -25.08 11.81
CA GLN J 388 56.21 -25.99 12.93
C GLN J 388 56.56 -27.46 12.72
N GLY J 389 57.08 -27.80 11.54
CA GLY J 389 57.33 -29.19 11.19
C GLY J 389 56.07 -30.05 11.23
#